data_5F4H
#
_entry.id   5F4H
#
_cell.length_a   101.720
_cell.length_b   148.980
_cell.length_c   122.130
_cell.angle_alpha   90.000
_cell.angle_beta   104.070
_cell.angle_gamma   90.000
#
_symmetry.space_group_name_H-M   'P 1 21 1'
#
loop_
_entity.id
_entity.type
_entity.pdbx_description
1 polymer 'Nucleotide binding protein PINc'
2 non-polymer GLYCEROL
3 non-polymer 1,2-ETHANEDIOL
4 water water
#
_entity_poly.entity_id   1
_entity_poly.type   'polypeptide(L)'
_entity_poly.pdbx_seq_one_letter_code
;MNDLMLDKSALLFGVSKYLEKGIITGNVLIHKSLLAELERESNDGLVSAEIALDEVKKLKDITERILVNFEIVGDDSKKG
EANELSREYCLEKGCIIVTADETQKKICDAMGIQYNFLQPLKQGLSFESFFDDETMSLHIKEDTVPRAKKGKPGNWKFVN
LSDKPMLSTDVRMIANEIINAVRLIKGSFVEIERRGSLIIQLGNYRVVITRPPLSDGWEITITRPVVRKRLEDYNLDERL
IKRLEERAEGIIIAGAPGMGATTFAQALAEYYMRLGKIVKTIESPRDMHLPPEITQYSKNYAEIGELHDILLLSRPDYTV
YDEMRNDEDFKLYVDLRLAGVGMVGVVHATSPIDAIHRFVNRVDIGTIPNILDTIIFINSGNVSKVYTLEMTVKVPAGLK
EADLARPVVEIKDLATGNTEYEIYVFGEQTMIVPVNRGITMSNMEFKISKIVNNIIPNATVKYEDGEYVIVIPKEEIGKY
NRKLVQRLKRLEKKNNIKIKIKLSD
;
_entity_poly.pdbx_strand_id   A,B,C,D,E,F
#
loop_
_chem_comp.id
_chem_comp.type
_chem_comp.name
_chem_comp.formula
EDO non-polymer 1,2-ETHANEDIOL 'C2 H6 O2'
GOL non-polymer GLYCEROL 'C3 H8 O3'
#
# COMPACT_ATOMS: atom_id res chain seq x y z
N MET A 1 32.29 50.37 9.20
CA MET A 1 31.31 51.40 8.74
C MET A 1 30.14 50.85 7.92
N ASN A 2 30.40 49.92 7.02
CA ASN A 2 29.33 49.26 6.28
C ASN A 2 28.56 48.34 7.17
N ASP A 3 27.29 48.18 6.90
CA ASP A 3 26.52 47.17 7.62
C ASP A 3 26.35 45.92 6.70
N LEU A 4 26.77 44.75 7.18
CA LEU A 4 26.70 43.54 6.42
C LEU A 4 25.67 42.58 6.93
N MET A 5 24.81 42.14 6.02
CA MET A 5 23.79 41.18 6.30
C MET A 5 24.24 39.88 5.65
N LEU A 6 24.38 38.86 6.45
CA LEU A 6 24.77 37.55 5.96
C LEU A 6 23.63 36.58 5.84
N ASP A 7 23.55 35.92 4.70
CA ASP A 7 22.49 34.96 4.48
C ASP A 7 23.02 33.60 4.89
N LYS A 8 22.19 32.58 4.82
CA LYS A 8 22.67 31.26 5.21
C LYS A 8 23.84 30.83 4.36
N SER A 9 23.76 31.16 3.10
CA SER A 9 24.74 30.78 2.15
C SER A 9 26.15 31.15 2.64
N ALA A 10 26.25 32.34 3.16
CA ALA A 10 27.49 32.85 3.62
C ALA A 10 28.01 32.08 4.82
N LEU A 11 27.11 31.74 5.70
CA LEU A 11 27.47 30.97 6.88
C LEU A 11 27.97 29.60 6.51
N LEU A 12 27.44 29.08 5.43
CA LEU A 12 27.90 27.81 5.00
C LEU A 12 29.19 27.90 4.21
N PHE A 13 29.62 29.09 3.87
CA PHE A 13 30.78 29.30 2.99
C PHE A 13 31.99 29.86 3.72
N GLY A 14 31.98 29.77 5.05
CA GLY A 14 33.14 30.20 5.83
C GLY A 14 33.36 31.68 5.74
N VAL A 15 32.29 32.45 5.81
CA VAL A 15 32.37 33.93 5.71
C VAL A 15 33.23 34.55 6.81
N SER A 16 33.36 33.83 7.93
CA SER A 16 34.15 34.35 9.07
C SER A 16 35.59 34.61 8.61
N LYS A 17 36.10 33.75 7.75
CA LYS A 17 37.43 33.89 7.20
C LYS A 17 37.57 35.15 6.38
N TYR A 18 36.57 35.45 5.59
CA TYR A 18 36.64 36.61 4.71
C TYR A 18 36.66 37.88 5.50
N LEU A 19 35.93 37.86 6.60
CA LEU A 19 35.89 39.01 7.50
C LEU A 19 37.21 39.25 8.18
N GLU A 20 37.81 38.17 8.66
CA GLU A 20 39.08 38.24 9.33
C GLU A 20 40.18 38.74 8.40
N LYS A 21 40.16 38.27 7.16
CA LYS A 21 41.18 38.62 6.17
C LYS A 21 40.95 39.99 5.62
N GLY A 22 39.81 40.57 5.91
CA GLY A 22 39.54 41.93 5.48
C GLY A 22 39.04 42.00 4.04
N ILE A 23 38.69 40.85 3.46
CA ILE A 23 38.11 40.80 2.11
C ILE A 23 36.76 41.49 2.07
N ILE A 24 36.02 41.37 3.16
CA ILE A 24 34.80 42.15 3.36
C ILE A 24 34.93 42.89 4.68
N THR A 25 34.29 44.06 4.76
CA THR A 25 34.40 44.87 5.96
C THR A 25 33.12 45.51 6.32
N GLY A 26 32.94 45.64 7.61
CA GLY A 26 31.81 46.36 8.16
C GLY A 26 31.33 45.63 9.38
N ASN A 27 30.26 46.17 9.97
CA ASN A 27 29.55 45.49 11.08
C ASN A 27 28.82 44.27 10.51
N VAL A 28 28.66 43.29 11.34
CA VAL A 28 28.07 42.06 10.93
C VAL A 28 26.63 42.04 11.50
N LEU A 29 25.68 41.78 10.62
CA LEU A 29 24.26 41.67 10.98
C LEU A 29 23.71 40.34 10.49
N ILE A 30 22.95 39.74 11.36
CA ILE A 30 22.23 38.53 10.99
C ILE A 30 20.76 38.73 11.38
N HIS A 31 19.86 38.38 10.46
CA HIS A 31 18.45 38.59 10.72
C HIS A 31 17.94 37.51 11.68
N LYS A 32 17.01 37.89 12.54
CA LYS A 32 16.45 36.99 13.54
C LYS A 32 15.87 35.74 12.91
N SER A 33 15.22 35.93 11.78
CA SER A 33 14.62 34.82 10.97
C SER A 33 15.56 33.77 10.58
N LEU A 34 16.74 34.20 10.17
CA LEU A 34 17.76 33.27 9.83
C LEU A 34 18.19 32.48 11.02
N LEU A 35 18.35 33.13 12.13
CA LEU A 35 18.68 32.40 13.33
C LEU A 35 17.58 31.43 13.82
N ALA A 36 16.33 31.82 13.64
CA ALA A 36 15.21 30.91 13.91
C ALA A 36 15.28 29.68 13.01
N GLU A 37 15.53 29.93 11.73
CA GLU A 37 15.65 28.86 10.73
C GLU A 37 16.77 27.88 11.09
N LEU A 38 17.92 28.42 11.44
CA LEU A 38 18.98 27.60 11.79
C LEU A 38 18.66 26.74 12.96
N GLU A 39 17.98 27.32 13.94
CA GLU A 39 17.67 26.56 15.12
C GLU A 39 16.84 25.37 14.74
N ARG A 40 15.80 25.59 13.95
CA ARG A 40 14.92 24.48 13.62
C ARG A 40 15.69 23.42 12.81
N GLU A 41 16.48 23.89 11.86
CA GLU A 41 17.25 22.97 10.98
C GLU A 41 18.21 22.18 11.83
N SER A 42 18.78 22.83 12.84
CA SER A 42 19.67 22.19 13.75
C SER A 42 18.94 21.12 14.50
N ASN A 43 17.74 21.45 14.96
CA ASN A 43 16.92 20.50 15.70
C ASN A 43 16.46 19.34 14.83
N ASP A 44 16.16 19.64 13.57
CA ASP A 44 15.78 18.63 12.59
C ASP A 44 16.96 17.78 12.15
N GLY A 45 18.15 18.13 12.61
CA GLY A 45 19.35 17.35 12.34
C GLY A 45 19.89 17.54 10.94
N LEU A 46 19.61 18.67 10.31
CA LEU A 46 20.06 18.86 8.93
C LEU A 46 21.57 18.74 8.85
N VAL A 47 22.01 18.36 7.65
CA VAL A 47 23.48 18.09 7.34
C VAL A 47 24.50 19.23 7.70
N SER A 48 24.19 20.43 7.24
CA SER A 48 24.96 21.65 7.33
C SER A 48 24.51 22.56 8.42
N ALA A 49 23.58 22.10 9.25
CA ALA A 49 23.01 22.98 10.27
C ALA A 49 24.03 23.43 11.36
N GLU A 50 24.81 22.45 11.86
CA GLU A 50 25.77 22.64 13.00
C GLU A 50 26.89 23.50 12.49
N ILE A 51 27.25 23.39 11.22
CA ILE A 51 28.24 24.23 10.57
C ILE A 51 27.84 25.69 10.59
N ALA A 52 26.63 25.98 10.12
CA ALA A 52 26.17 27.36 9.95
C ALA A 52 26.08 28.06 11.26
N LEU A 53 25.56 27.35 12.23
CA LEU A 53 25.44 27.86 13.58
C LEU A 53 26.76 28.08 14.24
N ASP A 54 27.66 27.12 14.07
CA ASP A 54 29.03 27.24 14.59
C ASP A 54 29.73 28.46 13.99
N GLU A 55 29.43 28.75 12.74
CA GLU A 55 30.01 29.90 12.06
C GLU A 55 29.56 31.18 12.64
N VAL A 56 28.37 31.19 13.20
CA VAL A 56 27.86 32.40 13.86
C VAL A 56 28.77 32.80 15.03
N LYS A 57 29.20 31.84 15.83
CA LYS A 57 30.11 32.15 16.94
C LYS A 57 31.43 32.68 16.47
N LYS A 58 31.94 32.05 15.42
CA LYS A 58 33.23 32.43 14.87
C LYS A 58 33.16 33.85 14.47
N LEU A 59 32.04 34.23 13.85
CA LEU A 59 31.83 35.59 13.40
C LEU A 59 31.83 36.55 14.56
N LYS A 60 31.12 36.18 15.61
CA LYS A 60 31.01 37.02 16.77
C LYS A 60 32.37 37.30 17.37
N ASP A 61 33.20 36.26 17.49
CA ASP A 61 34.49 36.39 18.11
C ASP A 61 35.35 37.31 17.33
N ILE A 62 35.32 37.14 16.02
CA ILE A 62 36.11 38.00 15.14
C ILE A 62 35.69 39.45 15.25
N THR A 63 34.41 39.69 15.36
CA THR A 63 33.94 41.07 15.49
C THR A 63 34.52 41.74 16.68
N GLU A 64 34.64 40.97 17.77
CA GLU A 64 35.15 41.48 19.01
C GLU A 64 36.60 41.85 18.88
N ARG A 65 37.36 41.00 18.20
CA ARG A 65 38.76 41.24 17.94
C ARG A 65 39.04 42.42 17.04
N ILE A 66 38.28 42.59 15.98
CA ILE A 66 38.54 43.69 15.05
C ILE A 66 37.74 44.94 15.34
N LEU A 67 37.06 44.97 16.49
CA LEU A 67 36.34 46.19 16.93
C LEU A 67 35.21 46.64 16.01
N VAL A 68 34.39 45.68 15.62
CA VAL A 68 33.23 45.90 14.81
C VAL A 68 32.02 45.34 15.52
N ASN A 69 30.84 45.87 15.16
CA ASN A 69 29.58 45.44 15.75
C ASN A 69 29.05 44.09 15.25
N PHE A 70 28.40 43.37 16.15
CA PHE A 70 27.75 42.12 15.85
C PHE A 70 26.40 42.17 16.43
N GLU A 71 25.40 42.05 15.58
CA GLU A 71 24.04 42.17 16.04
C GLU A 71 23.08 41.26 15.33
N ILE A 72 22.10 40.83 16.07
CA ILE A 72 21.01 40.08 15.51
C ILE A 72 19.82 41.01 15.46
N VAL A 73 19.29 41.22 14.27
CA VAL A 73 18.32 42.24 14.05
C VAL A 73 17.04 41.74 13.44
N GLY A 74 16.01 42.55 13.49
CA GLY A 74 14.74 42.24 12.91
C GLY A 74 14.01 41.94 14.19
N ASP A 75 13.33 42.93 14.72
CA ASP A 75 12.73 42.71 16.05
C ASP A 75 11.53 41.84 15.99
N ASP A 76 10.78 42.00 14.90
CA ASP A 76 9.54 41.29 14.69
C ASP A 76 9.82 39.77 14.67
N SER A 77 10.84 39.38 13.89
CA SER A 77 11.00 37.97 13.43
C SER A 77 9.66 37.36 12.91
N LYS A 78 8.83 38.21 12.26
CA LYS A 78 7.49 37.81 11.80
C LYS A 78 7.72 36.75 10.72
N LYS A 79 6.84 35.78 10.68
CA LYS A 79 7.16 34.75 9.71
C LYS A 79 7.28 35.36 8.32
N GLY A 80 8.24 34.83 7.59
CA GLY A 80 8.45 35.15 6.21
C GLY A 80 9.75 34.40 6.06
N GLU A 81 10.29 34.46 4.88
CA GLU A 81 11.47 33.69 4.59
C GLU A 81 12.67 34.56 4.94
N ALA A 82 13.71 33.97 5.52
CA ALA A 82 14.86 34.73 6.00
C ALA A 82 15.53 35.55 4.93
N ASN A 83 15.73 34.96 3.77
CA ASN A 83 16.29 35.78 2.70
C ASN A 83 15.43 37.01 2.32
N GLU A 84 14.14 36.78 2.23
CA GLU A 84 13.21 37.82 1.84
C GLU A 84 13.23 38.95 2.84
N LEU A 85 13.16 38.59 4.11
CA LEU A 85 13.19 39.54 5.19
C LEU A 85 14.53 40.25 5.26
N SER A 86 15.63 39.50 5.05
CA SER A 86 16.98 40.03 5.13
C SER A 86 17.14 41.07 4.03
N ARG A 87 16.63 40.78 2.84
CA ARG A 87 16.70 41.75 1.74
C ARG A 87 15.94 43.01 2.02
N GLU A 88 14.77 42.84 2.61
CA GLU A 88 13.90 43.99 2.91
C GLU A 88 14.60 44.89 3.87
N TYR A 89 15.21 44.28 4.88
CA TYR A 89 15.96 45.04 5.90
C TYR A 89 17.06 45.86 5.23
N CYS A 90 17.77 45.25 4.30
CA CYS A 90 18.84 45.92 3.59
C CYS A 90 18.33 47.08 2.77
N LEU A 91 17.19 46.91 2.13
CA LEU A 91 16.58 48.00 1.39
C LEU A 91 16.17 49.18 2.23
N GLU A 92 15.53 48.87 3.32
CA GLU A 92 15.07 49.84 4.28
C GLU A 92 16.26 50.57 4.94
N LYS A 93 17.27 49.84 5.38
CA LYS A 93 18.39 50.41 6.13
C LYS A 93 19.75 50.60 5.37
N GLY A 94 19.77 50.26 4.08
CA GLY A 94 20.97 50.43 3.24
C GLY A 94 22.13 49.49 3.51
N CYS A 95 21.86 48.30 4.04
CA CYS A 95 22.89 47.31 4.35
C CYS A 95 23.29 46.59 3.14
N ILE A 96 24.37 45.83 3.28
CA ILE A 96 24.90 45.02 2.17
C ILE A 96 24.70 43.53 2.41
N ILE A 97 24.13 42.82 1.44
CA ILE A 97 23.95 41.38 1.60
C ILE A 97 25.21 40.66 1.22
N VAL A 98 25.60 39.71 2.04
CA VAL A 98 26.77 38.91 1.76
C VAL A 98 26.24 37.52 1.54
N THR A 99 26.56 36.93 0.39
CA THR A 99 26.08 35.60 0.04
C THR A 99 27.05 34.89 -0.88
N ALA A 100 26.82 33.60 -0.94
CA ALA A 100 27.50 32.73 -1.89
C ALA A 100 26.51 32.12 -2.90
N ASP A 101 25.27 32.63 -2.92
CA ASP A 101 24.18 32.00 -3.64
C ASP A 101 23.84 32.84 -4.85
N GLU A 102 23.87 32.23 -6.04
CA GLU A 102 23.66 32.96 -7.29
C GLU A 102 22.23 33.45 -7.38
N THR A 103 21.30 32.66 -6.85
CA THR A 103 19.91 33.05 -6.87
C THR A 103 19.76 34.35 -6.09
N GLN A 104 20.31 34.39 -4.89
CA GLN A 104 20.24 35.61 -4.05
C GLN A 104 20.92 36.81 -4.72
N LYS A 105 22.05 36.54 -5.33
CA LYS A 105 22.74 37.56 -6.07
C LYS A 105 21.85 38.16 -7.15
N LYS A 106 21.24 37.30 -7.95
CA LYS A 106 20.47 37.76 -9.10
C LYS A 106 19.33 38.65 -8.67
N ILE A 107 18.66 38.23 -7.61
CA ILE A 107 17.54 38.99 -7.04
C ILE A 107 17.98 40.32 -6.47
N CYS A 108 19.10 40.31 -5.75
CA CYS A 108 19.64 41.54 -5.14
C CYS A 108 20.02 42.53 -6.20
N ASP A 109 20.63 42.03 -7.27
CA ASP A 109 20.99 42.87 -8.41
C ASP A 109 19.76 43.54 -9.04
N ALA A 110 18.72 42.75 -9.26
CA ALA A 110 17.47 43.27 -9.79
C ALA A 110 16.84 44.31 -8.90
N MET A 111 16.80 44.00 -7.61
CA MET A 111 16.18 44.86 -6.64
C MET A 111 17.01 46.08 -6.27
N GLY A 112 18.25 46.15 -6.78
CA GLY A 112 19.13 47.29 -6.54
C GLY A 112 19.66 47.28 -5.12
N ILE A 113 19.88 46.10 -4.58
CA ILE A 113 20.48 45.95 -3.29
C ILE A 113 21.97 45.70 -3.47
N GLN A 114 22.81 46.40 -2.69
CA GLN A 114 24.24 46.17 -2.75
C GLN A 114 24.55 44.81 -2.16
N TYR A 115 25.46 44.09 -2.77
CA TYR A 115 25.77 42.80 -2.27
C TYR A 115 27.23 42.49 -2.42
N ASN A 116 27.68 41.50 -1.66
CA ASN A 116 29.01 40.98 -1.78
C ASN A 116 28.91 39.50 -2.08
N PHE A 117 29.37 39.07 -3.23
CA PHE A 117 29.26 37.67 -3.60
C PHE A 117 30.56 36.97 -3.33
N LEU A 118 30.56 36.01 -2.42
CA LEU A 118 31.76 35.29 -2.04
C LEU A 118 32.17 34.26 -3.12
N GLN A 119 33.48 34.18 -3.39
CA GLN A 119 34.03 33.26 -4.38
C GLN A 119 35.01 32.40 -3.66
N PRO A 120 35.17 31.15 -4.09
CA PRO A 120 36.06 30.32 -3.30
C PRO A 120 37.44 30.96 -3.13
N LEU A 121 37.96 30.91 -1.91
CA LEU A 121 39.30 31.47 -1.57
C LEU A 121 40.45 30.73 -2.26
N LYS A 122 40.36 29.39 -2.28
CA LYS A 122 41.33 28.54 -2.94
C LYS A 122 40.68 28.11 -4.25
N GLN A 123 41.44 28.12 -5.34
CA GLN A 123 40.98 27.55 -6.60
C GLN A 123 40.64 26.06 -6.46
N GLY A 124 41.48 25.31 -5.73
CA GLY A 124 41.30 23.87 -5.53
C GLY A 124 40.21 23.54 -4.51
N LEU A 125 39.94 22.25 -4.32
CA LEU A 125 39.07 21.79 -3.21
C LEU A 125 39.90 21.17 -2.10
N SER A 126 39.44 21.31 -0.88
CA SER A 126 40.19 20.93 0.29
C SER A 126 40.80 19.58 0.14
N PHE A 127 39.95 18.62 -0.17
CA PHE A 127 40.34 17.23 -0.25
C PHE A 127 41.22 16.95 -1.47
N GLU A 128 41.20 17.85 -2.46
CA GLU A 128 41.96 17.63 -3.67
C GLU A 128 43.46 17.55 -3.37
N SER A 129 43.86 18.14 -2.25
CA SER A 129 45.23 18.10 -1.73
C SER A 129 45.74 16.69 -1.56
N PHE A 130 44.89 15.82 -1.02
CA PHE A 130 45.22 14.42 -0.80
C PHE A 130 45.36 13.59 -2.07
N PHE A 131 44.69 14.00 -3.14
CA PHE A 131 44.76 13.29 -4.43
C PHE A 131 46.05 13.53 -5.16
N ASP A 132 46.63 12.44 -5.64
CA ASP A 132 47.81 12.46 -6.50
C ASP A 132 47.35 11.80 -7.79
N ASP A 133 48.10 12.02 -8.85
CA ASP A 133 47.72 11.48 -10.15
C ASP A 133 47.57 9.96 -10.10
N GLU A 134 48.14 9.34 -9.06
CA GLU A 134 48.06 7.88 -8.87
C GLU A 134 46.95 7.41 -7.85
N THR A 135 46.18 8.34 -7.29
CA THR A 135 45.13 8.01 -6.27
C THR A 135 43.86 7.63 -7.01
N MET A 136 43.33 6.46 -6.72
CA MET A 136 42.03 6.03 -7.23
C MET A 136 40.83 6.49 -6.41
N SER A 137 40.89 6.24 -5.10
CA SER A 137 39.86 6.67 -4.18
C SER A 137 40.42 7.16 -2.85
N LEU A 138 39.66 8.09 -2.25
CA LEU A 138 40.03 8.68 -1.01
C LEU A 138 39.01 8.34 0.03
N HIS A 139 39.43 7.90 1.21
CA HIS A 139 38.54 7.52 2.33
C HIS A 139 38.76 8.39 3.54
N ILE A 140 37.70 9.06 3.96
CA ILE A 140 37.75 9.93 5.07
C ILE A 140 36.67 9.60 6.04
N LYS A 141 37.03 9.43 7.30
CA LYS A 141 36.09 9.08 8.34
C LYS A 141 36.51 9.73 9.64
N GLU A 142 35.53 10.05 10.47
CA GLU A 142 35.73 10.58 11.80
C GLU A 142 36.72 9.71 12.52
N ASP A 143 37.69 10.31 13.17
CA ASP A 143 38.59 9.62 14.08
C ASP A 143 39.46 8.62 13.43
N THR A 144 39.71 8.87 12.15
CA THR A 144 40.44 7.96 11.34
C THR A 144 41.41 8.75 10.58
N VAL A 145 42.50 8.16 10.24
CA VAL A 145 43.41 8.87 9.39
C VAL A 145 42.87 8.86 7.99
N PRO A 146 43.09 9.87 7.18
CA PRO A 146 42.71 9.68 5.83
C PRO A 146 43.45 8.58 5.19
N ARG A 147 42.77 7.86 4.30
CA ARG A 147 43.36 6.73 3.63
C ARG A 147 43.06 6.80 2.17
N ALA A 148 43.93 6.22 1.36
CA ALA A 148 43.80 6.27 -0.10
C ALA A 148 44.20 4.99 -0.74
N LYS A 149 43.59 4.74 -1.89
CA LYS A 149 43.85 3.56 -2.69
C LYS A 149 44.60 4.03 -3.85
N LYS A 150 45.88 3.64 -3.95
CA LYS A 150 46.76 4.16 -4.98
C LYS A 150 47.29 3.06 -5.87
N GLY A 151 47.32 3.39 -7.17
CA GLY A 151 47.67 2.47 -8.27
C GLY A 151 46.68 2.50 -9.44
N LYS A 152 46.72 1.46 -10.27
CA LYS A 152 45.85 1.27 -11.44
C LYS A 152 45.21 -0.06 -11.13
N PRO A 153 44.14 -0.43 -11.86
CA PRO A 153 43.43 -1.66 -11.42
C PRO A 153 44.23 -2.96 -11.58
N GLY A 154 44.14 -3.84 -10.57
CA GLY A 154 44.87 -5.10 -10.52
C GLY A 154 46.12 -5.03 -9.63
N ASN A 155 46.65 -3.83 -9.48
CA ASN A 155 47.75 -3.62 -8.56
C ASN A 155 47.64 -2.27 -7.94
N TRP A 156 47.22 -2.28 -6.68
CA TRP A 156 47.12 -1.08 -5.87
C TRP A 156 47.27 -1.47 -4.42
N LYS A 157 47.58 -0.47 -3.62
CA LYS A 157 47.81 -0.64 -2.19
C LYS A 157 47.02 0.37 -1.43
N PHE A 158 46.55 -0.03 -0.27
CA PHE A 158 45.98 0.91 0.71
C PHE A 158 47.11 1.76 1.27
N VAL A 159 46.81 3.01 1.60
CA VAL A 159 47.79 3.97 2.10
C VAL A 159 47.19 4.81 3.20
N ASN A 160 48.01 5.25 4.13
CA ASN A 160 47.62 6.26 5.12
C ASN A 160 48.28 7.54 4.73
N LEU A 161 47.50 8.57 4.61
CA LEU A 161 47.96 9.86 4.21
C LEU A 161 48.41 10.72 5.35
N SER A 162 48.23 10.25 6.58
CA SER A 162 48.55 11.04 7.73
C SER A 162 48.87 10.14 8.89
N ASP A 163 49.46 10.71 9.92
CA ASP A 163 49.67 9.94 11.12
C ASP A 163 48.58 10.27 12.10
N LYS A 164 47.86 11.35 11.89
CA LYS A 164 46.90 11.84 12.89
C LYS A 164 45.46 11.69 12.43
N PRO A 165 44.53 11.39 13.35
CA PRO A 165 43.21 11.20 12.90
C PRO A 165 42.57 12.48 12.54
N MET A 166 41.53 12.38 11.72
CA MET A 166 40.71 13.48 11.29
C MET A 166 39.56 13.70 12.29
N LEU A 167 39.40 14.95 12.74
CA LEU A 167 38.40 15.27 13.69
C LEU A 167 37.10 15.34 13.01
N SER A 168 36.06 15.06 13.80
CA SER A 168 34.69 15.02 13.27
C SER A 168 34.28 16.33 12.61
N THR A 169 34.62 17.42 13.24
CA THR A 169 34.26 18.69 12.67
C THR A 169 34.82 18.88 11.32
N ASP A 170 36.06 18.46 11.17
CA ASP A 170 36.73 18.68 9.91
C ASP A 170 36.09 17.88 8.80
N VAL A 171 35.62 16.68 9.12
CA VAL A 171 34.95 15.85 8.14
C VAL A 171 33.66 16.47 7.68
N ARG A 172 32.90 16.96 8.62
CA ARG A 172 31.67 17.61 8.29
C ARG A 172 31.88 18.86 7.44
N MET A 173 32.96 19.54 7.70
CA MET A 173 33.31 20.69 6.92
C MET A 173 33.62 20.33 5.49
N ILE A 174 34.32 19.22 5.31
CA ILE A 174 34.66 18.72 3.97
C ILE A 174 33.38 18.35 3.23
N ALA A 175 32.44 17.72 3.93
CA ALA A 175 31.22 17.33 3.30
C ALA A 175 30.52 18.57 2.82
N ASN A 176 30.48 19.57 3.67
CA ASN A 176 29.86 20.82 3.29
C ASN A 176 30.59 21.48 2.13
N GLU A 177 31.90 21.43 2.16
CA GLU A 177 32.69 21.97 1.06
C GLU A 177 32.22 21.36 -0.26
N ILE A 178 31.99 20.05 -0.23
CA ILE A 178 31.56 19.28 -1.38
C ILE A 178 30.16 19.67 -1.81
N ILE A 179 29.27 19.78 -0.87
CA ILE A 179 27.87 20.14 -1.22
C ILE A 179 27.84 21.52 -1.91
N ASN A 180 28.67 22.42 -1.41
CA ASN A 180 28.79 23.78 -1.99
C ASN A 180 29.32 23.73 -3.41
N ALA A 181 30.25 22.83 -3.63
CA ALA A 181 30.90 22.77 -4.91
C ALA A 181 29.98 22.33 -6.04
N VAL A 182 28.84 21.73 -5.72
CA VAL A 182 27.91 21.26 -6.75
C VAL A 182 27.46 22.42 -7.61
N ARG A 183 27.17 23.54 -6.98
CA ARG A 183 26.77 24.73 -7.70
C ARG A 183 27.91 25.19 -8.61
N LEU A 184 29.10 25.14 -8.08
CA LEU A 184 30.28 25.70 -8.75
C LEU A 184 30.88 24.85 -9.86
N ILE A 185 30.95 23.54 -9.69
CA ILE A 185 31.59 22.72 -10.72
C ILE A 185 30.66 22.24 -11.83
N LYS A 186 31.21 22.22 -13.03
CA LYS A 186 30.47 21.82 -14.23
C LYS A 186 30.13 20.36 -14.14
N GLY A 187 28.88 20.05 -14.51
CA GLY A 187 28.44 18.65 -14.62
C GLY A 187 28.31 17.94 -13.29
N SER A 188 27.78 18.66 -12.30
CA SER A 188 27.68 18.18 -10.94
C SER A 188 26.25 18.21 -10.50
N PHE A 189 25.85 17.20 -9.75
CA PHE A 189 24.52 17.15 -9.20
C PHE A 189 24.45 16.16 -8.03
N VAL A 190 23.41 16.30 -7.25
CA VAL A 190 23.18 15.41 -6.16
C VAL A 190 22.40 14.28 -6.76
N GLU A 191 22.92 13.06 -6.69
CA GLU A 191 22.13 11.91 -7.15
C GLU A 191 20.92 11.67 -6.29
N ILE A 192 21.18 11.53 -5.01
CA ILE A 192 20.13 11.20 -4.07
C ILE A 192 20.56 11.44 -2.62
N GLU A 193 19.64 11.96 -1.83
CA GLU A 193 19.89 12.25 -0.46
C GLU A 193 18.91 11.45 0.31
N ARG A 194 19.42 10.73 1.29
CA ARG A 194 18.61 9.97 2.18
C ARG A 194 18.97 10.38 3.56
N ARG A 195 18.24 9.83 4.54
CA ARG A 195 18.40 10.25 5.90
C ARG A 195 19.84 10.12 6.31
N GLY A 196 20.44 8.99 5.93
CA GLY A 196 21.81 8.70 6.35
C GLY A 196 22.89 8.77 5.32
N SER A 197 22.52 8.96 4.07
CA SER A 197 23.48 8.88 3.02
C SER A 197 23.22 9.96 2.04
N LEU A 198 24.29 10.38 1.38
CA LEU A 198 24.18 11.35 0.32
C LEU A 198 25.10 10.89 -0.77
N ILE A 199 24.61 10.85 -1.98
CA ILE A 199 25.48 10.45 -3.11
C ILE A 199 25.55 11.57 -4.13
N ILE A 200 26.79 11.93 -4.51
CA ILE A 200 27.07 13.11 -5.35
C ILE A 200 28.03 12.91 -6.52
N GLN A 201 27.70 13.57 -7.59
CA GLN A 201 28.53 13.60 -8.74
C GLN A 201 29.13 14.99 -8.74
N LEU A 202 30.43 15.07 -8.57
CA LEU A 202 31.13 16.36 -8.56
C LEU A 202 32.21 16.33 -9.57
N GLY A 203 31.96 17.00 -10.68
CA GLY A 203 32.86 16.91 -11.80
C GLY A 203 33.02 15.44 -12.13
N ASN A 204 34.26 14.96 -12.19
CA ASN A 204 34.54 13.55 -12.43
C ASN A 204 34.62 12.77 -11.15
N TYR A 205 34.55 13.46 -10.02
CA TYR A 205 34.59 12.77 -8.77
C TYR A 205 33.19 12.21 -8.46
N ARG A 206 33.18 11.02 -7.86
CA ARG A 206 32.01 10.46 -7.33
C ARG A 206 32.14 10.46 -5.82
N VAL A 207 31.10 10.94 -5.15
CA VAL A 207 31.18 11.07 -3.73
C VAL A 207 30.08 10.34 -3.05
N VAL A 208 30.46 9.61 -2.03
CA VAL A 208 29.49 8.99 -1.13
C VAL A 208 29.72 9.43 0.27
N ILE A 209 28.66 9.94 0.88
CA ILE A 209 28.73 10.41 2.25
C ILE A 209 27.76 9.67 3.08
N THR A 210 28.20 9.20 4.22
CA THR A 210 27.32 8.55 5.17
C THR A 210 27.44 9.17 6.52
N ARG A 211 26.34 9.21 7.24
CA ARG A 211 26.30 9.83 8.55
C ARG A 211 25.43 9.05 9.48
N PRO A 212 25.58 9.32 10.77
CA PRO A 212 24.70 8.61 11.68
C PRO A 212 23.30 9.05 11.41
N PRO A 213 22.31 8.21 11.61
CA PRO A 213 22.46 6.95 12.27
C PRO A 213 22.74 5.75 11.36
N LEU A 214 22.80 5.96 10.07
CA LEU A 214 23.06 4.85 9.18
C LEU A 214 24.45 4.26 9.44
N SER A 215 25.44 5.15 9.61
CA SER A 215 26.82 4.74 9.86
C SER A 215 27.27 5.22 11.20
N ASP A 216 28.26 4.54 11.77
CA ASP A 216 28.73 4.87 13.15
C ASP A 216 29.33 6.24 13.28
N GLY A 217 29.85 6.75 12.20
CA GLY A 217 30.43 8.05 12.20
C GLY A 217 30.29 8.59 10.81
N TRP A 218 30.66 9.85 10.65
CA TRP A 218 30.64 10.50 9.36
C TRP A 218 31.71 9.94 8.48
N GLU A 219 31.34 9.58 7.26
CA GLU A 219 32.30 9.02 6.34
C GLU A 219 32.12 9.60 4.98
N ILE A 220 33.23 9.88 4.34
CA ILE A 220 33.23 10.40 2.99
C ILE A 220 34.18 9.62 2.14
N THR A 221 33.70 9.15 0.99
CA THR A 221 34.50 8.37 0.06
C THR A 221 34.42 9.06 -1.24
N ILE A 222 35.57 9.40 -1.76
CA ILE A 222 35.65 10.12 -3.00
C ILE A 222 36.42 9.33 -4.01
N THR A 223 35.83 9.16 -5.17
CA THR A 223 36.45 8.35 -6.20
C THR A 223 36.58 9.06 -7.48
N ARG A 224 37.64 8.71 -8.20
CA ARG A 224 37.95 9.30 -9.51
C ARG A 224 38.03 8.24 -10.56
N PRO A 225 37.61 8.53 -11.77
CA PRO A 225 37.56 7.36 -12.66
C PRO A 225 38.93 6.90 -13.11
N VAL A 226 39.00 5.60 -13.36
CA VAL A 226 40.22 4.98 -13.85
C VAL A 226 40.38 5.31 -15.32
N VAL A 227 41.60 5.25 -15.84
CA VAL A 227 41.80 5.39 -17.28
C VAL A 227 41.40 4.07 -17.99
N ARG A 228 40.45 4.15 -18.90
CA ARG A 228 39.74 2.91 -19.31
C ARG A 228 40.56 2.11 -20.25
N LYS A 229 40.45 0.81 -20.13
CA LYS A 229 41.10 -0.05 -21.08
C LYS A 229 40.40 0.01 -22.42
N ARG A 230 41.12 0.35 -23.49
CA ARG A 230 40.46 0.46 -24.79
C ARG A 230 40.21 -0.98 -25.33
N LEU A 231 39.35 -1.12 -26.32
CA LEU A 231 39.16 -2.44 -26.94
C LEU A 231 40.40 -2.96 -27.65
N GLU A 232 41.12 -2.07 -28.30
CA GLU A 232 42.37 -2.40 -29.00
C GLU A 232 43.40 -3.00 -28.04
N ASP A 233 43.42 -2.55 -26.80
CA ASP A 233 44.32 -3.09 -25.78
C ASP A 233 44.12 -4.57 -25.51
N TYR A 234 42.93 -5.06 -25.76
CA TYR A 234 42.63 -6.51 -25.78
C TYR A 234 42.99 -6.85 -27.19
N ASN A 235 43.89 -7.76 -27.43
CA ASN A 235 44.27 -8.05 -28.81
C ASN A 235 43.44 -9.17 -29.27
N LEU A 236 42.56 -8.93 -30.23
CA LEU A 236 41.62 -9.93 -30.60
C LEU A 236 41.76 -10.27 -32.06
N ASP A 237 41.20 -11.43 -32.40
CA ASP A 237 41.17 -11.95 -33.79
C ASP A 237 40.48 -10.97 -34.69
N GLU A 238 40.99 -10.82 -35.91
CA GLU A 238 40.34 -9.95 -36.90
C GLU A 238 38.94 -10.45 -37.19
N ARG A 239 38.78 -11.77 -37.16
CA ARG A 239 37.48 -12.41 -37.29
C ARG A 239 36.48 -11.89 -36.27
N LEU A 240 36.93 -11.80 -35.02
CA LEU A 240 36.10 -11.30 -33.95
C LEU A 240 35.73 -9.83 -34.12
N ILE A 241 36.73 -8.99 -34.41
CA ILE A 241 36.49 -7.55 -34.52
C ILE A 241 35.51 -7.36 -35.69
N LYS A 242 35.68 -8.16 -36.75
CA LYS A 242 34.75 -8.10 -37.89
C LYS A 242 33.34 -8.47 -37.42
N ARG A 243 33.23 -9.53 -36.62
CA ARG A 243 31.93 -9.98 -36.19
C ARG A 243 31.20 -8.87 -35.43
N LEU A 244 31.94 -8.28 -34.51
CA LEU A 244 31.37 -7.22 -33.68
C LEU A 244 30.95 -6.04 -34.51
N GLU A 245 31.78 -5.72 -35.50
CA GLU A 245 31.57 -4.57 -36.41
C GLU A 245 30.36 -4.78 -37.27
N GLU A 246 30.22 -5.96 -37.86
CA GLU A 246 29.21 -6.15 -38.94
C GLU A 246 28.10 -7.19 -38.72
N ARG A 247 28.18 -8.09 -37.73
CA ARG A 247 27.08 -9.05 -37.55
C ARG A 247 26.44 -9.18 -36.17
N ALA A 248 27.17 -8.87 -35.10
CA ALA A 248 26.71 -9.20 -33.71
C ALA A 248 25.71 -8.18 -33.20
N GLU A 249 24.56 -8.66 -32.79
CA GLU A 249 23.52 -7.76 -32.29
C GLU A 249 23.12 -8.01 -30.82
N GLY A 250 23.08 -9.25 -30.40
CA GLY A 250 22.69 -9.59 -29.06
C GLY A 250 23.86 -10.25 -28.41
N ILE A 251 24.55 -9.51 -27.55
CA ILE A 251 25.80 -9.98 -26.97
C ILE A 251 25.71 -10.12 -25.48
N ILE A 252 26.47 -11.08 -24.99
CA ILE A 252 26.66 -11.27 -23.58
C ILE A 252 28.12 -11.36 -23.33
N ILE A 253 28.57 -10.61 -22.34
CA ILE A 253 29.91 -10.67 -21.92
C ILE A 253 29.82 -11.41 -20.62
N ALA A 254 30.53 -12.52 -20.52
CA ALA A 254 30.50 -13.30 -19.30
C ALA A 254 31.88 -13.56 -18.74
N GLY A 255 31.91 -13.58 -17.44
CA GLY A 255 33.15 -13.83 -16.73
C GLY A 255 32.87 -14.09 -15.26
N ALA A 256 33.84 -14.69 -14.59
CA ALA A 256 33.72 -14.87 -13.16
C ALA A 256 33.88 -13.51 -12.51
N PRO A 257 33.47 -13.38 -11.25
CA PRO A 257 33.67 -12.06 -10.69
C PRO A 257 35.14 -11.69 -10.62
N GLY A 258 35.41 -10.42 -10.91
CA GLY A 258 36.77 -9.90 -10.86
C GLY A 258 37.61 -10.25 -12.07
N MET A 259 37.06 -11.00 -13.02
CA MET A 259 37.83 -11.45 -14.17
C MET A 259 37.81 -10.46 -15.34
N GLY A 260 37.11 -9.35 -15.18
CA GLY A 260 37.16 -8.24 -16.15
C GLY A 260 36.02 -8.09 -17.12
N ALA A 261 34.94 -8.82 -16.86
CA ALA A 261 33.79 -8.78 -17.77
C ALA A 261 33.17 -7.41 -17.91
N THR A 262 32.95 -6.73 -16.79
CA THR A 262 32.37 -5.38 -16.86
C THR A 262 33.27 -4.43 -17.62
N THR A 263 34.58 -4.55 -17.34
CA THR A 263 35.57 -3.65 -17.94
C THR A 263 35.61 -3.83 -19.44
N PHE A 264 35.46 -5.07 -19.86
CA PHE A 264 35.42 -5.35 -21.29
C PHE A 264 34.24 -4.71 -21.95
N ALA A 265 33.11 -4.81 -21.29
CA ALA A 265 31.86 -4.27 -21.84
C ALA A 265 31.97 -2.81 -21.99
N GLN A 266 32.61 -2.22 -21.00
CA GLN A 266 32.82 -0.79 -21.02
C GLN A 266 33.64 -0.43 -22.28
N ALA A 267 34.67 -1.23 -22.53
CA ALA A 267 35.52 -1.04 -23.68
C ALA A 267 34.78 -1.17 -24.99
N LEU A 268 33.97 -2.21 -25.06
CA LEU A 268 33.19 -2.46 -26.25
C LEU A 268 32.23 -1.30 -26.52
N ALA A 269 31.63 -0.78 -25.48
CA ALA A 269 30.67 0.29 -25.64
C ALA A 269 31.35 1.47 -26.26
N GLU A 270 32.53 1.77 -25.77
CA GLU A 270 33.30 2.92 -26.27
C GLU A 270 33.68 2.70 -27.72
N TYR A 271 34.03 1.46 -28.04
CA TYR A 271 34.40 1.09 -29.39
C TYR A 271 33.27 1.33 -30.37
N TYR A 272 32.09 0.91 -29.97
CA TYR A 272 30.91 1.07 -30.79
C TYR A 272 30.60 2.53 -30.98
N MET A 273 30.79 3.32 -29.93
CA MET A 273 30.51 4.74 -30.03
C MET A 273 31.45 5.34 -31.03
N ARG A 274 32.70 4.91 -30.96
CA ARG A 274 33.76 5.36 -31.87
C ARG A 274 33.50 5.01 -33.32
N LEU A 275 32.83 3.88 -33.53
CA LEU A 275 32.35 3.51 -34.84
C LEU A 275 31.15 4.31 -35.34
N GLY A 276 30.65 5.26 -34.56
CA GLY A 276 29.54 6.10 -34.95
C GLY A 276 28.20 5.47 -34.66
N LYS A 277 28.17 4.51 -33.75
CA LYS A 277 26.90 3.94 -33.25
C LYS A 277 26.36 4.79 -32.07
N ILE A 278 25.05 4.74 -31.82
CA ILE A 278 24.43 5.39 -30.64
C ILE A 278 24.38 4.36 -29.52
N VAL A 279 25.04 4.67 -28.43
CA VAL A 279 25.17 3.71 -27.35
C VAL A 279 24.64 4.29 -26.09
N LYS A 280 24.02 3.43 -25.31
CA LYS A 280 23.47 3.79 -24.02
C LYS A 280 23.74 2.66 -23.07
N THR A 281 23.68 2.95 -21.79
CA THR A 281 23.89 1.93 -20.79
C THR A 281 22.83 1.98 -19.72
N ILE A 282 22.62 0.83 -19.11
CA ILE A 282 21.77 0.72 -17.95
C ILE A 282 22.61 0.14 -16.85
N GLU A 283 22.71 0.82 -15.74
CA GLU A 283 23.59 0.35 -14.66
C GLU A 283 22.97 0.57 -13.30
N SER A 284 23.46 -0.15 -12.30
CA SER A 284 22.91 -0.01 -10.97
C SER A 284 23.91 -0.39 -9.85
N PRO A 285 24.52 0.60 -9.20
CA PRO A 285 24.40 2.00 -9.64
C PRO A 285 25.35 2.37 -10.77
N ARG A 286 25.23 3.57 -11.27
CA ARG A 286 26.04 3.99 -12.41
C ARG A 286 27.48 4.17 -11.98
N ASP A 287 28.41 3.47 -12.60
CA ASP A 287 29.81 3.60 -12.24
C ASP A 287 30.78 3.56 -13.38
N MET A 288 30.35 3.08 -14.54
CA MET A 288 31.23 3.00 -15.67
C MET A 288 31.75 4.36 -16.01
N HIS A 289 32.94 4.38 -16.50
CA HIS A 289 33.61 5.58 -16.95
C HIS A 289 33.49 5.64 -18.48
N LEU A 290 32.62 6.51 -18.97
CA LEU A 290 32.44 6.63 -20.39
C LEU A 290 32.28 8.06 -20.79
N PRO A 291 32.59 8.36 -22.04
CA PRO A 291 32.44 9.79 -22.41
C PRO A 291 30.97 10.23 -22.49
N PRO A 292 30.72 11.56 -22.50
CA PRO A 292 29.31 12.00 -22.51
C PRO A 292 28.53 11.64 -23.77
N GLU A 293 29.23 11.29 -24.83
CA GLU A 293 28.65 10.85 -26.09
C GLU A 293 27.81 9.57 -25.83
N ILE A 294 28.15 8.81 -24.81
CA ILE A 294 27.33 7.67 -24.39
C ILE A 294 26.47 7.99 -23.15
N THR A 295 25.17 7.78 -23.25
CA THR A 295 24.28 8.11 -22.16
C THR A 295 24.18 6.98 -21.17
N GLN A 296 24.30 7.29 -19.91
CA GLN A 296 24.27 6.24 -18.88
C GLN A 296 23.06 6.38 -17.93
N TYR A 297 22.18 5.38 -17.97
CA TYR A 297 20.93 5.45 -17.20
C TYR A 297 21.15 4.72 -15.91
N SER A 298 20.71 5.30 -14.81
CA SER A 298 20.76 4.62 -13.52
C SER A 298 19.44 3.95 -13.22
N LYS A 299 19.42 2.65 -13.36
CA LYS A 299 18.24 1.86 -13.21
C LYS A 299 17.52 2.09 -11.88
N ASN A 300 18.26 2.27 -10.80
CA ASN A 300 17.67 2.40 -9.49
C ASN A 300 16.75 3.59 -9.41
N TYR A 301 17.01 4.62 -10.18
CA TYR A 301 16.17 5.82 -10.07
C TYR A 301 15.08 5.85 -11.13
N ALA A 302 14.91 4.74 -11.83
CA ALA A 302 13.91 4.67 -12.86
C ALA A 302 12.66 4.02 -12.35
N GLU A 303 11.53 4.56 -12.79
CA GLU A 303 10.22 4.00 -12.46
C GLU A 303 9.97 2.79 -13.31
N ILE A 304 8.94 2.03 -12.95
CA ILE A 304 8.58 0.81 -13.64
C ILE A 304 8.17 1.14 -15.07
N GLY A 305 8.80 0.42 -15.99
CA GLY A 305 8.60 0.60 -17.40
C GLY A 305 9.17 1.87 -18.00
N GLU A 306 9.79 2.73 -17.19
CA GLU A 306 10.37 4.01 -17.67
C GLU A 306 11.50 3.83 -18.67
N LEU A 307 12.46 3.02 -18.32
CA LEU A 307 13.54 2.76 -19.26
C LEU A 307 13.06 2.12 -20.56
N HIS A 308 12.16 1.15 -20.43
CA HIS A 308 11.67 0.39 -21.56
C HIS A 308 11.10 1.36 -22.58
N ASP A 309 10.26 2.28 -22.12
CA ASP A 309 9.64 3.26 -22.98
C ASP A 309 10.64 4.23 -23.57
N ILE A 310 11.54 4.70 -22.76
CA ILE A 310 12.54 5.63 -23.25
C ILE A 310 13.40 5.00 -24.36
N LEU A 311 13.89 3.80 -24.09
CA LEU A 311 14.75 3.12 -24.99
C LEU A 311 14.04 2.77 -26.28
N LEU A 312 12.75 2.46 -26.23
CA LEU A 312 12.00 2.14 -27.45
C LEU A 312 11.65 3.35 -28.24
N LEU A 313 11.48 4.48 -27.59
CA LEU A 313 11.16 5.73 -28.29
C LEU A 313 12.33 6.34 -28.91
N SER A 314 13.47 6.15 -28.30
CA SER A 314 14.69 6.61 -28.92
C SER A 314 15.64 5.44 -29.18
N ARG A 315 15.31 4.63 -30.18
CA ARG A 315 16.06 3.35 -30.33
C ARG A 315 17.53 3.67 -30.52
N PRO A 316 18.38 3.10 -29.69
CA PRO A 316 19.80 3.26 -29.88
C PRO A 316 20.31 2.04 -30.56
N ASP A 317 21.56 2.09 -30.99
CA ASP A 317 22.17 0.98 -31.71
C ASP A 317 22.57 -0.13 -30.77
N TYR A 318 23.08 0.24 -29.61
CA TYR A 318 23.45 -0.73 -28.58
C TYR A 318 23.13 -0.16 -27.21
N THR A 319 22.63 -1.04 -26.37
CA THR A 319 22.41 -0.73 -25.01
C THR A 319 23.20 -1.71 -24.21
N VAL A 320 23.96 -1.21 -23.26
CA VAL A 320 24.75 -2.10 -22.43
C VAL A 320 24.07 -2.28 -21.13
N TYR A 321 23.71 -3.53 -20.82
CA TYR A 321 23.02 -3.81 -19.58
C TYR A 321 24.03 -4.42 -18.64
N ASP A 322 24.41 -3.69 -17.62
CA ASP A 322 25.46 -4.12 -16.70
C ASP A 322 24.90 -4.80 -15.47
N GLU A 323 25.52 -5.92 -15.13
CA GLU A 323 25.13 -6.77 -14.01
C GLU A 323 23.66 -7.13 -14.01
N MET A 324 23.32 -8.02 -14.94
CA MET A 324 21.96 -8.51 -15.05
C MET A 324 21.76 -9.51 -13.93
N ARG A 325 20.83 -9.23 -13.04
CA ARG A 325 20.59 -10.09 -11.94
C ARG A 325 19.13 -10.45 -11.68
N ASN A 326 18.16 -9.69 -12.23
CA ASN A 326 16.72 -9.92 -11.98
C ASN A 326 15.92 -10.29 -13.20
N ASP A 327 14.77 -10.91 -12.96
CA ASP A 327 13.92 -11.30 -14.06
C ASP A 327 13.60 -10.04 -14.87
N GLU A 328 13.41 -8.92 -14.16
CA GLU A 328 13.11 -7.65 -14.77
C GLU A 328 14.19 -7.26 -15.78
N ASP A 329 15.42 -7.52 -15.39
CA ASP A 329 16.58 -7.24 -16.22
C ASP A 329 16.60 -8.05 -17.49
N PHE A 330 16.38 -9.33 -17.33
CA PHE A 330 16.33 -10.21 -18.51
C PHE A 330 15.12 -9.94 -19.40
N LYS A 331 13.99 -9.60 -18.78
CA LYS A 331 12.79 -9.31 -19.52
C LYS A 331 13.05 -8.12 -20.42
N LEU A 332 13.71 -7.10 -19.84
CA LEU A 332 13.97 -5.86 -20.59
C LEU A 332 14.95 -6.10 -21.72
N TYR A 333 15.92 -6.95 -21.46
CA TYR A 333 16.87 -7.34 -22.49
C TYR A 333 16.13 -7.99 -23.67
N VAL A 334 15.24 -8.91 -23.36
CA VAL A 334 14.50 -9.62 -24.38
C VAL A 334 13.59 -8.65 -25.15
N ASP A 335 12.93 -7.77 -24.41
CA ASP A 335 12.01 -6.81 -25.05
C ASP A 335 12.77 -5.96 -26.05
N LEU A 336 13.94 -5.47 -25.64
CA LEU A 336 14.77 -4.60 -26.49
C LEU A 336 15.27 -5.31 -27.73
N ARG A 337 15.64 -6.57 -27.53
CA ARG A 337 16.12 -7.37 -28.63
C ARG A 337 15.04 -7.59 -29.65
N LEU A 338 13.85 -7.86 -29.15
CA LEU A 338 12.70 -8.09 -30.02
C LEU A 338 12.36 -6.87 -30.82
N ALA A 339 12.65 -5.72 -30.24
CA ALA A 339 12.44 -4.43 -30.87
C ALA A 339 13.57 -4.06 -31.83
N GLY A 340 14.56 -4.92 -31.96
CA GLY A 340 15.65 -4.65 -32.89
C GLY A 340 16.71 -3.75 -32.34
N VAL A 341 16.78 -3.64 -31.01
CA VAL A 341 17.88 -2.91 -30.37
C VAL A 341 19.02 -3.83 -30.04
N GLY A 342 20.23 -3.39 -30.32
CA GLY A 342 21.40 -4.20 -30.02
C GLY A 342 21.72 -4.14 -28.55
N MET A 343 22.23 -5.25 -28.02
CA MET A 343 22.50 -5.36 -26.60
C MET A 343 23.85 -5.94 -26.30
N VAL A 344 24.41 -5.46 -25.22
CA VAL A 344 25.61 -6.01 -24.63
C VAL A 344 25.28 -6.21 -23.18
N GLY A 345 25.16 -7.45 -22.79
CA GLY A 345 24.74 -7.76 -21.46
C GLY A 345 25.87 -8.36 -20.69
N VAL A 346 26.00 -7.98 -19.44
CA VAL A 346 27.03 -8.55 -18.62
C VAL A 346 26.42 -9.51 -17.67
N VAL A 347 26.87 -10.75 -17.75
CA VAL A 347 26.42 -11.76 -16.83
C VAL A 347 27.64 -12.37 -16.19
N HIS A 348 27.70 -12.40 -14.87
CA HIS A 348 28.85 -13.00 -14.22
C HIS A 348 28.52 -14.43 -14.12
N ALA A 349 29.13 -15.23 -14.96
CA ALA A 349 28.98 -16.65 -14.95
C ALA A 349 30.32 -17.30 -15.31
N THR A 350 30.46 -18.56 -14.93
CA THR A 350 31.66 -19.31 -15.18
C THR A 350 31.57 -20.18 -16.45
N SER A 351 30.38 -20.48 -16.92
CA SER A 351 30.16 -21.39 -18.06
C SER A 351 29.11 -20.82 -19.01
N PRO A 352 29.13 -21.27 -20.29
CA PRO A 352 28.08 -20.68 -21.10
C PRO A 352 26.67 -21.05 -20.66
N ILE A 353 26.46 -22.31 -20.31
CA ILE A 353 25.10 -22.81 -19.99
C ILE A 353 24.55 -22.02 -18.81
N ASP A 354 25.45 -21.71 -17.86
CA ASP A 354 25.16 -20.75 -16.79
C ASP A 354 24.78 -19.36 -17.34
N ALA A 355 25.53 -18.87 -18.31
CA ALA A 355 25.34 -17.53 -18.88
C ALA A 355 24.01 -17.36 -19.60
N ILE A 356 23.67 -18.33 -20.42
CA ILE A 356 22.46 -18.25 -21.23
C ILE A 356 21.27 -18.91 -20.54
N HIS A 357 21.47 -19.65 -19.45
CA HIS A 357 20.40 -20.42 -18.80
C HIS A 357 19.15 -19.52 -18.50
N ARG A 358 19.40 -18.30 -18.07
CA ARG A 358 18.31 -17.41 -17.70
C ARG A 358 17.45 -16.89 -18.87
N PHE A 359 18.10 -16.67 -20.01
CA PHE A 359 17.44 -16.31 -21.29
C PHE A 359 16.56 -17.39 -21.93
N VAL A 360 17.01 -18.63 -21.80
CA VAL A 360 16.40 -19.78 -22.47
C VAL A 360 14.92 -20.07 -22.12
N ASN A 361 14.59 -19.94 -20.83
CA ASN A 361 13.19 -20.13 -20.38
C ASN A 361 12.25 -19.03 -20.92
N ARG A 362 12.79 -17.83 -21.09
CA ARG A 362 12.04 -16.60 -21.50
C ARG A 362 11.46 -16.60 -22.92
N VAL A 363 12.08 -17.32 -23.85
CA VAL A 363 11.58 -17.32 -25.24
C VAL A 363 11.62 -18.64 -25.97
N ASP A 364 10.97 -18.61 -27.12
CA ASP A 364 10.91 -19.73 -28.04
C ASP A 364 12.25 -20.12 -28.61
N ILE A 365 12.45 -21.41 -28.77
CA ILE A 365 13.72 -21.92 -29.27
C ILE A 365 14.13 -21.34 -30.60
N GLY A 366 13.21 -21.30 -31.55
CA GLY A 366 13.49 -20.72 -32.85
C GLY A 366 13.91 -19.27 -32.73
N THR A 367 13.33 -18.57 -31.70
CA THR A 367 13.60 -17.15 -31.36
C THR A 367 14.95 -16.87 -30.66
N ILE A 368 15.55 -17.86 -30.00
CA ILE A 368 16.76 -17.65 -29.15
C ILE A 368 17.91 -17.01 -29.89
N PRO A 369 18.24 -17.49 -31.07
CA PRO A 369 19.28 -16.85 -31.85
C PRO A 369 19.04 -15.40 -32.14
N ASN A 370 17.78 -15.02 -32.25
CA ASN A 370 17.45 -13.59 -32.39
C ASN A 370 17.72 -12.76 -31.12
N ILE A 371 17.56 -13.37 -29.96
CA ILE A 371 17.90 -12.72 -28.71
C ILE A 371 19.40 -12.66 -28.49
N LEU A 372 20.07 -13.80 -28.66
CA LEU A 372 21.51 -13.95 -28.43
C LEU A 372 22.26 -14.47 -29.61
N ASP A 373 23.29 -13.77 -30.05
CA ASP A 373 24.08 -14.25 -31.16
C ASP A 373 25.47 -14.59 -30.81
N THR A 374 26.05 -13.81 -29.90
CA THR A 374 27.48 -13.96 -29.59
C THR A 374 27.68 -13.88 -28.08
N ILE A 375 28.50 -14.76 -27.56
CA ILE A 375 28.83 -14.80 -26.11
C ILE A 375 30.34 -14.70 -25.99
N ILE A 376 30.81 -13.73 -25.23
CA ILE A 376 32.23 -13.48 -25.09
C ILE A 376 32.58 -13.78 -23.67
N PHE A 377 33.54 -14.65 -23.52
CA PHE A 377 33.97 -15.08 -22.23
C PHE A 377 35.30 -14.44 -21.77
N ILE A 378 35.34 -13.95 -20.56
CA ILE A 378 36.49 -13.20 -20.11
C ILE A 378 37.13 -13.91 -18.94
N ASN A 379 38.44 -14.01 -19.03
CA ASN A 379 39.29 -14.52 -17.96
C ASN A 379 40.55 -13.67 -17.78
N SER A 380 40.86 -13.30 -16.53
CA SER A 380 42.08 -12.57 -16.18
C SER A 380 42.28 -11.41 -17.14
N GLY A 381 41.19 -10.73 -17.50
CA GLY A 381 41.27 -9.56 -18.38
C GLY A 381 41.51 -9.83 -19.84
N ASN A 382 41.30 -11.05 -20.27
CA ASN A 382 41.46 -11.41 -21.68
C ASN A 382 40.33 -12.27 -22.11
N VAL A 383 40.16 -12.41 -23.41
CA VAL A 383 39.04 -13.18 -23.92
C VAL A 383 39.38 -14.64 -24.01
N SER A 384 38.77 -15.42 -23.13
CA SER A 384 38.94 -16.86 -23.02
C SER A 384 38.36 -17.65 -24.20
N LYS A 385 37.15 -17.31 -24.57
CA LYS A 385 36.43 -18.05 -25.57
C LYS A 385 35.30 -17.19 -26.13
N VAL A 386 34.85 -17.52 -27.33
CA VAL A 386 33.75 -16.83 -27.94
C VAL A 386 32.85 -17.87 -28.58
N TYR A 387 31.55 -17.73 -28.31
CA TYR A 387 30.58 -18.63 -28.86
C TYR A 387 29.70 -17.87 -29.81
N THR A 388 29.15 -18.58 -30.79
CA THR A 388 28.18 -18.03 -31.74
C THR A 388 26.94 -18.88 -31.68
N LEU A 389 25.78 -18.30 -31.99
CA LEU A 389 24.51 -19.05 -32.00
C LEU A 389 23.80 -18.99 -33.34
N GLU A 390 23.40 -20.17 -33.81
CA GLU A 390 22.77 -20.38 -35.10
C GLU A 390 21.56 -21.18 -34.79
N MET A 391 20.56 -21.05 -35.64
CA MET A 391 19.40 -21.88 -35.54
C MET A 391 19.30 -22.70 -36.78
N THR A 392 19.09 -23.99 -36.58
CA THR A 392 18.86 -24.91 -37.68
C THR A 392 17.87 -26.04 -37.28
N VAL A 393 17.21 -26.60 -38.30
CA VAL A 393 16.39 -27.82 -38.18
C VAL A 393 17.32 -29.03 -38.46
N LYS A 394 17.44 -29.92 -37.48
CA LYS A 394 18.22 -31.16 -37.65
C LYS A 394 17.78 -32.14 -36.59
N VAL A 395 17.99 -33.43 -36.83
CA VAL A 395 17.81 -34.40 -35.77
C VAL A 395 18.89 -34.06 -34.78
N PRO A 396 18.58 -33.85 -33.47
CA PRO A 396 19.72 -33.53 -32.61
C PRO A 396 20.85 -34.53 -32.79
N ALA A 397 22.08 -34.06 -32.93
CA ALA A 397 23.21 -34.98 -33.05
C ALA A 397 23.33 -35.73 -31.74
N GLY A 398 23.07 -35.04 -30.64
CA GLY A 398 23.02 -35.63 -29.29
C GLY A 398 21.95 -36.70 -29.09
N LEU A 399 20.80 -36.53 -29.76
CA LEU A 399 19.62 -37.39 -29.53
C LEU A 399 19.79 -38.82 -30.05
N LYS A 400 19.30 -39.76 -29.24
CA LYS A 400 19.49 -41.19 -29.49
C LYS A 400 18.77 -41.69 -30.74
N GLU A 401 17.58 -41.15 -30.96
CA GLU A 401 16.75 -41.48 -32.11
C GLU A 401 17.48 -41.24 -33.44
N ALA A 402 17.56 -42.29 -34.25
CA ALA A 402 18.34 -42.28 -35.51
C ALA A 402 17.77 -41.29 -36.53
N ASP A 403 16.44 -41.24 -36.64
CA ASP A 403 15.69 -40.35 -37.56
C ASP A 403 14.81 -39.24 -36.98
N LEU A 404 14.69 -39.10 -35.65
CA LEU A 404 13.90 -37.97 -35.03
C LEU A 404 14.39 -36.55 -35.41
N ALA A 405 13.46 -35.67 -35.78
CA ALA A 405 13.76 -34.34 -36.25
C ALA A 405 13.18 -33.29 -35.34
N ARG A 406 13.99 -32.27 -35.05
CA ARG A 406 13.54 -31.12 -34.27
C ARG A 406 14.23 -29.86 -34.85
N PRO A 407 13.79 -28.65 -34.45
CA PRO A 407 14.56 -27.43 -34.75
C PRO A 407 15.51 -27.12 -33.60
N VAL A 408 16.73 -26.68 -33.90
CA VAL A 408 17.76 -26.59 -32.87
C VAL A 408 18.70 -25.44 -33.01
N VAL A 409 19.23 -25.06 -31.87
CA VAL A 409 20.19 -23.98 -31.79
C VAL A 409 21.55 -24.57 -31.57
N GLU A 410 22.46 -24.22 -32.47
CA GLU A 410 23.83 -24.71 -32.44
C GLU A 410 24.73 -23.61 -31.87
N ILE A 411 25.46 -23.91 -30.79
CA ILE A 411 26.40 -22.96 -30.21
C ILE A 411 27.83 -23.39 -30.55
N LYS A 412 28.54 -22.53 -31.26
CA LYS A 412 29.87 -22.89 -31.76
C LYS A 412 30.95 -21.95 -31.29
N ASP A 413 32.17 -22.48 -31.08
CA ASP A 413 33.37 -21.62 -30.91
C ASP A 413 33.46 -20.88 -32.22
N LEU A 414 33.73 -19.59 -32.14
CA LEU A 414 33.86 -18.81 -33.35
C LEU A 414 35.04 -19.26 -34.19
N ALA A 415 36.15 -19.59 -33.53
CA ALA A 415 37.37 -20.01 -34.24
C ALA A 415 37.27 -21.45 -34.86
N THR A 416 36.81 -22.41 -34.06
CA THR A 416 36.67 -23.82 -34.43
C THR A 416 35.54 -24.02 -35.47
N GLY A 417 34.43 -23.35 -35.27
CA GLY A 417 33.20 -23.63 -36.02
C GLY A 417 32.45 -24.85 -35.47
N ASN A 418 32.99 -25.45 -34.40
CA ASN A 418 32.51 -26.73 -33.87
C ASN A 418 31.37 -26.51 -32.93
N THR A 419 30.24 -27.15 -33.20
CA THR A 419 29.05 -26.95 -32.38
C THR A 419 29.13 -27.76 -31.09
N GLU A 420 29.66 -27.14 -30.04
CA GLU A 420 29.88 -27.78 -28.71
C GLU A 420 28.68 -27.93 -27.83
N TYR A 421 27.64 -27.14 -28.07
CA TYR A 421 26.39 -27.20 -27.29
C TYR A 421 25.20 -27.08 -28.21
N GLU A 422 24.10 -27.68 -27.79
CA GLU A 422 22.87 -27.69 -28.55
C GLU A 422 21.67 -27.42 -27.63
N ILE A 423 20.68 -26.74 -28.20
CA ILE A 423 19.45 -26.46 -27.45
C ILE A 423 18.25 -26.93 -28.27
N TYR A 424 17.42 -27.74 -27.60
CA TYR A 424 16.21 -28.32 -28.16
C TYR A 424 15.28 -28.69 -27.04
N VAL A 425 14.10 -29.14 -27.45
CA VAL A 425 13.03 -29.59 -26.54
C VAL A 425 12.73 -31.09 -26.66
N PHE A 426 12.62 -31.78 -25.52
CA PHE A 426 12.01 -33.14 -25.45
C PHE A 426 10.94 -33.21 -24.34
N GLY A 427 9.84 -32.49 -24.57
CA GLY A 427 8.83 -32.16 -23.54
C GLY A 427 9.27 -31.05 -22.53
N GLU A 428 10.56 -30.70 -22.57
CA GLU A 428 11.25 -29.72 -21.69
C GLU A 428 12.32 -29.00 -22.51
N GLN A 429 12.66 -27.75 -22.21
CA GLN A 429 13.61 -27.00 -23.09
C GLN A 429 15.06 -27.44 -22.78
N THR A 430 15.39 -28.63 -23.27
CA THR A 430 16.68 -29.28 -22.94
C THR A 430 17.88 -28.50 -23.54
N MET A 431 19.01 -28.57 -22.85
CA MET A 431 20.28 -28.12 -23.39
C MET A 431 21.38 -29.15 -23.25
N ILE A 432 21.98 -29.50 -24.38
CA ILE A 432 22.97 -30.55 -24.44
C ILE A 432 24.21 -30.08 -25.16
N VAL A 433 25.28 -30.85 -24.98
CA VAL A 433 26.53 -30.63 -25.68
C VAL A 433 27.06 -31.95 -26.12
N PRO A 434 27.66 -32.06 -27.35
CA PRO A 434 28.42 -33.23 -27.67
C PRO A 434 29.87 -32.96 -27.26
N VAL A 435 30.52 -33.82 -26.48
CA VAL A 435 31.91 -33.60 -26.02
C VAL A 435 32.92 -34.60 -26.67
N ASN A 436 32.61 -35.07 -27.90
CA ASN A 436 33.58 -35.88 -28.67
C ASN A 436 34.88 -35.07 -28.82
N ARG A 437 34.74 -33.77 -29.14
CA ARG A 437 35.87 -32.84 -29.36
C ARG A 437 36.82 -33.30 -30.50
N MET B 1 8.48 55.40 -22.29
CA MET B 1 7.19 55.86 -22.82
C MET B 1 6.07 54.91 -22.42
N ASN B 2 6.35 53.79 -21.76
CA ASN B 2 5.31 52.88 -21.33
C ASN B 2 5.86 52.20 -20.15
N ASP B 3 4.99 51.68 -19.32
CA ASP B 3 5.45 50.82 -18.28
C ASP B 3 4.99 49.38 -18.58
N LEU B 4 5.94 48.46 -18.67
CA LEU B 4 5.64 47.05 -18.96
C LEU B 4 5.84 46.11 -17.81
N MET B 5 4.81 45.34 -17.51
CA MET B 5 4.78 44.43 -16.41
C MET B 5 4.86 43.05 -17.01
N LEU B 6 5.89 42.31 -16.63
CA LEU B 6 6.11 40.99 -17.19
C LEU B 6 5.66 39.91 -16.22
N ASP B 7 4.97 38.91 -16.73
CA ASP B 7 4.60 37.79 -15.93
C ASP B 7 5.62 36.69 -16.11
N LYS B 8 5.47 35.60 -15.38
CA LYS B 8 6.42 34.50 -15.52
C LYS B 8 6.45 34.00 -16.96
N SER B 9 5.29 33.94 -17.58
CA SER B 9 5.19 33.38 -18.95
C SER B 9 6.13 34.12 -19.90
N ALA B 10 6.24 35.42 -19.72
CA ALA B 10 7.11 36.24 -20.55
C ALA B 10 8.59 35.93 -20.33
N LEU B 11 8.92 35.71 -19.06
CA LEU B 11 10.28 35.33 -18.69
C LEU B 11 10.66 33.99 -19.24
N LEU B 12 9.70 33.08 -19.35
CA LEU B 12 10.00 31.83 -19.96
C LEU B 12 9.95 31.90 -21.47
N PHE B 13 9.53 33.00 -22.06
CA PHE B 13 9.41 33.12 -23.52
C PHE B 13 10.49 33.97 -24.17
N GLY B 14 11.55 34.27 -23.43
CA GLY B 14 12.64 35.05 -23.98
C GLY B 14 12.21 36.46 -24.31
N VAL B 15 11.45 37.06 -23.43
CA VAL B 15 10.94 38.45 -23.62
C VAL B 15 12.06 39.47 -23.76
N SER B 16 13.25 39.13 -23.25
CA SER B 16 14.42 40.00 -23.39
C SER B 16 14.73 40.32 -24.85
N LYS B 17 14.58 39.27 -25.67
CA LYS B 17 14.80 39.36 -27.12
C LYS B 17 13.84 40.37 -27.74
N TYR B 18 12.59 40.32 -27.31
CA TYR B 18 11.59 41.19 -27.90
C TYR B 18 11.91 42.63 -27.65
N LEU B 19 12.42 42.87 -26.46
CA LEU B 19 12.73 44.23 -26.05
C LEU B 19 13.83 44.81 -26.89
N GLU B 20 14.85 44.01 -27.15
CA GLU B 20 16.02 44.41 -27.99
C GLU B 20 15.57 44.78 -29.38
N LYS B 21 14.73 43.92 -29.92
CA LYS B 21 14.25 44.05 -31.28
C LYS B 21 13.27 45.20 -31.42
N GLY B 22 12.78 45.74 -30.31
CA GLY B 22 11.86 46.87 -30.33
C GLY B 22 10.41 46.50 -30.57
N ILE B 23 10.13 45.20 -30.55
CA ILE B 23 8.79 44.66 -30.76
C ILE B 23 7.87 45.15 -29.66
N ILE B 24 8.43 45.26 -28.47
CA ILE B 24 7.76 45.89 -27.35
C ILE B 24 8.71 46.96 -26.84
N THR B 25 8.15 48.05 -26.31
CA THR B 25 8.95 49.13 -25.82
C THR B 25 8.36 49.75 -24.62
N GLY B 26 9.27 50.22 -23.77
CA GLY B 26 8.91 50.92 -22.57
C GLY B 26 9.84 50.53 -21.45
N ASN B 27 9.53 51.07 -20.28
CA ASN B 27 10.20 50.64 -19.06
C ASN B 27 9.77 49.22 -18.69
N VAL B 28 10.66 48.51 -18.01
CA VAL B 28 10.34 47.19 -17.54
C VAL B 28 9.99 47.21 -16.07
N LEU B 29 8.91 46.53 -15.72
CA LEU B 29 8.51 46.30 -14.34
C LEU B 29 8.35 44.83 -14.07
N ILE B 30 8.77 44.42 -12.91
CA ILE B 30 8.46 43.09 -12.42
C ILE B 30 7.95 43.19 -11.00
N HIS B 31 6.89 42.49 -10.69
CA HIS B 31 6.36 42.57 -9.35
C HIS B 31 7.21 41.77 -8.38
N LYS B 32 7.30 42.26 -7.16
CA LYS B 32 8.10 41.58 -6.09
C LYS B 32 7.72 40.13 -5.91
N SER B 33 6.43 39.93 -5.90
CA SER B 33 5.82 38.68 -5.72
C SER B 33 6.34 37.62 -6.67
N LEU B 34 6.50 38.00 -7.92
CA LEU B 34 6.96 37.09 -8.93
C LEU B 34 8.38 36.68 -8.62
N LEU B 35 9.20 37.62 -8.20
CA LEU B 35 10.58 37.29 -7.82
C LEU B 35 10.68 36.37 -6.60
N ALA B 36 9.78 36.60 -5.65
CA ALA B 36 9.67 35.72 -4.49
C ALA B 36 9.33 34.29 -4.94
N GLU B 37 8.37 34.17 -5.85
CA GLU B 37 7.92 32.87 -6.38
C GLU B 37 9.06 32.16 -7.10
N LEU B 38 9.74 32.87 -7.96
CA LEU B 38 10.88 32.33 -8.67
C LEU B 38 11.96 31.86 -7.71
N GLU B 39 12.17 32.60 -6.66
CA GLU B 39 13.11 32.18 -5.69
C GLU B 39 12.73 30.84 -5.04
N ARG B 40 11.51 30.73 -4.55
CA ARG B 40 11.07 29.48 -3.88
C ARG B 40 11.17 28.31 -4.87
N GLU B 41 10.72 28.54 -6.10
CA GLU B 41 10.74 27.51 -7.09
C GLU B 41 12.16 27.08 -7.38
N SER B 42 13.05 28.05 -7.44
CA SER B 42 14.44 27.78 -7.70
C SER B 42 15.04 26.94 -6.59
N ASN B 43 14.71 27.29 -5.36
CA ASN B 43 15.11 26.48 -4.20
C ASN B 43 14.52 25.07 -4.18
N ASP B 44 13.27 24.93 -4.63
CA ASP B 44 12.61 23.62 -4.78
C ASP B 44 13.14 22.85 -5.98
N GLY B 45 13.99 23.48 -6.77
CA GLY B 45 14.72 22.84 -7.84
C GLY B 45 14.05 22.89 -9.17
N LEU B 46 13.04 23.72 -9.33
CA LEU B 46 12.38 23.85 -10.66
C LEU B 46 13.35 24.35 -11.67
N VAL B 47 13.46 23.64 -12.77
CA VAL B 47 14.33 24.06 -13.88
C VAL B 47 13.82 25.36 -14.49
N SER B 48 12.51 25.52 -14.63
CA SER B 48 11.96 26.69 -15.28
C SER B 48 12.41 28.00 -14.58
N ALA B 49 12.49 27.91 -13.25
CA ALA B 49 12.77 29.08 -12.41
C ALA B 49 14.18 29.63 -12.65
N GLU B 50 15.13 28.72 -12.85
CA GLU B 50 16.48 29.08 -13.18
C GLU B 50 16.46 29.88 -14.47
N ILE B 51 15.71 29.40 -15.46
CA ILE B 51 15.64 30.04 -16.78
C ILE B 51 15.02 31.39 -16.65
N ALA B 52 13.93 31.43 -15.92
CA ALA B 52 13.13 32.65 -15.73
C ALA B 52 13.90 33.72 -14.99
N LEU B 53 14.62 33.28 -13.98
CA LEU B 53 15.50 34.18 -13.23
C LEU B 53 16.65 34.71 -14.05
N ASP B 54 17.25 33.84 -14.84
CA ASP B 54 18.34 34.23 -15.71
C ASP B 54 17.85 35.28 -16.68
N GLU B 55 16.62 35.15 -17.13
CA GLU B 55 16.02 36.14 -18.01
C GLU B 55 15.84 37.51 -17.38
N VAL B 56 15.65 37.55 -16.08
CA VAL B 56 15.55 38.80 -15.39
C VAL B 56 16.81 39.63 -15.57
N LYS B 57 17.98 39.00 -15.39
CA LYS B 57 19.23 39.73 -15.51
C LYS B 57 19.38 40.23 -16.96
N LYS B 58 19.03 39.37 -17.92
CA LYS B 58 19.19 39.71 -19.32
C LYS B 58 18.40 40.95 -19.55
N LEU B 59 17.20 40.98 -18.99
CA LEU B 59 16.30 42.13 -19.15
C LEU B 59 16.91 43.38 -18.61
N LYS B 60 17.46 43.27 -17.41
CA LYS B 60 18.03 44.41 -16.78
C LYS B 60 19.14 44.98 -17.63
N ASP B 61 19.99 44.11 -18.14
CA ASP B 61 21.12 44.54 -18.96
C ASP B 61 20.68 45.24 -20.21
N ILE B 62 19.69 44.68 -20.86
CA ILE B 62 19.11 45.30 -22.06
C ILE B 62 18.52 46.70 -21.75
N THR B 63 17.86 46.83 -20.61
CA THR B 63 17.30 48.12 -20.23
C THR B 63 18.38 49.18 -20.19
N GLU B 64 19.55 48.78 -19.69
CA GLU B 64 20.71 49.68 -19.59
C GLU B 64 21.22 50.09 -20.96
N ARG B 65 21.27 49.13 -21.88
CA ARG B 65 21.62 49.36 -23.29
C ARG B 65 20.72 50.34 -24.01
N ILE B 66 19.40 50.17 -23.85
CA ILE B 66 18.43 50.99 -24.56
C ILE B 66 17.96 52.23 -23.73
N LEU B 67 18.54 52.46 -22.57
CA LEU B 67 18.23 53.63 -21.73
C LEU B 67 16.79 53.69 -21.31
N VAL B 68 16.33 52.59 -20.77
CA VAL B 68 14.98 52.51 -20.19
C VAL B 68 15.10 52.01 -18.77
N ASN B 69 14.06 52.30 -17.98
CA ASN B 69 14.06 51.92 -16.57
C ASN B 69 13.79 50.45 -16.36
N PHE B 70 14.29 49.94 -15.26
CA PHE B 70 14.03 48.59 -14.83
C PHE B 70 13.75 48.64 -13.37
N GLU B 71 12.64 48.11 -12.92
CA GLU B 71 12.38 48.13 -11.49
C GLU B 71 11.51 47.00 -11.02
N ILE B 72 11.68 46.72 -9.74
CA ILE B 72 10.94 45.73 -9.07
C ILE B 72 10.03 46.46 -8.15
N VAL B 73 8.75 46.19 -8.26
CA VAL B 73 7.73 46.98 -7.56
C VAL B 73 6.84 46.17 -6.64
N GLY B 74 6.15 46.86 -5.76
CA GLY B 74 5.11 46.28 -4.92
C GLY B 74 5.58 46.22 -3.49
N ASP B 75 4.66 46.24 -2.50
CA ASP B 75 5.08 46.22 -1.09
C ASP B 75 5.37 44.75 -0.73
N ASP B 76 6.49 44.53 -0.01
CA ASP B 76 6.84 43.21 0.51
C ASP B 76 5.71 42.70 1.44
N SER B 77 5.05 43.64 2.15
CA SER B 77 3.89 43.36 3.04
C SER B 77 2.71 42.62 2.38
N LYS B 78 2.34 43.00 1.15
CA LYS B 78 1.19 42.39 0.44
C LYS B 78 1.49 40.95 -0.05
N LYS B 79 0.50 40.07 0.14
CA LYS B 79 0.60 38.64 -0.19
C LYS B 79 -0.52 38.24 -1.10
N GLY B 80 -0.19 37.31 -2.01
CA GLY B 80 -1.12 36.77 -2.97
C GLY B 80 -0.38 36.11 -4.13
N GLU B 81 -1.14 35.72 -5.16
CA GLU B 81 -0.55 35.16 -6.40
C GLU B 81 0.08 36.28 -7.17
N ALA B 82 1.22 35.99 -7.77
CA ALA B 82 1.99 37.03 -8.53
C ALA B 82 1.22 37.58 -9.70
N ASN B 83 0.56 36.70 -10.43
CA ASN B 83 -0.24 37.19 -11.52
C ASN B 83 -1.38 38.11 -11.11
N GLU B 84 -2.08 37.77 -10.02
CA GLU B 84 -3.19 38.58 -9.52
C GLU B 84 -2.68 39.95 -9.09
N LEU B 85 -1.57 39.97 -8.37
CA LEU B 85 -0.96 41.22 -7.90
C LEU B 85 -0.47 42.06 -9.03
N SER B 86 0.13 41.42 -10.01
CA SER B 86 0.69 42.14 -11.17
C SER B 86 -0.43 42.87 -11.92
N ARG B 87 -1.57 42.20 -12.09
CA ARG B 87 -2.74 42.78 -12.77
C ARG B 87 -3.34 43.92 -12.02
N GLU B 88 -3.39 43.77 -10.71
CA GLU B 88 -3.85 44.84 -9.85
C GLU B 88 -2.98 46.08 -9.95
N TYR B 89 -1.68 45.86 -9.94
CA TYR B 89 -0.70 46.93 -10.08
C TYR B 89 -0.89 47.70 -11.36
N CYS B 90 -1.09 46.96 -12.44
CA CYS B 90 -1.32 47.56 -13.72
C CYS B 90 -2.56 48.42 -13.73
N LEU B 91 -3.62 47.96 -13.09
CA LEU B 91 -4.86 48.74 -13.02
C LEU B 91 -4.72 50.06 -12.34
N GLU B 92 -4.08 50.02 -11.19
CA GLU B 92 -3.92 51.22 -10.42
C GLU B 92 -2.97 52.17 -11.10
N LYS B 93 -1.87 51.67 -11.66
CA LYS B 93 -0.84 52.57 -12.21
C LYS B 93 -0.83 52.69 -13.74
N GLY B 94 -1.73 52.00 -14.41
CA GLY B 94 -1.85 52.05 -15.87
C GLY B 94 -0.75 51.37 -16.67
N CYS B 95 -0.10 50.35 -16.11
CA CYS B 95 0.95 49.61 -16.82
C CYS B 95 0.37 48.59 -17.76
N ILE B 96 1.23 48.06 -18.60
CA ILE B 96 0.84 47.08 -19.59
C ILE B 96 1.40 45.70 -19.29
N ILE B 97 0.55 44.70 -19.31
CA ILE B 97 0.97 43.35 -19.05
C ILE B 97 1.57 42.72 -20.29
N VAL B 98 2.70 42.06 -20.11
CA VAL B 98 3.35 41.37 -21.21
C VAL B 98 3.35 39.91 -20.83
N THR B 99 2.84 39.09 -21.72
CA THR B 99 2.67 37.68 -21.45
C THR B 99 2.67 36.82 -22.70
N ALA B 100 2.87 35.54 -22.49
CA ALA B 100 2.77 34.52 -23.51
C ALA B 100 1.71 33.47 -23.09
N ASP B 101 0.91 33.79 -22.08
CA ASP B 101 -0.04 32.86 -21.54
C ASP B 101 -1.43 33.33 -21.97
N GLU B 102 -2.17 32.45 -22.63
CA GLU B 102 -3.54 32.76 -23.12
C GLU B 102 -4.52 33.01 -21.98
N THR B 103 -4.37 32.27 -20.89
CA THR B 103 -5.23 32.47 -19.76
C THR B 103 -5.10 33.91 -19.33
N GLN B 104 -3.87 34.37 -19.12
CA GLN B 104 -3.65 35.75 -18.62
C GLN B 104 -4.19 36.77 -19.62
N LYS B 105 -3.96 36.49 -20.89
CA LYS B 105 -4.47 37.34 -21.93
C LYS B 105 -5.97 37.49 -21.74
N LYS B 106 -6.65 36.36 -21.59
CA LYS B 106 -8.12 36.37 -21.50
C LYS B 106 -8.64 37.15 -20.31
N ILE B 107 -8.01 36.94 -19.16
CA ILE B 107 -8.35 37.66 -17.94
C ILE B 107 -8.05 39.15 -18.04
N CYS B 108 -6.92 39.49 -18.63
CA CYS B 108 -6.56 40.89 -18.80
C CYS B 108 -7.57 41.57 -19.69
N ASP B 109 -7.95 40.88 -20.77
CA ASP B 109 -8.94 41.41 -21.70
C ASP B 109 -10.25 41.72 -20.98
N ALA B 110 -10.67 40.78 -20.16
CA ALA B 110 -11.89 40.94 -19.37
C ALA B 110 -11.81 42.10 -18.40
N MET B 111 -10.69 42.19 -17.70
CA MET B 111 -10.50 43.24 -16.71
C MET B 111 -10.23 44.63 -17.30
N GLY B 112 -10.01 44.68 -18.61
CA GLY B 112 -9.76 45.93 -19.31
C GLY B 112 -8.36 46.43 -19.04
N ILE B 113 -7.42 45.49 -18.94
CA ILE B 113 -6.01 45.81 -18.74
C ILE B 113 -5.31 45.67 -20.05
N GLN B 114 -4.54 46.68 -20.40
CA GLN B 114 -3.86 46.62 -21.69
C GLN B 114 -2.81 45.54 -21.59
N TYR B 115 -2.59 44.84 -22.68
CA TYR B 115 -1.62 43.80 -22.65
C TYR B 115 -0.87 43.68 -23.95
N ASN B 116 0.27 43.00 -23.89
CA ASN B 116 1.01 42.66 -25.06
C ASN B 116 1.24 41.18 -25.11
N PHE B 117 0.72 40.51 -26.12
CA PHE B 117 0.81 39.06 -26.11
C PHE B 117 1.90 38.66 -27.04
N LEU B 118 2.87 37.94 -26.53
CA LEU B 118 4.01 37.52 -27.35
C LEU B 118 3.74 36.36 -28.25
N GLN B 119 4.20 36.50 -29.49
CA GLN B 119 4.03 35.51 -30.51
C GLN B 119 5.39 35.00 -30.92
N PRO B 120 5.51 33.69 -31.22
CA PRO B 120 6.85 33.27 -31.62
C PRO B 120 7.45 34.11 -32.77
N LEU B 121 8.73 34.43 -32.62
CA LEU B 121 9.47 35.23 -33.59
C LEU B 121 9.66 34.59 -34.95
N LYS B 122 9.97 33.31 -34.93
CA LYS B 122 10.19 32.52 -36.14
C LYS B 122 9.05 31.50 -36.16
N GLN B 123 8.59 31.11 -37.34
CA GLN B 123 7.59 30.05 -37.50
C GLN B 123 8.12 28.69 -36.96
N GLY B 124 9.26 28.25 -37.49
CA GLY B 124 9.91 27.00 -37.08
C GLY B 124 10.55 27.11 -35.71
N LEU B 125 10.81 25.97 -35.07
CA LEU B 125 11.54 25.97 -33.79
C LEU B 125 13.03 25.86 -33.96
N SER B 126 13.74 26.21 -32.90
CA SER B 126 15.18 26.26 -32.91
C SER B 126 15.78 25.03 -33.54
N PHE B 127 15.39 23.90 -32.99
CA PHE B 127 15.92 22.63 -33.38
C PHE B 127 15.50 22.23 -34.78
N GLU B 128 14.41 22.82 -35.28
CA GLU B 128 13.88 22.40 -36.58
C GLU B 128 14.84 22.71 -37.73
N SER B 129 15.69 23.72 -37.54
CA SER B 129 16.78 24.06 -38.48
C SER B 129 17.68 22.85 -38.70
N PHE B 130 17.96 22.15 -37.61
CA PHE B 130 18.81 20.97 -37.64
C PHE B 130 18.22 19.79 -38.39
N PHE B 131 16.90 19.73 -38.46
CA PHE B 131 16.22 18.66 -39.22
C PHE B 131 16.33 18.90 -40.72
N ASP B 132 16.57 17.83 -41.47
CA ASP B 132 16.56 17.86 -42.93
C ASP B 132 15.47 16.90 -43.38
N ASP B 133 15.10 16.95 -44.66
CA ASP B 133 14.05 16.08 -45.18
C ASP B 133 14.25 14.55 -44.96
N GLU B 134 15.51 14.14 -44.88
CA GLU B 134 15.90 12.72 -44.78
C GLU B 134 16.37 12.26 -43.35
N THR B 135 16.32 13.18 -42.37
CA THR B 135 16.75 12.87 -41.00
C THR B 135 15.61 12.22 -40.18
N MET B 136 15.89 11.09 -39.57
CA MET B 136 14.92 10.37 -38.74
C MET B 136 14.79 10.91 -37.30
N SER B 137 15.93 11.14 -36.66
CA SER B 137 15.96 11.63 -35.28
C SER B 137 17.16 12.54 -34.97
N LEU B 138 16.98 13.39 -33.97
CA LEU B 138 17.98 14.36 -33.58
C LEU B 138 18.39 14.11 -32.15
N HIS B 139 19.70 14.02 -31.87
CA HIS B 139 20.20 13.72 -30.51
C HIS B 139 21.03 14.84 -29.92
N ILE B 140 20.61 15.32 -28.76
CA ILE B 140 21.22 16.44 -28.09
C ILE B 140 21.50 16.09 -26.67
N LYS B 141 22.72 16.33 -26.24
CA LYS B 141 23.13 16.04 -24.88
C LYS B 141 24.16 17.07 -24.44
N GLU B 142 24.21 17.28 -23.15
CA GLU B 142 25.18 18.16 -22.52
C GLU B 142 26.54 17.78 -22.96
N ASP B 143 27.35 18.75 -23.34
CA ASP B 143 28.76 18.55 -23.68
C ASP B 143 28.98 17.64 -24.84
N THR B 144 28.01 17.59 -25.72
CA THR B 144 28.14 16.77 -26.92
C THR B 144 27.70 17.70 -28.05
N VAL B 145 28.15 17.36 -29.21
CA VAL B 145 27.80 18.10 -30.40
C VAL B 145 26.47 17.56 -30.89
N PRO B 146 25.64 18.38 -31.54
CA PRO B 146 24.43 17.77 -32.05
C PRO B 146 24.66 16.71 -33.09
N ARG B 147 23.81 15.70 -33.06
CA ARG B 147 23.98 14.56 -33.93
C ARG B 147 22.63 14.09 -34.41
N ALA B 148 22.63 13.39 -35.53
CA ALA B 148 21.39 12.95 -36.17
C ALA B 148 21.48 11.59 -36.76
N LYS B 149 20.34 10.94 -36.84
CA LYS B 149 20.19 9.62 -37.46
C LYS B 149 19.55 9.87 -38.82
N LYS B 150 20.29 9.58 -39.88
CA LYS B 150 19.85 9.87 -41.25
C LYS B 150 19.81 8.68 -42.18
N GLY B 151 18.75 8.64 -43.01
CA GLY B 151 18.61 7.66 -44.09
C GLY B 151 17.43 6.69 -43.93
N LYS B 152 17.72 5.40 -44.12
CA LYS B 152 16.66 4.37 -44.20
C LYS B 152 16.35 3.78 -42.81
N PRO B 153 15.07 3.42 -42.50
CA PRO B 153 14.87 2.73 -41.21
C PRO B 153 15.66 1.43 -41.03
N GLY B 154 15.79 0.67 -42.13
CA GLY B 154 16.73 -0.45 -42.20
C GLY B 154 18.20 -0.01 -42.31
N ASN B 155 18.46 1.02 -43.15
CA ASN B 155 19.82 1.59 -43.46
C ASN B 155 20.16 3.07 -42.96
N TRP B 156 19.70 3.43 -41.77
CA TRP B 156 20.05 4.75 -41.19
C TRP B 156 21.54 4.81 -40.82
N LYS B 157 22.12 6.01 -40.89
CA LYS B 157 23.52 6.29 -40.51
C LYS B 157 23.61 7.45 -39.54
N PHE B 158 24.41 7.29 -38.50
CA PHE B 158 24.61 8.34 -37.49
C PHE B 158 25.52 9.42 -38.04
N VAL B 159 25.34 10.66 -37.59
CA VAL B 159 26.18 11.77 -38.07
C VAL B 159 26.37 12.87 -37.05
N ASN B 160 27.40 13.67 -37.23
CA ASN B 160 27.62 14.88 -36.43
C ASN B 160 27.17 16.06 -37.27
N LEU B 161 26.47 17.00 -36.65
CA LEU B 161 25.99 18.22 -37.26
C LEU B 161 26.73 19.47 -36.89
N SER B 162 27.69 19.42 -35.98
CA SER B 162 28.30 20.67 -35.47
C SER B 162 29.71 20.51 -34.97
N ASP B 163 30.38 21.66 -34.84
CA ASP B 163 31.78 21.69 -34.43
C ASP B 163 31.94 21.67 -32.94
N LYS B 164 31.00 22.35 -32.28
CA LYS B 164 31.16 22.74 -30.89
C LYS B 164 30.14 22.06 -30.01
N PRO B 165 30.55 21.70 -28.76
CA PRO B 165 29.56 21.06 -27.89
C PRO B 165 28.53 22.02 -27.39
N MET B 166 27.39 21.47 -26.98
CA MET B 166 26.31 22.24 -26.38
C MET B 166 26.50 22.29 -24.89
N LEU B 167 26.42 23.47 -24.31
CA LEU B 167 26.51 23.60 -22.89
C LEU B 167 25.18 23.18 -22.32
N SER B 168 25.21 22.87 -21.04
CA SER B 168 24.05 22.47 -20.30
C SER B 168 22.98 23.55 -20.44
N THR B 169 23.37 24.81 -20.40
CA THR B 169 22.42 25.94 -20.49
C THR B 169 21.66 25.88 -21.80
N ASP B 170 22.38 25.58 -22.87
CA ASP B 170 21.76 25.47 -24.17
C ASP B 170 20.74 24.37 -24.24
N VAL B 171 21.06 23.23 -23.65
CA VAL B 171 20.15 22.08 -23.70
C VAL B 171 18.87 22.36 -22.94
N ARG B 172 18.99 22.93 -21.75
CA ARG B 172 17.84 23.27 -20.95
C ARG B 172 16.97 24.30 -21.64
N MET B 173 17.58 25.22 -22.37
CA MET B 173 16.85 26.20 -23.09
C MET B 173 16.01 25.55 -24.18
N ILE B 174 16.57 24.57 -24.83
CA ILE B 174 15.86 23.86 -25.88
C ILE B 174 14.71 23.09 -25.31
N ALA B 175 14.93 22.48 -24.17
CA ALA B 175 13.90 21.72 -23.53
C ALA B 175 12.76 22.62 -23.24
N ASN B 176 13.06 23.78 -22.69
CA ASN B 176 12.04 24.77 -22.38
C ASN B 176 11.32 25.26 -23.62
N GLU B 177 12.08 25.45 -24.69
CA GLU B 177 11.50 25.87 -25.95
C GLU B 177 10.42 24.87 -26.38
N ILE B 178 10.75 23.60 -26.22
CA ILE B 178 9.83 22.51 -26.55
C ILE B 178 8.59 22.48 -25.62
N ILE B 179 8.78 22.64 -24.33
CA ILE B 179 7.65 22.64 -23.42
C ILE B 179 6.70 23.77 -23.79
N ASN B 180 7.25 24.92 -24.17
CA ASN B 180 6.44 26.09 -24.56
C ASN B 180 5.66 25.84 -25.82
N ALA B 181 6.27 25.11 -26.72
CA ALA B 181 5.63 24.82 -28.02
C ALA B 181 4.37 23.93 -27.91
N VAL B 182 4.19 23.23 -26.79
CA VAL B 182 3.06 22.35 -26.65
C VAL B 182 1.81 23.16 -26.76
N ARG B 183 1.81 24.33 -26.14
CA ARG B 183 0.63 25.21 -26.12
C ARG B 183 0.34 25.64 -27.55
N LEU B 184 1.40 25.93 -28.30
CA LEU B 184 1.26 26.47 -29.64
C LEU B 184 0.96 25.49 -30.72
N ILE B 185 1.57 24.33 -30.71
CA ILE B 185 1.40 23.43 -31.88
C ILE B 185 0.19 22.52 -31.77
N LYS B 186 -0.43 22.28 -32.91
CA LYS B 186 -1.59 21.47 -32.98
C LYS B 186 -1.25 20.03 -32.66
N GLY B 187 -2.11 19.40 -31.86
CA GLY B 187 -2.02 17.95 -31.58
C GLY B 187 -0.81 17.60 -30.76
N SER B 188 -0.53 18.46 -29.76
CA SER B 188 0.63 18.32 -28.87
C SER B 188 0.24 18.24 -27.40
N PHE B 189 0.95 17.41 -26.67
CA PHE B 189 0.65 17.22 -25.28
C PHE B 189 1.78 16.51 -24.57
N VAL B 190 1.78 16.63 -23.26
CA VAL B 190 2.82 16.00 -22.47
C VAL B 190 2.33 14.61 -22.23
N GLU B 191 3.05 13.59 -22.70
CA GLU B 191 2.62 12.21 -22.44
C GLU B 191 2.69 11.92 -20.98
N ILE B 192 3.88 12.12 -20.43
CA ILE B 192 4.09 11.81 -19.02
C ILE B 192 5.36 12.48 -18.52
N GLU B 193 5.30 12.95 -17.29
CA GLU B 193 6.44 13.54 -16.65
C GLU B 193 6.79 12.69 -15.43
N ARG B 194 8.05 12.30 -15.31
CA ARG B 194 8.52 11.57 -14.15
C ARG B 194 9.63 12.39 -13.58
N ARG B 195 10.19 11.97 -12.44
CA ARG B 195 11.29 12.71 -11.81
C ARG B 195 12.44 12.89 -12.77
N GLY B 196 12.79 11.82 -13.48
CA GLY B 196 13.97 11.89 -14.36
C GLY B 196 13.73 12.03 -15.83
N SER B 197 12.48 11.93 -16.23
CA SER B 197 12.16 11.86 -17.61
C SER B 197 10.94 12.65 -17.93
N LEU B 198 10.89 13.17 -19.14
CA LEU B 198 9.70 13.84 -19.66
C LEU B 198 9.48 13.36 -21.09
N ILE B 199 8.26 12.91 -21.41
CA ILE B 199 7.99 12.46 -22.78
C ILE B 199 6.88 13.30 -23.40
N ILE B 200 7.10 13.79 -24.62
CA ILE B 200 6.23 14.74 -25.27
C ILE B 200 5.88 14.43 -26.67
N GLN B 201 4.64 14.76 -27.02
CA GLN B 201 4.16 14.70 -28.38
C GLN B 201 4.03 16.12 -28.87
N LEU B 202 4.85 16.46 -29.84
CA LEU B 202 4.87 17.80 -30.36
C LEU B 202 4.65 17.73 -31.82
N GLY B 203 3.45 18.06 -32.27
CA GLY B 203 3.09 17.90 -33.66
C GLY B 203 3.37 16.46 -34.01
N ASN B 204 4.13 16.22 -35.08
CA ASN B 204 4.51 14.85 -35.53
C ASN B 204 5.83 14.49 -34.84
N TYR B 205 6.44 15.40 -34.11
CA TYR B 205 7.65 15.07 -33.38
C TYR B 205 7.36 14.37 -32.05
N ARG B 206 8.24 13.44 -31.72
CA ARG B 206 8.21 12.78 -30.44
C ARG B 206 9.46 13.21 -29.71
N VAL B 207 9.29 13.65 -28.48
CA VAL B 207 10.40 14.11 -27.72
C VAL B 207 10.60 13.38 -26.43
N VAL B 208 11.82 12.98 -26.18
CA VAL B 208 12.15 12.36 -24.91
C VAL B 208 13.25 13.15 -24.24
N ILE B 209 13.01 13.57 -23.01
CA ILE B 209 13.95 14.31 -22.30
C ILE B 209 14.33 13.61 -21.05
N THR B 210 15.64 13.50 -20.78
CA THR B 210 16.11 12.87 -19.53
C THR B 210 17.07 13.75 -18.83
N ARG B 211 17.13 13.64 -17.51
CA ARG B 211 18.00 14.48 -16.73
C ARG B 211 18.57 13.71 -15.57
N PRO B 212 19.64 14.23 -14.99
CA PRO B 212 20.13 13.55 -13.83
C PRO B 212 19.10 13.58 -12.75
N PRO B 213 19.08 12.59 -11.87
CA PRO B 213 20.08 11.55 -11.82
C PRO B 213 19.79 10.34 -12.66
N LEU B 214 18.66 10.35 -13.33
CA LEU B 214 18.31 9.20 -14.17
C LEU B 214 19.39 8.95 -15.25
N SER B 215 19.81 10.03 -15.88
CA SER B 215 20.83 9.99 -16.89
C SER B 215 22.04 10.79 -16.41
N ASP B 216 23.20 10.49 -16.93
CA ASP B 216 24.44 11.21 -16.55
C ASP B 216 24.47 12.67 -16.91
N GLY B 217 23.72 13.06 -17.92
CA GLY B 217 23.58 14.49 -18.27
C GLY B 217 22.21 14.72 -18.84
N TRP B 218 21.90 15.98 -19.09
CA TRP B 218 20.66 16.34 -19.81
C TRP B 218 20.72 15.86 -21.25
N GLU B 219 19.68 15.16 -21.66
CA GLU B 219 19.58 14.60 -23.01
C GLU B 219 18.19 14.82 -23.60
N ILE B 220 18.15 15.21 -24.86
CA ILE B 220 16.94 15.43 -25.57
C ILE B 220 17.04 14.71 -26.85
N THR B 221 16.06 13.87 -27.11
CA THR B 221 16.01 13.12 -28.35
C THR B 221 14.70 13.43 -29.01
N ILE B 222 14.78 13.86 -30.25
CA ILE B 222 13.62 14.26 -30.99
C ILE B 222 13.52 13.42 -32.23
N THR B 223 12.37 12.79 -32.40
CA THR B 223 12.18 11.91 -33.53
C THR B 223 10.95 12.27 -34.30
N ARG B 224 11.02 11.93 -35.60
CA ARG B 224 9.99 12.21 -36.61
C ARG B 224 9.51 10.91 -37.24
N PRO B 225 8.24 10.84 -37.62
CA PRO B 225 7.83 9.53 -38.10
C PRO B 225 8.42 9.26 -39.47
N VAL B 226 8.61 7.98 -39.73
CA VAL B 226 9.12 7.52 -41.01
C VAL B 226 8.01 7.62 -42.05
N VAL B 227 8.38 7.67 -43.33
CA VAL B 227 7.40 7.46 -44.42
C VAL B 227 6.75 6.09 -44.19
N ARG B 228 5.43 6.01 -44.24
CA ARG B 228 4.77 4.72 -44.01
C ARG B 228 4.58 3.91 -45.23
N LYS B 229 4.90 2.64 -45.13
CA LYS B 229 4.68 1.75 -46.24
C LYS B 229 3.19 1.38 -46.35
N ARG B 230 2.57 1.63 -47.51
CA ARG B 230 1.14 1.30 -47.75
C ARG B 230 1.02 -0.21 -47.95
N LEU B 231 -0.17 -0.76 -47.76
CA LEU B 231 -0.36 -2.20 -47.98
C LEU B 231 -0.15 -2.57 -49.44
N GLU B 232 -0.56 -1.69 -50.34
CA GLU B 232 -0.40 -1.88 -51.77
C GLU B 232 1.06 -1.99 -52.15
N ASP B 233 1.94 -1.28 -51.44
CA ASP B 233 3.40 -1.34 -51.67
C ASP B 233 3.99 -2.73 -51.47
N TYR B 234 3.33 -3.54 -50.66
CA TYR B 234 3.58 -4.97 -50.58
C TYR B 234 2.72 -5.47 -51.73
N ASN B 235 3.28 -6.07 -52.76
CA ASN B 235 2.44 -6.51 -53.85
C ASN B 235 1.93 -7.84 -53.43
N LEU B 236 0.86 -7.85 -52.66
CA LEU B 236 0.43 -9.11 -52.04
C LEU B 236 -0.26 -10.00 -53.03
N ASP B 237 -0.22 -11.29 -52.73
CA ASP B 237 -0.96 -12.30 -53.45
C ASP B 237 -2.46 -12.01 -53.43
N GLU B 238 -3.11 -12.24 -54.56
CA GLU B 238 -4.53 -11.97 -54.70
C GLU B 238 -5.37 -12.82 -53.78
N ARG B 239 -4.97 -14.08 -53.62
CA ARG B 239 -5.64 -14.98 -52.69
C ARG B 239 -5.67 -14.34 -51.28
N LEU B 240 -4.54 -13.78 -50.87
CA LEU B 240 -4.39 -13.21 -49.55
C LEU B 240 -5.21 -11.95 -49.37
N ILE B 241 -5.16 -11.07 -50.34
CA ILE B 241 -5.89 -9.80 -50.22
C ILE B 241 -7.36 -10.09 -50.09
N LYS B 242 -7.84 -11.05 -50.86
CA LYS B 242 -9.26 -11.41 -50.78
C LYS B 242 -9.58 -11.86 -49.37
N ARG B 243 -8.70 -12.68 -48.79
CA ARG B 243 -8.92 -13.20 -47.45
C ARG B 243 -9.03 -12.09 -46.44
N LEU B 244 -8.10 -11.16 -46.54
CA LEU B 244 -8.06 -10.06 -45.58
C LEU B 244 -9.24 -9.16 -45.66
N GLU B 245 -9.65 -8.92 -46.89
CA GLU B 245 -10.84 -8.08 -47.18
C GLU B 245 -12.14 -8.71 -46.69
N GLU B 246 -12.34 -10.00 -46.97
CA GLU B 246 -13.66 -10.63 -46.72
C GLU B 246 -13.74 -11.78 -45.70
N ARG B 247 -12.65 -12.44 -45.28
CA ARG B 247 -12.78 -13.59 -44.37
C ARG B 247 -11.95 -13.59 -43.07
N ALA B 248 -10.85 -12.82 -43.01
CA ALA B 248 -9.89 -12.87 -41.85
C ALA B 248 -10.28 -11.97 -40.71
N GLU B 249 -10.48 -12.57 -39.56
CA GLU B 249 -10.95 -11.80 -38.38
C GLU B 249 -9.96 -11.81 -37.24
N GLY B 250 -9.30 -12.94 -37.02
CA GLY B 250 -8.33 -13.07 -35.97
C GLY B 250 -6.97 -13.33 -36.59
N ILE B 251 -6.13 -12.30 -36.61
CA ILE B 251 -4.87 -12.36 -37.33
C ILE B 251 -3.72 -12.18 -36.42
N ILE B 252 -2.65 -12.87 -36.76
CA ILE B 252 -1.39 -12.65 -36.12
C ILE B 252 -0.34 -12.44 -37.22
N ILE B 253 0.39 -11.35 -37.08
CA ILE B 253 1.49 -11.06 -37.99
C ILE B 253 2.76 -11.42 -37.22
N ALA B 254 3.55 -12.31 -37.78
CA ALA B 254 4.71 -12.82 -37.11
C ALA B 254 5.95 -12.73 -37.94
N GLY B 255 7.06 -12.78 -37.25
CA GLY B 255 8.32 -12.68 -37.90
C GLY B 255 9.42 -12.69 -36.89
N ALA B 256 10.61 -12.48 -37.43
CA ALA B 256 11.77 -12.26 -36.63
C ALA B 256 11.91 -10.76 -36.35
N PRO B 257 12.69 -10.42 -35.32
CA PRO B 257 12.80 -8.98 -35.09
C PRO B 257 13.49 -8.27 -36.23
N GLY B 258 12.98 -7.09 -36.54
CA GLY B 258 13.53 -6.27 -37.60
C GLY B 258 13.11 -6.69 -38.99
N MET B 259 12.30 -7.74 -39.09
CA MET B 259 11.90 -8.28 -40.39
C MET B 259 10.69 -7.58 -40.98
N GLY B 260 10.15 -6.62 -40.25
CA GLY B 260 9.06 -5.79 -40.74
C GLY B 260 7.64 -6.18 -40.31
N ALA B 261 7.51 -7.04 -39.31
CA ALA B 261 6.19 -7.46 -38.82
C ALA B 261 5.33 -6.33 -38.29
N THR B 262 5.93 -5.48 -37.48
CA THR B 262 5.20 -4.32 -36.98
C THR B 262 4.78 -3.38 -38.10
N THR B 263 5.69 -3.13 -39.02
CA THR B 263 5.41 -2.19 -40.11
C THR B 263 4.29 -2.72 -41.02
N PHE B 264 4.26 -4.03 -41.23
CA PHE B 264 3.21 -4.64 -42.02
C PHE B 264 1.89 -4.44 -41.34
N ALA B 265 1.86 -4.66 -40.02
CA ALA B 265 0.63 -4.47 -39.20
C ALA B 265 0.13 -3.03 -39.24
N GLN B 266 1.06 -2.11 -39.22
CA GLN B 266 0.76 -0.73 -39.37
C GLN B 266 0.07 -0.53 -40.71
N ALA B 267 0.63 -1.13 -41.75
CA ALA B 267 0.05 -1.03 -43.11
C ALA B 267 -1.35 -1.63 -43.26
N LEU B 268 -1.50 -2.80 -42.67
CA LEU B 268 -2.78 -3.46 -42.66
C LEU B 268 -3.84 -2.66 -41.91
N ALA B 269 -3.46 -2.06 -40.78
CA ALA B 269 -4.38 -1.22 -40.03
C ALA B 269 -4.86 -0.04 -40.83
N GLU B 270 -3.94 0.60 -41.52
CA GLU B 270 -4.26 1.67 -42.41
C GLU B 270 -5.23 1.25 -43.55
N TYR B 271 -4.98 0.08 -44.10
CA TYR B 271 -5.78 -0.44 -45.16
C TYR B 271 -7.20 -0.64 -44.75
N TYR B 272 -7.34 -1.23 -43.58
CA TYR B 272 -8.67 -1.50 -43.03
C TYR B 272 -9.43 -0.21 -42.78
N MET B 273 -8.72 0.82 -42.33
CA MET B 273 -9.37 2.08 -42.05
C MET B 273 -9.94 2.65 -43.30
N ARG B 274 -9.16 2.55 -44.35
CA ARG B 274 -9.58 3.08 -45.65
C ARG B 274 -10.75 2.35 -46.25
N LEU B 275 -10.89 1.07 -45.92
CA LEU B 275 -12.08 0.34 -46.28
C LEU B 275 -13.32 0.75 -45.52
N GLY B 276 -13.20 1.69 -44.60
CA GLY B 276 -14.33 2.16 -43.80
C GLY B 276 -14.57 1.35 -42.55
N LYS B 277 -13.54 0.62 -42.11
CA LYS B 277 -13.59 -0.07 -40.83
C LYS B 277 -13.12 0.90 -39.73
N ILE B 278 -13.57 0.65 -38.52
CA ILE B 278 -13.13 1.42 -37.38
C ILE B 278 -11.96 0.64 -36.78
N VAL B 279 -10.81 1.30 -36.72
CA VAL B 279 -9.58 0.65 -36.28
C VAL B 279 -8.99 1.37 -35.10
N LYS B 280 -8.46 0.58 -34.18
CA LYS B 280 -7.84 1.09 -32.98
C LYS B 280 -6.59 0.26 -32.76
N THR B 281 -5.68 0.81 -31.97
CA THR B 281 -4.45 0.15 -31.72
C THR B 281 -4.17 0.15 -30.24
N ILE B 282 -3.50 -0.92 -29.79
CA ILE B 282 -2.94 -0.98 -28.46
C ILE B 282 -1.42 -1.14 -28.60
N GLU B 283 -0.63 -0.24 -28.03
CA GLU B 283 0.82 -0.34 -28.13
C GLU B 283 1.50 0.21 -26.89
N SER B 284 2.77 -0.16 -26.70
CA SER B 284 3.51 0.25 -25.53
C SER B 284 5.03 0.32 -25.74
N PRO B 285 5.55 1.53 -25.92
CA PRO B 285 4.76 2.73 -25.96
C PRO B 285 4.27 3.01 -27.34
N ARG B 286 3.47 4.03 -27.47
CA ARG B 286 2.86 4.32 -28.74
C ARG B 286 3.89 4.86 -29.68
N ASP B 287 4.09 4.20 -30.82
CA ASP B 287 5.09 4.66 -31.79
C ASP B 287 4.68 4.60 -33.25
N MET B 288 3.66 3.83 -33.59
CA MET B 288 3.25 3.69 -34.98
C MET B 288 2.84 5.04 -35.52
N HIS B 289 3.01 5.20 -36.81
CA HIS B 289 2.66 6.40 -37.53
C HIS B 289 1.34 6.12 -38.24
N LEU B 290 0.25 6.66 -37.72
CA LEU B 290 -1.07 6.40 -38.34
C LEU B 290 -1.92 7.64 -38.40
N PRO B 291 -2.89 7.69 -39.32
CA PRO B 291 -3.65 8.92 -39.40
C PRO B 291 -4.60 9.03 -38.24
N PRO B 292 -5.18 10.23 -38.02
CA PRO B 292 -5.99 10.39 -36.79
C PRO B 292 -7.29 9.58 -36.78
N GLU B 293 -7.71 9.12 -37.94
CA GLU B 293 -8.92 8.31 -38.03
C GLU B 293 -8.73 7.03 -37.25
N ILE B 294 -7.50 6.63 -37.06
CA ILE B 294 -7.20 5.47 -36.24
C ILE B 294 -6.72 5.91 -34.88
N THR B 295 -7.36 5.44 -33.84
CA THR B 295 -6.98 5.85 -32.50
C THR B 295 -5.97 4.87 -31.85
N GLN B 296 -4.91 5.42 -31.25
CA GLN B 296 -3.88 4.58 -30.71
C GLN B 296 -3.84 4.73 -29.21
N TYR B 297 -4.04 3.62 -28.54
CA TYR B 297 -4.03 3.60 -27.08
C TYR B 297 -2.64 3.21 -26.60
N SER B 298 -2.10 3.92 -25.65
CA SER B 298 -0.90 3.42 -25.05
C SER B 298 -1.24 2.66 -23.72
N LYS B 299 -1.03 1.37 -23.83
CA LYS B 299 -1.31 0.44 -22.78
C LYS B 299 -0.68 0.77 -21.46
N ASN B 300 0.52 1.33 -21.45
CA ASN B 300 1.23 1.63 -20.21
C ASN B 300 0.44 2.56 -19.30
N TYR B 301 -0.34 3.47 -19.87
CA TYR B 301 -1.01 4.44 -19.07
C TYR B 301 -2.41 4.01 -18.78
N ALA B 302 -2.75 2.80 -19.12
CA ALA B 302 -4.09 2.35 -18.88
C ALA B 302 -4.17 1.57 -17.60
N GLU B 303 -5.28 1.77 -16.89
CA GLU B 303 -5.53 1.04 -15.67
C GLU B 303 -6.01 -0.36 -15.99
N ILE B 304 -6.04 -1.21 -14.99
CA ILE B 304 -6.46 -2.57 -15.16
C ILE B 304 -7.91 -2.61 -15.57
N GLY B 305 -8.13 -3.37 -16.63
CA GLY B 305 -9.45 -3.55 -17.24
C GLY B 305 -10.03 -2.37 -18.01
N GLU B 306 -9.28 -1.26 -18.02
CA GLU B 306 -9.72 -0.06 -18.70
C GLU B 306 -9.87 -0.29 -20.21
N LEU B 307 -8.84 -0.77 -20.84
CA LEU B 307 -8.90 -0.95 -22.26
C LEU B 307 -9.98 -1.94 -22.64
N HIS B 308 -10.09 -3.00 -21.88
CA HIS B 308 -11.04 -4.06 -22.15
C HIS B 308 -12.45 -3.44 -22.24
N ASP B 309 -12.79 -2.60 -21.27
CA ASP B 309 -14.11 -1.98 -21.23
C ASP B 309 -14.28 -0.99 -22.37
N ILE B 310 -13.28 -0.20 -22.62
CA ILE B 310 -13.41 0.81 -23.66
C ILE B 310 -13.64 0.17 -25.01
N LEU B 311 -12.85 -0.84 -25.29
CA LEU B 311 -12.92 -1.53 -26.55
C LEU B 311 -14.21 -2.30 -26.74
N LEU B 312 -14.76 -2.86 -25.68
CA LEU B 312 -16.07 -3.54 -25.80
C LEU B 312 -17.21 -2.57 -25.93
N LEU B 313 -17.10 -1.39 -25.36
CA LEU B 313 -18.16 -0.39 -25.45
C LEU B 313 -18.20 0.42 -26.69
N SER B 314 -17.06 0.72 -27.21
CA SER B 314 -16.94 1.48 -28.41
C SER B 314 -16.47 0.51 -29.41
N ARG B 315 -17.27 0.08 -30.33
CA ARG B 315 -16.86 -1.19 -30.86
C ARG B 315 -16.12 -0.86 -32.07
N PRO B 316 -14.87 -1.35 -32.14
CA PRO B 316 -14.20 -1.19 -33.39
C PRO B 316 -14.24 -2.47 -34.18
N ASP B 317 -13.77 -2.40 -35.40
CA ASP B 317 -13.77 -3.50 -36.29
C ASP B 317 -12.54 -4.29 -36.18
N TYR B 318 -11.47 -3.58 -35.97
CA TYR B 318 -10.18 -4.23 -35.80
C TYR B 318 -9.39 -3.49 -34.74
N THR B 319 -8.72 -4.24 -33.91
CA THR B 319 -7.81 -3.69 -32.94
C THR B 319 -6.47 -4.31 -33.18
N VAL B 320 -5.45 -3.46 -33.28
CA VAL B 320 -4.11 -3.96 -33.54
C VAL B 320 -3.34 -4.00 -32.29
N TYR B 321 -2.93 -5.19 -31.88
CA TYR B 321 -2.25 -5.36 -30.58
C TYR B 321 -0.77 -5.54 -30.94
N ASP B 322 0.03 -4.53 -30.67
CA ASP B 322 1.42 -4.52 -31.06
C ASP B 322 2.31 -5.05 -29.97
N GLU B 323 3.22 -5.92 -30.37
CA GLU B 323 4.17 -6.60 -29.49
C GLU B 323 3.48 -7.25 -28.31
N MET B 324 2.82 -8.35 -28.60
CA MET B 324 2.15 -9.10 -27.58
C MET B 324 3.21 -9.83 -26.80
N ARG B 325 3.29 -9.60 -25.51
CA ARG B 325 4.30 -10.25 -24.70
C ARG B 325 3.73 -10.90 -23.47
N ASN B 326 2.87 -10.17 -22.78
CA ASN B 326 2.30 -10.66 -21.53
C ASN B 326 1.06 -11.53 -21.60
N ASP B 327 0.83 -12.33 -20.57
CA ASP B 327 -0.37 -13.16 -20.50
C ASP B 327 -1.59 -12.27 -20.58
N GLU B 328 -1.53 -11.10 -19.95
CA GLU B 328 -2.66 -10.14 -20.00
C GLU B 328 -3.00 -9.73 -21.43
N ASP B 329 -1.98 -9.61 -22.26
CA ASP B 329 -2.12 -9.26 -23.68
C ASP B 329 -2.88 -10.32 -24.43
N PHE B 330 -2.50 -11.56 -24.22
CA PHE B 330 -3.17 -12.67 -24.84
C PHE B 330 -4.58 -12.86 -24.35
N LYS B 331 -4.81 -12.66 -23.07
CA LYS B 331 -6.13 -12.75 -22.51
C LYS B 331 -7.02 -11.75 -23.23
N LEU B 332 -6.51 -10.53 -23.38
CA LEU B 332 -7.35 -9.43 -23.90
C LEU B 332 -7.69 -9.72 -25.31
N TYR B 333 -6.74 -10.29 -26.01
CA TYR B 333 -6.93 -10.62 -27.42
C TYR B 333 -8.04 -11.61 -27.49
N VAL B 334 -7.98 -12.62 -26.63
CA VAL B 334 -9.02 -13.65 -26.63
C VAL B 334 -10.41 -13.07 -26.27
N ASP B 335 -10.45 -12.22 -25.25
CA ASP B 335 -11.69 -11.60 -24.80
C ASP B 335 -12.31 -10.85 -25.96
N LEU B 336 -11.52 -10.06 -26.65
CA LEU B 336 -11.99 -9.23 -27.76
C LEU B 336 -12.50 -10.07 -28.89
N ARG B 337 -11.76 -11.14 -29.18
CA ARG B 337 -12.14 -12.05 -30.27
C ARG B 337 -13.48 -12.70 -29.98
N LEU B 338 -13.67 -13.07 -28.73
CA LEU B 338 -14.90 -13.71 -28.32
C LEU B 338 -16.05 -12.79 -28.42
N ALA B 339 -15.74 -11.52 -28.23
CA ALA B 339 -16.74 -10.47 -28.35
C ALA B 339 -16.98 -10.08 -29.78
N GLY B 340 -16.30 -10.72 -30.73
CA GLY B 340 -16.56 -10.46 -32.13
C GLY B 340 -15.75 -9.33 -32.68
N VAL B 341 -14.75 -8.89 -31.93
CA VAL B 341 -13.86 -7.81 -32.41
C VAL B 341 -12.73 -8.41 -33.20
N GLY B 342 -12.44 -7.81 -34.34
CA GLY B 342 -11.35 -8.30 -35.19
C GLY B 342 -10.01 -7.88 -34.63
N MET B 343 -9.01 -8.74 -34.77
CA MET B 343 -7.71 -8.46 -34.19
C MET B 343 -6.58 -8.66 -35.19
N VAL B 344 -5.58 -7.82 -35.03
CA VAL B 344 -4.34 -7.98 -35.73
C VAL B 344 -3.30 -7.95 -34.62
N GLY B 345 -2.68 -9.08 -34.37
CA GLY B 345 -1.73 -9.19 -33.29
C GLY B 345 -0.34 -9.35 -33.85
N VAL B 346 0.61 -8.64 -33.28
CA VAL B 346 2.00 -8.82 -33.69
C VAL B 346 2.74 -9.66 -32.68
N VAL B 347 3.27 -10.77 -33.12
CA VAL B 347 4.07 -11.63 -32.27
C VAL B 347 5.38 -11.88 -32.98
N HIS B 348 6.50 -11.60 -32.36
CA HIS B 348 7.81 -11.87 -33.01
C HIS B 348 8.16 -13.30 -32.70
N ALA B 349 8.07 -14.15 -33.72
CA ALA B 349 8.37 -15.57 -33.61
C ALA B 349 8.88 -16.07 -34.96
N THR B 350 9.57 -17.21 -34.96
CA THR B 350 10.08 -17.85 -36.20
C THR B 350 9.25 -19.05 -36.68
N SER B 351 8.39 -19.58 -35.82
CA SER B 351 7.64 -20.79 -36.09
C SER B 351 6.15 -20.52 -35.86
N PRO B 352 5.26 -21.21 -36.58
CA PRO B 352 3.86 -20.98 -36.32
C PRO B 352 3.49 -21.47 -34.91
N ILE B 353 4.00 -22.63 -34.51
CA ILE B 353 3.69 -23.25 -33.22
C ILE B 353 4.17 -22.30 -32.12
N ASP B 354 5.33 -21.66 -32.34
CA ASP B 354 5.87 -20.65 -31.43
C ASP B 354 4.98 -19.37 -31.37
N ALA B 355 4.47 -18.90 -32.52
CA ALA B 355 3.58 -17.73 -32.59
C ALA B 355 2.24 -17.96 -31.90
N ILE B 356 1.68 -19.10 -32.18
CA ILE B 356 0.40 -19.46 -31.65
C ILE B 356 0.45 -20.18 -30.30
N HIS B 357 1.62 -20.60 -29.81
CA HIS B 357 1.71 -21.46 -28.62
C HIS B 357 0.97 -20.84 -27.45
N ARG B 358 1.13 -19.52 -27.34
CA ARG B 358 0.54 -18.79 -26.18
C ARG B 358 -1.00 -18.75 -26.16
N PHE B 359 -1.59 -18.70 -27.34
CA PHE B 359 -3.06 -18.80 -27.56
C PHE B 359 -3.72 -20.17 -27.27
N VAL B 360 -3.04 -21.25 -27.63
CA VAL B 360 -3.61 -22.62 -27.60
C VAL B 360 -4.07 -23.09 -26.22
N ASN B 361 -3.29 -22.74 -25.19
CA ASN B 361 -3.64 -23.12 -23.82
C ASN B 361 -4.93 -22.42 -23.33
N ARG B 362 -5.20 -21.20 -23.80
CA ARG B 362 -6.40 -20.38 -23.39
C ARG B 362 -7.84 -20.83 -23.63
N VAL B 363 -8.06 -21.51 -24.75
CA VAL B 363 -9.42 -21.91 -25.09
C VAL B 363 -9.54 -23.39 -25.48
N ASP B 364 -10.77 -23.89 -25.41
CA ASP B 364 -11.12 -25.21 -25.94
C ASP B 364 -10.81 -25.28 -27.47
N ILE B 365 -10.41 -26.46 -27.89
CA ILE B 365 -9.95 -26.70 -29.27
C ILE B 365 -10.95 -26.25 -30.33
N GLY B 366 -12.21 -26.60 -30.15
CA GLY B 366 -13.24 -26.21 -31.08
C GLY B 366 -13.35 -24.71 -31.28
N THR B 367 -13.09 -23.96 -30.18
CA THR B 367 -13.09 -22.47 -30.20
C THR B 367 -11.81 -21.84 -30.83
N ILE B 368 -10.70 -22.58 -31.04
CA ILE B 368 -9.43 -21.97 -31.57
C ILE B 368 -9.56 -21.24 -32.88
N PRO B 369 -10.19 -21.83 -33.88
CA PRO B 369 -10.31 -21.10 -35.15
C PRO B 369 -11.08 -19.83 -35.03
N ASN B 370 -11.98 -19.79 -34.06
CA ASN B 370 -12.70 -18.53 -33.76
C ASN B 370 -11.83 -17.42 -33.13
N ILE B 371 -10.81 -17.81 -32.39
CA ILE B 371 -9.82 -16.86 -31.94
C ILE B 371 -8.85 -16.47 -33.03
N LEU B 372 -8.27 -17.46 -33.70
CA LEU B 372 -7.26 -17.23 -34.74
C LEU B 372 -7.62 -17.89 -36.01
N ASP B 373 -7.61 -17.15 -37.09
CA ASP B 373 -7.88 -17.81 -38.34
C ASP B 373 -6.74 -17.70 -39.35
N THR B 374 -5.88 -16.69 -39.23
CA THR B 374 -4.86 -16.46 -40.21
C THR B 374 -3.57 -16.02 -39.57
N ILE B 375 -2.46 -16.57 -40.04
CA ILE B 375 -1.14 -16.21 -39.49
C ILE B 375 -0.23 -15.83 -40.64
N ILE B 376 0.28 -14.63 -40.58
CA ILE B 376 1.07 -14.09 -41.66
C ILE B 376 2.52 -13.94 -41.21
N PHE B 377 3.46 -14.55 -41.93
CA PHE B 377 4.89 -14.45 -41.61
C PHE B 377 5.52 -13.37 -42.43
N ILE B 378 6.33 -12.55 -41.79
CA ILE B 378 7.02 -11.50 -42.53
C ILE B 378 8.51 -11.70 -42.49
N ASN B 379 9.11 -11.56 -43.67
CA ASN B 379 10.55 -11.64 -43.84
C ASN B 379 11.06 -10.56 -44.76
N SER B 380 12.09 -9.87 -44.31
CA SER B 380 12.74 -8.84 -45.10
C SER B 380 11.73 -7.85 -45.71
N GLY B 381 10.71 -7.53 -44.94
CA GLY B 381 9.68 -6.61 -45.42
C GLY B 381 8.67 -7.18 -46.43
N ASN B 382 8.60 -8.50 -46.57
CA ASN B 382 7.64 -9.15 -47.48
C ASN B 382 7.06 -10.38 -46.85
N VAL B 383 6.02 -10.91 -47.43
CA VAL B 383 5.33 -12.03 -46.80
C VAL B 383 5.91 -13.38 -47.18
N SER B 384 6.54 -14.04 -46.21
CA SER B 384 7.22 -15.35 -46.35
C SER B 384 6.24 -16.51 -46.53
N LYS B 385 5.21 -16.52 -45.72
CA LYS B 385 4.26 -17.65 -45.72
C LYS B 385 2.96 -17.22 -45.05
N VAL B 386 1.86 -17.91 -45.33
CA VAL B 386 0.60 -17.64 -44.66
C VAL B 386 -0.02 -18.94 -44.25
N TYR B 387 -0.53 -18.98 -43.03
CA TYR B 387 -1.16 -20.20 -42.56
C TYR B 387 -2.59 -19.88 -42.31
N THR B 388 -3.42 -20.91 -42.39
CA THR B 388 -4.84 -20.73 -42.14
C THR B 388 -5.25 -21.79 -41.12
N LEU B 389 -6.30 -21.51 -40.36
CA LEU B 389 -6.75 -22.42 -39.32
C LEU B 389 -8.21 -22.76 -39.50
N GLU B 390 -8.49 -24.05 -39.39
CA GLU B 390 -9.83 -24.58 -39.55
C GLU B 390 -10.00 -25.73 -38.64
N MET B 391 -11.24 -25.98 -38.25
CA MET B 391 -11.54 -27.07 -37.33
C MET B 391 -12.25 -28.13 -38.09
N THR B 392 -11.78 -29.36 -37.92
CA THR B 392 -12.29 -30.55 -38.54
C THR B 392 -12.60 -31.57 -37.45
N VAL B 393 -13.57 -32.42 -37.76
CA VAL B 393 -13.90 -33.62 -37.01
C VAL B 393 -13.27 -34.83 -37.74
N LYS B 394 -12.16 -35.35 -37.21
CA LYS B 394 -11.39 -36.43 -37.85
C LYS B 394 -10.43 -37.19 -36.93
N VAL B 395 -10.19 -38.47 -37.20
CA VAL B 395 -9.14 -39.18 -36.48
C VAL B 395 -7.86 -38.53 -37.02
N PRO B 396 -6.93 -38.06 -36.14
CA PRO B 396 -5.75 -37.36 -36.73
C PRO B 396 -5.07 -38.14 -37.88
N ALA B 397 -4.76 -39.41 -37.58
CA ALA B 397 -4.20 -40.44 -38.47
C ALA B 397 -5.15 -41.64 -38.79
N GLY B 398 -5.54 -41.80 -40.07
CA GLY B 398 -6.39 -42.93 -40.53
C GLY B 398 -5.79 -44.33 -40.30
N LEU B 399 -4.45 -44.41 -40.35
CA LEU B 399 -3.69 -45.65 -40.01
C LEU B 399 -3.55 -45.86 -38.50
N LYS B 400 -3.24 -44.80 -37.73
CA LYS B 400 -3.00 -44.93 -36.28
C LYS B 400 -4.22 -45.45 -35.54
N GLU B 401 -5.38 -44.87 -35.88
CA GLU B 401 -6.70 -45.18 -35.28
C GLU B 401 -6.60 -45.23 -33.74
N ALA B 402 -5.70 -44.43 -33.14
CA ALA B 402 -5.50 -44.41 -31.66
C ALA B 402 -6.76 -43.95 -30.90
N ASP B 403 -7.43 -42.94 -31.47
CA ASP B 403 -8.72 -42.44 -31.05
C ASP B 403 -9.57 -42.57 -32.32
N LEU B 404 -10.62 -43.39 -32.29
CA LEU B 404 -11.47 -43.56 -33.51
C LEU B 404 -12.11 -42.25 -34.00
N ALA B 405 -12.62 -41.45 -33.06
CA ALA B 405 -13.19 -40.14 -33.37
C ALA B 405 -12.31 -39.04 -32.82
N ARG B 406 -12.12 -37.97 -33.59
CA ARG B 406 -11.51 -36.75 -32.99
C ARG B 406 -11.91 -35.45 -33.71
N PRO B 407 -11.98 -34.29 -32.97
CA PRO B 407 -12.11 -33.00 -33.64
C PRO B 407 -10.79 -32.22 -33.52
N VAL B 408 -10.31 -31.78 -34.67
CA VAL B 408 -8.97 -31.22 -34.76
C VAL B 408 -8.89 -29.95 -35.52
N VAL B 409 -7.87 -29.17 -35.19
CA VAL B 409 -7.60 -27.95 -35.90
C VAL B 409 -6.44 -28.16 -36.81
N GLU B 410 -6.65 -27.88 -38.07
CA GLU B 410 -5.62 -28.06 -39.06
C GLU B 410 -5.06 -26.71 -39.46
N ILE B 411 -3.75 -26.59 -39.40
CA ILE B 411 -3.07 -25.38 -39.80
C ILE B 411 -2.50 -25.61 -41.18
N LYS B 412 -2.99 -24.85 -42.15
CA LYS B 412 -2.71 -25.16 -43.53
C LYS B 412 -2.05 -24.01 -44.20
N ASP B 413 -1.11 -24.35 -45.09
CA ASP B 413 -0.45 -23.32 -45.88
C ASP B 413 -1.52 -22.78 -46.75
N LEU B 414 -1.49 -21.48 -46.94
CA LEU B 414 -2.41 -20.87 -47.84
C LEU B 414 -2.20 -21.33 -49.30
N ALA B 415 -0.94 -21.41 -49.72
CA ALA B 415 -0.59 -21.77 -51.08
C ALA B 415 -0.83 -23.26 -51.42
N THR B 416 -0.33 -24.15 -50.58
CA THR B 416 -0.40 -25.59 -50.81
C THR B 416 -1.69 -26.21 -50.37
N GLY B 417 -2.39 -25.60 -49.43
CA GLY B 417 -3.56 -26.25 -48.87
C GLY B 417 -3.09 -27.39 -47.96
N ASN B 418 -1.78 -27.44 -47.69
CA ASN B 418 -1.15 -28.56 -47.02
C ASN B 418 -1.22 -28.37 -45.53
N THR B 419 -1.82 -29.32 -44.84
CA THR B 419 -1.89 -29.28 -43.40
C THR B 419 -0.50 -29.53 -42.79
N GLU B 420 0.25 -28.47 -42.53
CA GLU B 420 1.60 -28.62 -42.05
C GLU B 420 1.59 -29.00 -40.59
N TYR B 421 0.57 -28.56 -39.84
CA TYR B 421 0.43 -28.90 -38.41
C TYR B 421 -1.03 -29.18 -38.05
N GLU B 422 -1.22 -29.95 -37.00
CA GLU B 422 -2.55 -30.28 -36.51
C GLU B 422 -2.61 -30.00 -35.02
N ILE B 423 -3.80 -29.63 -34.54
CA ILE B 423 -4.03 -29.44 -33.09
C ILE B 423 -5.20 -30.28 -32.60
N TYR B 424 -4.94 -31.05 -31.54
CA TYR B 424 -5.95 -31.85 -30.88
C TYR B 424 -5.46 -32.16 -29.49
N VAL B 425 -6.36 -32.69 -28.65
CA VAL B 425 -6.02 -33.04 -27.24
C VAL B 425 -6.12 -34.53 -26.92
N PHE B 426 -5.10 -35.08 -26.24
CA PHE B 426 -5.05 -36.52 -25.84
C PHE B 426 -4.33 -36.74 -24.50
N GLY B 427 -4.99 -36.32 -23.42
CA GLY B 427 -4.39 -36.00 -22.12
C GLY B 427 -4.05 -34.51 -22.22
N GLU B 428 -2.87 -33.99 -21.85
CA GLU B 428 -2.51 -32.58 -22.27
C GLU B 428 -2.52 -32.29 -23.80
N GLN B 429 -3.07 -31.15 -24.26
CA GLN B 429 -3.15 -30.88 -25.76
C GLN B 429 -1.89 -30.46 -26.48
N THR B 430 -1.56 -31.19 -27.57
CA THR B 430 -0.27 -31.10 -28.25
C THR B 430 -0.50 -30.70 -29.74
N MET B 431 0.49 -30.03 -30.33
CA MET B 431 0.53 -29.78 -31.80
C MET B 431 1.37 -30.85 -32.51
N ILE B 432 0.95 -31.21 -33.72
CA ILE B 432 1.65 -32.18 -34.53
C ILE B 432 2.28 -31.40 -35.64
N VAL B 433 3.21 -32.06 -36.31
CA VAL B 433 3.81 -31.52 -37.54
C VAL B 433 3.93 -32.56 -38.67
N PRO B 434 2.86 -32.75 -39.46
CA PRO B 434 3.00 -33.74 -40.56
C PRO B 434 4.05 -33.46 -41.68
N VAL B 435 4.75 -34.53 -42.08
CA VAL B 435 5.81 -34.50 -43.09
C VAL B 435 5.21 -34.11 -44.43
N MET C 1 -30.68 47.31 -19.02
CA MET C 1 -31.40 47.77 -17.79
C MET C 1 -31.18 46.95 -16.55
N ASN C 2 -31.32 45.65 -16.68
CA ASN C 2 -31.01 44.76 -15.55
C ASN C 2 -29.50 44.63 -15.35
N ASP C 3 -29.04 44.43 -14.12
CA ASP C 3 -27.65 44.10 -13.91
C ASP C 3 -27.57 42.62 -13.70
N LEU C 4 -26.78 41.94 -14.51
CA LEU C 4 -26.66 40.49 -14.43
C LEU C 4 -25.31 39.96 -13.94
N MET C 5 -25.38 39.10 -12.92
CA MET C 5 -24.23 38.49 -12.33
C MET C 5 -24.23 37.03 -12.75
N LEU C 6 -23.16 36.63 -13.42
CA LEU C 6 -23.12 35.27 -13.96
C LEU C 6 -22.22 34.38 -13.17
N ASP C 7 -22.70 33.18 -12.85
CA ASP C 7 -21.90 32.23 -12.11
C ASP C 7 -21.17 31.33 -13.08
N LYS C 8 -20.30 30.46 -12.58
CA LYS C 8 -19.53 29.55 -13.44
C LYS C 8 -20.46 28.67 -14.25
N SER C 9 -21.55 28.22 -13.64
CA SER C 9 -22.50 27.39 -14.36
C SER C 9 -23.02 28.03 -15.64
N ALA C 10 -23.34 29.30 -15.59
CA ALA C 10 -23.80 30.04 -16.75
C ALA C 10 -22.76 30.06 -17.87
N LEU C 11 -21.52 30.24 -17.48
CA LEU C 11 -20.43 30.23 -18.43
C LEU C 11 -20.20 28.86 -19.02
N LEU C 12 -20.33 27.80 -18.21
CA LEU C 12 -20.18 26.42 -18.74
C LEU C 12 -21.43 25.99 -19.53
N PHE C 13 -22.52 26.76 -19.48
CA PHE C 13 -23.75 26.36 -20.20
C PHE C 13 -23.94 26.98 -21.62
N GLY C 14 -23.25 28.10 -21.90
CA GLY C 14 -23.41 28.91 -23.15
C GLY C 14 -24.31 30.10 -23.02
N VAL C 15 -24.18 30.81 -21.90
CA VAL C 15 -25.00 32.00 -21.62
C VAL C 15 -24.87 33.12 -22.63
N SER C 16 -23.75 33.15 -23.32
CA SER C 16 -23.50 34.17 -24.37
C SER C 16 -24.59 34.12 -25.48
N LYS C 17 -25.02 32.90 -25.84
CA LYS C 17 -26.09 32.71 -26.80
C LYS C 17 -27.37 33.35 -26.34
N TYR C 18 -27.68 33.14 -25.07
CA TYR C 18 -28.93 33.67 -24.53
C TYR C 18 -28.95 35.20 -24.57
N LEU C 19 -27.80 35.79 -24.33
CA LEU C 19 -27.68 37.23 -24.29
C LEU C 19 -27.95 37.87 -25.62
N GLU C 20 -27.32 37.33 -26.64
CA GLU C 20 -27.45 37.91 -27.97
C GLU C 20 -28.79 37.74 -28.49
N LYS C 21 -29.36 36.56 -28.25
CA LYS C 21 -30.67 36.20 -28.76
C LYS C 21 -31.77 36.96 -27.98
N GLY C 22 -31.43 37.65 -26.89
CA GLY C 22 -32.37 38.51 -26.14
C GLY C 22 -33.22 37.80 -25.09
N ILE C 23 -32.95 36.52 -24.86
CA ILE C 23 -33.66 35.73 -23.85
C ILE C 23 -33.47 36.34 -22.47
N ILE C 24 -32.27 36.88 -22.26
CA ILE C 24 -31.95 37.66 -21.08
C ILE C 24 -31.37 38.98 -21.54
N THR C 25 -31.54 40.00 -20.72
CA THR C 25 -31.10 41.34 -21.08
C THR C 25 -30.56 42.09 -19.89
N GLY C 26 -29.62 42.98 -20.19
CA GLY C 26 -29.04 43.86 -19.20
C GLY C 26 -27.53 43.92 -19.35
N ASN C 27 -26.91 44.62 -18.41
CA ASN C 27 -25.45 44.68 -18.28
C ASN C 27 -24.91 43.33 -17.76
N VAL C 28 -23.68 42.99 -18.14
CA VAL C 28 -23.03 41.75 -17.68
C VAL C 28 -22.04 42.12 -16.58
N LEU C 29 -22.12 41.37 -15.49
CA LEU C 29 -21.22 41.49 -14.36
C LEU C 29 -20.66 40.12 -14.04
N ILE C 30 -19.36 40.09 -13.80
CA ILE C 30 -18.69 38.87 -13.34
C ILE C 30 -17.83 39.25 -12.13
N HIS C 31 -17.91 38.47 -11.08
CA HIS C 31 -17.18 38.81 -9.90
C HIS C 31 -15.70 38.47 -10.08
N LYS C 32 -14.81 39.27 -9.47
CA LYS C 32 -13.34 39.07 -9.60
C LYS C 32 -12.99 37.64 -9.17
N SER C 33 -13.61 37.22 -8.08
CA SER C 33 -13.49 35.95 -7.47
C SER C 33 -13.67 34.79 -8.43
N LEU C 34 -14.70 34.87 -9.23
CA LEU C 34 -14.93 33.85 -10.21
C LEU C 34 -13.76 33.80 -11.21
N LEU C 35 -13.28 34.95 -11.61
CA LEU C 35 -12.18 34.95 -12.60
C LEU C 35 -10.91 34.37 -12.02
N ALA C 36 -10.73 34.64 -10.74
CA ALA C 36 -9.61 34.05 -10.03
C ALA C 36 -9.74 32.52 -10.06
N GLU C 37 -10.94 32.02 -9.78
CA GLU C 37 -11.23 30.58 -9.75
C GLU C 37 -10.93 29.95 -11.10
N LEU C 38 -11.41 30.61 -12.14
CA LEU C 38 -11.21 30.12 -13.47
C LEU C 38 -9.76 30.09 -13.86
N GLU C 39 -9.03 31.09 -13.44
CA GLU C 39 -7.61 31.10 -13.69
C GLU C 39 -6.93 29.88 -13.09
N ARG C 40 -7.15 29.64 -11.80
CA ARG C 40 -6.45 28.55 -11.14
C ARG C 40 -6.82 27.25 -11.80
N GLU C 41 -8.10 27.09 -12.09
CA GLU C 41 -8.58 25.85 -12.67
C GLU C 41 -7.92 25.65 -14.01
N SER C 42 -7.82 26.74 -14.77
CA SER C 42 -7.22 26.68 -16.09
C SER C 42 -5.81 26.24 -15.97
N ASN C 43 -5.12 26.80 -15.00
CA ASN C 43 -3.72 26.42 -14.73
C ASN C 43 -3.57 24.97 -14.25
N ASP C 44 -4.53 24.52 -13.46
CA ASP C 44 -4.56 23.14 -12.97
C ASP C 44 -4.91 22.19 -14.10
N GLY C 45 -5.25 22.74 -15.26
CA GLY C 45 -5.51 21.98 -16.44
C GLY C 45 -6.93 21.48 -16.56
N LEU C 46 -7.86 22.05 -15.79
CA LEU C 46 -9.26 21.72 -16.00
C LEU C 46 -9.70 22.13 -17.38
N VAL C 47 -10.28 21.18 -18.13
CA VAL C 47 -10.82 21.45 -19.49
C VAL C 47 -12.01 22.43 -19.44
N SER C 48 -12.87 22.29 -18.43
CA SER C 48 -14.05 23.13 -18.30
C SER C 48 -13.73 24.63 -18.21
N ALA C 49 -12.63 24.91 -17.53
CA ALA C 49 -12.21 26.29 -17.30
C ALA C 49 -11.88 27.01 -18.62
N GLU C 50 -11.26 26.30 -19.55
CA GLU C 50 -10.97 26.87 -20.91
C GLU C 50 -12.24 27.32 -21.54
N ILE C 51 -13.25 26.45 -21.42
CA ILE C 51 -14.54 26.69 -22.05
C ILE C 51 -15.22 27.89 -21.40
N ALA C 52 -15.20 27.89 -20.08
CA ALA C 52 -15.79 28.97 -19.29
C ALA C 52 -15.14 30.30 -19.56
N LEU C 53 -13.82 30.29 -19.62
CA LEU C 53 -13.07 31.49 -19.90
C LEU C 53 -13.30 32.01 -21.29
N ASP C 54 -13.35 31.11 -22.25
CA ASP C 54 -13.63 31.49 -23.64
C ASP C 54 -14.98 32.17 -23.72
N GLU C 55 -15.93 31.70 -22.92
CA GLU C 55 -17.25 32.29 -22.89
C GLU C 55 -17.23 33.75 -22.42
N VAL C 56 -16.28 34.06 -21.57
CA VAL C 56 -16.18 35.41 -21.02
C VAL C 56 -15.95 36.41 -22.12
N LYS C 57 -15.10 36.05 -23.07
CA LYS C 57 -14.81 36.98 -24.16
C LYS C 57 -16.01 37.22 -25.02
N LYS C 58 -16.73 36.16 -25.36
CA LYS C 58 -17.91 36.31 -26.24
C LYS C 58 -18.83 37.26 -25.62
N LEU C 59 -19.00 37.13 -24.30
CA LEU C 59 -19.91 38.01 -23.57
C LEU C 59 -19.47 39.43 -23.70
N LYS C 60 -18.18 39.67 -23.51
CA LYS C 60 -17.63 41.01 -23.69
C LYS C 60 -17.90 41.51 -25.10
N ASP C 61 -17.70 40.65 -26.10
CA ASP C 61 -17.94 41.00 -27.51
C ASP C 61 -19.35 41.48 -27.76
N ILE C 62 -20.31 40.72 -27.27
CA ILE C 62 -21.71 41.09 -27.43
C ILE C 62 -22.02 42.37 -26.65
N THR C 63 -21.43 42.52 -25.46
CA THR C 63 -21.62 43.72 -24.65
C THR C 63 -21.20 44.97 -25.44
N GLU C 64 -20.14 44.83 -26.26
CA GLU C 64 -19.59 45.91 -27.11
C GLU C 64 -20.54 46.37 -28.14
N ARG C 65 -21.17 45.46 -28.87
CA ARG C 65 -22.08 45.96 -29.96
C ARG C 65 -23.50 46.36 -29.51
N ILE C 66 -24.00 45.94 -28.34
CA ILE C 66 -25.38 46.31 -27.89
C ILE C 66 -25.42 47.46 -26.85
N LEU C 67 -24.33 48.19 -26.70
CA LEU C 67 -24.29 49.41 -25.88
C LEU C 67 -24.65 49.08 -24.43
N VAL C 68 -24.03 48.02 -23.88
CA VAL C 68 -24.22 47.63 -22.48
C VAL C 68 -22.87 47.49 -21.82
N ASN C 69 -22.89 47.73 -20.51
CA ASN C 69 -21.70 47.64 -19.70
C ASN C 69 -21.26 46.21 -19.54
N PHE C 70 -19.97 46.07 -19.35
CA PHE C 70 -19.39 44.79 -19.01
C PHE C 70 -18.38 45.08 -17.93
N GLU C 71 -18.46 44.39 -16.80
CA GLU C 71 -17.48 44.69 -15.75
C GLU C 71 -17.21 43.57 -14.83
N ILE C 72 -16.03 43.68 -14.21
CA ILE C 72 -15.58 42.75 -13.21
C ILE C 72 -15.53 43.47 -11.89
N VAL C 73 -16.10 42.89 -10.83
CA VAL C 73 -16.16 43.60 -9.52
C VAL C 73 -15.85 42.83 -8.25
N GLY C 74 -15.53 43.56 -7.17
CA GLY C 74 -15.30 42.95 -5.82
C GLY C 74 -13.85 42.58 -5.31
N ASP C 75 -12.80 43.10 -5.93
CA ASP C 75 -11.43 42.63 -5.54
C ASP C 75 -11.02 43.00 -4.11
N ASP C 76 -11.58 44.10 -3.58
CA ASP C 76 -11.31 44.55 -2.22
C ASP C 76 -11.78 43.48 -1.17
N SER C 77 -10.84 43.00 -0.34
CA SER C 77 -11.08 41.95 0.69
C SER C 77 -11.71 40.67 0.10
N LYS C 78 -11.26 40.26 -1.10
CA LYS C 78 -11.90 39.16 -1.91
C LYS C 78 -11.45 37.77 -1.42
N LYS C 79 -11.94 37.45 -0.23
CA LYS C 79 -11.53 36.29 0.49
C LYS C 79 -12.81 35.51 0.68
N GLY C 80 -13.01 34.55 -0.25
CA GLY C 80 -14.14 33.59 -0.20
C GLY C 80 -14.51 32.79 -1.48
N GLU C 81 -15.59 31.99 -1.40
CA GLU C 81 -16.11 31.26 -2.57
C GLU C 81 -16.77 32.23 -3.56
N ALA C 82 -16.56 32.03 -4.86
CA ALA C 82 -17.12 32.93 -5.86
C ALA C 82 -18.61 33.02 -5.84
N ASN C 83 -19.25 31.87 -5.72
CA ASN C 83 -20.70 31.91 -5.68
C ASN C 83 -21.27 32.66 -4.49
N GLU C 84 -20.68 32.45 -3.33
CA GLU C 84 -21.10 33.14 -2.11
C GLU C 84 -20.90 34.64 -2.22
N LEU C 85 -19.74 35.03 -2.72
CA LEU C 85 -19.41 36.46 -2.90
C LEU C 85 -20.27 37.11 -3.91
N SER C 86 -20.51 36.41 -4.99
CA SER C 86 -21.31 36.96 -6.06
C SER C 86 -22.77 37.22 -5.52
N ARG C 87 -23.30 36.32 -4.68
CA ARG C 87 -24.63 36.52 -4.10
C ARG C 87 -24.66 37.73 -3.21
N GLU C 88 -23.60 37.86 -2.43
CA GLU C 88 -23.52 38.95 -1.48
C GLU C 88 -23.57 40.22 -2.24
N TYR C 89 -22.83 40.25 -3.34
CA TYR C 89 -22.78 41.43 -4.19
C TYR C 89 -24.18 41.78 -4.69
N CYS C 90 -24.90 40.77 -5.14
CA CYS C 90 -26.26 40.96 -5.66
C CYS C 90 -27.18 41.47 -4.60
N LEU C 91 -27.03 40.98 -3.38
CA LEU C 91 -27.83 41.47 -2.25
C LEU C 91 -27.62 42.93 -1.94
N GLU C 92 -26.35 43.32 -1.83
CA GLU C 92 -26.04 44.70 -1.47
C GLU C 92 -26.36 45.61 -2.64
N LYS C 93 -26.15 45.18 -3.90
CA LYS C 93 -26.38 46.08 -5.05
C LYS C 93 -27.67 45.84 -5.89
N GLY C 94 -28.44 44.83 -5.52
CA GLY C 94 -29.67 44.50 -6.21
C GLY C 94 -29.49 43.93 -7.60
N CYS C 95 -28.40 43.23 -7.88
CA CYS C 95 -28.20 42.56 -9.19
C CYS C 95 -28.88 41.24 -9.27
N ILE C 96 -28.90 40.69 -10.48
CA ILE C 96 -29.60 39.46 -10.75
C ILE C 96 -28.62 38.34 -11.07
N ILE C 97 -28.79 37.22 -10.40
CA ILE C 97 -27.97 36.08 -10.65
C ILE C 97 -28.45 35.32 -11.85
N VAL C 98 -27.54 34.97 -12.72
CA VAL C 98 -27.86 34.13 -13.85
C VAL C 98 -27.12 32.82 -13.64
N THR C 99 -27.86 31.71 -13.72
CA THR C 99 -27.26 30.41 -13.50
C THR C 99 -27.93 29.30 -14.24
N ALA C 100 -27.22 28.18 -14.29
CA ALA C 100 -27.72 26.91 -14.77
C ALA C 100 -27.63 25.82 -13.69
N ASP C 101 -27.37 26.22 -12.46
CA ASP C 101 -27.19 25.31 -11.37
C ASP C 101 -28.42 25.39 -10.45
N GLU C 102 -29.05 24.23 -10.22
CA GLU C 102 -30.22 24.13 -9.37
C GLU C 102 -29.85 24.51 -7.92
N THR C 103 -28.68 24.09 -7.48
CA THR C 103 -28.26 24.38 -6.12
C THR C 103 -28.26 25.89 -5.94
N GLN C 104 -27.62 26.58 -6.86
CA GLN C 104 -27.51 28.03 -6.76
C GLN C 104 -28.90 28.67 -6.81
N LYS C 105 -29.74 28.12 -7.65
CA LYS C 105 -31.10 28.60 -7.78
C LYS C 105 -31.75 28.55 -6.42
N LYS C 106 -31.62 27.41 -5.77
CA LYS C 106 -32.34 27.22 -4.50
C LYS C 106 -31.93 28.23 -3.43
N ILE C 107 -30.62 28.45 -3.35
CA ILE C 107 -30.07 29.38 -2.35
C ILE C 107 -30.53 30.80 -2.67
N CYS C 108 -30.51 31.16 -3.96
CA CYS C 108 -30.92 32.50 -4.34
C CYS C 108 -32.38 32.72 -3.96
N ASP C 109 -33.18 31.70 -4.20
CA ASP C 109 -34.61 31.78 -3.87
C ASP C 109 -34.81 32.05 -2.38
N ALA C 110 -34.07 31.32 -1.56
CA ALA C 110 -34.16 31.46 -0.11
C ALA C 110 -33.76 32.83 0.36
N MET C 111 -32.65 33.30 -0.18
CA MET C 111 -32.12 34.59 0.22
C MET C 111 -32.88 35.79 -0.32
N GLY C 112 -33.80 35.53 -1.25
CA GLY C 112 -34.59 36.59 -1.88
C GLY C 112 -33.79 37.36 -2.90
N ILE C 113 -32.92 36.66 -3.61
CA ILE C 113 -32.15 37.25 -4.69
C ILE C 113 -32.85 36.95 -5.99
N GLN C 114 -33.00 37.97 -6.82
CA GLN C 114 -33.63 37.73 -8.12
C GLN C 114 -32.69 36.91 -8.94
N TYR C 115 -33.22 35.97 -9.69
CA TYR C 115 -32.37 35.12 -10.47
C TYR C 115 -32.99 34.71 -11.79
N ASN C 116 -32.13 34.34 -12.73
CA ASN C 116 -32.56 33.86 -14.00
C ASN C 116 -32.00 32.50 -14.25
N PHE C 117 -32.87 31.49 -14.42
CA PHE C 117 -32.40 30.12 -14.51
C PHE C 117 -32.38 29.70 -15.95
N LEU C 118 -31.22 29.34 -16.44
CA LEU C 118 -31.08 28.91 -17.82
C LEU C 118 -31.61 27.55 -18.05
N GLN C 119 -32.29 27.42 -19.18
CA GLN C 119 -32.97 26.21 -19.52
C GLN C 119 -32.51 25.70 -20.86
N PRO C 120 -32.19 24.37 -20.97
CA PRO C 120 -31.74 23.98 -22.28
C PRO C 120 -32.78 24.36 -23.28
N LEU C 121 -32.32 24.81 -24.43
CA LEU C 121 -33.23 24.97 -25.54
C LEU C 121 -33.84 23.52 -25.67
N LYS C 122 -35.09 23.39 -26.09
CA LYS C 122 -35.72 22.04 -26.13
C LYS C 122 -34.94 21.08 -27.00
N GLN C 123 -34.21 21.58 -28.00
CA GLN C 123 -33.28 20.72 -28.75
C GLN C 123 -32.27 20.14 -27.78
N GLY C 124 -32.14 18.82 -27.76
CA GLY C 124 -31.51 18.13 -26.63
C GLY C 124 -30.00 18.31 -26.54
N LEU C 125 -29.25 17.91 -27.57
CA LEU C 125 -27.79 18.04 -27.56
C LEU C 125 -27.13 18.21 -28.91
N SER C 126 -25.95 18.80 -28.88
CA SER C 126 -25.21 19.13 -30.07
C SER C 126 -25.18 17.95 -31.00
N PHE C 127 -24.73 16.83 -30.44
CA PHE C 127 -24.47 15.60 -31.20
C PHE C 127 -25.74 14.91 -31.63
N GLU C 128 -26.85 15.29 -31.01
CA GLU C 128 -28.11 14.65 -31.32
C GLU C 128 -28.51 14.84 -32.80
N SER C 129 -28.10 15.96 -33.38
CA SER C 129 -28.32 16.25 -34.81
C SER C 129 -27.82 15.12 -35.72
N PHE C 130 -26.63 14.60 -35.40
CA PHE C 130 -26.01 13.54 -36.18
C PHE C 130 -26.73 12.21 -36.06
N PHE C 131 -27.38 11.98 -34.92
CA PHE C 131 -28.07 10.71 -34.67
C PHE C 131 -29.29 10.56 -35.54
N ASP C 132 -29.39 9.38 -36.13
CA ASP C 132 -30.47 8.96 -36.99
C ASP C 132 -31.21 7.95 -36.18
N ASP C 133 -32.50 7.80 -36.41
CA ASP C 133 -33.26 6.74 -35.75
C ASP C 133 -32.62 5.35 -36.02
N GLU C 134 -31.87 5.25 -37.12
CA GLU C 134 -31.18 4.02 -37.53
C GLU C 134 -29.62 4.02 -37.33
N THR C 135 -29.07 5.07 -36.68
CA THR C 135 -27.61 5.22 -36.37
C THR C 135 -27.27 4.48 -35.05
N MET C 136 -26.39 3.49 -35.15
CA MET C 136 -26.02 2.58 -34.02
C MET C 136 -25.05 3.26 -33.07
N SER C 137 -24.03 3.89 -33.66
CA SER C 137 -23.04 4.65 -32.91
C SER C 137 -22.45 5.85 -33.68
N LEU C 138 -22.01 6.83 -32.92
CA LEU C 138 -21.42 8.03 -33.46
C LEU C 138 -19.98 8.12 -33.04
N HIS C 139 -19.07 8.37 -33.98
CA HIS C 139 -17.66 8.47 -33.65
C HIS C 139 -17.10 9.84 -33.93
N ILE C 140 -16.56 10.47 -32.90
CA ILE C 140 -15.98 11.80 -33.00
C ILE C 140 -14.56 11.80 -32.47
N LYS C 141 -13.63 12.34 -33.25
CA LYS C 141 -12.26 12.45 -32.84
C LYS C 141 -11.66 13.73 -33.37
N GLU C 142 -10.68 14.24 -32.65
CA GLU C 142 -9.86 15.38 -33.06
C GLU C 142 -9.33 15.19 -34.44
N ASP C 143 -9.38 16.21 -35.26
CA ASP C 143 -8.77 16.21 -36.59
C ASP C 143 -9.39 15.17 -37.51
N THR C 144 -10.63 14.84 -37.25
CA THR C 144 -11.29 13.76 -37.93
C THR C 144 -12.65 14.24 -38.30
N VAL C 145 -13.21 13.65 -39.32
CA VAL C 145 -14.60 13.95 -39.71
C VAL C 145 -15.54 13.12 -38.87
N PRO C 146 -16.72 13.63 -38.46
CA PRO C 146 -17.56 12.73 -37.70
C PRO C 146 -18.04 11.59 -38.53
N ARG C 147 -18.17 10.44 -37.93
CA ARG C 147 -18.54 9.26 -38.66
C ARG C 147 -19.54 8.49 -37.84
N ALA C 148 -20.34 7.68 -38.52
CA ALA C 148 -21.40 6.97 -37.89
C ALA C 148 -21.53 5.60 -38.45
N LYS C 149 -22.01 4.71 -37.59
CA LYS C 149 -22.29 3.36 -37.96
C LYS C 149 -23.80 3.30 -38.11
N LYS C 150 -24.28 3.04 -39.32
CA LYS C 150 -25.74 3.00 -39.60
C LYS C 150 -26.20 1.62 -40.02
N GLY C 151 -27.34 1.22 -39.47
CA GLY C 151 -27.92 -0.10 -39.68
C GLY C 151 -28.42 -0.78 -38.41
N LYS C 152 -28.39 -2.11 -38.45
CA LYS C 152 -28.82 -2.99 -37.39
C LYS C 152 -27.59 -3.80 -37.09
N PRO C 153 -27.61 -4.57 -35.98
CA PRO C 153 -26.41 -5.39 -35.72
C PRO C 153 -26.02 -6.39 -36.80
N GLY C 154 -27.03 -6.99 -37.42
CA GLY C 154 -26.81 -7.83 -38.62
C GLY C 154 -26.40 -7.11 -39.90
N ASN C 155 -27.06 -5.98 -40.17
CA ASN C 155 -26.86 -5.20 -41.37
C ASN C 155 -26.61 -3.79 -41.03
N TRP C 156 -25.41 -3.29 -41.33
CA TRP C 156 -25.04 -1.89 -41.11
C TRP C 156 -23.92 -1.49 -42.08
N LYS C 157 -23.79 -0.17 -42.25
CA LYS C 157 -22.76 0.43 -43.04
C LYS C 157 -22.11 1.55 -42.23
N PHE C 158 -20.88 1.82 -42.62
CA PHE C 158 -20.05 2.87 -42.06
C PHE C 158 -20.16 4.16 -42.88
N VAL C 159 -20.24 5.32 -42.25
CA VAL C 159 -20.49 6.59 -42.98
C VAL C 159 -19.71 7.81 -42.50
N ASN C 160 -19.45 8.77 -43.38
CA ASN C 160 -18.90 10.06 -42.98
C ASN C 160 -20.02 11.05 -42.97
N LEU C 161 -20.22 11.69 -41.84
CA LEU C 161 -21.31 12.65 -41.67
C LEU C 161 -20.98 14.05 -42.16
N SER C 162 -19.70 14.31 -42.39
CA SER C 162 -19.27 15.60 -42.90
C SER C 162 -18.00 15.43 -43.72
N ASP C 163 -17.66 16.49 -44.45
CA ASP C 163 -16.36 16.55 -45.15
C ASP C 163 -15.39 17.48 -44.43
N LYS C 164 -15.83 18.11 -43.33
CA LYS C 164 -15.00 19.05 -42.58
C LYS C 164 -14.43 18.34 -41.37
N PRO C 165 -13.11 18.47 -41.08
CA PRO C 165 -12.62 17.78 -39.90
C PRO C 165 -13.07 18.49 -38.67
N MET C 166 -13.05 17.77 -37.57
CA MET C 166 -13.51 18.26 -36.31
C MET C 166 -12.35 18.85 -35.55
N LEU C 167 -12.50 20.08 -35.10
CA LEU C 167 -11.44 20.75 -34.33
C LEU C 167 -11.38 20.28 -32.90
N SER C 168 -10.20 20.32 -32.31
CA SER C 168 -9.97 19.84 -30.94
C SER C 168 -10.84 20.58 -29.94
N THR C 169 -10.94 21.89 -30.12
CA THR C 169 -11.81 22.73 -29.29
C THR C 169 -13.27 22.25 -29.35
N ASP C 170 -13.72 21.89 -30.53
CA ASP C 170 -15.06 21.43 -30.70
C ASP C 170 -15.34 20.12 -29.99
N VAL C 171 -14.38 19.21 -30.00
CA VAL C 171 -14.54 17.93 -29.37
C VAL C 171 -14.69 18.12 -27.88
N ARG C 172 -13.85 18.97 -27.33
CA ARG C 172 -13.89 19.20 -25.91
C ARG C 172 -15.17 19.87 -25.48
N MET C 173 -15.72 20.71 -26.36
CA MET C 173 -17.03 21.34 -26.12
C MET C 173 -18.13 20.31 -26.05
N ILE C 174 -18.06 19.32 -26.92
CA ILE C 174 -19.05 18.27 -26.94
C ILE C 174 -18.97 17.43 -25.71
N ALA C 175 -17.75 17.14 -25.28
CA ALA C 175 -17.56 16.34 -24.07
C ALA C 175 -18.15 17.04 -22.89
N ASN C 176 -17.90 18.34 -22.81
CA ASN C 176 -18.51 19.17 -21.77
C ASN C 176 -20.05 19.20 -21.86
N GLU C 177 -20.57 19.31 -23.08
CA GLU C 177 -21.99 19.30 -23.29
C GLU C 177 -22.59 18.03 -22.65
N ILE C 178 -21.89 16.91 -22.86
CA ILE C 178 -22.30 15.59 -22.34
C ILE C 178 -22.20 15.49 -20.82
N ILE C 179 -21.13 16.01 -20.26
CA ILE C 179 -20.99 15.98 -18.80
C ILE C 179 -22.11 16.79 -18.13
N ASN C 180 -22.46 17.93 -18.72
CA ASN C 180 -23.56 18.77 -18.24
C ASN C 180 -24.88 18.04 -18.27
N ALA C 181 -25.09 17.28 -19.33
CA ALA C 181 -26.34 16.58 -19.56
C ALA C 181 -26.67 15.49 -18.51
N VAL C 182 -25.66 15.03 -17.76
CA VAL C 182 -25.89 14.00 -16.77
C VAL C 182 -26.90 14.46 -15.74
N ARG C 183 -26.76 15.70 -15.31
CA ARG C 183 -27.69 16.25 -14.33
C ARG C 183 -29.09 16.35 -14.94
N LEU C 184 -29.16 16.76 -16.18
CA LEU C 184 -30.44 16.96 -16.88
C LEU C 184 -31.19 15.70 -17.30
N ILE C 185 -30.50 14.70 -17.79
CA ILE C 185 -31.20 13.50 -18.28
C ILE C 185 -31.47 12.43 -17.21
N LYS C 186 -32.59 11.76 -17.42
CA LYS C 186 -33.08 10.68 -16.59
C LYS C 186 -32.28 9.42 -16.80
N GLY C 187 -31.83 8.79 -15.70
CA GLY C 187 -31.19 7.48 -15.74
C GLY C 187 -29.83 7.66 -16.35
N SER C 188 -29.19 8.75 -15.96
CA SER C 188 -27.87 9.12 -16.41
C SER C 188 -26.91 9.26 -15.25
N PHE C 189 -25.71 8.78 -15.46
CA PHE C 189 -24.69 8.83 -14.43
C PHE C 189 -23.32 8.59 -15.03
N VAL C 190 -22.30 8.97 -14.30
CA VAL C 190 -20.95 8.74 -14.73
C VAL C 190 -20.62 7.36 -14.26
N GLU C 191 -20.31 6.46 -15.16
CA GLU C 191 -19.93 5.12 -14.73
C GLU C 191 -18.63 5.14 -13.97
N ILE C 192 -17.62 5.70 -14.61
CA ILE C 192 -16.31 5.76 -14.03
C ILE C 192 -15.42 6.77 -14.75
N GLU C 193 -14.61 7.47 -13.95
CA GLU C 193 -13.70 8.45 -14.49
C GLU C 193 -12.35 8.01 -14.14
N ARG C 194 -11.48 7.95 -15.12
CA ARG C 194 -10.09 7.64 -14.91
C ARG C 194 -9.29 8.75 -15.49
N ARG C 195 -7.98 8.73 -15.28
CA ARG C 195 -7.13 9.84 -15.77
C ARG C 195 -7.25 9.94 -17.27
N GLY C 196 -7.27 8.80 -17.95
CA GLY C 196 -7.37 8.82 -19.42
C GLY C 196 -8.72 8.70 -20.07
N SER C 197 -9.70 8.27 -19.29
CA SER C 197 -10.94 7.86 -19.83
C SER C 197 -12.09 8.23 -18.98
N LEU C 198 -13.22 8.46 -19.60
CA LEU C 198 -14.47 8.76 -18.89
C LEU C 198 -15.60 7.98 -19.53
N ILE C 199 -16.37 7.25 -18.74
CA ILE C 199 -17.44 6.46 -19.32
C ILE C 199 -18.73 6.90 -18.71
N ILE C 200 -19.70 7.19 -19.57
CA ILE C 200 -20.99 7.76 -19.17
C ILE C 200 -22.25 7.09 -19.73
N GLN C 201 -23.25 7.04 -18.89
CA GLN C 201 -24.58 6.57 -19.28
C GLN C 201 -25.45 7.81 -19.37
N LEU C 202 -25.89 8.14 -20.55
CA LEU C 202 -26.70 9.33 -20.76
C LEU C 202 -27.97 8.93 -21.42
N GLY C 203 -29.04 8.81 -20.63
CA GLY C 203 -30.30 8.25 -21.12
C GLY C 203 -30.01 6.90 -21.70
N ASN C 204 -30.37 6.71 -22.98
CA ASN C 204 -30.10 5.46 -23.66
C ASN C 204 -28.74 5.44 -24.29
N TYR C 205 -28.07 6.60 -24.31
CA TYR C 205 -26.77 6.67 -24.95
C TYR C 205 -25.66 6.21 -23.99
N ARG C 206 -24.69 5.52 -24.55
CA ARG C 206 -23.52 5.10 -23.82
C ARG C 206 -22.38 5.91 -24.38
N VAL C 207 -21.63 6.57 -23.52
CA VAL C 207 -20.58 7.45 -24.00
C VAL C 207 -19.24 7.08 -23.46
N VAL C 208 -18.27 6.97 -24.39
CA VAL C 208 -16.90 6.72 -23.97
C VAL C 208 -16.01 7.81 -24.48
N ILE C 209 -15.31 8.44 -23.54
CA ILE C 209 -14.43 9.55 -23.88
C ILE C 209 -13.03 9.19 -23.49
N THR C 210 -12.11 9.43 -24.41
CA THR C 210 -10.71 9.20 -24.12
C THR C 210 -9.92 10.41 -24.45
N ARG C 211 -8.83 10.60 -23.74
CA ARG C 211 -7.96 11.74 -23.99
C ARG C 211 -6.49 11.40 -23.90
N PRO C 212 -5.63 12.27 -24.43
CA PRO C 212 -4.23 11.97 -24.19
C PRO C 212 -3.93 11.96 -22.72
N PRO C 213 -2.98 11.15 -22.28
CA PRO C 213 -2.07 10.42 -23.15
C PRO C 213 -2.53 9.04 -23.47
N LEU C 214 -3.66 8.62 -22.88
CA LEU C 214 -4.15 7.28 -23.11
C LEU C 214 -4.38 7.06 -24.61
N SER C 215 -4.98 8.06 -25.24
CA SER C 215 -5.23 8.03 -26.67
C SER C 215 -4.44 9.15 -27.35
N ASP C 216 -4.11 8.99 -28.61
CA ASP C 216 -3.40 10.03 -29.38
C ASP C 216 -4.11 11.36 -29.52
N GLY C 217 -5.43 11.34 -29.47
CA GLY C 217 -6.23 12.58 -29.53
C GLY C 217 -7.51 12.36 -28.74
N TRP C 218 -8.28 13.43 -28.58
CA TRP C 218 -9.54 13.33 -27.90
C TRP C 218 -10.49 12.56 -28.77
N GLU C 219 -11.16 11.57 -28.17
CA GLU C 219 -12.12 10.81 -28.88
C GLU C 219 -13.37 10.63 -28.06
N ILE C 220 -14.52 10.74 -28.73
CA ILE C 220 -15.81 10.51 -28.11
C ILE C 220 -16.58 9.56 -28.95
N THR C 221 -17.06 8.51 -28.32
CA THR C 221 -17.86 7.53 -28.99
C THR C 221 -19.17 7.46 -28.27
N ILE C 222 -20.26 7.63 -29.03
CA ILE C 222 -21.63 7.61 -28.47
C ILE C 222 -22.44 6.52 -29.12
N THR C 223 -22.99 5.63 -28.31
CA THR C 223 -23.75 4.49 -28.85
C THR C 223 -25.13 4.42 -28.24
N ARG C 224 -26.02 3.87 -29.06
CA ARG C 224 -27.45 3.73 -28.78
C ARG C 224 -27.85 2.30 -29.09
N PRO C 225 -28.67 1.66 -28.27
CA PRO C 225 -28.93 0.23 -28.63
C PRO C 225 -29.93 0.06 -29.80
N VAL C 226 -29.76 -1.02 -30.54
CA VAL C 226 -30.65 -1.39 -31.66
C VAL C 226 -31.90 -2.09 -31.06
N VAL C 227 -32.95 -2.25 -31.88
CA VAL C 227 -34.27 -2.85 -31.43
C VAL C 227 -34.02 -4.29 -30.97
N ARG C 228 -34.50 -4.63 -29.79
CA ARG C 228 -34.19 -5.88 -29.14
C ARG C 228 -34.90 -6.99 -29.89
N LYS C 229 -34.19 -8.05 -30.26
CA LYS C 229 -34.83 -9.17 -30.87
C LYS C 229 -35.65 -9.85 -29.81
N ARG C 230 -36.96 -9.95 -30.03
CA ARG C 230 -37.84 -10.58 -29.07
C ARG C 230 -37.64 -12.09 -29.09
N LEU C 231 -38.10 -12.78 -28.05
CA LEU C 231 -38.08 -14.26 -28.05
C LEU C 231 -38.97 -14.86 -29.15
N GLU C 232 -40.11 -14.24 -29.39
CA GLU C 232 -41.03 -14.67 -30.44
C GLU C 232 -40.38 -14.61 -31.84
N ASP C 233 -39.51 -13.63 -32.09
CA ASP C 233 -38.83 -13.49 -33.39
C ASP C 233 -37.99 -14.69 -33.70
N TYR C 234 -37.58 -15.40 -32.68
CA TYR C 234 -36.95 -16.73 -32.82
C TYR C 234 -38.15 -17.59 -32.90
N ASN C 235 -38.38 -18.30 -33.99
CA ASN C 235 -39.66 -19.00 -34.10
C ASN C 235 -39.48 -20.28 -33.37
N LEU C 236 -40.05 -20.41 -32.17
CA LEU C 236 -39.53 -21.41 -31.24
C LEU C 236 -40.39 -22.65 -31.13
N ASP C 237 -39.74 -23.81 -30.99
CA ASP C 237 -40.44 -25.10 -30.85
C ASP C 237 -41.30 -25.10 -29.60
N GLU C 238 -42.49 -25.67 -29.70
CA GLU C 238 -43.44 -25.69 -28.55
C GLU C 238 -42.88 -26.46 -27.40
N ARG C 239 -42.18 -27.56 -27.73
CA ARG C 239 -41.52 -28.40 -26.75
C ARG C 239 -40.53 -27.55 -25.88
N LEU C 240 -39.73 -26.72 -26.55
CA LEU C 240 -38.76 -25.86 -25.89
C LEU C 240 -39.40 -24.75 -25.05
N ILE C 241 -40.39 -24.06 -25.61
CA ILE C 241 -41.03 -22.96 -24.88
C ILE C 241 -41.64 -23.50 -23.61
N LYS C 242 -42.28 -24.67 -23.71
CA LYS C 242 -42.90 -25.29 -22.54
C LYS C 242 -41.83 -25.55 -21.49
N ARG C 243 -40.70 -26.08 -21.93
CA ARG C 243 -39.61 -26.39 -21.04
C ARG C 243 -39.13 -25.16 -20.30
N LEU C 244 -38.92 -24.08 -21.07
CA LEU C 244 -38.40 -22.83 -20.50
C LEU C 244 -39.33 -22.23 -19.54
N GLU C 245 -40.60 -22.28 -19.89
CA GLU C 245 -41.65 -21.73 -19.08
C GLU C 245 -41.81 -22.50 -17.76
N GLU C 246 -41.78 -23.81 -17.85
CA GLU C 246 -42.18 -24.65 -16.72
C GLU C 246 -41.12 -25.52 -16.04
N ARG C 247 -40.09 -25.96 -16.76
CA ARG C 247 -39.13 -26.91 -16.19
C ARG C 247 -37.67 -26.41 -16.05
N ALA C 248 -37.21 -25.55 -16.95
CA ALA C 248 -35.78 -25.21 -17.02
C ALA C 248 -35.32 -24.23 -15.93
N GLU C 249 -34.30 -24.62 -15.18
CA GLU C 249 -33.75 -23.75 -14.11
C GLU C 249 -32.25 -23.45 -14.23
N GLY C 250 -31.44 -24.36 -14.71
CA GLY C 250 -30.02 -24.09 -14.92
C GLY C 250 -29.76 -24.18 -16.42
N ILE C 251 -29.59 -23.02 -17.05
CA ILE C 251 -29.48 -22.95 -18.50
C ILE C 251 -28.15 -22.37 -18.97
N ILE C 252 -27.73 -22.87 -20.12
CA ILE C 252 -26.59 -22.37 -20.79
C ILE C 252 -27.03 -22.10 -22.20
N ILE C 253 -26.68 -20.94 -22.69
CA ILE C 253 -26.88 -20.62 -24.07
C ILE C 253 -25.51 -20.62 -24.69
N ALA C 254 -25.33 -21.42 -25.73
CA ALA C 254 -24.02 -21.51 -26.33
C ALA C 254 -24.07 -21.26 -27.78
N GLY C 255 -23.02 -20.64 -28.26
CA GLY C 255 -22.86 -20.40 -29.66
C GLY C 255 -21.45 -19.89 -29.93
N ALA C 256 -21.03 -19.98 -31.17
CA ALA C 256 -19.74 -19.45 -31.54
C ALA C 256 -19.82 -17.95 -31.47
N PRO C 257 -18.67 -17.27 -31.41
CA PRO C 257 -18.83 -15.83 -31.35
C PRO C 257 -19.52 -15.31 -32.60
N GLY C 258 -20.40 -14.32 -32.41
CA GLY C 258 -21.13 -13.68 -33.50
C GLY C 258 -22.31 -14.49 -34.00
N MET C 259 -22.57 -15.66 -33.40
CA MET C 259 -23.66 -16.53 -33.83
C MET C 259 -25.01 -16.22 -33.14
N GLY C 260 -25.02 -15.23 -32.25
CA GLY C 260 -26.24 -14.72 -31.62
C GLY C 260 -26.57 -15.23 -30.24
N ALA C 261 -25.64 -15.89 -29.60
CA ALA C 261 -25.89 -16.45 -28.26
C ALA C 261 -26.21 -15.41 -27.20
N THR C 262 -25.42 -14.36 -27.14
CA THR C 262 -25.72 -13.31 -26.19
C THR C 262 -27.10 -12.70 -26.45
N THR C 263 -27.40 -12.46 -27.72
CA THR C 263 -28.63 -11.76 -28.12
C THR C 263 -29.84 -12.62 -27.74
N PHE C 264 -29.68 -13.92 -27.88
CA PHE C 264 -30.72 -14.83 -27.48
C PHE C 264 -31.00 -14.75 -25.98
N ALA C 265 -29.94 -14.76 -25.21
CA ALA C 265 -30.03 -14.70 -23.76
C ALA C 265 -30.75 -13.43 -23.37
N GLN C 266 -30.46 -12.36 -24.07
CA GLN C 266 -31.05 -11.10 -23.77
C GLN C 266 -32.54 -11.26 -23.96
N ALA C 267 -32.90 -11.91 -25.06
CA ALA C 267 -34.32 -12.15 -25.42
C ALA C 267 -35.04 -13.02 -24.40
N LEU C 268 -34.35 -14.06 -23.95
CA LEU C 268 -34.86 -14.93 -22.92
C LEU C 268 -35.07 -14.20 -21.61
N ALA C 269 -34.11 -13.37 -21.23
CA ALA C 269 -34.21 -12.61 -20.00
C ALA C 269 -35.44 -11.72 -20.02
N GLU C 270 -35.68 -11.05 -21.14
CA GLU C 270 -36.84 -10.19 -21.30
C GLU C 270 -38.13 -11.01 -21.25
N TYR C 271 -38.10 -12.18 -21.87
CA TYR C 271 -39.25 -13.07 -21.88
C TYR C 271 -39.64 -13.51 -20.48
N TYR C 272 -38.64 -13.88 -19.70
CA TYR C 272 -38.86 -14.32 -18.33
C TYR C 272 -39.39 -13.19 -17.49
N MET C 273 -38.92 -11.96 -17.71
CA MET C 273 -39.45 -10.82 -16.95
C MET C 273 -40.95 -10.70 -17.24
N ARG C 274 -41.30 -10.84 -18.52
CA ARG C 274 -42.64 -10.67 -19.02
C ARG C 274 -43.52 -11.75 -18.49
N LEU C 275 -42.95 -12.91 -18.23
CA LEU C 275 -43.63 -14.02 -17.48
C LEU C 275 -43.82 -13.77 -16.02
N GLY C 276 -43.31 -12.67 -15.48
CA GLY C 276 -43.52 -12.30 -14.09
C GLY C 276 -42.43 -12.82 -13.18
N LYS C 277 -41.32 -13.23 -13.79
CA LYS C 277 -40.14 -13.67 -13.02
C LYS C 277 -39.26 -12.46 -12.69
N ILE C 278 -38.50 -12.56 -11.60
CA ILE C 278 -37.57 -11.51 -11.26
C ILE C 278 -36.25 -11.92 -11.95
N VAL C 279 -35.73 -11.02 -12.76
CA VAL C 279 -34.52 -11.29 -13.50
C VAL C 279 -33.43 -10.25 -13.19
N LYS C 280 -32.19 -10.73 -13.12
CA LYS C 280 -31.04 -9.86 -12.94
C LYS C 280 -29.98 -10.33 -13.88
N THR C 281 -29.00 -9.47 -14.15
CA THR C 281 -27.91 -9.88 -15.07
C THR C 281 -26.59 -9.52 -14.46
N ILE C 282 -25.57 -10.29 -14.85
CA ILE C 282 -24.20 -10.00 -14.54
C ILE C 282 -23.46 -9.87 -15.86
N GLU C 283 -22.85 -8.72 -16.13
CA GLU C 283 -22.10 -8.55 -17.38
C GLU C 283 -20.87 -7.65 -17.14
N SER C 284 -19.92 -7.72 -18.05
CA SER C 284 -18.69 -6.95 -17.95
C SER C 284 -18.04 -6.66 -19.32
N PRO C 285 -18.24 -5.45 -19.82
CA PRO C 285 -19.01 -4.43 -19.12
C PRO C 285 -20.49 -4.56 -19.46
N ARG C 286 -21.31 -3.74 -18.83
CA ARG C 286 -22.70 -3.78 -19.06
C ARG C 286 -23.07 -3.22 -20.42
N ASP C 287 -23.69 -4.00 -21.28
CA ASP C 287 -24.01 -3.58 -22.64
C ASP C 287 -25.37 -4.01 -23.12
N MET C 288 -25.96 -5.02 -22.49
CA MET C 288 -27.28 -5.49 -22.89
C MET C 288 -28.29 -4.37 -22.79
N HIS C 289 -29.25 -4.41 -23.67
CA HIS C 289 -30.35 -3.46 -23.67
C HIS C 289 -31.59 -4.13 -23.07
N LEU C 290 -31.93 -3.72 -21.85
CA LEU C 290 -33.04 -4.32 -21.16
C LEU C 290 -33.84 -3.29 -20.42
N PRO C 291 -35.10 -3.58 -20.16
CA PRO C 291 -35.84 -2.57 -19.39
C PRO C 291 -35.40 -2.47 -17.93
N PRO C 292 -35.74 -1.36 -17.24
CA PRO C 292 -35.29 -1.20 -15.85
C PRO C 292 -35.81 -2.23 -14.83
N GLU C 293 -36.86 -2.93 -15.21
CA GLU C 293 -37.42 -3.96 -14.34
C GLU C 293 -36.35 -5.02 -14.15
N ILE C 294 -35.41 -5.13 -15.08
CA ILE C 294 -34.38 -6.09 -14.95
C ILE C 294 -33.16 -5.35 -14.49
N THR C 295 -32.64 -5.73 -13.34
CA THR C 295 -31.43 -5.09 -12.84
C THR C 295 -30.13 -5.65 -13.44
N GLN C 296 -29.25 -4.77 -13.89
CA GLN C 296 -28.03 -5.19 -14.58
C GLN C 296 -26.85 -4.79 -13.76
N TYR C 297 -26.11 -5.80 -13.32
CA TYR C 297 -24.91 -5.57 -12.54
C TYR C 297 -23.69 -5.59 -13.45
N SER C 298 -22.81 -4.62 -13.30
CA SER C 298 -21.51 -4.73 -13.99
C SER C 298 -20.42 -5.27 -13.02
N LYS C 299 -20.03 -6.51 -13.25
CA LYS C 299 -19.06 -7.15 -12.35
C LYS C 299 -17.79 -6.41 -12.18
N ASN C 300 -17.35 -5.65 -13.19
CA ASN C 300 -16.11 -4.89 -13.09
C ASN C 300 -16.08 -3.97 -11.88
N TYR C 301 -17.24 -3.42 -11.52
CA TYR C 301 -17.28 -2.43 -10.43
C TYR C 301 -17.64 -3.08 -9.13
N ALA C 302 -17.71 -4.41 -9.11
CA ALA C 302 -18.08 -5.08 -7.88
C ALA C 302 -16.87 -5.55 -7.11
N GLU C 303 -16.95 -5.43 -5.79
CA GLU C 303 -15.93 -5.94 -4.90
C GLU C 303 -16.04 -7.44 -4.81
N ILE C 304 -15.02 -8.08 -4.27
CA ILE C 304 -14.96 -9.55 -4.19
C ILE C 304 -16.07 -10.04 -3.28
N GLY C 305 -16.79 -11.01 -3.79
CA GLY C 305 -17.96 -11.60 -3.12
C GLY C 305 -19.23 -10.74 -3.06
N GLU C 306 -19.18 -9.52 -3.59
CA GLU C 306 -20.27 -8.54 -3.44
C GLU C 306 -21.49 -9.03 -4.20
N LEU C 307 -21.30 -9.41 -5.44
CA LEU C 307 -22.42 -9.91 -6.20
C LEU C 307 -23.05 -11.17 -5.58
N HIS C 308 -22.20 -12.05 -5.10
CA HIS C 308 -22.65 -13.30 -4.52
C HIS C 308 -23.62 -12.98 -3.40
N ASP C 309 -23.22 -12.08 -2.54
CA ASP C 309 -24.03 -11.73 -1.38
C ASP C 309 -25.34 -11.03 -1.75
N ILE C 310 -25.26 -10.10 -2.65
CA ILE C 310 -26.42 -9.37 -3.06
C ILE C 310 -27.44 -10.30 -3.69
N LEU C 311 -26.96 -11.15 -4.59
CA LEU C 311 -27.83 -12.09 -5.28
C LEU C 311 -28.46 -13.14 -4.35
N LEU C 312 -27.75 -13.57 -3.32
CA LEU C 312 -28.33 -14.52 -2.38
C LEU C 312 -29.37 -13.93 -1.46
N LEU C 313 -29.28 -12.65 -1.17
CA LEU C 313 -30.39 -11.97 -0.48
C LEU C 313 -31.55 -11.61 -1.37
N SER C 314 -31.25 -11.18 -2.56
CA SER C 314 -32.21 -10.88 -3.58
C SER C 314 -32.97 -12.07 -4.04
N ARG C 315 -32.28 -13.19 -4.24
CA ARG C 315 -32.87 -14.46 -4.68
C ARG C 315 -33.75 -14.22 -5.88
N PRO C 316 -33.16 -13.72 -6.93
CA PRO C 316 -34.00 -13.61 -8.08
C PRO C 316 -34.38 -14.95 -8.70
N ASP C 317 -35.33 -14.94 -9.59
CA ASP C 317 -35.75 -16.15 -10.27
C ASP C 317 -34.72 -16.62 -11.31
N TYR C 318 -34.14 -15.67 -12.00
CA TYR C 318 -33.12 -15.98 -12.95
C TYR C 318 -32.04 -14.91 -12.93
N THR C 319 -30.80 -15.34 -13.03
CA THR C 319 -29.68 -14.44 -13.19
C THR C 319 -29.00 -14.81 -14.48
N VAL C 320 -28.78 -13.82 -15.32
CA VAL C 320 -28.16 -14.08 -16.60
C VAL C 320 -26.69 -13.72 -16.49
N TYR C 321 -25.82 -14.71 -16.68
CA TYR C 321 -24.37 -14.49 -16.54
C TYR C 321 -23.81 -14.45 -17.94
N ASP C 322 -23.42 -13.26 -18.36
CA ASP C 322 -23.00 -13.06 -19.71
C ASP C 322 -21.49 -13.18 -19.84
N GLU C 323 -21.09 -13.90 -20.87
CA GLU C 323 -19.73 -14.17 -21.20
C GLU C 323 -19.00 -14.73 -19.98
N MET C 324 -19.31 -15.99 -19.68
CA MET C 324 -18.62 -16.68 -18.62
C MET C 324 -17.23 -17.06 -19.11
N ARG C 325 -16.19 -16.62 -18.41
CA ARG C 325 -14.84 -16.90 -18.84
C ARG C 325 -13.93 -17.43 -17.74
N ASN C 326 -13.96 -16.73 -16.62
CA ASN C 326 -13.09 -17.03 -15.47
C ASN C 326 -13.59 -18.11 -14.56
N ASP C 327 -12.68 -18.71 -13.81
CA ASP C 327 -13.04 -19.74 -12.84
C ASP C 327 -14.03 -19.16 -11.85
N GLU C 328 -13.82 -17.90 -11.47
CA GLU C 328 -14.73 -17.24 -10.51
C GLU C 328 -16.16 -17.15 -11.06
N ASP C 329 -16.30 -16.95 -12.38
CA ASP C 329 -17.61 -16.85 -13.06
C ASP C 329 -18.35 -18.15 -12.94
N PHE C 330 -17.66 -19.24 -13.21
CA PHE C 330 -18.24 -20.58 -13.09
C PHE C 330 -18.56 -20.94 -11.64
N LYS C 331 -17.71 -20.53 -10.72
CA LYS C 331 -17.93 -20.80 -9.31
C LYS C 331 -19.20 -20.12 -8.84
N LEU C 332 -19.36 -18.86 -9.23
CA LEU C 332 -20.53 -18.08 -8.85
C LEU C 332 -21.81 -18.69 -9.40
N TYR C 333 -21.75 -19.17 -10.63
CA TYR C 333 -22.89 -19.83 -11.27
C TYR C 333 -23.28 -21.05 -10.48
N VAL C 334 -22.30 -21.84 -10.10
CA VAL C 334 -22.55 -23.04 -9.30
C VAL C 334 -23.11 -22.68 -7.92
N ASP C 335 -22.51 -21.68 -7.27
CA ASP C 335 -22.97 -21.27 -5.95
C ASP C 335 -24.45 -20.89 -6.02
N LEU C 336 -24.81 -20.10 -7.03
CA LEU C 336 -26.19 -19.61 -7.17
C LEU C 336 -27.16 -20.72 -7.45
N ARG C 337 -26.70 -21.65 -8.26
CA ARG C 337 -27.53 -22.81 -8.58
C ARG C 337 -27.80 -23.65 -7.36
N LEU C 338 -26.78 -23.84 -6.54
CA LEU C 338 -26.90 -24.63 -5.31
C LEU C 338 -27.80 -23.97 -4.34
N ALA C 339 -27.84 -22.64 -4.42
CA ALA C 339 -28.73 -21.84 -3.62
C ALA C 339 -30.15 -21.85 -4.19
N GLY C 340 -30.42 -22.51 -5.30
CA GLY C 340 -31.77 -22.54 -5.88
C GLY C 340 -32.09 -21.38 -6.78
N VAL C 341 -31.10 -20.61 -7.19
CA VAL C 341 -31.32 -19.52 -8.11
C VAL C 341 -31.24 -20.04 -9.52
N GLY C 342 -32.16 -19.63 -10.35
CA GLY C 342 -32.12 -20.00 -11.75
C GLY C 342 -31.04 -19.23 -12.47
N MET C 343 -30.42 -19.86 -13.44
CA MET C 343 -29.36 -19.20 -14.21
C MET C 343 -29.51 -19.37 -15.72
N VAL C 344 -29.05 -18.36 -16.42
CA VAL C 344 -28.93 -18.41 -17.87
C VAL C 344 -27.50 -17.95 -18.14
N GLY C 345 -26.67 -18.89 -18.56
CA GLY C 345 -25.26 -18.60 -18.71
C GLY C 345 -24.92 -18.60 -20.16
N VAL C 346 -24.13 -17.62 -20.58
CA VAL C 346 -23.69 -17.55 -21.98
C VAL C 346 -22.26 -18.02 -22.10
N VAL C 347 -22.07 -19.09 -22.83
CA VAL C 347 -20.76 -19.66 -23.03
C VAL C 347 -20.53 -19.69 -24.50
N HIS C 348 -19.48 -19.03 -24.96
CA HIS C 348 -19.19 -19.01 -26.37
C HIS C 348 -18.37 -20.25 -26.60
N ALA C 349 -18.99 -21.27 -27.09
CA ALA C 349 -18.30 -22.48 -27.41
C ALA C 349 -18.88 -22.93 -28.71
N THR C 350 -18.07 -23.66 -29.47
CA THR C 350 -18.47 -24.10 -30.83
C THR C 350 -19.38 -25.34 -30.81
N SER C 351 -19.29 -26.13 -29.74
CA SER C 351 -20.11 -27.34 -29.61
C SER C 351 -20.78 -27.30 -28.26
N PRO C 352 -22.04 -27.65 -28.18
CA PRO C 352 -22.57 -27.61 -26.81
C PRO C 352 -21.80 -28.44 -25.73
N ILE C 353 -21.26 -29.56 -26.14
CA ILE C 353 -20.60 -30.43 -25.20
C ILE C 353 -19.40 -29.73 -24.62
N ASP C 354 -18.77 -28.92 -25.46
CA ASP C 354 -17.62 -28.08 -25.07
C ASP C 354 -17.98 -27.05 -23.97
N ALA C 355 -19.22 -26.57 -23.96
CA ALA C 355 -19.71 -25.68 -22.90
C ALA C 355 -19.63 -26.32 -21.48
N ILE C 356 -19.96 -27.60 -21.44
CA ILE C 356 -19.86 -28.40 -20.19
C ILE C 356 -18.47 -28.60 -19.47
N HIS C 357 -17.38 -28.70 -20.21
CA HIS C 357 -16.06 -29.11 -19.65
C HIS C 357 -15.69 -28.25 -18.44
N ARG C 358 -15.96 -26.96 -18.57
CA ARG C 358 -15.65 -25.96 -17.52
C ARG C 358 -16.51 -26.15 -16.24
N PHE C 359 -17.77 -26.52 -16.45
CA PHE C 359 -18.71 -26.96 -15.39
C PHE C 359 -18.42 -28.32 -14.73
N VAL C 360 -17.97 -29.28 -15.53
CA VAL C 360 -17.76 -30.69 -15.10
C VAL C 360 -16.76 -30.88 -13.97
N ASN C 361 -15.63 -30.14 -14.01
CA ASN C 361 -14.59 -30.28 -12.97
C ASN C 361 -15.04 -29.74 -11.59
N ARG C 362 -15.85 -28.67 -11.62
CA ARG C 362 -16.29 -27.88 -10.41
C ARG C 362 -17.14 -28.67 -9.41
N VAL C 363 -17.90 -29.65 -9.88
CA VAL C 363 -18.83 -30.37 -9.00
C VAL C 363 -18.74 -31.89 -9.15
N ASP C 364 -19.15 -32.60 -8.09
CA ASP C 364 -19.39 -34.07 -8.13
C ASP C 364 -20.52 -34.40 -9.16
N ILE C 365 -20.31 -35.51 -9.86
CA ILE C 365 -21.16 -35.91 -11.02
C ILE C 365 -22.65 -36.00 -10.63
N GLY C 366 -22.94 -36.58 -9.48
CA GLY C 366 -24.32 -36.70 -9.01
C GLY C 366 -25.05 -35.38 -8.82
N THR C 367 -24.29 -34.33 -8.43
CA THR C 367 -24.78 -32.92 -8.33
C THR C 367 -25.00 -32.19 -9.72
N ILE C 368 -24.37 -32.68 -10.80
CA ILE C 368 -24.34 -32.04 -12.15
C ILE C 368 -25.70 -31.69 -12.76
N PRO C 369 -26.63 -32.62 -12.78
CA PRO C 369 -27.96 -32.24 -13.29
C PRO C 369 -28.66 -31.09 -12.54
N ASN C 370 -28.38 -30.97 -11.25
CA ASN C 370 -28.89 -29.84 -10.45
C ASN C 370 -28.26 -28.49 -10.77
N ILE C 371 -27.02 -28.50 -11.21
CA ILE C 371 -26.41 -27.30 -11.76
C ILE C 371 -26.95 -26.94 -13.15
N LEU C 372 -27.00 -27.91 -14.04
CA LEU C 372 -27.41 -27.68 -15.42
C LEU C 372 -28.52 -28.60 -15.82
N ASP C 373 -29.59 -28.06 -16.35
CA ASP C 373 -30.63 -28.95 -16.86
C ASP C 373 -30.83 -28.82 -18.39
N THR C 374 -30.46 -27.69 -18.97
CA THR C 374 -30.75 -27.44 -20.37
C THR C 374 -29.63 -26.69 -21.02
N ILE C 375 -29.30 -27.08 -22.23
CA ILE C 375 -28.31 -26.36 -23.01
C ILE C 375 -28.91 -26.01 -24.37
N ILE C 376 -28.85 -24.73 -24.74
CA ILE C 376 -29.44 -24.27 -25.97
C ILE C 376 -28.32 -23.80 -26.87
N PHE C 377 -28.32 -24.36 -28.06
CA PHE C 377 -27.28 -24.03 -29.00
C PHE C 377 -27.74 -23.04 -30.03
N ILE C 378 -26.92 -22.03 -30.29
CA ILE C 378 -27.30 -21.01 -31.26
C ILE C 378 -26.37 -21.01 -32.47
N ASN C 379 -26.99 -21.01 -33.66
CA ASN C 379 -26.28 -20.93 -34.94
C ASN C 379 -26.96 -19.92 -35.82
N SER C 380 -26.17 -19.00 -36.32
CA SER C 380 -26.63 -18.06 -37.28
C SER C 380 -27.98 -17.42 -36.81
N GLY C 381 -28.08 -17.09 -35.53
CA GLY C 381 -29.24 -16.40 -34.99
C GLY C 381 -30.47 -17.24 -34.76
N ASN C 382 -30.33 -18.56 -34.81
CA ASN C 382 -31.44 -19.46 -34.53
C ASN C 382 -31.02 -20.58 -33.67
N VAL C 383 -31.98 -21.31 -33.14
CA VAL C 383 -31.67 -22.41 -32.26
C VAL C 383 -31.39 -23.68 -33.02
N SER C 384 -30.11 -24.06 -33.04
CA SER C 384 -29.60 -25.22 -33.72
C SER C 384 -30.03 -26.54 -33.08
N LYS C 385 -29.91 -26.63 -31.77
CA LYS C 385 -30.23 -27.89 -31.04
C LYS C 385 -30.37 -27.56 -29.55
N VAL C 386 -31.01 -28.47 -28.83
CA VAL C 386 -31.25 -28.30 -27.41
C VAL C 386 -30.98 -29.61 -26.71
N TYR C 387 -30.29 -29.55 -25.60
CA TYR C 387 -29.93 -30.73 -24.88
C TYR C 387 -30.57 -30.66 -23.56
N THR C 388 -30.79 -31.83 -22.97
CA THR C 388 -31.35 -31.96 -21.65
C THR C 388 -30.41 -32.86 -20.83
N LEU C 389 -30.40 -32.67 -19.52
CA LEU C 389 -29.50 -33.46 -18.63
C LEU C 389 -30.28 -34.22 -17.58
N GLU C 390 -29.92 -35.49 -17.41
CA GLU C 390 -30.56 -36.42 -16.47
C GLU C 390 -29.47 -37.00 -15.64
N MET C 391 -29.82 -37.40 -14.42
CA MET C 391 -28.87 -37.99 -13.46
C MET C 391 -29.31 -39.43 -13.17
N THR C 392 -29.82 -40.08 -14.20
CA THR C 392 -30.18 -41.52 -14.05
C THR C 392 -29.03 -42.48 -13.72
N VAL C 393 -29.33 -43.47 -12.85
CA VAL C 393 -28.40 -44.55 -12.47
C VAL C 393 -28.74 -45.78 -13.31
N LYS C 394 -27.87 -46.10 -14.26
CA LYS C 394 -28.12 -47.14 -15.26
C LYS C 394 -26.75 -47.70 -15.69
N VAL C 395 -26.77 -48.82 -16.39
CA VAL C 395 -25.53 -49.39 -16.89
C VAL C 395 -24.90 -48.39 -17.88
N PRO C 396 -23.54 -48.29 -17.86
CA PRO C 396 -22.93 -47.28 -18.68
C PRO C 396 -23.34 -47.51 -20.09
N ALA C 397 -23.52 -46.42 -20.80
CA ALA C 397 -23.93 -46.48 -22.20
C ALA C 397 -22.89 -47.18 -23.08
N GLY C 398 -21.62 -47.02 -22.72
CA GLY C 398 -20.51 -47.69 -23.40
C GLY C 398 -20.51 -49.22 -23.44
N LEU C 399 -21.03 -49.87 -22.38
CA LEU C 399 -21.17 -51.37 -22.33
C LEU C 399 -22.34 -51.93 -21.43
N LYS C 400 -22.87 -53.10 -21.84
CA LYS C 400 -24.05 -53.80 -21.22
C LYS C 400 -23.77 -54.61 -19.91
N GLU C 401 -23.58 -53.93 -18.77
CA GLU C 401 -23.05 -54.53 -17.51
C GLU C 401 -21.73 -55.29 -17.83
N ALA C 402 -20.88 -54.78 -18.74
CA ALA C 402 -19.65 -55.49 -19.21
C ALA C 402 -18.65 -55.73 -18.07
N ASP C 403 -18.52 -54.72 -17.20
CA ASP C 403 -17.71 -54.76 -15.99
C ASP C 403 -18.67 -54.60 -14.80
N LEU C 404 -18.96 -53.35 -14.41
CA LEU C 404 -19.74 -52.95 -13.26
C LEU C 404 -20.70 -51.79 -13.62
N ALA C 405 -21.83 -51.75 -12.93
CA ALA C 405 -22.83 -50.65 -13.01
C ALA C 405 -22.26 -49.37 -12.41
N ARG C 406 -22.66 -48.23 -12.98
CA ARG C 406 -22.20 -46.90 -12.55
C ARG C 406 -23.39 -45.92 -12.50
N PRO C 407 -23.32 -44.80 -11.75
CA PRO C 407 -24.33 -43.74 -11.90
C PRO C 407 -23.77 -42.68 -12.88
N VAL C 408 -24.64 -42.09 -13.70
CA VAL C 408 -24.16 -41.29 -14.83
C VAL C 408 -25.13 -40.23 -15.30
N VAL C 409 -24.59 -39.14 -15.84
CA VAL C 409 -25.41 -38.05 -16.36
C VAL C 409 -25.46 -38.15 -17.88
N GLU C 410 -26.68 -38.31 -18.41
CA GLU C 410 -26.93 -38.53 -19.84
C GLU C 410 -27.49 -37.25 -20.46
N ILE C 411 -26.84 -36.81 -21.54
CA ILE C 411 -27.24 -35.61 -22.23
C ILE C 411 -28.07 -36.05 -23.41
N LYS C 412 -29.31 -35.56 -23.50
CA LYS C 412 -30.23 -35.98 -24.54
C LYS C 412 -30.74 -34.81 -25.36
N ASP C 413 -30.89 -35.05 -26.64
CA ASP C 413 -31.50 -34.06 -27.52
C ASP C 413 -32.94 -33.93 -27.06
N LEU C 414 -33.44 -32.71 -27.05
CA LEU C 414 -34.83 -32.48 -26.70
C LEU C 414 -35.78 -33.10 -27.74
N ALA C 415 -35.44 -32.97 -29.02
CA ALA C 415 -36.25 -33.50 -30.12
C ALA C 415 -36.19 -35.06 -30.25
N THR C 416 -34.97 -35.61 -30.23
CA THR C 416 -34.69 -37.07 -30.34
C THR C 416 -35.22 -37.78 -29.11
N GLY C 417 -34.99 -37.18 -27.96
CA GLY C 417 -35.29 -37.79 -26.68
C GLY C 417 -34.25 -38.83 -26.32
N ASN C 418 -33.24 -38.98 -27.19
CA ASN C 418 -32.29 -40.07 -27.18
C ASN C 418 -30.95 -39.52 -26.82
N THR C 419 -30.28 -40.24 -25.93
CA THR C 419 -28.93 -39.83 -25.52
C THR C 419 -27.99 -39.63 -26.71
N GLU C 420 -27.21 -38.55 -26.67
CA GLU C 420 -26.10 -38.32 -27.57
C GLU C 420 -24.73 -38.33 -26.92
N TYR C 421 -24.69 -38.03 -25.62
CA TYR C 421 -23.44 -37.98 -24.85
C TYR C 421 -23.67 -38.53 -23.48
N GLU C 422 -22.61 -39.11 -22.92
CA GLU C 422 -22.71 -39.80 -21.65
C GLU C 422 -21.69 -39.21 -20.70
N ILE C 423 -22.10 -38.94 -19.45
CA ILE C 423 -21.18 -38.42 -18.40
C ILE C 423 -21.16 -39.43 -17.25
N TYR C 424 -19.94 -39.86 -16.91
CA TYR C 424 -19.70 -40.72 -15.74
C TYR C 424 -18.24 -40.59 -15.36
N VAL C 425 -17.87 -41.12 -14.19
CA VAL C 425 -16.47 -41.18 -13.74
C VAL C 425 -15.98 -42.60 -13.73
N PHE C 426 -14.79 -42.82 -14.29
CA PHE C 426 -14.14 -44.14 -14.32
C PHE C 426 -12.68 -43.92 -14.04
N GLY C 427 -12.07 -44.77 -13.22
CA GLY C 427 -10.72 -44.52 -12.69
C GLY C 427 -10.63 -43.32 -11.76
N GLU C 428 -9.73 -42.37 -12.09
CA GLU C 428 -9.44 -41.13 -11.35
C GLU C 428 -10.03 -39.89 -12.08
N GLN C 429 -10.65 -40.11 -13.26
CA GLN C 429 -11.27 -39.04 -14.08
C GLN C 429 -12.78 -39.23 -14.36
N THR C 430 -13.38 -38.08 -14.68
CA THR C 430 -14.77 -37.97 -15.10
C THR C 430 -14.60 -37.84 -16.61
N MET C 431 -15.41 -38.58 -17.38
CA MET C 431 -15.39 -38.51 -18.86
C MET C 431 -16.77 -38.34 -19.53
N ILE C 432 -16.76 -37.64 -20.68
CA ILE C 432 -17.96 -37.38 -21.46
C ILE C 432 -17.84 -38.34 -22.60
N VAL C 433 -18.84 -39.20 -22.78
CA VAL C 433 -18.79 -40.28 -23.75
C VAL C 433 -19.86 -40.06 -24.80
N PRO C 434 -19.50 -39.96 -26.10
CA PRO C 434 -20.60 -39.98 -27.08
C PRO C 434 -21.34 -41.34 -27.14
N VAL C 435 -22.62 -41.37 -27.44
CA VAL C 435 -23.34 -42.70 -27.60
C VAL C 435 -24.58 -42.68 -28.57
N ASN C 436 -24.82 -43.78 -29.31
CA ASN C 436 -25.84 -43.78 -30.49
C ASN C 436 -27.23 -43.15 -30.23
N MET D 1 -44.81 34.88 16.35
CA MET D 1 -44.21 35.97 17.19
C MET D 1 -42.73 35.75 17.61
N ASN D 2 -42.46 34.62 18.22
CA ASN D 2 -41.07 34.27 18.59
C ASN D 2 -40.27 33.86 17.36
N ASP D 3 -38.98 34.10 17.41
CA ASP D 3 -38.12 33.85 16.25
C ASP D 3 -37.46 32.46 16.34
N LEU D 4 -37.56 31.66 15.28
CA LEU D 4 -37.00 30.31 15.29
C LEU D 4 -35.81 30.07 14.35
N MET D 5 -34.74 29.53 14.93
CA MET D 5 -33.51 29.24 14.21
C MET D 5 -33.40 27.74 14.02
N LEU D 6 -33.29 27.31 12.76
CA LEU D 6 -33.21 25.88 12.46
C LEU D 6 -31.85 25.42 12.13
N ASP D 7 -31.43 24.33 12.74
CA ASP D 7 -30.11 23.79 12.48
C ASP D 7 -30.20 22.75 11.33
N LYS D 8 -29.07 22.25 10.89
CA LYS D 8 -29.06 21.25 9.84
C LYS D 8 -29.89 20.05 10.24
N SER D 9 -29.78 19.67 11.49
CA SER D 9 -30.52 18.53 12.01
C SER D 9 -32.02 18.61 11.80
N ALA D 10 -32.56 19.80 12.00
CA ALA D 10 -33.94 20.07 11.75
C ALA D 10 -34.32 19.89 10.27
N LEU D 11 -33.45 20.35 9.39
CA LEU D 11 -33.68 20.22 7.94
C LEU D 11 -33.64 18.79 7.47
N LEU D 12 -32.81 18.01 8.10
CA LEU D 12 -32.78 16.61 7.78
C LEU D 12 -33.95 15.86 8.42
N PHE D 13 -34.72 16.50 9.31
CA PHE D 13 -35.81 15.83 10.03
C PHE D 13 -37.19 16.20 9.55
N GLY D 14 -37.26 16.85 8.40
CA GLY D 14 -38.55 17.19 7.85
C GLY D 14 -39.25 18.18 8.74
N VAL D 15 -38.50 19.15 9.24
CA VAL D 15 -39.01 20.19 10.15
C VAL D 15 -40.16 20.98 9.48
N SER D 16 -40.21 20.96 8.15
CA SER D 16 -41.27 21.64 7.43
C SER D 16 -42.64 21.12 7.82
N LYS D 17 -42.72 19.82 8.00
CA LYS D 17 -43.95 19.16 8.42
C LYS D 17 -44.40 19.64 9.79
N TYR D 18 -43.46 19.80 10.71
CA TYR D 18 -43.78 20.26 12.06
C TYR D 18 -44.34 21.67 12.04
N LEU D 19 -43.80 22.48 11.16
CA LEU D 19 -44.28 23.84 10.96
C LEU D 19 -45.70 23.86 10.38
N GLU D 20 -45.97 22.99 9.38
CA GLU D 20 -47.27 22.84 8.69
C GLU D 20 -48.35 22.46 9.72
N LYS D 21 -47.99 21.52 10.60
CA LYS D 21 -48.85 21.04 11.67
C LYS D 21 -49.10 22.06 12.78
N GLY D 22 -48.22 23.04 12.91
CA GLY D 22 -48.32 24.04 13.96
C GLY D 22 -47.72 23.60 15.29
N ILE D 23 -46.94 22.51 15.27
CA ILE D 23 -46.27 21.99 16.50
C ILE D 23 -45.33 23.03 17.07
N ILE D 24 -44.69 23.72 16.14
CA ILE D 24 -43.85 24.82 16.50
C ILE D 24 -44.37 25.96 15.61
N THR D 25 -44.43 27.18 16.18
CA THR D 25 -44.95 28.32 15.44
C THR D 25 -44.12 29.56 15.71
N GLY D 26 -43.99 30.35 14.66
CA GLY D 26 -43.19 31.55 14.72
C GLY D 26 -42.53 31.80 13.39
N ASN D 27 -41.75 32.87 13.37
CA ASN D 27 -40.98 33.24 12.20
C ASN D 27 -39.84 32.26 12.07
N VAL D 28 -39.42 32.05 10.84
CA VAL D 28 -38.36 31.09 10.56
C VAL D 28 -37.10 31.84 10.25
N LEU D 29 -36.01 31.43 10.88
CA LEU D 29 -34.70 31.95 10.59
C LEU D 29 -33.74 30.81 10.22
N ILE D 30 -32.88 31.04 9.23
CA ILE D 30 -31.74 30.12 8.94
C ILE D 30 -30.47 30.94 8.82
N HIS D 31 -29.40 30.50 9.45
CA HIS D 31 -28.15 31.28 9.41
C HIS D 31 -27.46 31.09 8.06
N LYS D 32 -26.81 32.15 7.58
CA LYS D 32 -26.16 32.09 6.25
C LYS D 32 -25.18 30.93 6.15
N SER D 33 -24.44 30.76 7.25
CA SER D 33 -23.44 29.76 7.41
C SER D 33 -23.93 28.39 7.05
N LEU D 34 -25.12 28.09 7.52
CA LEU D 34 -25.70 26.80 7.25
C LEU D 34 -25.97 26.65 5.78
N LEU D 35 -26.46 27.69 5.16
CA LEU D 35 -26.67 27.61 3.71
C LEU D 35 -25.40 27.43 2.91
N ALA D 36 -24.36 28.11 3.37
CA ALA D 36 -23.06 27.99 2.74
C ALA D 36 -22.60 26.54 2.85
N GLU D 37 -22.74 25.96 4.04
CA GLU D 37 -22.33 24.59 4.30
C GLU D 37 -23.08 23.63 3.39
N LEU D 38 -24.38 23.83 3.31
CA LEU D 38 -25.20 22.97 2.48
C LEU D 38 -24.80 23.05 1.02
N GLU D 39 -24.47 24.24 0.57
CA GLU D 39 -23.99 24.43 -0.81
C GLU D 39 -22.74 23.61 -1.04
N ARG D 40 -21.75 23.72 -0.16
CA ARG D 40 -20.49 22.97 -0.34
C ARG D 40 -20.77 21.50 -0.40
N GLU D 41 -21.57 21.04 0.54
CA GLU D 41 -21.85 19.61 0.63
C GLU D 41 -22.57 19.13 -0.61
N SER D 42 -23.49 19.95 -1.08
CA SER D 42 -24.24 19.67 -2.29
C SER D 42 -23.32 19.58 -3.52
N ASN D 43 -22.39 20.51 -3.60
CA ASN D 43 -21.33 20.48 -4.62
C ASN D 43 -20.43 19.27 -4.52
N ASP D 44 -20.11 18.86 -3.29
CA ASP D 44 -19.31 17.65 -3.03
C ASP D 44 -20.12 16.38 -3.27
N GLY D 45 -21.40 16.54 -3.57
CA GLY D 45 -22.26 15.45 -3.98
C GLY D 45 -22.91 14.75 -2.83
N LEU D 46 -22.88 15.31 -1.63
CA LEU D 46 -23.65 14.71 -0.53
C LEU D 46 -25.12 14.69 -0.88
N VAL D 47 -25.74 13.51 -0.78
CA VAL D 47 -27.17 13.35 -1.01
C VAL D 47 -27.94 14.13 0.08
N SER D 48 -27.46 14.09 1.33
CA SER D 48 -28.18 14.70 2.45
C SER D 48 -28.42 16.18 2.24
N ALA D 49 -27.42 16.83 1.68
CA ALA D 49 -27.44 18.26 1.47
C ALA D 49 -28.54 18.67 0.50
N GLU D 50 -28.66 17.92 -0.59
CA GLU D 50 -29.69 18.16 -1.60
C GLU D 50 -31.05 18.07 -0.88
N ILE D 51 -31.21 17.04 -0.05
CA ILE D 51 -32.46 16.81 0.70
C ILE D 51 -32.70 17.93 1.74
N ALA D 52 -31.64 18.29 2.47
CA ALA D 52 -31.69 19.37 3.46
C ALA D 52 -32.00 20.71 2.79
N LEU D 53 -31.35 20.92 1.67
CA LEU D 53 -31.57 22.11 0.88
C LEU D 53 -32.96 22.19 0.30
N ASP D 54 -33.46 21.06 -0.19
CA ASP D 54 -34.82 20.98 -0.74
C ASP D 54 -35.81 21.32 0.35
N GLU D 55 -35.49 20.92 1.59
CA GLU D 55 -36.33 21.29 2.75
C GLU D 55 -36.41 22.81 3.00
N VAL D 56 -35.35 23.54 2.65
CA VAL D 56 -35.31 24.99 2.85
C VAL D 56 -36.40 25.66 2.00
N LYS D 57 -36.58 25.17 0.77
CA LYS D 57 -37.64 25.67 -0.12
C LYS D 57 -39.04 25.38 0.43
N LYS D 58 -39.24 24.15 0.89
CA LYS D 58 -40.53 23.76 1.45
C LYS D 58 -40.89 24.71 2.53
N LEU D 59 -39.90 25.04 3.36
CA LEU D 59 -40.14 25.94 4.48
C LEU D 59 -40.58 27.29 4.01
N LYS D 60 -39.87 27.78 3.01
CA LYS D 60 -40.16 29.11 2.50
C LYS D 60 -41.58 29.17 2.02
N ASP D 61 -42.00 28.13 1.32
CA ASP D 61 -43.35 28.05 0.77
C ASP D 61 -44.39 28.13 1.87
N ILE D 62 -44.17 27.38 2.92
CA ILE D 62 -45.10 27.37 4.03
C ILE D 62 -45.18 28.74 4.71
N THR D 63 -44.04 29.41 4.83
CA THR D 63 -43.96 30.71 5.47
C THR D 63 -44.89 31.68 4.72
N GLU D 64 -44.93 31.55 3.38
CA GLU D 64 -45.82 32.37 2.52
C GLU D 64 -47.30 32.06 2.77
N ARG D 65 -47.60 30.78 2.87
CA ARG D 65 -48.96 30.30 3.14
C ARG D 65 -49.50 30.68 4.51
N ILE D 66 -48.68 30.61 5.55
CA ILE D 66 -49.11 30.89 6.94
C ILE D 66 -48.82 32.36 7.36
N LEU D 67 -48.34 33.21 6.43
CA LEU D 67 -48.05 34.63 6.75
C LEU D 67 -46.87 34.76 7.76
N VAL D 68 -46.04 33.72 7.89
CA VAL D 68 -44.99 33.71 8.90
C VAL D 68 -43.78 34.27 8.19
N ASN D 69 -43.01 35.10 8.89
CA ASN D 69 -41.84 35.70 8.30
C ASN D 69 -40.75 34.64 8.09
N PHE D 70 -39.93 34.84 7.06
CA PHE D 70 -38.86 33.93 6.73
C PHE D 70 -37.65 34.73 6.34
N GLU D 71 -36.50 34.49 6.96
CA GLU D 71 -35.28 35.22 6.58
C GLU D 71 -34.00 34.44 6.87
N ILE D 72 -32.97 34.86 6.15
CA ILE D 72 -31.65 34.31 6.33
C ILE D 72 -30.87 35.41 7.00
N VAL D 73 -30.39 35.11 8.19
CA VAL D 73 -29.71 36.04 9.09
C VAL D 73 -28.23 35.76 9.21
N GLY D 74 -27.55 36.62 9.95
CA GLY D 74 -26.13 36.50 10.19
C GLY D 74 -25.47 37.36 9.16
N ASP D 75 -24.15 37.39 9.24
CA ASP D 75 -23.32 38.09 8.29
C ASP D 75 -22.39 37.11 7.56
N ASP D 76 -22.21 37.38 6.27
CA ASP D 76 -21.35 36.58 5.38
C ASP D 76 -19.92 36.62 5.91
N SER D 77 -19.52 37.76 6.49
CA SER D 77 -18.16 37.95 7.08
C SER D 77 -17.83 36.94 8.21
N LYS D 78 -18.81 36.65 9.08
CA LYS D 78 -18.58 35.78 10.25
C LYS D 78 -18.31 34.40 9.75
N LYS D 79 -17.24 33.81 10.29
CA LYS D 79 -16.69 32.58 9.75
C LYS D 79 -16.61 31.63 10.89
N GLY D 80 -17.15 30.43 10.68
CA GLY D 80 -17.15 29.39 11.69
C GLY D 80 -18.14 28.28 11.35
N GLU D 81 -18.33 27.39 12.31
CA GLU D 81 -19.30 26.32 12.15
C GLU D 81 -20.72 26.87 12.30
N ALA D 82 -21.63 26.34 11.50
CA ALA D 82 -23.03 26.84 11.46
C ALA D 82 -23.79 26.67 12.77
N ASN D 83 -23.61 25.56 13.44
CA ASN D 83 -24.22 25.41 14.74
C ASN D 83 -23.77 26.42 15.78
N GLU D 84 -22.46 26.66 15.85
CA GLU D 84 -21.92 27.60 16.82
C GLU D 84 -22.44 29.00 16.53
N LEU D 85 -22.43 29.38 15.26
CA LEU D 85 -22.85 30.73 14.84
C LEU D 85 -24.30 30.93 15.02
N SER D 86 -25.07 29.88 14.73
CA SER D 86 -26.52 29.93 14.93
C SER D 86 -26.89 30.13 16.42
N ARG D 87 -26.21 29.41 17.31
CA ARG D 87 -26.42 29.60 18.75
C ARG D 87 -26.07 30.99 19.21
N GLU D 88 -24.96 31.53 18.69
CA GLU D 88 -24.51 32.85 19.09
C GLU D 88 -25.55 33.85 18.70
N TYR D 89 -26.08 33.69 17.50
CA TYR D 89 -27.13 34.57 17.01
C TYR D 89 -28.35 34.56 17.93
N CYS D 90 -28.75 33.37 18.37
CA CYS D 90 -29.89 33.22 19.26
C CYS D 90 -29.66 33.89 20.59
N LEU D 91 -28.46 33.78 21.11
CA LEU D 91 -28.13 34.50 22.36
C LEU D 91 -28.18 36.02 22.20
N GLU D 92 -27.63 36.55 21.11
CA GLU D 92 -27.55 37.96 20.84
C GLU D 92 -28.94 38.47 20.60
N LYS D 93 -29.73 37.78 19.79
CA LYS D 93 -31.07 38.27 19.34
C LYS D 93 -32.30 37.65 20.09
N GLY D 94 -32.06 36.72 21.03
CA GLY D 94 -33.14 36.07 21.78
C GLY D 94 -34.03 35.12 20.97
N CYS D 95 -33.49 34.50 19.92
CA CYS D 95 -34.23 33.48 19.12
C CYS D 95 -34.22 32.11 19.77
N ILE D 96 -35.02 31.22 19.21
CA ILE D 96 -35.14 29.87 19.71
C ILE D 96 -34.59 28.86 18.73
N ILE D 97 -33.74 27.99 19.21
CA ILE D 97 -33.15 26.98 18.36
C ILE D 97 -34.03 25.79 18.18
N VAL D 98 -34.14 25.33 16.96
CA VAL D 98 -34.95 24.18 16.68
C VAL D 98 -34.01 23.13 16.18
N THR D 99 -34.09 21.96 16.77
CA THR D 99 -33.22 20.89 16.39
C THR D 99 -33.78 19.52 16.65
N ALA D 100 -33.12 18.55 16.05
CA ALA D 100 -33.39 17.13 16.30
C ALA D 100 -32.16 16.43 16.85
N ASP D 101 -31.18 17.21 17.28
CA ASP D 101 -29.90 16.67 17.73
C ASP D 101 -29.78 16.87 19.24
N GLU D 102 -29.60 15.77 19.99
CA GLU D 102 -29.47 15.82 21.45
C GLU D 102 -28.24 16.60 21.86
N THR D 103 -27.16 16.43 21.11
CA THR D 103 -25.94 17.14 21.43
C THR D 103 -26.20 18.66 21.40
N GLN D 104 -26.79 19.12 20.31
CA GLN D 104 -27.12 20.54 20.22
C GLN D 104 -28.04 20.96 21.35
N LYS D 105 -28.99 20.09 21.66
CA LYS D 105 -29.92 20.38 22.72
C LYS D 105 -29.17 20.60 24.05
N LYS D 106 -28.29 19.67 24.36
CA LYS D 106 -27.65 19.65 25.65
C LYS D 106 -26.83 20.91 25.82
N ILE D 107 -26.18 21.32 24.74
CA ILE D 107 -25.40 22.57 24.75
C ILE D 107 -26.27 23.79 24.90
N CYS D 108 -27.39 23.82 24.19
CA CYS D 108 -28.29 24.97 24.29
C CYS D 108 -28.82 25.10 25.72
N ASP D 109 -29.16 23.97 26.32
CA ASP D 109 -29.61 23.96 27.69
C ASP D 109 -28.52 24.56 28.60
N ALA D 110 -27.28 24.15 28.37
CA ALA D 110 -26.13 24.64 29.16
C ALA D 110 -25.94 26.15 29.05
N MET D 111 -26.02 26.63 27.81
CA MET D 111 -25.85 28.05 27.54
C MET D 111 -27.06 28.92 27.87
N GLY D 112 -28.18 28.28 28.25
CA GLY D 112 -29.41 29.01 28.60
C GLY D 112 -30.14 29.55 27.38
N ILE D 113 -30.07 28.82 26.29
CA ILE D 113 -30.70 29.21 25.05
C ILE D 113 -31.97 28.43 24.92
N GLN D 114 -33.06 29.11 24.58
CA GLN D 114 -34.35 28.40 24.49
C GLN D 114 -34.28 27.52 23.27
N TYR D 115 -34.86 26.35 23.36
CA TYR D 115 -34.81 25.44 22.23
C TYR D 115 -36.09 24.64 22.09
N ASN D 116 -36.31 24.12 20.90
CA ASN D 116 -37.40 23.27 20.64
C ASN D 116 -36.85 21.98 20.08
N PHE D 117 -37.05 20.88 20.79
CA PHE D 117 -36.47 19.63 20.36
C PHE D 117 -37.50 18.78 19.68
N LEU D 118 -37.25 18.41 18.45
CA LEU D 118 -38.19 17.58 17.72
C LEU D 118 -38.11 16.09 18.03
N GLN D 119 -39.26 15.42 18.09
CA GLN D 119 -39.35 13.94 18.23
C GLN D 119 -40.18 13.39 17.07
N PRO D 120 -39.91 12.15 16.64
CA PRO D 120 -40.68 11.74 15.45
C PRO D 120 -42.20 11.86 15.68
N LEU D 121 -42.89 12.39 14.68
CA LEU D 121 -44.35 12.57 14.72
C LEU D 121 -45.05 11.21 14.78
N LYS D 122 -44.50 10.25 14.05
CA LYS D 122 -44.88 8.86 14.20
C LYS D 122 -43.64 8.03 13.93
N GLN D 123 -43.58 6.84 14.50
CA GLN D 123 -42.51 5.89 14.13
C GLN D 123 -42.45 5.70 12.60
N GLY D 124 -43.61 5.89 11.92
CA GLY D 124 -43.72 5.64 10.49
C GLY D 124 -42.77 6.31 9.51
N LEU D 125 -42.28 5.43 8.65
CA LEU D 125 -41.38 5.79 7.56
C LEU D 125 -42.04 5.90 6.22
N SER D 126 -41.33 6.56 5.31
CA SER D 126 -41.81 6.81 3.96
C SER D 126 -42.47 5.55 3.35
N PHE D 127 -41.72 4.46 3.37
CA PHE D 127 -42.11 3.21 2.76
C PHE D 127 -43.09 2.40 3.61
N GLU D 128 -43.25 2.76 4.88
CA GLU D 128 -44.06 1.93 5.79
C GLU D 128 -45.53 1.84 5.37
N SER D 129 -46.01 2.90 4.73
CA SER D 129 -47.36 2.98 4.15
C SER D 129 -47.55 1.87 3.13
N PHE D 130 -46.51 1.62 2.33
CA PHE D 130 -46.50 0.55 1.32
C PHE D 130 -46.58 -0.87 1.96
N PHE D 131 -46.05 -1.05 3.16
CA PHE D 131 -46.10 -2.35 3.85
C PHE D 131 -47.45 -2.63 4.41
N ASP D 132 -47.89 -3.86 4.22
CA ASP D 132 -49.12 -4.37 4.81
C ASP D 132 -48.75 -5.57 5.67
N ASP D 133 -49.64 -5.93 6.58
CA ASP D 133 -49.43 -7.09 7.46
C ASP D 133 -49.29 -8.39 6.67
N GLU D 134 -49.94 -8.47 5.52
CA GLU D 134 -49.81 -9.67 4.68
C GLU D 134 -48.52 -9.64 3.82
N THR D 135 -47.94 -8.44 3.54
CA THR D 135 -46.75 -8.31 2.62
C THR D 135 -45.34 -8.64 3.18
N MET D 136 -44.56 -9.32 2.36
CA MET D 136 -43.26 -9.85 2.75
C MET D 136 -42.03 -8.99 2.42
N SER D 137 -41.94 -8.56 1.17
CA SER D 137 -40.83 -7.73 0.72
C SER D 137 -41.28 -6.62 -0.24
N LEU D 138 -40.57 -5.51 -0.18
CA LEU D 138 -40.89 -4.38 -0.95
C LEU D 138 -39.77 -4.09 -1.90
N HIS D 139 -40.07 -3.95 -3.19
CA HIS D 139 -39.04 -3.68 -4.18
C HIS D 139 -39.19 -2.34 -4.90
N ILE D 140 -38.14 -1.54 -4.83
CA ILE D 140 -38.14 -0.20 -5.33
C ILE D 140 -36.93 0.00 -6.20
N LYS D 141 -37.16 0.53 -7.38
CA LYS D 141 -36.07 0.83 -8.27
C LYS D 141 -36.41 2.00 -9.14
N GLU D 142 -35.40 2.74 -9.55
CA GLU D 142 -35.54 3.85 -10.50
C GLU D 142 -36.29 3.46 -11.73
N ASP D 143 -37.22 4.30 -12.16
CA ASP D 143 -37.98 4.11 -13.40
C ASP D 143 -38.80 2.83 -13.45
N THR D 144 -39.25 2.38 -12.29
CA THR D 144 -40.07 1.19 -12.20
C THR D 144 -41.14 1.53 -11.21
N VAL D 145 -42.24 0.81 -11.25
CA VAL D 145 -43.31 1.02 -10.28
C VAL D 145 -42.98 0.25 -9.02
N PRO D 146 -43.29 0.76 -7.84
CA PRO D 146 -42.96 -0.06 -6.71
C PRO D 146 -43.74 -1.31 -6.74
N ARG D 147 -43.15 -2.40 -6.27
CA ARG D 147 -43.80 -3.69 -6.30
C ARG D 147 -43.61 -4.31 -4.95
N ALA D 148 -44.51 -5.22 -4.61
CA ALA D 148 -44.42 -5.89 -3.32
C ALA D 148 -44.67 -7.36 -3.48
N LYS D 149 -44.05 -8.13 -2.60
CA LYS D 149 -44.21 -9.58 -2.52
C LYS D 149 -45.18 -9.83 -1.36
N LYS D 150 -46.36 -10.38 -1.67
CA LYS D 150 -47.44 -10.46 -0.68
C LYS D 150 -47.88 -11.87 -0.26
N GLY D 151 -48.26 -12.01 1.02
CA GLY D 151 -48.73 -13.28 1.59
C GLY D 151 -47.62 -13.99 2.36
N LYS D 152 -47.83 -15.28 2.63
CA LYS D 152 -46.86 -16.13 3.34
C LYS D 152 -45.98 -16.87 2.31
N PRO D 153 -45.02 -17.68 2.78
CA PRO D 153 -44.07 -18.27 1.81
C PRO D 153 -44.72 -19.33 0.91
N GLY D 154 -43.94 -19.95 0.02
CA GLY D 154 -44.49 -20.94 -0.92
C GLY D 154 -45.29 -20.17 -1.89
N ASN D 155 -46.61 -20.29 -1.94
CA ASN D 155 -47.35 -19.38 -2.84
C ASN D 155 -47.47 -17.98 -2.25
N TRP D 156 -47.20 -16.99 -3.08
CA TRP D 156 -47.31 -15.59 -2.74
C TRP D 156 -47.52 -14.79 -4.05
N LYS D 157 -47.93 -13.53 -3.93
CA LYS D 157 -48.28 -12.74 -5.07
C LYS D 157 -47.33 -11.55 -5.18
N PHE D 158 -47.24 -11.07 -6.41
CA PHE D 158 -46.54 -9.89 -6.84
C PHE D 158 -47.57 -8.78 -7.14
N VAL D 159 -47.36 -7.59 -6.62
CA VAL D 159 -48.32 -6.51 -6.83
C VAL D 159 -47.60 -5.23 -7.22
N ASN D 160 -48.29 -4.36 -7.96
CA ASN D 160 -47.80 -3.04 -8.27
C ASN D 160 -48.49 -2.08 -7.37
N LEU D 161 -47.73 -1.35 -6.61
CA LEU D 161 -48.27 -0.47 -5.63
C LEU D 161 -48.65 0.89 -6.19
N SER D 162 -48.22 1.18 -7.40
CA SER D 162 -48.52 2.44 -8.05
C SER D 162 -48.67 2.24 -9.55
N ASP D 163 -49.35 3.20 -10.17
CA ASP D 163 -49.62 3.17 -11.61
C ASP D 163 -48.42 3.78 -12.31
N LYS D 164 -47.71 4.69 -11.62
CA LYS D 164 -46.63 5.45 -12.25
C LYS D 164 -45.23 5.05 -11.75
N PRO D 165 -44.22 5.13 -12.66
CA PRO D 165 -42.88 4.79 -12.21
C PRO D 165 -42.35 5.78 -11.24
N MET D 166 -41.42 5.32 -10.45
CA MET D 166 -40.77 6.17 -9.47
C MET D 166 -39.53 6.83 -10.03
N LEU D 167 -39.43 8.12 -9.74
CA LEU D 167 -38.32 8.90 -10.22
C LEU D 167 -37.11 8.68 -9.38
N SER D 168 -35.95 8.87 -10.00
CA SER D 168 -34.69 8.61 -9.38
C SER D 168 -34.52 9.43 -8.11
N THR D 169 -34.95 10.66 -8.15
CA THR D 169 -34.89 11.53 -6.99
C THR D 169 -35.69 10.94 -5.79
N ASP D 170 -36.86 10.37 -6.09
CA ASP D 170 -37.71 9.75 -5.06
C ASP D 170 -37.04 8.57 -4.37
N VAL D 171 -36.35 7.76 -5.15
CA VAL D 171 -35.68 6.61 -4.60
C VAL D 171 -34.58 7.02 -3.66
N ARG D 172 -33.82 8.02 -4.08
CA ARG D 172 -32.67 8.48 -3.29
C ARG D 172 -33.13 9.10 -2.01
N MET D 173 -34.29 9.74 -2.05
CA MET D 173 -34.89 10.31 -0.85
C MET D 173 -35.24 9.21 0.11
N ILE D 174 -35.77 8.11 -0.40
CA ILE D 174 -36.12 6.97 0.44
C ILE D 174 -34.89 6.33 1.05
N ALA D 175 -33.83 6.18 0.25
CA ALA D 175 -32.58 5.63 0.75
C ALA D 175 -32.00 6.49 1.87
N ASN D 176 -31.97 7.82 1.65
CA ASN D 176 -31.50 8.76 2.71
C ASN D 176 -32.43 8.71 3.91
N GLU D 177 -33.76 8.61 3.69
CA GLU D 177 -34.73 8.49 4.82
C GLU D 177 -34.27 7.32 5.68
N ILE D 178 -33.91 6.21 5.00
CA ILE D 178 -33.48 4.97 5.66
C ILE D 178 -32.13 5.10 6.36
N ILE D 179 -31.18 5.71 5.69
CA ILE D 179 -29.86 5.90 6.28
C ILE D 179 -29.95 6.80 7.53
N ASN D 180 -30.76 7.85 7.45
CA ASN D 180 -30.98 8.77 8.56
C ASN D 180 -31.58 8.06 9.71
N ALA D 181 -32.49 7.14 9.40
CA ALA D 181 -33.26 6.45 10.41
C ALA D 181 -32.43 5.54 11.31
N VAL D 182 -31.23 5.17 10.87
CA VAL D 182 -30.35 4.30 11.67
C VAL D 182 -30.04 4.96 13.05
N ARG D 183 -29.77 6.26 13.05
CA ARG D 183 -29.52 7.00 14.31
C ARG D 183 -30.82 7.08 15.18
N LEU D 184 -31.94 7.31 14.50
CA LEU D 184 -33.24 7.50 15.14
C LEU D 184 -33.92 6.23 15.64
N ILE D 185 -33.82 5.07 14.97
CA ILE D 185 -34.46 3.83 15.45
C ILE D 185 -33.40 2.88 16.02
N LYS D 186 -33.64 2.43 17.25
CA LYS D 186 -32.70 1.56 17.97
C LYS D 186 -32.71 0.15 17.40
N GLY D 187 -31.56 -0.49 17.56
CA GLY D 187 -31.35 -1.87 17.10
C GLY D 187 -31.24 -1.86 15.59
N SER D 188 -30.79 -0.71 15.06
CA SER D 188 -30.58 -0.48 13.61
C SER D 188 -29.17 -0.05 13.34
N PHE D 189 -28.60 -0.60 12.30
CA PHE D 189 -27.19 -0.37 11.98
C PHE D 189 -26.90 -0.75 10.57
N VAL D 190 -25.78 -0.24 10.05
CA VAL D 190 -25.33 -0.54 8.71
C VAL D 190 -24.60 -1.88 8.82
N GLU D 191 -25.14 -2.94 8.21
CA GLU D 191 -24.52 -4.26 8.32
C GLU D 191 -23.19 -4.23 7.65
N ILE D 192 -23.17 -3.68 6.43
CA ILE D 192 -21.97 -3.57 5.64
C ILE D 192 -22.18 -2.60 4.47
N GLU D 193 -21.18 -1.77 4.27
CA GLU D 193 -21.23 -0.80 3.20
C GLU D 193 -20.13 -1.19 2.29
N ARG D 194 -20.50 -1.54 1.07
CA ARG D 194 -19.52 -1.97 0.08
C ARG D 194 -19.52 -0.79 -0.87
N ARG D 195 -18.69 -0.88 -1.87
CA ARG D 195 -18.57 0.21 -2.80
C ARG D 195 -19.85 0.56 -3.52
N GLY D 196 -20.53 -0.44 -4.04
CA GLY D 196 -21.80 -0.19 -4.74
C GLY D 196 -23.10 -0.64 -4.06
N SER D 197 -22.96 -1.18 -2.86
CA SER D 197 -24.05 -1.76 -2.17
C SER D 197 -23.99 -1.42 -0.69
N LEU D 198 -25.18 -1.35 -0.09
CA LEU D 198 -25.32 -1.02 1.32
C LEU D 198 -26.33 -1.98 1.86
N ILE D 199 -26.02 -2.64 2.96
CA ILE D 199 -26.99 -3.51 3.59
C ILE D 199 -27.27 -3.02 4.97
N ILE D 200 -28.55 -2.84 5.29
CA ILE D 200 -28.98 -2.25 6.56
C ILE D 200 -29.98 -3.06 7.37
N GLN D 201 -29.83 -2.99 8.68
CA GLN D 201 -30.78 -3.56 9.61
C GLN D 201 -31.52 -2.38 10.18
N LEU D 202 -32.81 -2.32 9.88
CA LEU D 202 -33.64 -1.25 10.40
C LEU D 202 -34.80 -1.80 11.12
N GLY D 203 -34.71 -1.80 12.46
CA GLY D 203 -35.72 -2.44 13.26
C GLY D 203 -35.99 -3.85 12.73
N ASN D 204 -37.22 -4.12 12.37
CA ASN D 204 -37.59 -5.43 11.79
C ASN D 204 -37.07 -5.65 10.34
N TYR D 205 -36.92 -4.57 9.65
CA TYR D 205 -36.70 -4.66 8.23
C TYR D 205 -35.23 -4.88 7.93
N ARG D 206 -35.00 -5.63 6.87
CA ARG D 206 -33.70 -5.76 6.32
C ARG D 206 -33.66 -5.06 4.98
N VAL D 207 -32.69 -4.17 4.82
CA VAL D 207 -32.66 -3.31 3.65
C VAL D 207 -31.43 -3.53 2.82
N VAL D 208 -31.61 -3.68 1.52
CA VAL D 208 -30.52 -3.77 0.58
C VAL D 208 -30.63 -2.63 -0.39
N ILE D 209 -29.57 -1.84 -0.48
CA ILE D 209 -29.51 -0.77 -1.45
C ILE D 209 -28.35 -0.97 -2.46
N THR D 210 -28.61 -0.80 -3.75
CA THR D 210 -27.54 -0.83 -4.77
C THR D 210 -27.59 0.41 -5.58
N ARG D 211 -26.43 0.82 -6.06
CA ARG D 211 -26.35 2.03 -6.85
C ARG D 211 -25.43 1.93 -8.05
N PRO D 212 -25.66 2.79 -9.06
CA PRO D 212 -24.68 2.84 -10.13
C PRO D 212 -23.29 3.20 -9.66
N PRO D 213 -22.29 2.71 -10.34
CA PRO D 213 -22.41 1.91 -11.54
C PRO D 213 -22.57 0.40 -11.30
N LEU D 214 -22.54 -0.06 -10.06
CA LEU D 214 -22.64 -1.48 -9.78
C LEU D 214 -23.91 -1.95 -10.44
N SER D 215 -24.99 -1.20 -10.20
CA SER D 215 -26.29 -1.53 -10.77
C SER D 215 -26.68 -0.44 -11.73
N ASP D 216 -27.50 -0.77 -12.70
CA ASP D 216 -27.95 0.22 -13.72
C ASP D 216 -28.76 1.39 -13.22
N GLY D 217 -29.44 1.19 -12.12
CA GLY D 217 -30.12 2.26 -11.43
C GLY D 217 -30.10 2.02 -9.93
N TRP D 218 -30.57 3.02 -9.20
CA TRP D 218 -30.74 2.88 -7.74
C TRP D 218 -31.82 1.87 -7.44
N GLU D 219 -31.52 0.92 -6.58
CA GLU D 219 -32.49 -0.10 -6.20
C GLU D 219 -32.49 -0.30 -4.72
N ILE D 220 -33.68 -0.45 -4.16
CA ILE D 220 -33.84 -0.70 -2.73
C ILE D 220 -34.77 -1.87 -2.56
N THR D 221 -34.37 -2.85 -1.76
CA THR D 221 -35.28 -3.97 -1.42
C THR D 221 -35.35 -3.99 0.07
N ILE D 222 -36.59 -4.02 0.54
CA ILE D 222 -36.85 -4.04 1.97
C ILE D 222 -37.64 -5.28 2.28
N THR D 223 -37.12 -6.08 3.19
CA THR D 223 -37.80 -7.32 3.55
C THR D 223 -38.03 -7.41 5.04
N ARG D 224 -39.14 -8.08 5.34
CA ARG D 224 -39.67 -8.23 6.68
C ARG D 224 -38.92 -9.42 7.20
N PRO D 225 -38.71 -9.46 8.53
CA PRO D 225 -37.96 -10.62 8.98
C PRO D 225 -38.77 -11.91 8.88
N VAL D 226 -38.05 -12.99 8.67
CA VAL D 226 -38.63 -14.33 8.70
C VAL D 226 -38.93 -14.71 10.14
N VAL D 227 -39.88 -15.60 10.35
CA VAL D 227 -40.25 -16.02 11.70
C VAL D 227 -39.02 -16.68 12.32
N ARG D 228 -38.63 -16.26 13.52
CA ARG D 228 -37.52 -16.92 14.20
C ARG D 228 -37.99 -18.31 14.54
N LYS D 229 -37.11 -19.28 14.37
CA LYS D 229 -37.41 -20.65 14.57
C LYS D 229 -36.69 -21.14 15.81
N ARG D 230 -37.42 -21.66 16.79
CA ARG D 230 -36.78 -22.26 17.96
C ARG D 230 -36.13 -23.59 17.60
N LEU D 231 -35.21 -24.08 18.42
CA LEU D 231 -34.62 -25.38 18.17
C LEU D 231 -35.64 -26.48 18.29
N GLU D 232 -36.55 -26.36 19.24
CA GLU D 232 -37.61 -27.36 19.45
C GLU D 232 -38.52 -27.50 18.24
N ASP D 233 -38.71 -26.42 17.50
CA ASP D 233 -39.46 -26.47 16.25
C ASP D 233 -38.87 -27.37 15.18
N TYR D 234 -37.59 -27.61 15.24
CA TYR D 234 -36.89 -28.60 14.35
C TYR D 234 -37.19 -30.10 14.57
N ASN D 235 -37.58 -30.40 15.79
CA ASN D 235 -37.94 -31.77 16.21
C ASN D 235 -36.82 -32.75 15.92
N LEU D 236 -35.71 -32.49 16.59
CA LEU D 236 -34.52 -33.24 16.36
C LEU D 236 -34.56 -34.56 17.07
N ASP D 237 -33.76 -35.49 16.54
CA ASP D 237 -33.60 -36.82 17.09
C ASP D 237 -33.08 -36.68 18.47
N GLU D 238 -33.55 -37.51 19.36
CA GLU D 238 -33.07 -37.49 20.73
C GLU D 238 -31.58 -37.70 20.82
N ARG D 239 -31.06 -38.58 19.99
CA ARG D 239 -29.64 -38.86 19.94
C ARG D 239 -28.88 -37.54 19.76
N LEU D 240 -29.35 -36.73 18.81
CA LEU D 240 -28.69 -35.52 18.47
C LEU D 240 -28.79 -34.49 19.60
N ILE D 241 -29.97 -34.32 20.14
CA ILE D 241 -30.16 -33.39 21.25
C ILE D 241 -29.29 -33.76 22.46
N LYS D 242 -29.23 -35.04 22.79
CA LYS D 242 -28.40 -35.46 23.86
C LYS D 242 -26.95 -35.09 23.55
N ARG D 243 -26.52 -35.30 22.33
CA ARG D 243 -25.13 -35.01 21.95
C ARG D 243 -24.82 -33.54 22.10
N LEU D 244 -25.72 -32.71 21.58
CA LEU D 244 -25.56 -31.26 21.66
C LEU D 244 -25.50 -30.75 23.07
N GLU D 245 -26.36 -31.30 23.90
CA GLU D 245 -26.41 -30.94 25.28
C GLU D 245 -25.21 -31.40 26.06
N GLU D 246 -24.77 -32.60 25.83
CA GLU D 246 -23.78 -33.23 26.67
C GLU D 246 -22.36 -33.55 26.13
N ARG D 247 -22.17 -33.65 24.82
CA ARG D 247 -20.84 -34.00 24.29
C ARG D 247 -20.24 -33.10 23.21
N ALA D 248 -21.05 -32.41 22.45
CA ALA D 248 -20.57 -31.73 21.28
C ALA D 248 -19.87 -30.45 21.64
N GLU D 249 -18.62 -30.31 21.23
CA GLU D 249 -17.89 -29.06 21.47
C GLU D 249 -17.38 -28.35 20.19
N GLY D 250 -17.05 -29.07 19.16
CA GLY D 250 -16.70 -28.45 17.89
C GLY D 250 -17.67 -28.85 16.77
N ILE D 251 -18.51 -27.92 16.38
CA ILE D 251 -19.58 -28.22 15.50
C ILE D 251 -19.49 -27.48 14.23
N ILE D 252 -19.99 -28.10 13.17
CA ILE D 252 -20.11 -27.47 11.87
C ILE D 252 -21.53 -27.68 11.41
N ILE D 253 -22.18 -26.63 10.98
CA ILE D 253 -23.50 -26.73 10.44
C ILE D 253 -23.31 -26.50 8.98
N ALA D 254 -23.71 -27.44 8.15
CA ALA D 254 -23.55 -27.28 6.69
C ALA D 254 -24.87 -27.37 5.96
N GLY D 255 -25.01 -26.48 5.00
CA GLY D 255 -26.19 -26.42 4.17
C GLY D 255 -26.01 -25.37 3.08
N ALA D 256 -26.76 -25.53 1.99
CA ALA D 256 -26.62 -24.62 0.83
C ALA D 256 -27.28 -23.32 1.22
N PRO D 257 -27.01 -22.24 0.49
CA PRO D 257 -27.75 -21.05 0.85
C PRO D 257 -29.27 -21.24 0.66
N GLY D 258 -30.03 -20.71 1.60
CA GLY D 258 -31.49 -20.81 1.58
C GLY D 258 -31.97 -22.15 2.07
N MET D 259 -31.05 -23.06 2.34
CA MET D 259 -31.43 -24.35 2.86
C MET D 259 -31.67 -24.29 4.36
N GLY D 260 -31.36 -23.13 4.97
CA GLY D 260 -31.61 -22.92 6.41
C GLY D 260 -30.47 -23.10 7.38
N ALA D 261 -29.25 -23.22 6.88
CA ALA D 261 -28.10 -23.55 7.76
C ALA D 261 -27.84 -22.45 8.77
N THR D 262 -27.87 -21.22 8.30
CA THR D 262 -27.65 -20.09 9.20
C THR D 262 -28.78 -20.02 10.25
N THR D 263 -30.02 -20.22 9.82
CA THR D 263 -31.20 -20.14 10.69
C THR D 263 -31.15 -21.22 11.77
N PHE D 264 -30.64 -22.38 11.41
CA PHE D 264 -30.48 -23.43 12.37
C PHE D 264 -29.47 -23.02 13.43
N ALA D 265 -28.35 -22.46 12.97
CA ALA D 265 -27.25 -22.11 13.86
C ALA D 265 -27.72 -21.05 14.82
N GLN D 266 -28.53 -20.15 14.30
CA GLN D 266 -29.13 -19.14 15.13
C GLN D 266 -29.94 -19.80 16.26
N ALA D 267 -30.74 -20.81 15.89
CA ALA D 267 -31.59 -21.53 16.81
C ALA D 267 -30.76 -22.24 17.85
N LEU D 268 -29.67 -22.85 17.41
CA LEU D 268 -28.82 -23.58 18.31
C LEU D 268 -28.21 -22.64 19.29
N ALA D 269 -27.83 -21.49 18.78
CA ALA D 269 -27.17 -20.52 19.66
C ALA D 269 -28.10 -20.08 20.76
N GLU D 270 -29.34 -19.80 20.40
CA GLU D 270 -30.35 -19.39 21.36
C GLU D 270 -30.63 -20.50 22.36
N TYR D 271 -30.62 -21.75 21.88
CA TYR D 271 -30.82 -22.90 22.73
C TYR D 271 -29.76 -22.98 23.78
N TYR D 272 -28.53 -22.80 23.35
CA TYR D 272 -27.40 -22.90 24.26
C TYR D 272 -27.44 -21.82 25.30
N MET D 273 -27.88 -20.64 24.88
CA MET D 273 -27.97 -19.55 25.80
C MET D 273 -28.98 -19.87 26.89
N ARG D 274 -30.09 -20.42 26.47
CA ARG D 274 -31.15 -20.79 27.37
C ARG D 274 -30.70 -21.84 28.34
N LEU D 275 -29.76 -22.69 27.95
CA LEU D 275 -29.20 -23.70 28.84
C LEU D 275 -28.24 -23.09 29.80
N GLY D 276 -28.00 -21.78 29.75
CA GLY D 276 -27.09 -21.12 30.71
C GLY D 276 -25.65 -21.13 30.27
N LYS D 277 -25.45 -21.28 28.98
CA LYS D 277 -24.13 -21.16 28.36
C LYS D 277 -23.90 -19.74 27.89
N ILE D 278 -22.64 -19.36 27.83
CA ILE D 278 -22.28 -18.06 27.33
C ILE D 278 -22.01 -18.24 25.83
N VAL D 279 -22.76 -17.51 25.03
CA VAL D 279 -22.65 -17.60 23.63
C VAL D 279 -22.31 -16.27 22.99
N LYS D 280 -21.50 -16.33 21.94
CA LYS D 280 -21.15 -15.17 21.16
C LYS D 280 -21.22 -15.57 19.75
N THR D 281 -21.30 -14.59 18.86
CA THR D 281 -21.22 -14.89 17.45
C THR D 281 -20.21 -14.05 16.74
N ILE D 282 -19.69 -14.60 15.65
CA ILE D 282 -18.87 -13.85 14.65
C ILE D 282 -19.59 -13.86 13.33
N GLU D 283 -19.92 -12.74 12.77
CA GLU D 283 -20.72 -12.77 11.58
C GLU D 283 -20.27 -11.81 10.55
N SER D 284 -20.60 -12.13 9.30
CA SER D 284 -20.26 -11.29 8.18
C SER D 284 -21.22 -11.46 6.97
N PRO D 285 -22.16 -10.53 6.83
CA PRO D 285 -22.32 -9.45 7.80
C PRO D 285 -23.15 -9.88 9.01
N ARG D 286 -23.28 -8.98 9.97
CA ARG D 286 -24.08 -9.25 11.12
C ARG D 286 -25.56 -9.13 10.79
N ASP D 287 -26.26 -10.26 10.82
CA ASP D 287 -27.68 -10.27 10.49
C ASP D 287 -28.58 -11.13 11.35
N MET D 288 -28.00 -12.03 12.12
CA MET D 288 -28.77 -12.88 12.98
C MET D 288 -29.57 -12.09 14.01
N HIS D 289 -30.73 -12.61 14.34
CA HIS D 289 -31.62 -11.98 15.29
C HIS D 289 -31.57 -12.77 16.56
N LEU D 290 -30.89 -12.20 17.55
CA LEU D 290 -30.67 -12.90 18.78
C LEU D 290 -30.92 -12.01 19.93
N PRO D 291 -31.26 -12.58 21.08
CA PRO D 291 -31.39 -11.69 22.23
C PRO D 291 -30.09 -11.09 22.74
N PRO D 292 -30.16 -10.05 23.62
CA PRO D 292 -28.90 -9.36 23.99
C PRO D 292 -27.95 -10.19 24.82
N GLU D 293 -28.47 -11.24 25.44
CA GLU D 293 -27.67 -12.09 26.24
C GLU D 293 -26.58 -12.70 25.36
N ILE D 294 -26.84 -12.80 24.05
CA ILE D 294 -25.82 -13.27 23.11
C ILE D 294 -25.16 -12.14 22.35
N THR D 295 -23.84 -12.03 22.50
CA THR D 295 -23.14 -10.93 21.94
C THR D 295 -22.80 -11.27 20.48
N GLN D 296 -23.02 -10.32 19.60
CA GLN D 296 -22.71 -10.53 18.21
C GLN D 296 -21.57 -9.58 17.74
N TYR D 297 -20.49 -10.18 17.24
CA TYR D 297 -19.41 -9.43 16.68
C TYR D 297 -19.52 -9.35 15.17
N SER D 298 -19.36 -8.18 14.62
CA SER D 298 -19.33 -7.98 13.18
C SER D 298 -17.91 -8.07 12.65
N LYS D 299 -17.58 -9.16 12.01
CA LYS D 299 -16.25 -9.43 11.57
C LYS D 299 -15.72 -8.43 10.57
N ASN D 300 -16.57 -7.94 9.68
CA ASN D 300 -16.16 -6.93 8.71
C ASN D 300 -15.70 -5.62 9.39
N TYR D 301 -16.04 -5.39 10.64
CA TYR D 301 -15.54 -4.23 11.37
C TYR D 301 -14.40 -4.53 12.34
N ALA D 302 -13.86 -5.74 12.30
CA ALA D 302 -12.80 -6.11 13.22
C ALA D 302 -11.42 -6.06 12.61
N GLU D 303 -10.46 -5.59 13.39
CA GLU D 303 -9.05 -5.52 12.96
C GLU D 303 -8.46 -6.88 13.06
N ILE D 304 -7.28 -7.03 12.47
CA ILE D 304 -6.59 -8.29 12.49
C ILE D 304 -6.22 -8.66 13.91
N GLY D 305 -6.58 -9.88 14.26
CA GLY D 305 -6.33 -10.46 15.56
C GLY D 305 -7.22 -9.98 16.70
N GLU D 306 -8.08 -8.97 16.41
CA GLU D 306 -8.92 -8.34 17.41
C GLU D 306 -9.86 -9.36 18.03
N LEU D 307 -10.60 -10.05 17.20
CA LEU D 307 -11.53 -11.06 17.70
C LEU D 307 -10.89 -12.18 18.45
N HIS D 308 -9.75 -12.62 17.92
CA HIS D 308 -8.99 -13.70 18.56
C HIS D 308 -8.67 -13.36 20.03
N ASP D 309 -8.17 -12.14 20.25
CA ASP D 309 -7.80 -11.71 21.59
C ASP D 309 -9.00 -11.53 22.47
N ILE D 310 -10.05 -10.95 21.92
CA ILE D 310 -11.24 -10.70 22.73
C ILE D 310 -11.85 -12.00 23.20
N LEU D 311 -11.99 -12.93 22.28
CA LEU D 311 -12.58 -14.18 22.58
C LEU D 311 -11.76 -15.02 23.52
N LEU D 312 -10.47 -14.97 23.42
CA LEU D 312 -9.62 -15.72 24.38
C LEU D 312 -9.57 -15.13 25.76
N LEU D 313 -9.75 -13.84 25.87
CA LEU D 313 -9.85 -13.23 27.19
C LEU D 313 -11.22 -13.38 27.85
N SER D 314 -12.27 -13.30 27.05
CA SER D 314 -13.64 -13.48 27.50
C SER D 314 -13.95 -14.91 27.84
N ARG D 315 -13.53 -15.81 26.96
CA ARG D 315 -13.75 -17.27 27.06
C ARG D 315 -15.22 -17.71 27.09
N PRO D 316 -15.89 -17.65 25.97
CA PRO D 316 -17.26 -18.05 26.03
C PRO D 316 -17.41 -19.54 25.89
N ASP D 317 -18.59 -20.08 26.12
CA ASP D 317 -18.84 -21.50 26.02
C ASP D 317 -18.99 -21.94 24.60
N TYR D 318 -19.63 -21.10 23.78
CA TYR D 318 -19.78 -21.39 22.36
C TYR D 318 -19.69 -20.10 21.59
N THR D 319 -19.02 -20.17 20.48
CA THR D 319 -18.92 -19.08 19.57
C THR D 319 -19.41 -19.57 18.24
N VAL D 320 -20.30 -18.82 17.63
CA VAL D 320 -20.88 -19.23 16.39
C VAL D 320 -20.24 -18.48 15.33
N TYR D 321 -19.60 -19.18 14.42
CA TYR D 321 -18.90 -18.51 13.35
C TYR D 321 -19.71 -18.69 12.11
N ASP D 322 -20.31 -17.63 11.64
CA ASP D 322 -21.23 -17.69 10.50
C ASP D 322 -20.53 -17.35 9.21
N GLU D 323 -20.81 -18.17 8.24
CA GLU D 323 -20.14 -18.10 6.97
C GLU D 323 -18.64 -18.12 7.20
N MET D 324 -18.11 -19.32 7.42
CA MET D 324 -16.72 -19.61 7.32
C MET D 324 -16.36 -19.85 5.87
N ARG D 325 -15.55 -18.97 5.34
CA ARG D 325 -15.08 -19.12 3.94
C ARG D 325 -13.59 -18.99 3.79
N ASN D 326 -13.02 -18.06 4.52
CA ASN D 326 -11.60 -17.78 4.44
C ASN D 326 -10.68 -18.62 5.29
N ASP D 327 -9.46 -18.70 4.86
CA ASP D 327 -8.46 -19.44 5.61
C ASP D 327 -8.42 -18.89 7.04
N GLU D 328 -8.54 -17.58 7.19
CA GLU D 328 -8.41 -16.94 8.51
C GLU D 328 -9.51 -17.44 9.42
N ASP D 329 -10.68 -17.66 8.84
CA ASP D 329 -11.83 -18.10 9.57
C ASP D 329 -11.56 -19.47 10.17
N PHE D 330 -11.02 -20.38 9.36
CA PHE D 330 -10.68 -21.73 9.83
C PHE D 330 -9.54 -21.70 10.83
N LYS D 331 -8.58 -20.81 10.65
CA LYS D 331 -7.47 -20.68 11.59
C LYS D 331 -8.02 -20.25 12.97
N LEU D 332 -8.91 -19.26 12.95
CA LEU D 332 -9.50 -18.77 14.20
C LEU D 332 -10.37 -19.82 14.90
N TYR D 333 -11.07 -20.60 14.10
CA TYR D 333 -11.83 -21.70 14.65
C TYR D 333 -10.92 -22.67 15.37
N VAL D 334 -9.83 -23.01 14.73
CA VAL D 334 -8.89 -23.96 15.35
C VAL D 334 -8.25 -23.39 16.62
N ASP D 335 -7.83 -22.11 16.54
CA ASP D 335 -7.23 -21.46 17.68
C ASP D 335 -8.19 -21.55 18.89
N LEU D 336 -9.45 -21.18 18.67
CA LEU D 336 -10.42 -21.18 19.72
C LEU D 336 -10.68 -22.55 20.28
N ARG D 337 -10.75 -23.53 19.39
CA ARG D 337 -11.01 -24.91 19.82
C ARG D 337 -9.92 -25.40 20.72
N LEU D 338 -8.69 -25.06 20.36
CA LEU D 338 -7.55 -25.51 21.11
C LEU D 338 -7.52 -24.88 22.46
N ALA D 339 -8.08 -23.69 22.51
CA ALA D 339 -8.20 -22.95 23.76
C ALA D 339 -9.36 -23.44 24.62
N GLY D 340 -10.11 -24.42 24.15
CA GLY D 340 -11.21 -24.96 24.91
C GLY D 340 -12.52 -24.22 24.71
N VAL D 341 -12.60 -23.38 23.69
CA VAL D 341 -13.83 -22.73 23.38
C VAL D 341 -14.68 -23.57 22.42
N GLY D 342 -15.97 -23.66 22.69
CA GLY D 342 -16.87 -24.43 21.86
C GLY D 342 -17.19 -23.62 20.66
N MET D 343 -17.40 -24.30 19.53
CA MET D 343 -17.69 -23.62 18.26
C MET D 343 -18.85 -24.20 17.55
N VAL D 344 -19.55 -23.33 16.87
CA VAL D 344 -20.59 -23.72 15.95
C VAL D 344 -20.26 -23.00 14.68
N GLY D 345 -19.81 -23.71 13.66
CA GLY D 345 -19.35 -23.09 12.44
C GLY D 345 -20.29 -23.36 11.31
N VAL D 346 -20.62 -22.35 10.54
CA VAL D 346 -21.54 -22.52 9.43
C VAL D 346 -20.75 -22.52 8.18
N VAL D 347 -20.86 -23.58 7.43
CA VAL D 347 -20.20 -23.67 6.13
C VAL D 347 -21.29 -23.86 5.15
N HIS D 348 -21.41 -22.94 4.18
CA HIS D 348 -22.55 -22.91 3.25
C HIS D 348 -22.30 -23.69 2.00
N ALA D 349 -22.33 -24.97 2.21
CA ALA D 349 -22.04 -25.94 1.21
C ALA D 349 -22.84 -27.11 1.70
N THR D 350 -23.16 -28.02 0.79
CA THR D 350 -23.94 -29.20 1.17
C THR D 350 -23.03 -30.38 1.57
N SER D 351 -21.73 -30.29 1.32
CA SER D 351 -20.76 -31.33 1.61
C SER D 351 -19.72 -30.62 2.48
N PRO D 352 -19.43 -31.09 3.72
CA PRO D 352 -18.44 -30.40 4.53
C PRO D 352 -17.06 -30.93 4.21
N ILE D 353 -16.93 -31.77 3.19
CA ILE D 353 -15.70 -32.48 2.94
C ILE D 353 -14.66 -31.43 2.64
N ASP D 354 -15.08 -30.34 2.03
CA ASP D 354 -14.21 -29.19 1.87
C ASP D 354 -13.67 -28.69 3.20
N ALA D 355 -14.59 -28.54 4.13
CA ALA D 355 -14.27 -28.05 5.46
C ALA D 355 -13.34 -29.00 6.20
N ILE D 356 -13.64 -30.27 6.09
CA ILE D 356 -12.86 -31.26 6.76
C ILE D 356 -11.47 -31.13 6.20
N HIS D 357 -11.39 -30.94 4.88
CA HIS D 357 -10.13 -30.78 4.17
C HIS D 357 -9.34 -29.66 4.80
N ARG D 358 -10.02 -28.55 5.07
CA ARG D 358 -9.36 -27.36 5.64
C ARG D 358 -8.86 -27.54 7.05
N PHE D 359 -9.64 -28.24 7.84
CA PHE D 359 -9.27 -28.64 9.20
C PHE D 359 -8.14 -29.67 9.23
N VAL D 360 -8.17 -30.62 8.30
CA VAL D 360 -7.25 -31.79 8.28
C VAL D 360 -5.79 -31.37 8.12
N ASN D 361 -5.53 -30.35 7.31
CA ASN D 361 -4.14 -29.87 7.05
C ASN D 361 -3.50 -29.20 8.27
N ARG D 362 -4.33 -28.47 8.99
CA ARG D 362 -3.93 -27.63 10.11
C ARG D 362 -3.48 -28.33 11.39
N VAL D 363 -3.97 -29.54 11.61
CA VAL D 363 -3.67 -30.28 12.83
C VAL D 363 -3.35 -31.74 12.64
N ASP D 364 -2.71 -32.27 13.66
CA ASP D 364 -2.44 -33.68 13.72
C ASP D 364 -3.74 -34.45 13.65
N ILE D 365 -3.66 -35.61 13.03
CA ILE D 365 -4.80 -36.49 12.91
C ILE D 365 -5.37 -36.85 14.25
N GLY D 366 -4.48 -37.22 15.17
CA GLY D 366 -4.90 -37.52 16.54
C GLY D 366 -5.68 -36.39 17.21
N THR D 367 -5.34 -35.15 16.85
CA THR D 367 -6.01 -33.94 17.35
C THR D 367 -7.34 -33.56 16.63
N ILE D 368 -7.65 -34.12 15.48
CA ILE D 368 -8.82 -33.68 14.70
C ILE D 368 -10.15 -33.75 15.44
N PRO D 369 -10.44 -34.81 16.16
CA PRO D 369 -11.70 -34.85 16.86
C PRO D 369 -11.81 -33.77 17.94
N ASN D 370 -10.69 -33.33 18.47
CA ASN D 370 -10.70 -32.20 19.36
C ASN D 370 -11.07 -30.92 18.72
N ILE D 371 -10.76 -30.78 17.46
CA ILE D 371 -11.21 -29.62 16.72
C ILE D 371 -12.65 -29.75 16.28
N LEU D 372 -12.97 -30.88 15.64
CA LEU D 372 -14.32 -31.11 15.09
C LEU D 372 -14.90 -32.39 15.60
N ASP D 373 -16.09 -32.37 16.18
CA ASP D 373 -16.61 -33.63 16.64
C ASP D 373 -17.95 -33.94 15.97
N THR D 374 -18.68 -32.94 15.50
CA THR D 374 -20.00 -33.14 15.01
C THR D 374 -20.27 -32.29 13.81
N ILE D 375 -20.90 -32.85 12.80
CA ILE D 375 -21.26 -32.10 11.63
C ILE D 375 -22.71 -32.30 11.42
N ILE D 376 -23.43 -31.20 11.29
CA ILE D 376 -24.89 -31.26 11.05
C ILE D 376 -25.25 -30.75 9.66
N PHE D 377 -25.96 -31.56 8.90
CA PHE D 377 -26.33 -31.21 7.54
C PHE D 377 -27.74 -30.67 7.50
N ILE D 378 -27.95 -29.56 6.79
CA ILE D 378 -29.27 -28.99 6.68
C ILE D 378 -29.77 -29.01 5.24
N ASN D 379 -31.01 -29.47 5.10
CA ASN D 379 -31.77 -29.38 3.84
C ASN D 379 -33.17 -28.96 4.02
N SER D 380 -33.58 -28.00 3.23
CA SER D 380 -34.94 -27.54 3.26
C SER D 380 -35.43 -27.23 4.68
N GLY D 381 -34.58 -26.66 5.51
CA GLY D 381 -34.95 -26.29 6.88
C GLY D 381 -35.01 -27.38 7.92
N ASN D 382 -34.46 -28.52 7.59
CA ASN D 382 -34.42 -29.63 8.52
C ASN D 382 -33.06 -30.30 8.50
N VAL D 383 -32.79 -31.11 9.52
CA VAL D 383 -31.51 -31.83 9.55
C VAL D 383 -31.54 -33.13 8.73
N SER D 384 -30.82 -33.14 7.62
CA SER D 384 -30.70 -34.30 6.72
C SER D 384 -29.95 -35.43 7.34
N LYS D 385 -28.83 -35.10 7.97
CA LYS D 385 -27.89 -36.09 8.39
C LYS D 385 -27.00 -35.52 9.50
N VAL D 386 -26.37 -36.36 10.29
CA VAL D 386 -25.40 -35.90 11.25
C VAL D 386 -24.20 -36.82 11.30
N TYR D 387 -23.01 -36.26 11.39
CA TYR D 387 -21.79 -37.05 11.37
C TYR D 387 -21.11 -36.83 12.66
N THR D 388 -20.32 -37.80 13.07
CA THR D 388 -19.56 -37.70 14.24
C THR D 388 -18.14 -38.03 13.91
N LEU D 389 -17.19 -37.50 14.66
CA LEU D 389 -15.77 -37.76 14.45
C LEU D 389 -15.15 -38.32 15.69
N GLU D 390 -14.38 -39.37 15.51
CA GLU D 390 -13.69 -39.97 16.64
C GLU D 390 -12.45 -40.56 16.14
N MET D 391 -11.51 -40.72 17.04
CA MET D 391 -10.21 -41.25 16.69
C MET D 391 -10.07 -42.63 17.25
N THR D 392 -9.71 -43.56 16.38
CA THR D 392 -9.46 -44.95 16.69
C THR D 392 -8.19 -45.39 16.01
N VAL D 393 -7.48 -46.34 16.65
CA VAL D 393 -6.29 -46.97 16.08
C VAL D 393 -6.66 -48.38 15.59
N LYS D 394 -6.69 -48.53 14.28
CA LYS D 394 -7.13 -49.69 13.65
C LYS D 394 -6.51 -49.69 12.25
N VAL D 395 -6.50 -50.86 11.59
CA VAL D 395 -5.92 -50.94 10.23
C VAL D 395 -6.90 -50.14 9.41
N PRO D 396 -6.42 -49.17 8.59
CA PRO D 396 -7.43 -48.45 7.83
C PRO D 396 -8.31 -49.43 7.10
N ALA D 397 -9.61 -49.18 7.12
CA ALA D 397 -10.56 -50.14 6.54
C ALA D 397 -10.37 -50.32 5.04
N GLY D 398 -10.00 -49.22 4.37
CA GLY D 398 -9.72 -49.26 2.94
C GLY D 398 -8.62 -50.25 2.58
N LEU D 399 -7.66 -50.43 3.49
CA LEU D 399 -6.64 -51.48 3.35
C LEU D 399 -7.23 -52.90 3.68
N LYS D 400 -6.57 -53.91 3.10
CA LYS D 400 -6.83 -55.36 3.19
C LYS D 400 -5.86 -56.01 4.21
N GLU D 401 -5.46 -55.20 5.20
CA GLU D 401 -4.39 -55.50 6.21
C GLU D 401 -2.99 -55.38 5.56
N ALA D 402 -2.93 -54.63 4.45
CA ALA D 402 -1.70 -54.45 3.66
C ALA D 402 -0.59 -53.74 4.45
N ASP D 403 -1.00 -52.74 5.23
CA ASP D 403 -0.11 -51.99 6.10
C ASP D 403 -0.52 -52.15 7.56
N LEU D 404 0.39 -51.85 8.46
CA LEU D 404 0.05 -51.80 9.89
C LEU D 404 -1.02 -50.71 10.18
N ALA D 405 -1.87 -51.02 11.14
CA ALA D 405 -2.89 -50.10 11.66
C ALA D 405 -2.27 -48.85 12.33
N ARG D 406 -2.82 -47.67 12.05
CA ARG D 406 -2.31 -46.34 12.53
C ARG D 406 -3.49 -45.61 13.17
N PRO D 407 -3.30 -44.48 13.93
CA PRO D 407 -4.54 -43.90 14.42
C PRO D 407 -5.35 -43.34 13.23
N VAL D 408 -6.65 -43.60 13.26
CA VAL D 408 -7.56 -43.21 12.23
C VAL D 408 -8.73 -42.48 12.80
N VAL D 409 -9.21 -41.50 12.06
CA VAL D 409 -10.39 -40.80 12.44
C VAL D 409 -11.51 -41.31 11.64
N GLU D 410 -12.54 -41.79 12.32
CA GLU D 410 -13.69 -42.35 11.66
C GLU D 410 -14.81 -41.33 11.71
N ILE D 411 -15.38 -41.05 10.55
CA ILE D 411 -16.55 -40.16 10.46
C ILE D 411 -17.81 -41.01 10.27
N LYS D 412 -18.72 -40.99 11.25
CA LYS D 412 -19.83 -41.92 11.28
C LYS D 412 -21.12 -41.20 11.27
N ASP D 413 -22.10 -41.75 10.57
CA ASP D 413 -23.45 -41.25 10.63
C ASP D 413 -23.89 -41.52 12.05
N LEU D 414 -24.55 -40.56 12.63
CA LEU D 414 -25.02 -40.69 13.99
C LEU D 414 -26.09 -41.74 14.08
N ALA D 415 -26.98 -41.77 13.11
CA ALA D 415 -28.13 -42.72 13.13
C ALA D 415 -27.76 -44.17 12.80
N THR D 416 -27.05 -44.35 11.69
CA THR D 416 -26.71 -45.67 11.24
C THR D 416 -25.54 -46.20 12.06
N GLY D 417 -24.63 -45.36 12.50
CA GLY D 417 -23.41 -45.82 13.16
C GLY D 417 -22.36 -46.24 12.16
N ASN D 418 -22.67 -46.04 10.87
CA ASN D 418 -21.80 -46.47 9.79
C ASN D 418 -20.71 -45.50 9.51
N THR D 419 -19.47 -45.98 9.51
CA THR D 419 -18.35 -45.18 9.09
C THR D 419 -18.47 -44.85 7.61
N GLU D 420 -18.68 -43.59 7.27
CA GLU D 420 -18.82 -43.12 5.90
C GLU D 420 -17.59 -42.41 5.35
N TYR D 421 -16.59 -42.11 6.19
CA TYR D 421 -15.27 -41.60 5.75
C TYR D 421 -14.23 -41.99 6.77
N GLU D 422 -12.99 -42.11 6.32
CA GLU D 422 -11.86 -42.36 7.23
C GLU D 422 -10.74 -41.36 6.97
N ILE D 423 -9.99 -41.02 8.02
CA ILE D 423 -8.85 -40.12 7.88
C ILE D 423 -7.62 -40.66 8.55
N TYR D 424 -6.57 -40.72 7.73
CA TYR D 424 -5.25 -41.17 8.17
C TYR D 424 -4.24 -40.68 7.17
N VAL D 425 -2.96 -40.82 7.54
CA VAL D 425 -1.83 -40.55 6.62
C VAL D 425 -1.00 -41.81 6.33
N PHE D 426 -0.93 -42.23 5.05
CA PHE D 426 -0.02 -43.33 4.61
C PHE D 426 1.40 -42.74 4.25
N GLY D 427 1.40 -41.79 3.31
CA GLY D 427 2.57 -40.84 3.00
C GLY D 427 2.17 -39.36 3.14
N GLU D 428 0.90 -39.15 2.79
CA GLU D 428 0.09 -37.96 2.96
C GLU D 428 -1.07 -38.41 3.86
N GLN D 429 -1.71 -37.49 4.58
CA GLN D 429 -2.95 -37.77 5.29
C GLN D 429 -4.08 -37.48 4.31
N THR D 430 -4.96 -38.48 4.05
CA THR D 430 -6.10 -38.40 3.10
C THR D 430 -7.42 -38.68 3.86
N MET D 431 -8.49 -38.11 3.32
CA MET D 431 -9.86 -38.38 3.79
C MET D 431 -10.31 -39.37 2.75
N ILE D 432 -10.36 -40.65 3.12
CA ILE D 432 -10.64 -41.70 2.17
C ILE D 432 -12.06 -42.23 2.43
N VAL D 433 -12.87 -42.37 1.39
CA VAL D 433 -14.29 -42.89 1.48
C VAL D 433 -14.39 -44.43 1.77
N PRO D 434 -15.07 -44.91 2.87
CA PRO D 434 -15.25 -46.31 3.14
C PRO D 434 -16.65 -46.72 2.64
N VAL D 435 -16.74 -47.69 1.73
CA VAL D 435 -17.97 -47.90 0.93
C VAL D 435 -18.54 -49.32 1.10
N ASN D 436 -19.81 -49.44 1.53
CA ASN D 436 -20.49 -50.74 1.79
C ASN D 436 -20.44 -51.64 0.55
N MET E 1 -19.95 31.09 47.19
CA MET E 1 -19.13 32.33 47.11
C MET E 1 -17.83 32.19 46.30
N ASN E 2 -17.17 31.03 46.33
CA ASN E 2 -16.04 30.80 45.44
C ASN E 2 -16.58 30.61 44.06
N ASP E 3 -15.75 30.90 43.10
CA ASP E 3 -16.08 30.54 41.77
C ASP E 3 -15.29 29.27 41.37
N LEU E 4 -15.98 28.23 40.88
CA LEU E 4 -15.36 26.97 40.48
C LEU E 4 -15.37 26.74 38.97
N MET E 5 -14.19 26.47 38.45
CA MET E 5 -13.98 26.22 37.05
C MET E 5 -13.68 24.76 36.92
N LEU E 6 -14.49 24.09 36.14
CA LEU E 6 -14.35 22.64 35.98
C LEU E 6 -13.69 22.31 34.66
N ASP E 7 -12.73 21.42 34.70
CA ASP E 7 -12.13 20.94 33.49
C ASP E 7 -12.85 19.66 33.01
N LYS E 8 -12.45 19.11 31.87
CA LYS E 8 -13.08 17.89 31.37
C LYS E 8 -12.91 16.77 32.34
N SER E 9 -11.75 16.72 32.97
CA SER E 9 -11.49 15.65 33.90
C SER E 9 -12.58 15.55 34.98
N ALA E 10 -13.00 16.70 35.45
CA ALA E 10 -13.96 16.78 36.52
C ALA E 10 -15.32 16.27 36.04
N LEU E 11 -15.67 16.65 34.82
CA LEU E 11 -16.89 16.16 34.22
C LEU E 11 -16.90 14.65 33.99
N LEU E 12 -15.75 14.08 33.71
CA LEU E 12 -15.67 12.67 33.64
C LEU E 12 -15.57 12.00 34.96
N PHE E 13 -15.41 12.73 36.05
CA PHE E 13 -15.25 12.13 37.37
C PHE E 13 -16.48 12.23 38.28
N GLY E 14 -17.63 12.60 37.73
CA GLY E 14 -18.84 12.73 38.53
C GLY E 14 -18.77 13.87 39.53
N VAL E 15 -18.24 15.02 39.11
CA VAL E 15 -18.07 16.17 39.97
C VAL E 15 -19.42 16.63 40.50
N SER E 16 -20.50 16.31 39.78
CA SER E 16 -21.88 16.75 40.21
C SER E 16 -22.22 16.20 41.59
N LYS E 17 -21.78 14.98 41.84
CA LYS E 17 -21.94 14.37 43.11
C LYS E 17 -21.25 15.16 44.21
N TYR E 18 -20.04 15.62 43.95
CA TYR E 18 -19.23 16.28 44.99
C TYR E 18 -19.88 17.57 45.39
N LEU E 19 -20.42 18.23 44.39
CA LEU E 19 -21.09 19.48 44.61
C LEU E 19 -22.33 19.29 45.46
N GLU E 20 -23.11 18.28 45.14
CA GLU E 20 -24.32 17.98 45.85
C GLU E 20 -24.02 17.65 47.29
N LYS E 21 -23.00 16.82 47.51
CA LYS E 21 -22.62 16.39 48.83
C LYS E 21 -22.00 17.52 49.63
N GLY E 22 -21.67 18.62 48.99
CA GLY E 22 -21.04 19.74 49.69
C GLY E 22 -19.50 19.64 49.91
N ILE E 23 -18.86 18.66 49.29
CA ILE E 23 -17.41 18.46 49.37
C ILE E 23 -16.67 19.64 48.74
N ILE E 24 -17.28 20.18 47.71
CA ILE E 24 -16.78 21.41 47.07
C ILE E 24 -17.97 22.36 47.06
N THR E 25 -17.67 23.65 47.14
CA THR E 25 -18.72 24.65 47.17
C THR E 25 -18.35 25.85 46.34
N GLY E 26 -19.38 26.45 45.77
CA GLY E 26 -19.26 27.69 45.10
C GLY E 26 -20.13 27.66 43.89
N ASN E 27 -20.07 28.72 43.14
CA ASN E 27 -20.71 28.77 41.83
C ASN E 27 -19.96 27.85 40.92
N VAL E 28 -20.63 27.41 39.88
CA VAL E 28 -20.04 26.59 38.87
C VAL E 28 -19.82 27.38 37.59
N LEU E 29 -18.60 27.27 37.09
CA LEU E 29 -18.23 27.84 35.82
C LEU E 29 -17.68 26.76 34.88
N ILE E 30 -18.04 26.86 33.62
CA ILE E 30 -17.42 26.07 32.58
C ILE E 30 -17.00 26.99 31.42
N HIS E 31 -15.76 26.86 30.96
CA HIS E 31 -15.28 27.72 29.90
C HIS E 31 -15.93 27.32 28.61
N LYS E 32 -16.17 28.29 27.76
CA LYS E 32 -16.82 28.05 26.48
C LYS E 32 -16.06 27.07 25.60
N SER E 33 -14.74 27.22 25.59
CA SER E 33 -13.84 26.31 24.90
C SER E 33 -14.04 24.86 25.23
N LEU E 34 -14.25 24.58 26.51
CA LEU E 34 -14.49 23.20 26.91
C LEU E 34 -15.79 22.67 26.33
N LEU E 35 -16.79 23.50 26.35
CA LEU E 35 -18.03 23.10 25.74
C LEU E 35 -17.92 22.90 24.23
N ALA E 36 -17.12 23.72 23.58
CA ALA E 36 -16.85 23.59 22.18
C ALA E 36 -16.18 22.25 21.93
N GLU E 37 -15.20 21.94 22.74
CA GLU E 37 -14.46 20.71 22.63
C GLU E 37 -15.41 19.53 22.77
N LEU E 38 -16.27 19.58 23.77
CA LEU E 38 -17.16 18.50 24.02
C LEU E 38 -18.10 18.28 22.87
N GLU E 39 -18.54 19.38 22.30
CA GLU E 39 -19.39 19.27 21.16
C GLU E 39 -18.70 18.52 20.03
N ARG E 40 -17.51 18.96 19.67
CA ARG E 40 -16.86 18.34 18.54
C ARG E 40 -16.61 16.86 18.86
N GLU E 41 -16.20 16.58 20.09
CA GLU E 41 -15.86 15.23 20.47
C GLU E 41 -17.08 14.37 20.38
N SER E 42 -18.21 14.94 20.78
CA SER E 42 -19.46 14.26 20.72
C SER E 42 -19.83 13.94 19.27
N ASN E 43 -19.63 14.92 18.40
CA ASN E 43 -19.88 14.74 16.98
C ASN E 43 -18.95 13.72 16.33
N ASP E 44 -17.70 13.70 16.80
CA ASP E 44 -16.73 12.71 16.34
C ASP E 44 -16.99 11.33 16.94
N GLY E 45 -17.97 11.25 17.84
CA GLY E 45 -18.41 9.99 18.41
C GLY E 45 -17.61 9.53 19.61
N LEU E 46 -16.84 10.41 20.23
CA LEU E 46 -16.08 10.04 21.43
C LEU E 46 -17.01 9.69 22.58
N VAL E 47 -16.69 8.58 23.22
CA VAL E 47 -17.47 8.04 24.34
C VAL E 47 -17.59 9.06 25.48
N SER E 48 -16.42 9.56 25.82
CA SER E 48 -16.27 10.36 26.99
C SER E 48 -17.14 11.59 26.93
N ALA E 49 -17.25 12.16 25.75
CA ALA E 49 -17.95 13.42 25.57
C ALA E 49 -19.40 13.28 25.95
N GLU E 50 -20.04 12.17 25.62
CA GLU E 50 -21.43 11.95 26.00
C GLU E 50 -21.58 11.98 27.53
N ILE E 51 -20.69 11.29 28.21
CA ILE E 51 -20.72 11.21 29.68
C ILE E 51 -20.47 12.59 30.28
N ALA E 52 -19.50 13.28 29.73
CA ALA E 52 -19.11 14.59 30.17
C ALA E 52 -20.20 15.61 29.97
N LEU E 53 -20.83 15.56 28.81
CA LEU E 53 -21.90 16.48 28.52
C LEU E 53 -23.08 16.25 29.37
N ASP E 54 -23.41 14.99 29.58
CA ASP E 54 -24.54 14.64 30.47
C ASP E 54 -24.30 15.20 31.86
N GLU E 55 -23.04 15.18 32.28
CA GLU E 55 -22.67 15.70 33.58
C GLU E 55 -22.88 17.20 33.71
N VAL E 56 -22.78 17.88 32.59
CA VAL E 56 -23.02 19.31 32.60
C VAL E 56 -24.44 19.61 33.03
N LYS E 57 -25.41 18.87 32.50
CA LYS E 57 -26.78 19.10 32.90
C LYS E 57 -26.99 18.79 34.37
N LYS E 58 -26.41 17.69 34.86
CA LYS E 58 -26.56 17.31 36.24
C LYS E 58 -26.11 18.42 37.12
N LEU E 59 -24.99 19.03 36.73
CA LEU E 59 -24.44 20.12 37.47
C LEU E 59 -25.38 21.27 37.51
N LYS E 60 -25.90 21.63 36.34
CA LYS E 60 -26.82 22.80 36.24
C LYS E 60 -28.01 22.62 37.15
N ASP E 61 -28.56 21.40 37.17
CA ASP E 61 -29.72 21.10 38.01
C ASP E 61 -29.44 21.31 39.46
N ILE E 62 -28.32 20.80 39.88
CA ILE E 62 -27.94 20.91 41.27
C ILE E 62 -27.74 22.37 41.64
N THR E 63 -27.21 23.11 40.72
CA THR E 63 -26.91 24.45 40.96
C THR E 63 -28.20 25.21 41.33
N GLU E 64 -29.26 24.88 40.60
CA GLU E 64 -30.57 25.46 40.83
C GLU E 64 -31.10 25.11 42.20
N ARG E 65 -30.93 23.87 42.59
CA ARG E 65 -31.34 23.39 43.87
C ARG E 65 -30.59 23.99 45.06
N ILE E 66 -29.29 24.20 44.96
CA ILE E 66 -28.50 24.73 46.09
C ILE E 66 -28.25 26.20 45.97
N LEU E 67 -28.91 26.84 45.02
CA LEU E 67 -28.92 28.30 44.95
C LEU E 67 -27.52 28.85 44.77
N VAL E 68 -26.89 28.30 43.75
CA VAL E 68 -25.62 28.82 43.24
C VAL E 68 -25.74 29.05 41.74
N ASN E 69 -24.84 29.88 41.26
CA ASN E 69 -24.79 30.24 39.86
C ASN E 69 -24.14 29.19 38.97
N PHE E 70 -24.58 29.14 37.72
CA PHE E 70 -24.05 28.25 36.74
C PHE E 70 -23.89 29.06 35.48
N GLU E 71 -22.65 29.13 34.99
CA GLU E 71 -22.34 29.98 33.88
C GLU E 71 -21.29 29.42 32.96
N ILE E 72 -21.47 29.71 31.68
CA ILE E 72 -20.52 29.34 30.67
C ILE E 72 -19.83 30.62 30.25
N VAL E 73 -18.53 30.65 30.35
CA VAL E 73 -17.80 31.87 30.25
C VAL E 73 -16.73 31.86 29.21
N GLY E 74 -16.25 33.04 28.82
CA GLY E 74 -15.07 33.18 27.97
C GLY E 74 -15.17 33.48 26.50
N ASP E 75 -16.32 33.21 25.90
CA ASP E 75 -16.43 33.30 24.44
C ASP E 75 -15.07 33.10 23.64
N ASP E 76 -14.67 31.82 23.54
CA ASP E 76 -13.39 31.36 22.93
C ASP E 76 -13.39 31.76 21.43
N SER E 77 -12.35 32.52 21.07
CA SER E 77 -12.02 32.94 19.76
C SER E 77 -10.74 32.19 19.39
N LYS E 78 -9.87 31.92 20.38
CA LYS E 78 -8.60 31.21 20.17
C LYS E 78 -8.81 29.77 19.80
N LYS E 79 -9.81 29.10 20.39
CA LYS E 79 -10.03 27.67 20.20
C LYS E 79 -8.71 26.94 20.74
N GLY E 80 -8.02 27.70 21.61
CA GLY E 80 -6.77 27.40 22.33
C GLY E 80 -7.25 26.23 23.15
N GLU E 81 -6.32 25.60 23.85
CA GLU E 81 -6.69 24.44 24.59
C GLU E 81 -7.63 24.92 25.68
N ALA E 82 -8.67 24.17 25.94
CA ALA E 82 -9.62 24.52 26.99
C ALA E 82 -8.93 24.64 28.35
N ASN E 83 -8.05 23.72 28.65
CA ASN E 83 -7.42 23.82 29.93
C ASN E 83 -6.58 25.08 30.09
N GLU E 84 -5.89 25.43 29.03
CA GLU E 84 -5.05 26.65 29.03
C GLU E 84 -5.91 27.91 29.26
N LEU E 85 -6.99 28.03 28.49
CA LEU E 85 -7.90 29.16 28.60
C LEU E 85 -8.61 29.21 29.94
N SER E 86 -8.98 28.04 30.44
CA SER E 86 -9.65 27.93 31.72
C SER E 86 -8.71 28.45 32.80
N ARG E 87 -7.43 28.06 32.72
CA ARG E 87 -6.44 28.45 33.75
C ARG E 87 -6.23 29.95 33.73
N GLU E 88 -6.22 30.51 32.54
CA GLU E 88 -6.05 31.94 32.37
C GLU E 88 -7.18 32.67 33.02
N TYR E 89 -8.38 32.17 32.78
CA TYR E 89 -9.57 32.76 33.37
C TYR E 89 -9.51 32.77 34.86
N CYS E 90 -9.09 31.66 35.44
CA CYS E 90 -8.93 31.55 36.89
C CYS E 90 -7.93 32.56 37.45
N LEU E 91 -6.83 32.76 36.74
CA LEU E 91 -5.82 33.73 37.16
C LEU E 91 -6.31 35.15 37.15
N GLU E 92 -6.96 35.53 36.09
CA GLU E 92 -7.50 36.83 36.02
C GLU E 92 -8.62 37.06 37.02
N LYS E 93 -9.50 36.09 37.19
CA LYS E 93 -10.68 36.32 38.01
C LYS E 93 -10.65 35.69 39.38
N GLY E 94 -9.57 35.00 39.70
CA GLY E 94 -9.41 34.35 41.01
C GLY E 94 -10.33 33.14 41.27
N CYS E 95 -10.73 32.42 40.23
CA CYS E 95 -11.53 31.20 40.37
C CYS E 95 -10.70 30.03 40.79
N ILE E 96 -11.38 28.97 41.21
CA ILE E 96 -10.72 27.74 41.63
C ILE E 96 -10.95 26.61 40.62
N ILE E 97 -9.86 25.98 40.20
CA ILE E 97 -9.95 24.92 39.26
C ILE E 97 -10.34 23.66 39.96
N VAL E 98 -11.31 22.95 39.38
CA VAL E 98 -11.68 21.63 39.92
C VAL E 98 -11.31 20.61 38.88
N THR E 99 -10.57 19.59 39.30
CA THR E 99 -10.08 18.61 38.38
C THR E 99 -9.86 17.28 39.04
N ALA E 100 -9.70 16.29 38.18
CA ALA E 100 -9.23 14.97 38.58
C ALA E 100 -7.96 14.57 37.84
N ASP E 101 -7.30 15.52 37.20
CA ASP E 101 -6.13 15.25 36.39
C ASP E 101 -4.88 15.74 37.11
N GLU E 102 -3.92 14.85 37.31
CA GLU E 102 -2.64 15.19 38.01
C GLU E 102 -1.84 16.21 37.24
N THR E 103 -1.87 16.10 35.90
CA THR E 103 -1.15 17.03 35.06
C THR E 103 -1.65 18.42 35.32
N GLN E 104 -2.95 18.58 35.27
CA GLN E 104 -3.53 19.90 35.55
C GLN E 104 -3.24 20.38 36.99
N LYS E 105 -3.35 19.46 37.93
CA LYS E 105 -3.00 19.76 39.28
C LYS E 105 -1.56 20.34 39.32
N LYS E 106 -0.63 19.62 38.72
CA LYS E 106 0.76 20.01 38.79
C LYS E 106 0.99 21.40 38.24
N ILE E 107 0.40 21.66 37.07
CA ILE E 107 0.54 22.94 36.46
C ILE E 107 -0.10 24.02 37.30
N CYS E 108 -1.29 23.74 37.84
CA CYS E 108 -2.00 24.74 38.60
C CYS E 108 -1.17 25.09 39.82
N ASP E 109 -0.59 24.06 40.44
CA ASP E 109 0.23 24.26 41.63
C ASP E 109 1.41 25.19 41.31
N ALA E 110 2.04 24.93 40.19
CA ALA E 110 3.13 25.77 39.74
C ALA E 110 2.74 27.20 39.47
N MET E 111 1.65 27.36 38.76
CA MET E 111 1.18 28.70 38.40
C MET E 111 0.59 29.51 39.56
N GLY E 112 0.38 28.84 40.69
CA GLY E 112 -0.23 29.47 41.86
C GLY E 112 -1.76 29.65 41.76
N ILE E 113 -2.40 28.79 41.01
CA ILE E 113 -3.84 28.80 40.87
C ILE E 113 -4.41 27.85 41.88
N GLN E 114 -5.45 28.29 42.58
CA GLN E 114 -6.00 27.44 43.59
C GLN E 114 -6.71 26.34 42.88
N TYR E 115 -6.67 25.15 43.45
CA TYR E 115 -7.36 24.06 42.82
C TYR E 115 -8.02 23.13 43.83
N ASN E 116 -8.98 22.35 43.35
CA ASN E 116 -9.56 21.31 44.12
C ASN E 116 -9.37 20.01 43.40
N PHE E 117 -8.63 19.08 43.99
CA PHE E 117 -8.34 17.83 43.27
C PHE E 117 -9.24 16.77 43.78
N LEU E 118 -10.07 16.22 42.89
CA LEU E 118 -11.06 15.21 43.31
C LEU E 118 -10.44 13.85 43.55
N GLN E 119 -10.89 13.20 44.62
CA GLN E 119 -10.46 11.84 44.99
C GLN E 119 -11.68 10.90 44.98
N PRO E 120 -11.48 9.63 44.64
CA PRO E 120 -12.67 8.81 44.62
C PRO E 120 -13.45 8.85 45.94
N LEU E 121 -14.78 8.93 45.83
CA LEU E 121 -15.71 8.98 46.97
C LEU E 121 -15.79 7.69 47.77
N LYS E 122 -15.82 6.57 47.07
CA LYS E 122 -15.89 5.25 47.68
C LYS E 122 -14.54 4.64 47.44
N GLN E 123 -14.08 3.86 48.41
CA GLN E 123 -12.99 2.96 48.18
C GLN E 123 -13.56 1.86 47.35
N GLY E 124 -12.71 1.23 46.54
CA GLY E 124 -13.16 0.13 45.65
C GLY E 124 -13.78 0.68 44.39
N LEU E 125 -14.19 -0.23 43.48
CA LEU E 125 -14.96 0.10 42.30
C LEU E 125 -16.39 -0.45 42.26
N SER E 126 -17.21 0.21 41.44
CA SER E 126 -18.63 -0.06 41.33
C SER E 126 -18.91 -1.53 41.22
N PHE E 127 -18.25 -2.12 40.26
CA PHE E 127 -18.47 -3.49 39.89
C PHE E 127 -17.96 -4.46 40.93
N GLU E 128 -17.09 -4.01 41.83
CA GLU E 128 -16.48 -4.99 42.79
C GLU E 128 -17.51 -5.61 43.71
N SER E 129 -18.62 -4.91 43.87
CA SER E 129 -19.79 -5.38 44.63
C SER E 129 -20.29 -6.75 44.14
N PHE E 130 -20.32 -6.90 42.82
CA PHE E 130 -20.74 -8.14 42.18
C PHE E 130 -19.84 -9.34 42.36
N PHE E 131 -18.56 -9.11 42.56
CA PHE E 131 -17.61 -10.22 42.67
C PHE E 131 -17.72 -11.04 43.96
N ASP E 132 -17.65 -12.36 43.80
CA ASP E 132 -17.57 -13.37 44.85
C ASP E 132 -16.20 -14.00 44.87
N ASP E 133 -15.82 -14.64 45.96
CA ASP E 133 -14.60 -15.44 46.00
C ASP E 133 -14.59 -16.54 44.95
N GLU E 134 -15.76 -16.97 44.54
CA GLU E 134 -15.89 -17.97 43.47
C GLU E 134 -16.23 -17.39 42.11
N THR E 135 -16.29 -16.06 41.98
CA THR E 135 -16.59 -15.39 40.72
C THR E 135 -15.31 -15.28 39.86
N MET E 136 -15.34 -15.87 38.68
CA MET E 136 -14.23 -15.83 37.76
C MET E 136 -14.26 -14.61 36.88
N SER E 137 -15.42 -14.37 36.30
CA SER E 137 -15.57 -13.22 35.44
C SER E 137 -16.95 -12.59 35.63
N LEU E 138 -17.02 -11.32 35.34
CA LEU E 138 -18.23 -10.58 35.41
C LEU E 138 -18.62 -10.10 34.03
N HIS E 139 -19.87 -10.30 33.63
CA HIS E 139 -20.32 -9.94 32.29
C HIS E 139 -21.43 -8.90 32.35
N ILE E 140 -21.18 -7.77 31.71
CA ILE E 140 -22.09 -6.68 31.69
C ILE E 140 -22.36 -6.24 30.29
N LYS E 141 -23.60 -6.17 29.92
CA LYS E 141 -23.97 -5.77 28.58
C LYS E 141 -25.22 -4.93 28.70
N GLU E 142 -25.31 -3.91 27.89
CA GLU E 142 -26.42 -3.04 27.88
C GLU E 142 -27.68 -3.89 27.62
N ASP E 143 -28.72 -3.63 28.38
CA ASP E 143 -30.02 -4.34 28.28
C ASP E 143 -30.01 -5.77 28.67
N THR E 144 -29.09 -6.11 29.52
CA THR E 144 -28.98 -7.44 29.99
C THR E 144 -28.72 -7.41 31.49
N VAL E 145 -29.06 -8.49 32.16
CA VAL E 145 -28.85 -8.56 33.58
C VAL E 145 -27.40 -8.82 33.77
N PRO E 146 -26.78 -8.32 34.84
CA PRO E 146 -25.39 -8.73 34.99
C PRO E 146 -25.29 -10.20 35.25
N ARG E 147 -24.26 -10.82 34.71
CA ARG E 147 -24.06 -12.23 34.83
C ARG E 147 -22.66 -12.46 35.26
N ALA E 148 -22.43 -13.56 35.95
CA ALA E 148 -21.11 -13.93 36.36
C ALA E 148 -20.90 -15.39 36.22
N LYS E 149 -19.64 -15.74 35.96
CA LYS E 149 -19.29 -17.17 35.84
C LYS E 149 -18.57 -17.54 37.13
N LYS E 150 -19.15 -18.47 37.86
CA LYS E 150 -18.70 -18.78 39.22
C LYS E 150 -18.22 -20.22 39.36
N GLY E 151 -17.09 -20.39 40.04
CA GLY E 151 -16.41 -21.69 40.18
C GLY E 151 -15.02 -21.71 39.51
N LYS E 152 -14.49 -22.92 39.28
CA LYS E 152 -13.10 -23.13 38.79
C LYS E 152 -13.04 -23.21 37.25
N PRO E 153 -11.83 -23.18 36.66
CA PRO E 153 -11.74 -23.26 35.19
C PRO E 153 -12.21 -24.57 34.53
N GLY E 154 -12.00 -25.70 35.21
CA GLY E 154 -12.50 -27.00 34.73
C GLY E 154 -14.01 -27.23 34.75
N ASN E 155 -14.64 -26.76 35.82
CA ASN E 155 -16.11 -26.67 35.88
C ASN E 155 -16.58 -25.34 36.47
N TRP E 156 -17.54 -24.69 35.82
CA TRP E 156 -18.13 -23.44 36.25
C TRP E 156 -19.63 -23.39 35.89
N LYS E 157 -20.34 -22.48 36.56
CA LYS E 157 -21.75 -22.20 36.29
C LYS E 157 -21.93 -20.74 35.99
N PHE E 158 -22.84 -20.46 35.05
CA PHE E 158 -23.18 -19.09 34.62
C PHE E 158 -24.42 -18.61 35.29
N VAL E 159 -24.34 -17.52 36.02
CA VAL E 159 -25.41 -17.09 36.95
C VAL E 159 -25.86 -15.69 36.62
N ASN E 160 -27.02 -15.33 37.13
CA ASN E 160 -27.51 -13.96 36.99
C ASN E 160 -27.39 -13.33 38.31
N LEU E 161 -26.90 -12.12 38.32
CA LEU E 161 -26.72 -11.35 39.57
C LEU E 161 -27.90 -10.49 39.86
N SER E 162 -28.84 -10.44 38.92
CA SER E 162 -29.99 -9.62 39.04
C SER E 162 -31.18 -10.10 38.20
N ASP E 163 -32.34 -9.55 38.51
CA ASP E 163 -33.54 -9.84 37.74
C ASP E 163 -33.84 -8.71 36.81
N LYS E 164 -33.17 -7.59 36.95
CA LYS E 164 -33.43 -6.44 36.11
C LYS E 164 -32.27 -6.10 35.18
N PRO E 165 -32.55 -5.67 33.94
CA PRO E 165 -31.46 -5.32 33.06
C PRO E 165 -30.75 -4.05 33.40
N MET E 166 -29.50 -3.95 32.93
CA MET E 166 -28.71 -2.75 33.10
C MET E 166 -28.96 -1.83 31.95
N LEU E 167 -29.19 -0.58 32.29
CA LEU E 167 -29.41 0.40 31.27
C LEU E 167 -28.11 0.74 30.55
N SER E 168 -28.23 1.18 29.31
CA SER E 168 -27.11 1.55 28.48
C SER E 168 -26.26 2.66 29.13
N THR E 169 -26.91 3.66 29.74
CA THR E 169 -26.15 4.72 30.44
C THR E 169 -25.35 4.15 31.60
N ASP E 170 -25.87 3.16 32.32
CA ASP E 170 -25.16 2.55 33.42
C ASP E 170 -23.93 1.78 32.98
N VAL E 171 -24.01 1.11 31.84
CA VAL E 171 -22.86 0.40 31.30
C VAL E 171 -21.75 1.36 30.91
N ARG E 172 -22.11 2.41 30.22
CA ARG E 172 -21.14 3.37 29.79
C ARG E 172 -20.49 4.06 30.97
N MET E 173 -21.24 4.28 32.02
CA MET E 173 -20.68 4.87 33.23
C MET E 173 -19.64 3.96 33.83
N ILE E 174 -19.89 2.68 33.82
CA ILE E 174 -18.96 1.71 34.37
C ILE E 174 -17.69 1.66 33.53
N ALA E 175 -17.83 1.76 32.20
CA ALA E 175 -16.69 1.76 31.32
C ALA E 175 -15.84 2.95 31.62
N ASN E 176 -16.45 4.08 31.77
CA ASN E 176 -15.74 5.28 32.12
C ASN E 176 -15.09 5.17 33.50
N GLU E 177 -15.80 4.59 34.46
CA GLU E 177 -15.28 4.39 35.82
C GLU E 177 -13.96 3.64 35.72
N ILE E 178 -13.93 2.63 34.84
CA ILE E 178 -12.78 1.80 34.63
C ILE E 178 -11.63 2.51 33.93
N ILE E 179 -11.92 3.28 32.92
CA ILE E 179 -10.87 4.06 32.25
C ILE E 179 -10.20 5.04 33.24
N ASN E 180 -11.01 5.67 34.09
CA ASN E 180 -10.50 6.56 35.12
C ASN E 180 -9.58 5.84 36.09
N ALA E 181 -9.98 4.64 36.46
CA ALA E 181 -9.30 3.92 37.50
C ALA E 181 -7.87 3.52 37.09
N VAL E 182 -7.57 3.57 35.78
CA VAL E 182 -6.24 3.23 35.30
C VAL E 182 -5.18 4.11 35.99
N ARG E 183 -5.48 5.39 36.10
CA ARG E 183 -4.53 6.34 36.68
C ARG E 183 -4.36 6.01 38.13
N LEU E 184 -5.46 5.68 38.77
CA LEU E 184 -5.48 5.45 40.21
C LEU E 184 -4.93 4.10 40.70
N ILE E 185 -5.20 3.03 39.98
CA ILE E 185 -4.74 1.69 40.45
C ILE E 185 -3.35 1.25 39.95
N LYS E 186 -2.62 0.62 40.85
CA LYS E 186 -1.25 0.20 40.58
C LYS E 186 -1.23 -0.92 39.54
N GLY E 187 -0.27 -0.84 38.63
CA GLY E 187 -0.04 -1.84 37.66
C GLY E 187 -1.12 -1.92 36.62
N SER E 188 -1.57 -0.76 36.17
CA SER E 188 -2.71 -0.68 35.28
C SER E 188 -2.35 0.12 34.06
N PHE E 189 -2.89 -0.29 32.95
CA PHE E 189 -2.64 0.39 31.72
C PHE E 189 -3.65 -0.06 30.65
N VAL E 190 -3.75 0.71 29.60
CA VAL E 190 -4.57 0.35 28.51
C VAL E 190 -3.69 -0.51 27.67
N GLU E 191 -4.08 -1.73 27.45
CA GLU E 191 -3.35 -2.59 26.49
C GLU E 191 -3.43 -2.05 25.08
N ILE E 192 -4.66 -1.87 24.59
CA ILE E 192 -4.89 -1.47 23.24
C ILE E 192 -6.32 -1.02 22.96
N GLU E 193 -6.45 0.00 22.15
CA GLU E 193 -7.70 0.61 21.90
C GLU E 193 -7.86 0.60 20.44
N ARG E 194 -8.96 0.05 20.00
CA ARG E 194 -9.32 -0.02 18.58
C ARG E 194 -10.62 0.66 18.48
N ARG E 195 -11.10 0.80 17.27
CA ARG E 195 -12.38 1.47 17.05
C ARG E 195 -13.46 0.87 17.85
N GLY E 196 -13.49 -0.47 17.82
CA GLY E 196 -14.56 -1.18 18.50
C GLY E 196 -14.29 -1.84 19.82
N SER E 197 -13.06 -1.89 20.21
CA SER E 197 -12.72 -2.60 21.41
C SER E 197 -11.69 -1.83 22.18
N LEU E 198 -11.68 -2.08 23.48
CA LEU E 198 -10.71 -1.51 24.37
C LEU E 198 -10.30 -2.61 25.32
N ILE E 199 -9.03 -2.84 25.47
CA ILE E 199 -8.59 -3.86 26.38
C ILE E 199 -7.69 -3.30 27.45
N ILE E 200 -8.00 -3.59 28.69
CA ILE E 200 -7.38 -2.95 29.84
C ILE E 200 -6.91 -3.88 30.94
N GLN E 201 -5.80 -3.51 31.51
CA GLN E 201 -5.27 -4.18 32.68
C GLN E 201 -5.54 -3.25 33.81
N LEU E 202 -6.36 -3.67 34.73
CA LEU E 202 -6.70 -2.89 35.88
C LEU E 202 -6.40 -3.70 37.10
N GLY E 203 -5.27 -3.39 37.72
CA GLY E 203 -4.82 -4.16 38.88
C GLY E 203 -4.71 -5.58 38.45
N ASN E 204 -5.36 -6.46 39.19
CA ASN E 204 -5.45 -7.87 38.83
C ASN E 204 -6.61 -8.15 37.88
N TYR E 205 -7.47 -7.18 37.65
CA TYR E 205 -8.56 -7.40 36.76
C TYR E 205 -8.09 -7.21 35.31
N ARG E 206 -8.69 -7.99 34.43
CA ARG E 206 -8.52 -7.82 33.02
C ARG E 206 -9.87 -7.41 32.46
N VAL E 207 -9.87 -6.36 31.67
CA VAL E 207 -11.11 -5.85 31.17
C VAL E 207 -11.15 -5.78 29.68
N VAL E 208 -12.26 -6.23 29.14
CA VAL E 208 -12.48 -6.12 27.73
C VAL E 208 -13.76 -5.42 27.46
N ILE E 209 -13.69 -4.37 26.67
CA ILE E 209 -14.87 -3.56 26.40
C ILE E 209 -15.08 -3.56 24.94
N THR E 210 -16.32 -3.81 24.52
CA THR E 210 -16.64 -3.74 23.10
C THR E 210 -17.84 -2.89 22.90
N ARG E 211 -17.90 -2.25 21.75
CA ARG E 211 -19.00 -1.33 21.46
C ARG E 211 -19.37 -1.39 20.02
N PRO E 212 -20.51 -0.85 19.69
CA PRO E 212 -20.81 -0.85 18.28
C PRO E 212 -19.85 -0.02 17.51
N PRO E 213 -19.51 -0.36 16.28
CA PRO E 213 -20.22 -1.38 15.52
C PRO E 213 -19.61 -2.75 15.56
N LEU E 214 -18.52 -2.89 16.28
CA LEU E 214 -17.93 -4.20 16.40
C LEU E 214 -18.92 -5.21 17.04
N SER E 215 -19.57 -4.79 18.10
CA SER E 215 -20.52 -5.63 18.80
C SER E 215 -21.90 -5.00 18.73
N ASP E 216 -22.94 -5.81 18.89
CA ASP E 216 -24.34 -5.30 18.80
C ASP E 216 -24.73 -4.31 19.89
N GLY E 217 -24.08 -4.39 21.02
CA GLY E 217 -24.29 -3.43 22.09
C GLY E 217 -22.97 -3.24 22.83
N TRP E 218 -22.99 -2.31 23.77
CA TRP E 218 -21.87 -2.13 24.74
C TRP E 218 -21.71 -3.29 25.69
N GLU E 219 -20.51 -3.83 25.77
CA GLU E 219 -20.29 -4.96 26.59
C GLU E 219 -19.02 -4.80 27.33
N ILE E 220 -19.05 -5.19 28.58
CA ILE E 220 -17.88 -5.11 29.42
C ILE E 220 -17.71 -6.44 30.08
N THR E 221 -16.52 -7.01 29.98
CA THR E 221 -16.22 -8.27 30.59
C THR E 221 -15.04 -8.06 31.46
N ILE E 222 -15.19 -8.42 32.73
CA ILE E 222 -14.15 -8.23 33.68
C ILE E 222 -13.78 -9.54 34.24
N THR E 223 -12.50 -9.87 34.17
CA THR E 223 -12.03 -11.15 34.69
C THR E 223 -10.96 -10.99 35.73
N ARG E 224 -10.98 -11.92 36.67
CA ARG E 224 -10.08 -11.95 37.79
C ARG E 224 -9.53 -13.31 37.90
N PRO E 225 -8.23 -13.43 38.07
CA PRO E 225 -7.77 -14.81 38.09
C PRO E 225 -8.12 -15.59 39.37
N VAL E 226 -8.24 -16.88 39.21
CA VAL E 226 -8.44 -17.79 40.30
C VAL E 226 -7.10 -18.02 40.96
N VAL E 227 -7.11 -18.46 42.21
CA VAL E 227 -5.85 -18.77 42.90
C VAL E 227 -5.18 -19.83 42.08
N ARG E 228 -3.93 -19.61 41.70
CA ARG E 228 -3.26 -20.55 40.79
C ARG E 228 -2.92 -21.85 41.51
N LYS E 229 -3.05 -22.93 40.81
CA LYS E 229 -2.69 -24.20 41.35
C LYS E 229 -1.17 -24.30 41.52
N ARG E 230 -0.71 -24.67 42.70
CA ARG E 230 0.70 -24.76 42.97
C ARG E 230 1.25 -25.99 42.37
N LEU E 231 2.56 -26.09 42.21
CA LEU E 231 3.16 -27.36 41.72
C LEU E 231 2.98 -28.50 42.70
N GLU E 232 3.07 -28.19 43.97
CA GLU E 232 2.88 -29.16 45.02
C GLU E 232 1.48 -29.78 44.95
N ASP E 233 0.49 -29.00 44.54
CA ASP E 233 -0.90 -29.49 44.45
C ASP E 233 -1.03 -30.64 43.45
N TYR E 234 -0.12 -30.70 42.49
CA TYR E 234 0.06 -31.86 41.61
C TYR E 234 1.00 -32.70 42.40
N ASN E 235 0.61 -33.87 42.87
CA ASN E 235 1.49 -34.56 43.82
C ASN E 235 2.47 -35.35 43.08
N LEU E 236 3.52 -34.70 42.59
CA LEU E 236 4.38 -35.36 41.62
C LEU E 236 5.36 -36.31 42.26
N ASP E 237 5.78 -37.33 41.47
CA ASP E 237 6.77 -38.34 41.90
C ASP E 237 8.12 -37.62 42.18
N GLU E 238 8.84 -38.10 43.19
CA GLU E 238 10.15 -37.51 43.61
C GLU E 238 11.16 -37.54 42.48
N ARG E 239 11.12 -38.61 41.70
CA ARG E 239 11.99 -38.71 40.53
C ARG E 239 11.79 -37.54 39.58
N LEU E 240 10.52 -37.22 39.34
CA LEU E 240 10.17 -36.15 38.42
C LEU E 240 10.63 -34.81 38.95
N ILE E 241 10.38 -34.56 40.23
CA ILE E 241 10.74 -33.28 40.83
C ILE E 241 12.23 -33.12 40.71
N LYS E 242 12.95 -34.20 40.99
CA LYS E 242 14.40 -34.15 40.92
C LYS E 242 14.81 -33.76 39.49
N ARG E 243 14.18 -34.37 38.49
CA ARG E 243 14.55 -34.10 37.10
C ARG E 243 14.34 -32.65 36.77
N LEU E 244 13.19 -32.15 37.17
CA LEU E 244 12.82 -30.77 36.89
C LEU E 244 13.74 -29.79 37.57
N GLU E 245 14.08 -30.09 38.82
CA GLU E 245 15.00 -29.28 39.61
C GLU E 245 16.45 -29.39 39.12
N GLU E 246 16.88 -30.64 38.91
CA GLU E 246 18.28 -31.07 38.70
C GLU E 246 18.68 -30.82 37.24
N ARG E 247 17.93 -31.39 36.31
CA ARG E 247 18.47 -31.50 34.93
C ARG E 247 17.58 -31.24 33.73
N ALA E 248 16.29 -30.97 33.92
CA ALA E 248 15.40 -30.71 32.78
C ALA E 248 15.62 -29.33 32.21
N GLU E 249 15.84 -29.26 30.91
CA GLU E 249 16.12 -28.00 30.31
C GLU E 249 15.17 -27.64 29.16
N GLY E 250 14.80 -28.62 28.36
CA GLY E 250 13.89 -28.37 27.22
C GLY E 250 12.65 -29.18 27.42
N ILE E 251 11.58 -28.50 27.82
CA ILE E 251 10.41 -29.19 28.28
C ILE E 251 9.24 -28.88 27.43
N ILE E 252 8.37 -29.88 27.33
CA ILE E 252 7.10 -29.72 26.68
C ILE E 252 6.07 -30.23 27.62
N ILE E 253 5.02 -29.46 27.79
CA ILE E 253 3.86 -29.93 28.51
C ILE E 253 2.80 -30.14 27.47
N ALA E 254 2.30 -31.36 27.39
CA ALA E 254 1.29 -31.67 26.37
C ALA E 254 0.05 -32.24 26.98
N GLY E 255 -1.07 -31.84 26.42
CA GLY E 255 -2.33 -32.31 26.90
C GLY E 255 -3.35 -32.02 25.85
N ALA E 256 -4.47 -32.72 25.93
CA ALA E 256 -5.58 -32.38 25.07
C ALA E 256 -6.13 -31.02 25.51
N PRO E 257 -6.85 -30.34 24.62
CA PRO E 257 -7.39 -29.09 25.12
C PRO E 257 -8.32 -29.29 26.32
N GLY E 258 -8.21 -28.38 27.28
CA GLY E 258 -9.00 -28.40 28.49
C GLY E 258 -8.50 -29.38 29.52
N MET E 259 -7.42 -30.10 29.24
CA MET E 259 -6.92 -31.15 30.16
C MET E 259 -5.96 -30.61 31.23
N GLY E 260 -5.68 -29.31 31.19
CA GLY E 260 -4.87 -28.65 32.24
C GLY E 260 -3.41 -28.42 31.96
N ALA E 261 -3.02 -28.57 30.71
CA ALA E 261 -1.62 -28.39 30.33
C ALA E 261 -1.10 -26.97 30.59
N THR E 262 -1.88 -25.96 30.22
CA THR E 262 -1.44 -24.58 30.43
C THR E 262 -1.28 -24.27 31.90
N THR E 263 -2.22 -24.76 32.69
CA THR E 263 -2.21 -24.48 34.12
C THR E 263 -1.01 -25.10 34.77
N PHE E 264 -0.67 -26.29 34.32
CA PHE E 264 0.48 -26.98 34.85
C PHE E 264 1.74 -26.16 34.59
N ALA E 265 1.85 -25.66 33.38
CA ALA E 265 3.01 -24.87 32.97
C ALA E 265 3.13 -23.63 33.80
N GLN E 266 1.98 -23.03 34.06
CA GLN E 266 1.96 -21.85 34.88
C GLN E 266 2.57 -22.21 36.25
N ALA E 267 2.16 -23.36 36.78
CA ALA E 267 2.60 -23.80 38.06
C ALA E 267 4.07 -24.01 38.06
N LEU E 268 4.55 -24.59 36.99
CA LEU E 268 5.98 -24.92 36.92
C LEU E 268 6.78 -23.65 36.84
N ALA E 269 6.28 -22.69 36.10
CA ALA E 269 6.96 -21.43 35.98
C ALA E 269 7.11 -20.77 37.34
N GLU E 270 6.05 -20.79 38.13
CA GLU E 270 6.10 -20.20 39.45
C GLU E 270 7.07 -20.96 40.34
N TYR E 271 7.08 -22.28 40.21
CA TYR E 271 7.96 -23.11 41.00
C TYR E 271 9.42 -22.78 40.72
N TYR E 272 9.73 -22.61 39.46
CA TYR E 272 11.09 -22.28 39.06
C TYR E 272 11.52 -20.93 39.60
N MET E 273 10.59 -19.98 39.62
CA MET E 273 10.90 -18.65 40.10
C MET E 273 11.25 -18.78 41.55
N ARG E 274 10.51 -19.59 42.27
CA ARG E 274 10.72 -19.79 43.71
C ARG E 274 12.07 -20.38 43.97
N LEU E 275 12.54 -21.19 43.05
CA LEU E 275 13.87 -21.77 43.16
C LEU E 275 14.98 -20.80 42.85
N GLY E 276 14.64 -19.57 42.56
CA GLY E 276 15.63 -18.55 42.25
C GLY E 276 16.09 -18.58 40.80
N LYS E 277 15.28 -19.16 39.92
CA LYS E 277 15.49 -19.07 38.49
C LYS E 277 14.83 -17.81 37.91
N ILE E 278 15.33 -17.34 36.78
CA ILE E 278 14.74 -16.21 36.12
C ILE E 278 13.83 -16.77 35.08
N VAL E 279 12.56 -16.38 35.16
CA VAL E 279 11.53 -16.93 34.27
C VAL E 279 10.83 -15.85 33.51
N LYS E 280 10.55 -16.15 32.24
CA LYS E 280 9.82 -15.24 31.37
C LYS E 280 8.82 -16.06 30.61
N THR E 281 7.78 -15.42 30.08
CA THR E 281 6.75 -16.16 29.33
C THR E 281 6.46 -15.49 28.07
N ILE E 282 5.98 -16.28 27.11
CA ILE E 282 5.47 -15.78 25.83
C ILE E 282 4.07 -16.29 25.65
N GLU E 283 3.12 -15.40 25.48
CA GLU E 283 1.70 -15.74 25.44
C GLU E 283 1.01 -14.91 24.37
N SER E 284 -0.16 -15.39 23.91
CA SER E 284 -0.96 -14.62 22.93
C SER E 284 -2.48 -14.94 22.99
N PRO E 285 -3.28 -14.14 23.70
CA PRO E 285 -2.78 -13.01 24.47
C PRO E 285 -2.39 -13.36 25.86
N ARG E 286 -1.82 -12.40 26.55
CA ARG E 286 -1.28 -12.66 27.91
C ARG E 286 -2.42 -12.88 28.89
N ASP E 287 -2.45 -14.03 29.51
CA ASP E 287 -3.54 -14.37 30.41
C ASP E 287 -3.13 -15.08 31.68
N MET E 288 -1.94 -15.63 31.71
CA MET E 288 -1.47 -16.35 32.87
C MET E 288 -1.41 -15.44 34.05
N HIS E 289 -1.63 -16.02 35.21
CA HIS E 289 -1.62 -15.29 36.47
C HIS E 289 -0.32 -15.57 37.17
N LEU E 290 0.61 -14.62 37.09
CA LEU E 290 1.94 -14.83 37.66
C LEU E 290 2.45 -13.59 38.37
N PRO E 291 3.34 -13.76 39.35
CA PRO E 291 3.81 -12.56 39.99
C PRO E 291 4.71 -11.70 39.07
N PRO E 292 4.95 -10.42 39.43
CA PRO E 292 5.70 -9.54 38.54
C PRO E 292 7.16 -9.91 38.36
N GLU E 293 7.69 -10.72 39.23
CA GLU E 293 9.06 -11.21 39.09
C GLU E 293 9.17 -11.96 37.76
N ILE E 294 8.08 -12.51 37.28
CA ILE E 294 8.10 -13.23 36.04
C ILE E 294 7.56 -12.34 34.99
N THR E 295 8.36 -12.05 34.00
CA THR E 295 7.94 -11.14 32.95
C THR E 295 7.14 -11.86 31.88
N GLN E 296 6.01 -11.30 31.48
CA GLN E 296 5.11 -11.97 30.53
C GLN E 296 5.01 -11.14 29.29
N TYR E 297 5.52 -11.70 28.20
CA TYR E 297 5.48 -11.02 26.91
C TYR E 297 4.24 -11.41 26.16
N SER E 298 3.55 -10.45 25.60
CA SER E 298 2.43 -10.81 24.78
C SER E 298 2.84 -10.76 23.30
N LYS E 299 3.01 -11.95 22.76
CA LYS E 299 3.52 -12.13 21.40
C LYS E 299 2.74 -11.29 20.44
N ASN E 300 1.53 -11.08 20.86
CA ASN E 300 0.53 -10.47 20.08
C ASN E 300 0.87 -9.06 19.63
N TYR E 301 1.61 -8.34 20.45
CA TYR E 301 1.96 -6.96 20.13
C TYR E 301 3.42 -6.88 19.75
N ALA E 302 4.07 -8.02 19.53
CA ALA E 302 5.49 -8.01 19.24
C ALA E 302 5.74 -7.97 17.73
N GLU E 303 6.73 -7.20 17.34
CA GLU E 303 7.18 -7.14 15.95
C GLU E 303 7.99 -8.35 15.60
N ILE E 304 8.18 -8.55 14.33
CA ILE E 304 8.94 -9.70 13.85
C ILE E 304 10.42 -9.70 14.33
N GLY E 305 10.82 -10.84 14.89
CA GLY E 305 12.08 -11.01 15.53
C GLY E 305 12.30 -10.30 16.85
N GLU E 306 11.33 -9.52 17.32
CA GLU E 306 11.49 -8.69 18.55
C GLU E 306 11.69 -9.56 19.78
N LEU E 307 10.85 -10.54 19.94
CA LEU E 307 11.01 -11.42 21.09
C LEU E 307 12.28 -12.20 21.08
N HIS E 308 12.63 -12.66 19.90
CA HIS E 308 13.86 -13.40 19.75
C HIS E 308 15.07 -12.57 20.28
N ASP E 309 15.16 -11.32 19.85
CA ASP E 309 16.25 -10.46 20.21
C ASP E 309 16.23 -10.15 21.68
N ILE E 310 15.06 -9.88 22.21
CA ILE E 310 14.96 -9.53 23.62
C ILE E 310 15.40 -10.68 24.50
N LEU E 311 14.89 -11.85 24.18
CA LEU E 311 15.18 -13.05 24.96
C LEU E 311 16.61 -13.52 24.86
N LEU E 312 17.24 -13.32 23.71
CA LEU E 312 18.66 -13.65 23.58
C LEU E 312 19.58 -12.73 24.35
N LEU E 313 19.18 -11.49 24.53
CA LEU E 313 19.94 -10.63 25.40
C LEU E 313 19.65 -10.85 26.88
N SER E 314 18.40 -11.11 27.20
CA SER E 314 17.93 -11.34 28.59
C SER E 314 18.52 -12.58 29.13
N ARG E 315 18.55 -13.60 28.28
CA ARG E 315 19.01 -14.91 28.59
C ARG E 315 18.40 -15.45 29.93
N PRO E 316 17.09 -15.60 29.99
CA PRO E 316 16.53 -16.13 31.24
C PRO E 316 16.82 -17.61 31.44
N ASP E 317 16.57 -18.11 32.63
CA ASP E 317 16.76 -19.54 32.91
C ASP E 317 15.70 -20.41 32.23
N TYR E 318 14.48 -19.92 32.22
CA TYR E 318 13.39 -20.61 31.56
C TYR E 318 12.44 -19.63 30.90
N THR E 319 12.01 -19.97 29.70
CA THR E 319 11.00 -19.22 29.00
C THR E 319 9.82 -20.16 28.75
N VAL E 320 8.61 -19.74 29.10
CA VAL E 320 7.47 -20.58 28.94
C VAL E 320 6.74 -20.13 27.71
N TYR E 321 6.63 -21.00 26.72
CA TYR E 321 6.01 -20.63 25.44
C TYR E 321 4.66 -21.30 25.46
N ASP E 322 3.62 -20.50 25.61
CA ASP E 322 2.28 -21.01 25.75
C ASP E 322 1.59 -21.05 24.41
N GLU E 323 0.93 -22.18 24.14
CA GLU E 323 0.16 -22.46 22.93
C GLU E 323 1.01 -22.25 21.71
N MET E 324 1.90 -23.21 21.48
CA MET E 324 2.73 -23.22 20.30
C MET E 324 1.90 -23.75 19.14
N ARG E 325 1.66 -22.94 18.16
CA ARG E 325 0.84 -23.34 17.03
C ARG E 325 1.46 -23.03 15.66
N ASN E 326 2.45 -22.12 15.56
CA ASN E 326 3.05 -21.70 14.27
C ASN E 326 4.48 -22.17 14.11
N ASP E 327 4.91 -22.24 12.86
CA ASP E 327 6.27 -22.62 12.58
C ASP E 327 7.19 -21.64 13.30
N GLU E 328 6.81 -20.37 13.30
CA GLU E 328 7.57 -19.35 13.95
C GLU E 328 7.79 -19.66 15.41
N ASP E 329 6.74 -20.17 16.04
CA ASP E 329 6.77 -20.53 17.46
C ASP E 329 7.78 -21.61 17.70
N PHE E 330 7.73 -22.63 16.88
CA PHE E 330 8.65 -23.73 17.03
C PHE E 330 10.08 -23.33 16.70
N LYS E 331 10.24 -22.48 15.69
CA LYS E 331 11.56 -21.99 15.33
C LYS E 331 12.19 -21.23 16.49
N LEU E 332 11.39 -20.38 17.12
CA LEU E 332 11.85 -19.59 18.24
C LEU E 332 12.24 -20.45 19.42
N TYR E 333 11.48 -21.48 19.66
CA TYR E 333 11.77 -22.42 20.73
C TYR E 333 13.12 -23.05 20.50
N VAL E 334 13.34 -23.46 19.26
CA VAL E 334 14.62 -24.11 18.93
C VAL E 334 15.80 -23.13 19.08
N ASP E 335 15.61 -21.93 18.57
CA ASP E 335 16.67 -20.93 18.63
C ASP E 335 17.09 -20.74 20.07
N LEU E 336 16.13 -20.56 20.93
CA LEU E 336 16.39 -20.30 22.34
C LEU E 336 17.09 -21.45 22.98
N ARG E 337 16.67 -22.66 22.60
CA ARG E 337 17.26 -23.89 23.14
C ARG E 337 18.70 -24.01 22.74
N LEU E 338 18.96 -23.67 21.49
CA LEU E 338 20.33 -23.71 20.98
C LEU E 338 21.22 -22.70 21.67
N ALA E 339 20.60 -21.61 22.10
CA ALA E 339 21.27 -20.55 22.82
C ALA E 339 21.44 -20.89 24.29
N GLY E 340 20.98 -22.05 24.71
CA GLY E 340 21.15 -22.48 26.09
C GLY E 340 20.07 -22.01 27.02
N VAL E 341 18.97 -21.48 26.47
CA VAL E 341 17.86 -21.01 27.29
C VAL E 341 16.92 -22.18 27.54
N GLY E 342 16.51 -22.35 28.80
CA GLY E 342 15.59 -23.40 29.14
C GLY E 342 14.20 -23.03 28.63
N MET E 343 13.45 -24.04 28.20
CA MET E 343 12.11 -23.80 27.71
C MET E 343 11.06 -24.71 28.34
N VAL E 344 9.87 -24.17 28.47
CA VAL E 344 8.71 -24.93 28.87
C VAL E 344 7.68 -24.61 27.82
N GLY E 345 7.42 -25.55 26.96
CA GLY E 345 6.53 -25.31 25.85
C GLY E 345 5.21 -26.04 26.05
N VAL E 346 4.10 -25.38 25.72
CA VAL E 346 2.84 -25.99 25.81
C VAL E 346 2.40 -26.33 24.44
N VAL E 347 2.20 -27.62 24.22
CA VAL E 347 1.64 -28.11 22.96
C VAL E 347 0.39 -28.90 23.26
N HIS E 348 -0.73 -28.52 22.66
CA HIS E 348 -1.95 -29.27 22.86
C HIS E 348 -1.91 -30.33 21.82
N ALA E 349 -1.59 -31.53 22.26
CA ALA E 349 -1.58 -32.69 21.41
C ALA E 349 -2.08 -33.85 22.21
N THR E 350 -2.60 -34.84 21.51
CA THR E 350 -3.16 -35.99 22.13
C THR E 350 -2.18 -37.16 22.29
N SER E 351 -1.02 -37.11 21.62
CA SER E 351 0.04 -38.16 21.70
C SER E 351 1.44 -37.54 21.86
N PRO E 352 2.40 -38.26 22.51
CA PRO E 352 3.67 -37.54 22.65
C PRO E 352 4.34 -37.36 21.32
N ILE E 353 4.29 -38.40 20.50
CA ILE E 353 4.94 -38.39 19.23
C ILE E 353 4.32 -37.23 18.43
N ASP E 354 3.00 -37.04 18.56
CA ASP E 354 2.29 -35.94 17.92
C ASP E 354 2.84 -34.60 18.43
N ALA E 355 3.17 -34.55 19.71
CA ALA E 355 3.72 -33.34 20.32
C ALA E 355 5.06 -32.95 19.72
N ILE E 356 5.91 -33.93 19.54
CA ILE E 356 7.26 -33.73 19.04
C ILE E 356 7.32 -33.66 17.55
N HIS E 357 6.30 -34.11 16.83
CA HIS E 357 6.35 -34.20 15.34
C HIS E 357 6.82 -32.88 14.75
N ARG E 358 6.35 -31.79 15.33
CA ARG E 358 6.67 -30.46 14.80
C ARG E 358 8.14 -30.06 14.97
N PHE E 359 8.75 -30.48 16.09
CA PHE E 359 10.20 -30.31 16.37
C PHE E 359 11.13 -31.17 15.49
N VAL E 360 10.69 -32.38 15.14
CA VAL E 360 11.45 -33.36 14.35
C VAL E 360 11.90 -32.85 12.98
N ASN E 361 11.01 -32.12 12.29
CA ASN E 361 11.28 -31.61 10.91
C ASN E 361 12.41 -30.59 10.90
N ARG E 362 12.45 -29.79 11.96
CA ARG E 362 13.35 -28.60 12.10
C ARG E 362 14.83 -28.85 12.36
N VAL E 363 15.18 -29.92 13.04
CA VAL E 363 16.57 -30.19 13.40
C VAL E 363 17.04 -31.59 13.09
N ASP E 364 18.33 -31.71 12.81
CA ASP E 364 18.99 -32.98 12.62
C ASP E 364 18.90 -33.84 13.90
N ILE E 365 18.75 -35.15 13.71
CA ILE E 365 18.73 -36.14 14.79
C ILE E 365 20.07 -36.01 15.57
N GLY E 366 20.09 -36.31 16.86
CA GLY E 366 21.38 -36.21 17.58
C GLY E 366 21.43 -34.83 18.20
N THR E 367 20.83 -33.84 17.51
CA THR E 367 20.59 -32.46 17.98
C THR E 367 19.36 -32.39 18.89
N ILE E 368 18.49 -33.35 18.66
CA ILE E 368 17.17 -33.38 19.26
C ILE E 368 17.17 -33.36 20.78
N PRO E 369 17.97 -34.19 21.45
CA PRO E 369 17.93 -34.19 22.93
C PRO E 369 18.34 -32.86 23.51
N ASN E 370 19.18 -32.13 22.79
CA ASN E 370 19.51 -30.77 23.16
C ASN E 370 18.32 -29.81 23.05
N ILE E 371 17.43 -30.04 22.11
CA ILE E 371 16.19 -29.29 22.04
C ILE E 371 15.22 -29.73 23.11
N LEU E 372 14.99 -31.04 23.22
CA LEU E 372 13.97 -31.60 24.10
C LEU E 372 14.51 -32.66 24.99
N ASP E 373 14.30 -32.55 26.28
CA ASP E 373 14.75 -33.61 27.15
C ASP E 373 13.61 -34.28 27.90
N THR E 374 12.51 -33.57 28.13
CA THR E 374 11.41 -34.16 28.92
C THR E 374 10.07 -33.74 28.35
N ILE E 375 9.12 -34.67 28.31
CA ILE E 375 7.82 -34.38 27.84
C ILE E 375 6.87 -34.83 28.92
N ILE E 376 6.01 -33.92 29.36
CA ILE E 376 5.07 -34.23 30.39
C ILE E 376 3.70 -34.20 29.82
N PHE E 377 2.96 -35.30 30.00
CA PHE E 377 1.58 -35.39 29.52
C PHE E 377 0.59 -35.10 30.60
N ILE E 378 -0.41 -34.30 30.27
CA ILE E 378 -1.40 -33.94 31.26
C ILE E 378 -2.75 -34.48 30.86
N ASN E 379 -3.41 -35.11 31.82
CA ASN E 379 -4.78 -35.59 31.65
C ASN E 379 -5.62 -35.27 32.86
N SER E 380 -6.77 -34.66 32.62
CA SER E 380 -7.72 -34.34 33.68
C SER E 380 -7.03 -33.64 34.88
N GLY E 381 -6.11 -32.74 34.59
CA GLY E 381 -5.43 -31.98 35.63
C GLY E 381 -4.32 -32.69 36.38
N ASN E 382 -3.88 -33.83 35.89
CA ASN E 382 -2.80 -34.58 36.53
C ASN E 382 -1.81 -35.08 35.51
N VAL E 383 -0.61 -35.50 35.96
CA VAL E 383 0.38 -35.98 34.99
C VAL E 383 0.16 -37.45 34.67
N SER E 384 -0.26 -37.73 33.43
CA SER E 384 -0.49 -39.11 32.93
C SER E 384 0.79 -39.87 32.79
N LYS E 385 1.78 -39.26 32.17
CA LYS E 385 3.02 -39.96 31.82
C LYS E 385 4.10 -38.94 31.53
N VAL E 386 5.33 -39.38 31.62
CA VAL E 386 6.50 -38.52 31.37
C VAL E 386 7.46 -39.30 30.53
N TYR E 387 7.97 -38.66 29.49
CA TYR E 387 8.90 -39.34 28.64
C TYR E 387 10.20 -38.54 28.72
N THR E 388 11.31 -39.23 28.52
CA THR E 388 12.63 -38.66 28.56
C THR E 388 13.27 -38.90 27.20
N LEU E 389 14.22 -38.07 26.80
CA LEU E 389 14.90 -38.24 25.51
C LEU E 389 16.39 -38.39 25.62
N GLU E 390 16.93 -39.39 24.90
CA GLU E 390 18.35 -39.74 24.89
C GLU E 390 18.72 -39.98 23.46
N MET E 391 19.96 -39.69 23.08
CA MET E 391 20.43 -39.94 21.72
C MET E 391 21.45 -41.02 21.75
N THR E 392 21.28 -42.00 20.87
CA THR E 392 22.27 -43.06 20.73
C THR E 392 22.55 -43.45 19.24
N VAL E 393 23.79 -43.85 18.98
CA VAL E 393 24.30 -44.04 17.60
C VAL E 393 24.05 -45.43 16.98
N LYS E 394 23.74 -46.44 17.82
CA LYS E 394 23.63 -47.87 17.42
C LYS E 394 22.38 -48.44 18.05
N VAL E 395 21.35 -48.81 17.26
CA VAL E 395 20.04 -49.29 17.78
C VAL E 395 19.19 -50.19 16.83
N PRO E 396 18.20 -50.88 17.41
CA PRO E 396 17.35 -51.67 16.53
C PRO E 396 16.79 -50.95 15.29
N ALA E 397 16.79 -51.68 14.17
CA ALA E 397 16.14 -51.37 12.91
C ALA E 397 15.07 -52.45 12.90
N GLY E 398 14.00 -52.28 12.11
CA GLY E 398 12.90 -53.26 12.05
C GLY E 398 13.37 -54.64 11.60
N LEU E 399 14.41 -54.69 10.76
CA LEU E 399 15.13 -55.95 10.44
C LEU E 399 15.96 -56.40 11.64
N LYS E 400 16.08 -57.72 11.80
CA LYS E 400 16.78 -58.33 12.97
C LYS E 400 18.27 -57.96 13.00
N GLU E 401 18.85 -57.92 11.79
CA GLU E 401 20.24 -57.57 11.55
C GLU E 401 20.64 -56.16 11.89
N ALA E 402 21.93 -56.08 12.19
CA ALA E 402 22.70 -54.91 12.52
C ALA E 402 23.40 -54.39 11.26
N ASP E 403 22.94 -54.75 10.05
CA ASP E 403 23.61 -54.24 8.82
C ASP E 403 23.44 -52.73 8.63
N LEU E 404 22.23 -52.21 8.78
CA LEU E 404 22.01 -50.74 8.70
C LEU E 404 22.77 -49.86 9.73
N ALA E 405 22.70 -50.25 11.01
CA ALA E 405 23.37 -49.60 12.14
C ALA E 405 23.18 -48.02 12.26
N ARG E 406 21.91 -47.61 12.24
CA ARG E 406 21.60 -46.16 12.08
C ARG E 406 21.75 -45.48 13.48
N PRO E 407 21.63 -44.13 13.54
CA PRO E 407 21.60 -43.38 14.80
C PRO E 407 20.15 -43.06 15.19
N VAL E 408 19.82 -43.29 16.46
CA VAL E 408 18.46 -43.03 16.93
C VAL E 408 18.37 -42.64 18.41
N VAL E 409 17.38 -41.81 18.70
CA VAL E 409 17.16 -41.40 20.09
C VAL E 409 16.05 -42.21 20.68
N GLU E 410 16.25 -42.50 21.94
CA GLU E 410 15.32 -43.32 22.70
C GLU E 410 14.46 -42.45 23.62
N ILE E 411 13.15 -42.62 23.48
CA ILE E 411 12.18 -41.93 24.31
C ILE E 411 11.83 -42.91 25.38
N LYS E 412 12.10 -42.57 26.62
CA LYS E 412 11.91 -43.49 27.73
C LYS E 412 10.88 -43.01 28.72
N ASP E 413 10.05 -43.93 29.21
CA ASP E 413 9.14 -43.61 30.27
C ASP E 413 10.02 -43.26 31.46
N LEU E 414 9.60 -42.27 32.21
CA LEU E 414 10.34 -41.86 33.39
C LEU E 414 10.39 -42.91 34.49
N ALA E 415 9.26 -43.54 34.78
CA ALA E 415 9.18 -44.54 35.85
C ALA E 415 9.88 -45.89 35.52
N THR E 416 9.58 -46.46 34.37
CA THR E 416 10.16 -47.71 33.92
C THR E 416 11.65 -47.55 33.54
N GLY E 417 11.96 -46.45 32.87
CA GLY E 417 13.26 -46.29 32.20
C GLY E 417 13.32 -46.98 30.83
N ASN E 418 12.23 -47.66 30.49
CA ASN E 418 12.19 -48.55 29.35
C ASN E 418 11.85 -47.78 28.12
N THR E 419 12.74 -47.82 27.13
CA THR E 419 12.48 -47.05 25.91
C THR E 419 11.15 -47.55 25.22
N GLU E 420 10.20 -46.63 25.03
CA GLU E 420 8.91 -46.89 24.38
C GLU E 420 8.80 -46.42 22.94
N TYR E 421 9.74 -45.61 22.50
CA TYR E 421 9.73 -45.13 21.11
C TYR E 421 11.13 -44.86 20.66
N GLU E 422 11.33 -44.89 19.34
CA GLU E 422 12.63 -44.57 18.72
C GLU E 422 12.45 -43.55 17.61
N ILE E 423 13.38 -42.59 17.53
CA ILE E 423 13.42 -41.62 16.42
C ILE E 423 14.83 -41.59 15.82
N TYR E 424 14.91 -41.95 14.53
CA TYR E 424 16.14 -42.07 13.77
C TYR E 424 15.82 -41.84 12.31
N VAL E 425 16.87 -41.90 11.49
CA VAL E 425 16.73 -41.84 10.03
C VAL E 425 17.22 -43.12 9.34
N PHE E 426 16.43 -43.57 8.35
CA PHE E 426 16.84 -44.63 7.41
C PHE E 426 16.53 -44.23 5.95
N GLY E 427 17.26 -43.23 5.46
CA GLY E 427 16.98 -42.55 4.19
C GLY E 427 15.81 -41.53 4.26
N GLU E 428 15.13 -41.50 5.42
CA GLU E 428 13.99 -40.62 5.70
C GLU E 428 13.93 -40.45 7.24
N GLN E 429 13.09 -39.53 7.69
CA GLN E 429 12.89 -39.27 9.13
C GLN E 429 11.59 -39.90 9.56
N THR E 430 11.64 -40.76 10.57
CA THR E 430 10.41 -41.31 11.17
C THR E 430 10.65 -41.77 12.60
N MET E 431 9.54 -41.93 13.31
CA MET E 431 9.55 -42.34 14.71
C MET E 431 8.71 -43.62 14.87
N ILE E 432 9.30 -44.68 15.42
CA ILE E 432 8.64 -46.00 15.49
C ILE E 432 8.71 -46.56 16.91
N VAL E 433 7.66 -47.30 17.26
CA VAL E 433 7.44 -47.74 18.61
C VAL E 433 7.80 -49.20 18.84
N PRO E 434 8.81 -49.44 19.70
CA PRO E 434 9.03 -50.77 20.20
C PRO E 434 7.99 -51.07 21.34
N VAL E 435 7.96 -52.31 21.80
CA VAL E 435 7.16 -52.69 22.98
C VAL E 435 8.13 -52.97 24.12
N ASN E 436 7.90 -52.32 25.28
CA ASN E 436 8.71 -52.47 26.48
C ASN E 436 8.17 -53.58 27.37
N MET F 1 19.32 36.24 43.97
CA MET F 1 19.51 37.54 43.26
C MET F 1 19.28 37.47 41.72
N ASN F 2 19.89 36.47 41.08
CA ASN F 2 19.71 36.25 39.65
C ASN F 2 18.38 35.60 39.34
N ASP F 3 17.82 35.89 38.17
CA ASP F 3 16.60 35.26 37.74
C ASP F 3 16.91 34.18 36.73
N LEU F 4 16.53 32.95 37.01
CA LEU F 4 16.85 31.81 36.13
C LEU F 4 15.66 31.27 35.36
N MET F 5 15.82 31.19 34.05
CA MET F 5 14.83 30.69 33.15
C MET F 5 15.26 29.30 32.72
N LEU F 6 14.43 28.31 32.98
CA LEU F 6 14.75 26.95 32.61
C LEU F 6 14.01 26.50 31.36
N ASP F 7 14.74 25.86 30.46
CA ASP F 7 14.12 25.40 29.21
C ASP F 7 13.79 23.97 29.40
N LYS F 8 13.15 23.38 28.40
CA LYS F 8 12.70 21.98 28.55
C LYS F 8 13.91 21.08 28.79
N SER F 9 15.00 21.38 28.10
CA SER F 9 16.22 20.58 28.24
C SER F 9 16.67 20.48 29.72
N ALA F 10 16.61 21.57 30.47
CA ALA F 10 16.98 21.58 31.83
C ALA F 10 16.08 20.69 32.67
N LEU F 11 14.79 20.73 32.39
CA LEU F 11 13.80 19.89 33.13
C LEU F 11 14.00 18.44 32.85
N LEU F 12 14.43 18.13 31.63
CA LEU F 12 14.77 16.79 31.30
C LEU F 12 16.12 16.38 31.85
N PHE F 13 16.92 17.31 32.36
CA PHE F 13 18.24 17.01 32.83
C PHE F 13 18.41 17.02 34.32
N GLY F 14 17.31 16.97 35.05
CA GLY F 14 17.42 16.94 36.50
C GLY F 14 18.01 18.21 37.09
N VAL F 15 17.60 19.34 36.54
CA VAL F 15 18.05 20.66 37.04
C VAL F 15 17.72 20.93 38.53
N SER F 16 16.70 20.26 39.03
CA SER F 16 16.35 20.38 40.41
C SER F 16 17.51 20.04 41.34
N LYS F 17 18.24 18.98 40.96
CA LYS F 17 19.39 18.52 41.73
C LYS F 17 20.47 19.61 41.79
N TYR F 18 20.70 20.29 40.68
CA TYR F 18 21.71 21.34 40.61
C TYR F 18 21.38 22.47 41.53
N LEU F 19 20.10 22.79 41.59
CA LEU F 19 19.65 23.88 42.42
C LEU F 19 19.81 23.57 43.90
N GLU F 20 19.44 22.36 44.29
CA GLU F 20 19.52 21.90 45.68
C GLU F 20 20.96 21.92 46.15
N LYS F 21 21.84 21.45 45.27
CA LYS F 21 23.27 21.39 45.56
C LYS F 21 23.95 22.75 45.52
N GLY F 22 23.27 23.76 44.98
CA GLY F 22 23.81 25.11 44.95
C GLY F 22 24.75 25.35 43.79
N ILE F 23 24.78 24.42 42.84
CA ILE F 23 25.59 24.56 41.62
C ILE F 23 25.15 25.80 40.84
N ILE F 24 23.84 26.01 40.84
CA ILE F 24 23.26 27.20 40.23
C ILE F 24 22.45 27.84 41.31
N THR F 25 22.33 29.17 41.26
CA THR F 25 21.61 29.89 42.26
C THR F 25 20.85 31.06 41.70
N GLY F 26 19.72 31.32 42.34
CA GLY F 26 18.87 32.43 42.00
C GLY F 26 17.42 31.99 42.09
N ASN F 27 16.54 32.90 41.73
CA ASN F 27 15.14 32.60 41.60
C ASN F 27 14.89 31.75 40.38
N VAL F 28 13.81 30.98 40.42
CA VAL F 28 13.46 30.11 39.30
C VAL F 28 12.32 30.68 38.54
N LEU F 29 12.47 30.71 37.23
CA LEU F 29 11.43 31.13 36.33
C LEU F 29 11.18 30.06 35.26
N ILE F 30 9.91 29.83 34.93
CA ILE F 30 9.55 28.95 33.81
C ILE F 30 8.54 29.69 32.98
N HIS F 31 8.70 29.70 31.66
CA HIS F 31 7.76 30.40 30.83
C HIS F 31 6.46 29.62 30.67
N LYS F 32 5.35 30.33 30.59
CA LYS F 32 4.00 29.69 30.48
C LYS F 32 3.92 28.70 29.33
N SER F 33 4.50 29.13 28.22
CA SER F 33 4.55 28.44 27.01
C SER F 33 5.08 27.03 27.16
N LEU F 34 6.13 26.93 27.93
CA LEU F 34 6.75 25.62 28.15
C LEU F 34 5.82 24.70 28.91
N LEU F 35 5.16 25.22 29.91
CA LEU F 35 4.15 24.42 30.61
C LEU F 35 2.96 23.98 29.71
N ALA F 36 2.56 24.85 28.80
CA ALA F 36 1.58 24.50 27.83
C ALA F 36 2.03 23.34 26.94
N GLU F 37 3.26 23.45 26.46
CA GLU F 37 3.87 22.42 25.62
C GLU F 37 3.96 21.10 26.34
N LEU F 38 4.44 21.14 27.57
CA LEU F 38 4.55 19.94 28.38
C LEU F 38 3.21 19.27 28.58
N GLU F 39 2.20 20.08 28.80
CA GLU F 39 0.88 19.51 28.93
C GLU F 39 0.42 18.76 27.65
N ARG F 40 0.56 19.37 26.49
CA ARG F 40 0.15 18.71 25.26
C ARG F 40 0.90 17.43 25.04
N GLU F 41 2.18 17.49 25.29
CA GLU F 41 3.00 16.32 25.08
C GLU F 41 2.54 15.24 26.03
N SER F 42 2.26 15.62 27.27
CA SER F 42 1.82 14.64 28.29
C SER F 42 0.55 13.95 27.81
N ASN F 43 -0.36 14.75 27.29
CA ASN F 43 -1.60 14.25 26.76
C ASN F 43 -1.40 13.35 25.57
N ASP F 44 -0.42 13.71 24.72
CA ASP F 44 -0.05 12.87 23.56
C ASP F 44 0.70 11.61 23.99
N GLY F 45 0.99 11.50 25.28
CA GLY F 45 1.55 10.33 25.88
C GLY F 45 3.04 10.31 25.91
N LEU F 46 3.71 11.44 25.65
CA LEU F 46 5.17 11.46 25.74
C LEU F 46 5.58 11.16 27.15
N VAL F 47 6.45 10.17 27.32
CA VAL F 47 6.96 9.81 28.64
C VAL F 47 7.79 10.97 29.20
N SER F 48 8.56 11.63 28.35
CA SER F 48 9.49 12.70 28.77
C SER F 48 8.77 13.83 29.46
N ALA F 49 7.60 14.14 28.94
CA ALA F 49 6.79 15.22 29.47
C ALA F 49 6.33 14.99 30.93
N GLU F 50 5.95 13.75 31.26
CA GLU F 50 5.63 13.39 32.62
C GLU F 50 6.83 13.70 33.55
N ILE F 51 8.03 13.34 33.09
CA ILE F 51 9.24 13.53 33.86
C ILE F 51 9.52 14.98 34.03
N ALA F 52 9.42 15.70 32.92
CA ALA F 52 9.67 17.13 32.89
C ALA F 52 8.72 17.89 33.82
N LEU F 53 7.46 17.50 33.80
CA LEU F 53 6.47 18.10 34.64
C LEU F 53 6.69 17.78 36.07
N ASP F 54 7.04 16.53 36.35
CA ASP F 54 7.35 16.10 37.75
C ASP F 54 8.50 16.91 38.29
N GLU F 55 9.46 17.22 37.41
CA GLU F 55 10.60 18.06 37.78
C GLU F 55 10.19 19.46 38.21
N VAL F 56 9.09 19.97 37.65
CA VAL F 56 8.62 21.31 38.01
C VAL F 56 8.24 21.41 39.49
N LYS F 57 7.55 20.40 39.98
CA LYS F 57 7.24 20.42 41.41
C LYS F 57 8.49 20.37 42.26
N LYS F 58 9.42 19.50 41.88
CA LYS F 58 10.62 19.28 42.67
C LYS F 58 11.31 20.59 42.81
N LEU F 59 11.35 21.32 41.72
CA LEU F 59 11.97 22.62 41.71
C LEU F 59 11.28 23.55 42.67
N LYS F 60 9.95 23.56 42.63
CA LYS F 60 9.17 24.48 43.46
C LYS F 60 9.45 24.23 44.92
N ASP F 61 9.51 22.94 45.28
CA ASP F 61 9.75 22.55 46.66
C ASP F 61 11.07 23.07 47.12
N ILE F 62 12.09 22.91 46.29
CA ILE F 62 13.43 23.31 46.66
C ILE F 62 13.47 24.83 46.85
N THR F 63 12.77 25.55 46.01
CA THR F 63 12.75 26.99 46.13
C THR F 63 12.22 27.40 47.48
N GLU F 64 11.21 26.66 47.97
CA GLU F 64 10.59 26.91 49.28
C GLU F 64 11.58 26.68 50.40
N ARG F 65 12.36 25.61 50.28
CA ARG F 65 13.41 25.28 51.24
C ARG F 65 14.45 26.36 51.36
N ILE F 66 14.89 26.90 50.24
CA ILE F 66 15.95 27.93 50.25
C ILE F 66 15.46 29.36 50.27
N LEU F 67 14.15 29.56 50.36
CA LEU F 67 13.58 30.90 50.42
C LEU F 67 14.04 31.70 49.20
N VAL F 68 13.83 31.09 48.04
CA VAL F 68 14.08 31.73 46.74
C VAL F 68 12.75 31.67 45.99
N ASN F 69 12.54 32.64 45.15
CA ASN F 69 11.30 32.77 44.42
C ASN F 69 11.14 31.67 43.32
N PHE F 70 9.89 31.31 43.07
CA PHE F 70 9.51 30.41 41.99
C PHE F 70 8.33 31.03 41.29
N GLU F 71 8.40 31.19 39.98
CA GLU F 71 7.35 31.80 39.24
C GLU F 71 7.20 31.31 37.81
N ILE F 72 5.98 31.35 37.31
CA ILE F 72 5.68 31.05 35.93
C ILE F 72 5.27 32.34 35.27
N VAL F 73 5.94 32.69 34.20
CA VAL F 73 5.84 34.04 33.68
C VAL F 73 5.52 34.03 32.22
N GLY F 74 5.29 35.23 31.71
CA GLY F 74 5.01 35.45 30.31
C GLY F 74 3.55 35.79 30.33
N ASP F 75 3.03 36.18 29.19
CA ASP F 75 1.62 36.38 29.04
C ASP F 75 1.10 35.27 28.14
N ASP F 76 -0.09 34.77 28.49
CA ASP F 76 -0.81 33.76 27.70
C ASP F 76 -1.09 34.32 26.28
N SER F 77 -1.31 35.64 26.20
CA SER F 77 -1.56 36.35 24.94
C SER F 77 -0.48 36.13 23.85
N LYS F 78 0.81 36.14 24.25
CA LYS F 78 1.97 35.87 23.38
C LYS F 78 2.10 34.37 23.13
N LYS F 79 2.03 33.94 21.87
CA LYS F 79 2.02 32.51 21.50
C LYS F 79 3.11 32.22 20.48
N GLY F 80 3.73 31.05 20.61
CA GLY F 80 4.91 30.69 19.82
C GLY F 80 5.63 29.52 20.45
N GLU F 81 6.85 29.26 19.97
CA GLU F 81 7.68 28.19 20.51
C GLU F 81 8.21 28.62 21.85
N ALA F 82 8.22 27.70 22.81
CA ALA F 82 8.66 28.02 24.17
C ALA F 82 10.10 28.54 24.25
N ASN F 83 10.99 27.92 23.54
CA ASN F 83 12.35 28.39 23.59
C ASN F 83 12.49 29.81 23.07
N GLU F 84 11.82 30.11 21.96
CA GLU F 84 11.88 31.45 21.35
C GLU F 84 11.35 32.48 22.32
N LEU F 85 10.21 32.16 22.94
CA LEU F 85 9.57 33.06 23.93
C LEU F 85 10.37 33.20 25.22
N SER F 86 10.96 32.10 25.69
CA SER F 86 11.72 32.13 26.92
C SER F 86 12.93 33.05 26.73
N ARG F 87 13.57 32.97 25.57
CA ARG F 87 14.75 33.84 25.28
C ARG F 87 14.36 35.28 25.27
N GLU F 88 13.22 35.55 24.66
CA GLU F 88 12.74 36.91 24.52
C GLU F 88 12.51 37.50 25.88
N TYR F 89 11.92 36.70 26.73
CA TYR F 89 11.67 37.12 28.08
C TYR F 89 12.98 37.53 28.75
N CYS F 90 14.00 36.69 28.57
CA CYS F 90 15.31 36.90 29.20
C CYS F 90 15.94 38.19 28.73
N LEU F 91 15.77 38.49 27.45
CA LEU F 91 16.23 39.76 26.94
C LEU F 91 15.60 40.99 27.56
N GLU F 92 14.29 40.97 27.62
CA GLU F 92 13.61 42.13 28.17
C GLU F 92 13.78 42.21 29.67
N LYS F 93 13.76 41.10 30.40
CA LYS F 93 13.89 41.13 31.88
C LYS F 93 15.31 40.89 32.43
N GLY F 94 16.29 40.60 31.57
CA GLY F 94 17.65 40.34 32.00
C GLY F 94 17.86 39.05 32.74
N CYS F 95 17.09 38.01 32.45
CA CYS F 95 17.24 36.72 33.14
C CYS F 95 18.28 35.88 32.52
N ILE F 96 18.60 34.78 33.18
CA ILE F 96 19.60 33.84 32.71
C ILE F 96 18.99 32.52 32.29
N ILE F 97 19.33 32.07 31.08
CA ILE F 97 18.83 30.81 30.59
C ILE F 97 19.60 29.65 31.09
N VAL F 98 18.92 28.64 31.56
CA VAL F 98 19.57 27.45 32.06
C VAL F 98 19.17 26.38 31.10
N THR F 99 20.18 25.70 30.54
CA THR F 99 19.90 24.67 29.56
C THR F 99 20.95 23.57 29.52
N ALA F 100 20.57 22.48 28.87
CA ALA F 100 21.46 21.35 28.60
C ALA F 100 21.57 21.11 27.11
N ASP F 101 21.09 22.06 26.32
CA ASP F 101 21.03 21.91 24.86
C ASP F 101 22.02 22.84 24.21
N GLU F 102 22.90 22.27 23.41
CA GLU F 102 23.92 23.07 22.73
C GLU F 102 23.32 24.07 21.78
N THR F 103 22.29 23.64 21.06
CA THR F 103 21.67 24.50 20.09
C THR F 103 21.20 25.76 20.79
N GLN F 104 20.51 25.58 21.91
CA GLN F 104 20.02 26.71 22.68
C GLN F 104 21.12 27.58 23.21
N LYS F 105 22.17 26.92 23.67
CA LYS F 105 23.35 27.65 24.13
C LYS F 105 23.93 28.56 23.04
N LYS F 106 24.15 27.99 21.86
CA LYS F 106 24.74 28.75 20.78
C LYS F 106 23.94 29.98 20.40
N ILE F 107 22.62 29.79 20.34
CA ILE F 107 21.69 30.89 20.02
C ILE F 107 21.63 31.97 21.09
N CYS F 108 21.60 31.55 22.34
CA CYS F 108 21.69 32.53 23.40
C CYS F 108 22.97 33.37 23.31
N ASP F 109 24.09 32.71 23.04
CA ASP F 109 25.36 33.41 22.95
C ASP F 109 25.27 34.47 21.84
N ALA F 110 24.68 34.08 20.71
CA ALA F 110 24.57 34.98 19.56
C ALA F 110 23.71 36.18 19.88
N MET F 111 22.63 35.92 20.56
CA MET F 111 21.70 36.97 20.92
C MET F 111 22.12 37.86 22.08
N GLY F 112 23.15 37.46 22.78
CA GLY F 112 23.68 38.20 23.90
C GLY F 112 22.94 37.96 25.18
N ILE F 113 22.39 36.76 25.30
CA ILE F 113 21.70 36.34 26.49
C ILE F 113 22.60 35.51 27.39
N GLN F 114 22.63 35.86 28.67
CA GLN F 114 23.48 35.10 29.58
C GLN F 114 22.88 33.75 29.77
N TYR F 115 23.72 32.75 29.95
CA TYR F 115 23.22 31.41 30.13
C TYR F 115 24.03 30.59 31.10
N ASN F 116 23.44 29.52 31.57
CA ASN F 116 24.11 28.54 32.36
C ASN F 116 23.98 27.17 31.73
N PHE F 117 25.10 26.59 31.34
CA PHE F 117 25.03 25.34 30.60
C PHE F 117 25.32 24.19 31.51
N LEU F 118 24.39 23.27 31.62
CA LEU F 118 24.58 22.12 32.48
C LEU F 118 25.47 21.02 31.90
N GLN F 119 26.32 20.46 32.78
CA GLN F 119 27.27 19.38 32.44
C GLN F 119 26.92 18.23 33.30
N PRO F 120 27.21 16.95 32.94
CA PRO F 120 26.68 15.95 33.88
C PRO F 120 27.06 16.19 35.37
N LEU F 121 26.04 16.07 36.25
CA LEU F 121 26.15 16.31 37.70
C LEU F 121 27.05 15.30 38.34
N LYS F 122 26.95 14.07 37.86
CA LYS F 122 27.84 12.99 38.23
C LYS F 122 28.47 12.53 36.92
N GLN F 123 29.77 12.25 36.92
CA GLN F 123 30.38 11.54 35.77
C GLN F 123 29.64 10.21 35.54
N GLY F 124 29.29 9.55 36.66
CA GLY F 124 28.50 8.32 36.66
C GLY F 124 27.02 8.54 36.34
N LEU F 125 26.38 7.49 35.84
CA LEU F 125 24.93 7.47 35.61
C LEU F 125 24.12 6.97 36.78
N SER F 126 22.83 7.29 36.75
CA SER F 126 21.88 7.00 37.86
C SER F 126 22.01 5.58 38.43
N PHE F 127 21.97 4.59 37.56
CA PHE F 127 22.14 3.15 37.91
C PHE F 127 23.63 2.70 38.13
N GLU F 128 24.58 3.54 37.73
CA GLU F 128 25.98 3.10 37.62
C GLU F 128 26.69 2.69 38.92
N SER F 129 26.35 3.35 40.02
CA SER F 129 26.98 3.05 41.33
C SER F 129 26.93 1.56 41.64
N PHE F 130 25.84 0.93 41.21
CA PHE F 130 25.53 -0.49 41.52
C PHE F 130 26.36 -1.62 40.91
N PHE F 131 27.14 -1.40 39.87
CA PHE F 131 27.83 -2.57 39.23
C PHE F 131 28.84 -3.45 40.02
N ASP F 132 29.61 -2.74 40.82
CA ASP F 132 30.58 -3.30 41.76
C ASP F 132 31.88 -3.68 41.00
N ASP F 133 31.87 -3.58 39.66
CA ASP F 133 32.96 -4.13 38.85
C ASP F 133 33.03 -5.62 39.18
N GLU F 134 31.99 -6.24 39.76
CA GLU F 134 31.94 -7.71 39.97
C GLU F 134 30.76 -8.40 39.28
N THR F 135 29.84 -7.54 38.81
CA THR F 135 28.54 -7.90 38.27
C THR F 135 28.41 -7.69 36.78
N MET F 136 27.83 -8.70 36.13
CA MET F 136 27.65 -8.70 34.68
C MET F 136 26.45 -7.89 34.20
N SER F 137 25.33 -8.02 34.90
CA SER F 137 24.08 -7.37 34.51
C SER F 137 23.16 -6.91 35.67
N LEU F 138 22.38 -5.90 35.36
CA LEU F 138 21.48 -5.29 36.30
C LEU F 138 20.05 -5.41 35.82
N HIS F 139 19.16 -5.90 36.66
CA HIS F 139 17.74 -6.06 36.24
C HIS F 139 16.78 -5.22 37.03
N ILE F 140 15.99 -4.46 36.29
CA ILE F 140 15.07 -3.56 36.87
C ILE F 140 13.69 -3.71 36.26
N LYS F 141 12.68 -3.87 37.12
CA LYS F 141 11.31 -4.02 36.64
C LYS F 141 10.33 -3.44 37.64
N GLU F 142 9.21 -2.95 37.13
CA GLU F 142 8.12 -2.43 37.95
C GLU F 142 7.70 -3.40 39.01
N ASP F 143 7.48 -2.92 40.20
CA ASP F 143 7.01 -3.73 41.31
C ASP F 143 7.95 -4.90 41.67
N THR F 144 9.23 -4.75 41.39
CA THR F 144 10.22 -5.76 41.77
C THR F 144 11.37 -5.03 42.39
N VAL F 145 12.10 -5.72 43.23
CA VAL F 145 13.32 -5.10 43.79
C VAL F 145 14.40 -5.11 42.73
N PRO F 146 15.24 -4.08 42.64
CA PRO F 146 16.30 -4.24 41.65
C PRO F 146 17.22 -5.35 42.03
N ARG F 147 17.72 -6.11 41.07
CA ARG F 147 18.61 -7.22 41.38
C ARG F 147 19.77 -7.14 40.44
N ALA F 148 20.85 -7.77 40.87
CA ALA F 148 22.08 -7.81 40.09
C ALA F 148 22.59 -9.20 40.00
N LYS F 149 23.23 -9.48 38.88
CA LYS F 149 23.73 -10.83 38.52
C LYS F 149 25.22 -10.79 38.62
N LYS F 150 25.74 -11.53 39.60
CA LYS F 150 27.19 -11.60 39.86
C LYS F 150 27.70 -13.05 40.05
N GLY F 151 28.82 -13.40 39.46
CA GLY F 151 29.39 -14.74 39.65
C GLY F 151 30.36 -15.28 38.61
N LYS F 152 30.52 -16.61 38.57
CA LYS F 152 31.23 -17.22 37.43
C LYS F 152 30.28 -17.04 36.29
N PRO F 153 30.76 -17.08 35.04
CA PRO F 153 29.76 -17.02 33.95
C PRO F 153 28.70 -18.13 34.01
N GLY F 154 29.09 -19.29 34.53
CA GLY F 154 28.19 -20.34 34.98
C GLY F 154 27.89 -20.06 36.45
N ASN F 155 26.61 -20.25 36.82
CA ASN F 155 26.08 -20.10 38.20
C ASN F 155 26.37 -18.72 38.94
N TRP F 156 26.15 -17.62 38.22
CA TRP F 156 26.31 -16.31 38.80
C TRP F 156 25.27 -16.07 39.92
N LYS F 157 25.67 -15.48 41.05
CA LYS F 157 24.70 -15.16 42.15
C LYS F 157 23.86 -13.89 41.84
N PHE F 158 22.69 -13.80 42.48
CA PHE F 158 21.77 -12.62 42.44
C PHE F 158 21.59 -11.90 43.75
N VAL F 159 21.94 -10.62 43.81
CA VAL F 159 21.82 -9.86 45.04
C VAL F 159 20.79 -8.74 44.85
N ASN F 160 19.89 -8.60 45.82
CA ASN F 160 18.96 -7.49 45.84
C ASN F 160 19.70 -6.23 46.14
N LEU F 161 19.43 -5.19 45.40
CA LEU F 161 19.99 -3.88 45.65
C LEU F 161 19.09 -3.11 46.54
N SER F 162 17.92 -3.66 46.88
CA SER F 162 17.03 -3.04 47.87
C SER F 162 16.10 -4.07 48.46
N ASP F 163 15.41 -3.68 49.50
CA ASP F 163 14.31 -4.50 50.02
C ASP F 163 12.96 -3.84 49.70
N LYS F 164 12.97 -2.73 48.94
CA LYS F 164 11.76 -2.08 48.52
C LYS F 164 11.55 -2.29 47.05
N PRO F 165 10.32 -2.67 46.63
CA PRO F 165 10.13 -2.77 45.20
C PRO F 165 10.15 -1.42 44.57
N MET F 166 10.50 -1.43 43.30
CA MET F 166 10.69 -0.23 42.55
C MET F 166 9.39 0.22 41.93
N LEU F 167 9.12 1.50 42.09
CA LEU F 167 7.92 2.09 41.57
C LEU F 167 7.99 2.26 40.08
N SER F 168 6.84 2.20 39.42
CA SER F 168 6.78 2.34 38.00
C SER F 168 7.37 3.67 37.55
N THR F 169 7.05 4.71 38.27
CA THR F 169 7.58 6.03 37.94
C THR F 169 9.08 6.02 37.95
N ASP F 170 9.66 5.34 38.92
CA ASP F 170 11.10 5.30 39.07
C ASP F 170 11.75 4.62 37.92
N VAL F 171 11.12 3.56 37.43
CA VAL F 171 11.67 2.82 36.30
C VAL F 171 11.67 3.68 35.07
N ARG F 172 10.59 4.40 34.87
CA ARG F 172 10.46 5.24 33.68
C ARG F 172 11.41 6.41 33.74
N MET F 173 11.68 6.88 34.94
CA MET F 173 12.71 7.91 35.13
C MET F 173 14.10 7.42 34.75
N ILE F 174 14.41 6.18 35.11
CA ILE F 174 15.69 5.57 34.77
C ILE F 174 15.82 5.37 33.27
N ALA F 175 14.75 4.94 32.64
CA ALA F 175 14.75 4.79 31.21
C ALA F 175 15.02 6.12 30.51
N ASN F 176 14.36 7.17 30.96
CA ASN F 176 14.65 8.52 30.44
C ASN F 176 16.08 8.97 30.70
N GLU F 177 16.58 8.71 31.93
CA GLU F 177 17.97 9.09 32.30
C GLU F 177 18.86 8.45 31.18
N ILE F 178 18.54 7.20 30.79
CA ILE F 178 19.36 6.44 29.84
C ILE F 178 19.23 6.96 28.43
N ILE F 179 18.03 7.31 28.02
CA ILE F 179 17.83 7.85 26.68
C ILE F 179 18.59 9.16 26.52
N ASN F 180 18.57 9.98 27.55
CA ASN F 180 19.32 11.22 27.56
C ASN F 180 20.80 11.02 27.46
N ALA F 181 21.29 10.02 28.14
CA ALA F 181 22.72 9.77 28.14
C ALA F 181 23.28 9.48 26.74
N VAL F 182 22.45 9.04 25.79
CA VAL F 182 22.89 8.82 24.43
C VAL F 182 23.35 10.09 23.72
N ARG F 183 22.55 11.15 23.81
CA ARG F 183 22.89 12.45 23.20
C ARG F 183 24.16 13.03 23.84
N LEU F 184 24.21 12.95 25.15
CA LEU F 184 25.30 13.52 25.95
C LEU F 184 26.57 12.70 25.98
N ILE F 185 26.50 11.39 26.03
CA ILE F 185 27.70 10.61 25.90
C ILE F 185 27.74 10.43 24.39
N LYS F 186 28.97 10.26 23.91
CA LYS F 186 29.30 9.90 22.53
C LYS F 186 29.85 8.44 22.43
N GLY F 187 29.52 7.81 21.31
CA GLY F 187 29.68 6.35 21.04
C GLY F 187 28.50 5.56 21.60
N SER F 188 27.43 6.32 21.83
CA SER F 188 26.17 5.82 22.35
C SER F 188 25.07 6.16 21.36
N PHE F 189 24.16 5.21 21.16
CA PHE F 189 23.13 5.36 20.15
C PHE F 189 22.01 4.37 20.41
N VAL F 190 20.85 4.63 19.81
CA VAL F 190 19.68 3.74 19.93
C VAL F 190 19.94 2.71 18.84
N GLU F 191 20.14 1.47 19.23
CA GLU F 191 20.37 0.44 18.26
C GLU F 191 19.14 0.21 17.41
N ILE F 192 18.01 0.03 18.07
CA ILE F 192 16.73 -0.28 17.40
C ILE F 192 15.60 0.07 18.36
N GLU F 193 14.62 0.76 17.81
CA GLU F 193 13.48 1.14 18.58
C GLU F 193 12.29 0.52 17.91
N ARG F 194 11.54 -0.24 18.67
CA ARG F 194 10.31 -0.82 18.22
C ARG F 194 9.21 -0.30 19.13
N ARG F 195 7.96 -0.63 18.80
CA ARG F 195 6.85 -0.09 19.57
C ARG F 195 6.95 -0.45 21.03
N GLY F 196 7.31 -1.70 21.29
CA GLY F 196 7.35 -2.17 22.68
C GLY F 196 8.70 -2.27 23.32
N SER F 197 9.73 -2.09 22.51
CA SER F 197 11.06 -2.40 22.90
C SER F 197 12.03 -1.36 22.40
N LEU F 198 13.03 -1.09 23.20
CA LEU F 198 14.09 -0.15 22.83
C LEU F 198 15.41 -0.80 23.22
N ILE F 199 16.33 -0.89 22.28
CA ILE F 199 17.65 -1.47 22.59
C ILE F 199 18.71 -0.41 22.36
N ILE F 200 19.51 -0.16 23.38
CA ILE F 200 20.50 0.92 23.24
C ILE F 200 21.95 0.59 23.71
N GLN F 201 22.89 1.25 23.03
CA GLN F 201 24.30 1.10 23.31
C GLN F 201 24.68 2.34 24.01
N LEU F 202 25.00 2.18 25.26
CA LEU F 202 25.37 3.35 26.01
C LEU F 202 26.71 3.14 26.70
N GLY F 203 27.71 3.85 26.17
CA GLY F 203 29.06 3.65 26.65
C GLY F 203 29.41 2.17 26.59
N ASN F 204 29.82 1.62 27.73
CA ASN F 204 30.22 0.22 27.83
C ASN F 204 29.09 -0.70 28.18
N TYR F 205 27.86 -0.17 28.30
CA TYR F 205 26.66 -0.97 28.61
C TYR F 205 25.71 -1.18 27.41
N ARG F 206 25.00 -2.30 27.50
CA ARG F 206 23.94 -2.57 26.61
C ARG F 206 22.64 -2.54 27.38
N VAL F 207 21.70 -1.78 26.86
CA VAL F 207 20.44 -1.65 27.58
C VAL F 207 19.24 -2.13 26.77
N VAL F 208 18.39 -2.95 27.39
CA VAL F 208 17.13 -3.38 26.75
C VAL F 208 16.00 -2.92 27.58
N ILE F 209 15.10 -2.16 26.95
CA ILE F 209 13.93 -1.67 27.62
C ILE F 209 12.70 -2.21 27.00
N THR F 210 11.79 -2.74 27.81
CA THR F 210 10.48 -3.15 27.32
C THR F 210 9.39 -2.43 28.07
N ARG F 211 8.27 -2.19 27.41
CA ARG F 211 7.12 -1.55 28.04
C ARG F 211 5.79 -2.19 27.67
N PRO F 212 4.75 -1.94 28.49
CA PRO F 212 3.46 -2.39 28.05
C PRO F 212 3.04 -1.72 26.77
N PRO F 213 2.20 -2.37 26.01
CA PRO F 213 1.67 -3.69 26.30
C PRO F 213 2.51 -4.91 25.94
N LEU F 214 3.68 -4.72 25.37
CA LEU F 214 4.48 -5.88 25.00
C LEU F 214 4.81 -6.68 26.22
N SER F 215 5.17 -5.98 27.27
CA SER F 215 5.50 -6.63 28.52
C SER F 215 4.54 -6.19 29.59
N ASP F 216 4.39 -6.97 30.65
CA ASP F 216 3.40 -6.66 31.68
C ASP F 216 3.69 -5.42 32.50
N GLY F 217 4.95 -5.07 32.57
CA GLY F 217 5.34 -3.89 33.22
C GLY F 217 6.58 -3.36 32.53
N TRP F 218 7.04 -2.18 32.98
CA TRP F 218 8.29 -1.58 32.46
C TRP F 218 9.49 -2.35 32.97
N GLU F 219 10.35 -2.73 32.05
CA GLU F 219 11.50 -3.51 32.41
C GLU F 219 12.74 -2.99 31.73
N ILE F 220 13.83 -2.91 32.50
CA ILE F 220 15.12 -2.48 32.00
C ILE F 220 16.13 -3.51 32.39
N THR F 221 16.89 -3.99 31.43
CA THR F 221 18.08 -4.88 31.74
C THR F 221 19.28 -4.18 31.18
N ILE F 222 20.26 -4.01 32.06
CA ILE F 222 21.50 -3.37 31.70
C ILE F 222 22.65 -4.37 31.86
N THR F 223 23.38 -4.59 30.77
CA THR F 223 24.50 -5.54 30.79
C THR F 223 25.79 -4.91 30.28
N ARG F 224 26.88 -5.51 30.71
CA ARG F 224 28.23 -5.17 30.19
C ARG F 224 28.54 -6.25 29.21
N PRO F 225 28.99 -5.88 28.00
CA PRO F 225 29.33 -6.94 27.09
C PRO F 225 30.63 -7.64 27.50
N VAL F 226 30.79 -8.76 26.83
CA VAL F 226 31.91 -9.63 27.00
C VAL F 226 33.12 -8.94 26.36
N VAL F 227 34.31 -9.21 26.91
CA VAL F 227 35.53 -8.58 26.46
C VAL F 227 35.79 -8.99 25.02
N ARG F 228 36.23 -8.04 24.20
CA ARG F 228 36.52 -8.35 22.79
C ARG F 228 37.70 -9.27 22.71
N LYS F 229 37.61 -10.20 21.78
CA LYS F 229 38.59 -11.23 21.57
C LYS F 229 39.33 -10.98 20.28
N ARG F 230 40.66 -11.02 20.33
CA ARG F 230 41.44 -10.85 19.12
C ARG F 230 41.38 -12.13 18.36
N LEU F 231 41.72 -12.09 17.09
CA LEU F 231 41.75 -13.34 16.29
C LEU F 231 42.79 -14.31 16.79
N GLU F 232 43.93 -13.79 17.21
CA GLU F 232 44.98 -14.59 17.73
C GLU F 232 44.56 -15.38 18.97
N ASP F 233 43.69 -14.81 19.78
CA ASP F 233 43.18 -15.50 20.98
C ASP F 233 42.46 -16.80 20.65
N TYR F 234 41.95 -16.90 19.44
CA TYR F 234 41.29 -18.13 18.95
C TYR F 234 42.17 -19.33 18.69
N ASN F 235 43.43 -19.03 18.40
CA ASN F 235 44.47 -20.02 18.13
C ASN F 235 44.09 -20.93 17.03
N LEU F 236 43.94 -20.31 15.88
CA LEU F 236 43.45 -21.02 14.75
C LEU F 236 44.53 -21.83 14.09
N ASP F 237 44.08 -22.88 13.38
CA ASP F 237 44.93 -23.74 12.55
C ASP F 237 45.64 -22.92 11.47
N GLU F 238 46.90 -23.27 11.21
CA GLU F 238 47.71 -22.56 10.23
C GLU F 238 47.10 -22.63 8.85
N ARG F 239 46.53 -23.78 8.53
CA ARG F 239 45.82 -23.96 7.30
C ARG F 239 44.74 -22.91 7.12
N LEU F 240 43.98 -22.69 8.17
CA LEU F 240 42.91 -21.74 8.15
C LEU F 240 43.35 -20.31 8.03
N ILE F 241 44.33 -19.95 8.83
CA ILE F 241 44.85 -18.58 8.76
C ILE F 241 45.36 -18.28 7.32
N LYS F 242 46.06 -19.23 6.73
CA LYS F 242 46.66 -19.02 5.46
C LYS F 242 45.53 -18.81 4.53
N ARG F 243 44.47 -19.60 4.68
CA ARG F 243 43.36 -19.51 3.78
C ARG F 243 42.73 -18.12 3.85
N LEU F 244 42.51 -17.67 5.08
CA LEU F 244 41.85 -16.37 5.29
C LEU F 244 42.65 -15.23 4.78
N GLU F 245 43.95 -15.33 4.98
CA GLU F 245 44.87 -14.34 4.50
C GLU F 245 45.00 -14.33 2.97
N GLU F 246 45.10 -15.51 2.38
CA GLU F 246 45.48 -15.65 0.99
C GLU F 246 44.44 -16.09 -0.04
N ARG F 247 43.41 -16.83 0.35
CA ARG F 247 42.44 -17.39 -0.62
C ARG F 247 40.96 -17.03 -0.43
N ALA F 248 40.52 -16.86 0.81
CA ALA F 248 39.10 -16.78 1.14
C ALA F 248 38.50 -15.45 0.76
N GLU F 249 37.45 -15.49 -0.03
CA GLU F 249 36.73 -14.27 -0.40
C GLU F 249 35.25 -14.24 0.01
N GLY F 250 34.58 -15.38 -0.02
CA GLY F 250 33.21 -15.44 0.38
C GLY F 250 33.12 -16.34 1.56
N ILE F 251 32.92 -15.74 2.73
CA ILE F 251 32.91 -16.49 3.98
C ILE F 251 31.59 -16.45 4.71
N ILE F 252 31.29 -17.53 5.42
CA ILE F 252 30.18 -17.61 6.29
C ILE F 252 30.67 -18.11 7.59
N ILE F 253 30.28 -17.44 8.64
CA ILE F 253 30.59 -17.88 9.98
C ILE F 253 29.30 -18.35 10.53
N ALA F 254 29.26 -19.59 10.98
CA ALA F 254 28.06 -20.13 11.51
C ALA F 254 28.24 -20.64 12.90
N GLY F 255 27.24 -20.39 13.70
CA GLY F 255 27.19 -20.88 15.05
C GLY F 255 25.79 -20.67 15.62
N ALA F 256 25.47 -21.41 16.64
CA ALA F 256 24.18 -21.21 17.30
C ALA F 256 24.27 -19.91 18.05
N PRO F 257 23.11 -19.36 18.47
CA PRO F 257 23.27 -18.12 19.22
C PRO F 257 24.02 -18.36 20.53
N GLY F 258 24.85 -17.40 20.88
CA GLY F 258 25.60 -17.45 22.13
C GLY F 258 26.80 -18.36 22.01
N MET F 259 26.96 -19.02 20.85
CA MET F 259 28.13 -19.88 20.63
C MET F 259 29.36 -19.10 20.20
N GLY F 260 29.20 -17.79 19.99
CA GLY F 260 30.31 -16.91 19.67
C GLY F 260 30.52 -16.49 18.22
N ALA F 261 29.54 -16.75 17.38
CA ALA F 261 29.77 -16.56 15.97
C ALA F 261 29.99 -15.15 15.65
N THR F 262 29.19 -14.32 16.25
CA THR F 262 29.27 -12.86 15.98
C THR F 262 30.60 -12.31 16.48
N THR F 263 31.00 -12.75 17.66
CA THR F 263 32.26 -12.33 18.26
C THR F 263 33.48 -12.73 17.44
N PHE F 264 33.42 -13.94 16.87
CA PHE F 264 34.45 -14.38 15.91
C PHE F 264 34.55 -13.49 14.65
N ALA F 265 33.41 -13.17 14.09
CA ALA F 265 33.37 -12.36 12.94
C ALA F 265 33.96 -11.03 13.26
N GLN F 266 33.65 -10.56 14.44
CA GLN F 266 34.10 -9.25 14.82
C GLN F 266 35.60 -9.29 14.81
N ALA F 267 36.12 -10.37 15.33
CA ALA F 267 37.57 -10.57 15.41
C ALA F 267 38.22 -10.61 14.06
N LEU F 268 37.59 -11.35 13.16
CA LEU F 268 38.08 -11.48 11.82
C LEU F 268 38.10 -10.14 11.12
N ALA F 269 37.06 -9.36 11.33
CA ALA F 269 36.93 -8.03 10.69
C ALA F 269 38.05 -7.13 11.13
N GLU F 270 38.34 -7.15 12.42
CA GLU F 270 39.45 -6.37 12.97
C GLU F 270 40.78 -6.84 12.41
N TYR F 271 40.94 -8.15 12.28
CA TYR F 271 42.17 -8.74 11.71
C TYR F 271 42.41 -8.32 10.27
N TYR F 272 41.38 -8.37 9.47
CA TYR F 272 41.50 -7.92 8.11
C TYR F 272 41.87 -6.45 8.03
N MET F 273 41.29 -5.64 8.90
CA MET F 273 41.56 -4.20 8.89
C MET F 273 43.06 -3.96 9.16
N ARG F 274 43.57 -4.71 10.12
CA ARG F 274 44.96 -4.67 10.50
C ARG F 274 45.89 -5.13 9.37
N LEU F 275 45.43 -6.03 8.53
CA LEU F 275 46.15 -6.42 7.32
C LEU F 275 46.09 -5.39 6.22
N GLY F 276 45.46 -4.25 6.45
CA GLY F 276 45.43 -3.16 5.49
C GLY F 276 44.32 -3.33 4.50
N LYS F 277 43.27 -4.09 4.87
CA LYS F 277 42.04 -4.21 4.08
C LYS F 277 41.03 -3.15 4.52
N ILE F 278 40.15 -2.75 3.61
CA ILE F 278 39.05 -1.84 3.95
C ILE F 278 37.88 -2.72 4.30
N VAL F 279 37.37 -2.52 5.50
CA VAL F 279 36.28 -3.37 6.04
C VAL F 279 35.11 -2.54 6.43
N LYS F 280 33.93 -3.05 6.12
CA LYS F 280 32.68 -2.40 6.48
C LYS F 280 31.80 -3.45 7.07
N THR F 281 30.79 -3.05 7.82
CA THR F 281 29.85 -4.01 8.32
C THR F 281 28.44 -3.59 8.08
N ILE F 282 27.57 -4.58 8.02
CA ILE F 282 26.14 -4.38 7.95
C ILE F 282 25.56 -5.12 9.11
N GLU F 283 24.83 -4.46 9.98
CA GLU F 283 24.35 -5.13 11.19
C GLU F 283 22.96 -4.76 11.52
N SER F 284 22.31 -5.67 12.22
CA SER F 284 20.93 -5.49 12.62
C SER F 284 20.66 -6.30 13.88
N PRO F 285 20.67 -5.61 15.01
CA PRO F 285 20.98 -4.17 15.03
C PRO F 285 22.50 -3.96 15.10
N ARG F 286 22.92 -2.71 15.11
CA ARG F 286 24.33 -2.37 15.21
C ARG F 286 24.81 -2.51 16.63
N ASP F 287 25.65 -3.47 16.89
CA ASP F 287 26.15 -3.69 18.24
C ASP F 287 27.66 -3.95 18.35
N MET F 288 28.27 -4.36 17.27
CA MET F 288 29.67 -4.73 17.30
C MET F 288 30.52 -3.58 17.82
N HIS F 289 31.61 -3.93 18.49
CA HIS F 289 32.60 -2.94 18.96
C HIS F 289 33.85 -3.05 18.08
N LEU F 290 34.05 -2.02 17.28
CA LEU F 290 35.13 -2.02 16.33
C LEU F 290 35.81 -0.68 16.29
N PRO F 291 37.07 -0.63 15.86
CA PRO F 291 37.65 0.69 15.72
C PRO F 291 37.07 1.51 14.55
N PRO F 292 37.29 2.83 14.56
CA PRO F 292 36.66 3.66 13.51
C PRO F 292 37.09 3.40 12.08
N GLU F 293 38.22 2.76 11.92
CA GLU F 293 38.72 2.46 10.59
C GLU F 293 37.71 1.54 9.90
N ILE F 294 36.91 0.82 10.69
CA ILE F 294 35.86 0.00 10.14
C ILE F 294 34.51 0.71 10.24
N THR F 295 33.88 0.93 9.11
CA THR F 295 32.61 1.59 9.08
C THR F 295 31.48 0.60 9.33
N GLN F 296 30.57 0.95 10.21
CA GLN F 296 29.45 0.05 10.54
C GLN F 296 28.15 0.67 10.10
N TYR F 297 27.47 -0.01 9.20
CA TYR F 297 26.16 0.41 8.76
C TYR F 297 25.06 -0.29 9.58
N SER F 298 24.11 0.46 10.03
CA SER F 298 22.93 -0.10 10.67
C SER F 298 21.82 -0.37 9.65
N LYS F 299 21.59 -1.64 9.34
CA LYS F 299 20.65 -2.00 8.28
C LYS F 299 19.24 -1.53 8.54
N ASN F 300 18.82 -1.54 9.81
CA ASN F 300 17.49 -1.05 10.17
C ASN F 300 17.28 0.42 9.82
N TYR F 301 18.33 1.21 9.66
CA TYR F 301 18.18 2.61 9.23
C TYR F 301 18.41 2.85 7.76
N ALA F 302 18.56 1.79 6.98
CA ALA F 302 18.81 1.98 5.59
C ALA F 302 17.58 1.80 4.74
N GLU F 303 17.49 2.60 3.70
CA GLU F 303 16.39 2.51 2.72
C GLU F 303 16.65 1.35 1.84
N ILE F 304 15.65 1.02 1.05
CA ILE F 304 15.75 -0.06 0.10
C ILE F 304 16.78 0.28 -0.95
N GLY F 305 17.69 -0.67 -1.15
CA GLY F 305 18.78 -0.55 -2.11
C GLY F 305 19.91 0.40 -1.77
N GLU F 306 19.79 1.10 -0.64
CA GLU F 306 20.73 2.12 -0.24
C GLU F 306 22.11 1.50 0.02
N LEU F 307 22.16 0.47 0.85
CA LEU F 307 23.41 -0.19 1.15
C LEU F 307 24.05 -0.81 -0.07
N HIS F 308 23.25 -1.38 -0.93
CA HIS F 308 23.76 -1.96 -2.16
C HIS F 308 24.55 -0.91 -2.98
N ASP F 309 23.96 0.25 -3.17
CA ASP F 309 24.58 1.29 -3.96
C ASP F 309 25.81 1.84 -3.28
N ILE F 310 25.72 2.05 -1.98
CA ILE F 310 26.82 2.61 -1.25
C ILE F 310 28.00 1.67 -1.31
N LEU F 311 27.77 0.41 -1.04
CA LEU F 311 28.83 -0.55 -1.06
C LEU F 311 29.45 -0.77 -2.44
N LEU F 312 28.67 -0.66 -3.52
CA LEU F 312 29.23 -0.85 -4.86
C LEU F 312 29.95 0.35 -5.33
N LEU F 313 29.60 1.49 -4.82
CA LEU F 313 30.42 2.68 -5.01
C LEU F 313 31.71 2.81 -4.09
N SER F 314 31.63 2.34 -2.85
CA SER F 314 32.75 2.26 -1.84
C SER F 314 33.76 1.25 -2.17
N ARG F 315 33.29 0.09 -2.59
CA ARG F 315 34.11 -1.06 -2.95
C ARG F 315 35.05 -1.49 -1.88
N PRO F 316 34.50 -1.94 -0.78
CA PRO F 316 35.44 -2.35 0.23
C PRO F 316 36.01 -3.71 -0.05
N ASP F 317 37.01 -4.10 0.72
CA ASP F 317 37.61 -5.41 0.59
C ASP F 317 36.77 -6.50 1.20
N TYR F 318 36.18 -6.17 2.33
CA TYR F 318 35.35 -7.13 3.01
C TYR F 318 34.20 -6.38 3.62
N THR F 319 33.04 -6.98 3.51
CA THR F 319 31.90 -6.52 4.20
C THR F 319 31.43 -7.63 5.07
N VAL F 320 31.21 -7.31 6.32
CA VAL F 320 30.71 -8.30 7.27
C VAL F 320 29.20 -8.15 7.41
N TYR F 321 28.44 -9.20 7.03
CA TYR F 321 26.95 -9.14 7.11
C TYR F 321 26.54 -9.92 8.31
N ASP F 322 26.16 -9.24 9.34
CA ASP F 322 25.82 -9.90 10.54
C ASP F 322 24.33 -10.21 10.62
N GLU F 323 24.06 -11.43 11.06
CA GLU F 323 22.76 -11.93 11.17
C GLU F 323 22.16 -11.71 9.80
N MET F 324 22.49 -12.63 8.92
CA MET F 324 21.73 -12.90 7.72
C MET F 324 20.52 -13.78 7.99
N ARG F 325 19.34 -13.23 7.81
CA ARG F 325 18.10 -14.04 8.00
C ARG F 325 17.20 -13.96 6.80
N ASN F 326 17.09 -12.76 6.25
CA ASN F 326 16.16 -12.51 5.18
C ASN F 326 16.64 -12.85 3.79
N ASP F 327 15.69 -13.06 2.90
CA ASP F 327 16.01 -13.28 1.51
C ASP F 327 16.79 -12.08 0.96
N GLU F 328 16.42 -10.89 1.36
CA GLU F 328 17.12 -9.66 0.91
C GLU F 328 18.58 -9.62 1.34
N ASP F 329 18.85 -10.16 2.51
CA ASP F 329 20.19 -10.28 3.03
C ASP F 329 21.09 -11.20 2.15
N PHE F 330 20.56 -12.36 1.78
CA PHE F 330 21.26 -13.29 0.88
C PHE F 330 21.41 -12.75 -0.53
N LYS F 331 20.41 -12.01 -1.00
CA LYS F 331 20.50 -11.38 -2.33
C LYS F 331 21.65 -10.39 -2.36
N LEU F 332 21.72 -9.57 -1.32
CA LEU F 332 22.74 -8.56 -1.25
C LEU F 332 24.14 -9.20 -1.22
N TYR F 333 24.23 -10.29 -0.50
CA TYR F 333 25.47 -10.94 -0.34
C TYR F 333 25.92 -11.40 -1.66
N VAL F 334 25.01 -11.97 -2.41
CA VAL F 334 25.34 -12.49 -3.74
C VAL F 334 25.71 -11.37 -4.68
N ASP F 335 24.96 -10.30 -4.61
CA ASP F 335 25.24 -9.15 -5.47
C ASP F 335 26.68 -8.62 -5.26
N LEU F 336 27.02 -8.47 -3.99
CA LEU F 336 28.32 -8.00 -3.61
C LEU F 336 29.45 -8.95 -4.04
N ARG F 337 29.23 -10.26 -3.88
CA ARG F 337 30.23 -11.25 -4.25
C ARG F 337 30.47 -11.24 -5.70
N LEU F 338 29.41 -11.10 -6.46
CA LEU F 338 29.53 -11.02 -7.92
C LEU F 338 30.26 -9.78 -8.38
N ALA F 339 30.13 -8.71 -7.58
CA ALA F 339 30.84 -7.47 -7.81
C ALA F 339 32.25 -7.51 -7.34
N GLY F 340 32.69 -8.64 -6.79
CA GLY F 340 34.07 -8.80 -6.39
C GLY F 340 34.34 -8.27 -5.00
N VAL F 341 33.29 -8.01 -4.25
CA VAL F 341 33.48 -7.66 -2.86
C VAL F 341 33.58 -8.90 -1.98
N GLY F 342 34.49 -8.89 -1.04
CA GLY F 342 34.63 -9.99 -0.12
C GLY F 342 33.56 -9.90 0.94
N MET F 343 33.11 -11.05 1.43
CA MET F 343 32.09 -11.08 2.44
C MET F 343 32.41 -11.98 3.56
N VAL F 344 31.95 -11.55 4.72
CA VAL F 344 31.96 -12.37 5.90
C VAL F 344 30.50 -12.35 6.36
N GLY F 345 29.82 -13.47 6.21
CA GLY F 345 28.43 -13.53 6.58
C GLY F 345 28.20 -14.34 7.84
N VAL F 346 27.40 -13.85 8.76
CA VAL F 346 27.12 -14.56 10.00
C VAL F 346 25.76 -15.18 9.88
N VAL F 347 25.67 -16.50 9.94
CA VAL F 347 24.42 -17.16 9.94
C VAL F 347 24.38 -17.89 11.23
N HIS F 348 23.38 -17.59 12.06
CA HIS F 348 23.29 -18.23 13.37
C HIS F 348 22.47 -19.47 13.09
N ALA F 349 23.15 -20.60 13.01
CA ALA F 349 22.53 -21.90 12.79
C ALA F 349 23.43 -22.98 13.38
N THR F 350 22.88 -24.17 13.62
CA THR F 350 23.76 -25.32 13.96
C THR F 350 24.59 -25.74 12.75
N SER F 351 23.90 -25.85 11.61
CA SER F 351 24.48 -26.20 10.31
C SER F 351 24.07 -25.13 9.31
N PRO F 352 24.91 -24.89 8.30
CA PRO F 352 24.68 -23.79 7.37
C PRO F 352 24.01 -24.32 6.14
N ILE F 353 23.56 -25.58 6.14
CA ILE F 353 23.08 -26.23 4.94
C ILE F 353 21.91 -25.41 4.46
N ASP F 354 21.14 -24.87 5.41
CA ASP F 354 20.02 -23.91 5.11
C ASP F 354 20.55 -22.71 4.31
N ALA F 355 21.68 -22.18 4.79
CA ALA F 355 22.36 -21.09 4.14
C ALA F 355 22.89 -21.47 2.76
N ILE F 356 23.52 -22.62 2.70
CA ILE F 356 24.02 -23.09 1.44
C ILE F 356 22.81 -23.23 0.52
N HIS F 357 21.71 -23.74 1.06
CA HIS F 357 20.44 -23.89 0.31
C HIS F 357 20.04 -22.57 -0.27
N ARG F 358 20.11 -21.52 0.55
CA ARG F 358 19.65 -20.22 0.15
C ARG F 358 20.49 -19.69 -0.96
N PHE F 359 21.79 -19.91 -0.82
CA PHE F 359 22.79 -19.57 -1.83
C PHE F 359 22.67 -20.42 -3.11
N VAL F 360 22.35 -21.72 -2.94
CA VAL F 360 22.26 -22.72 -4.02
C VAL F 360 21.22 -22.36 -5.06
N ASN F 361 20.06 -21.85 -4.61
CA ASN F 361 18.95 -21.50 -5.54
C ASN F 361 19.21 -20.29 -6.40
N ARG F 362 19.90 -19.34 -5.79
CA ARG F 362 20.19 -18.04 -6.43
C ARG F 362 21.17 -18.01 -7.60
N VAL F 363 22.11 -18.95 -7.63
CA VAL F 363 23.12 -18.97 -8.67
C VAL F 363 23.37 -20.36 -9.30
N ASP F 364 23.95 -20.32 -10.49
CA ASP F 364 24.40 -21.52 -11.16
C ASP F 364 25.36 -22.29 -10.30
N ILE F 365 25.30 -23.63 -10.42
CA ILE F 365 26.16 -24.57 -9.65
C ILE F 365 27.62 -24.19 -9.89
N GLY F 366 27.96 -23.93 -11.14
CA GLY F 366 29.32 -23.51 -11.48
C GLY F 366 29.78 -22.22 -10.80
N THR F 367 28.84 -21.28 -10.61
CA THR F 367 29.11 -20.00 -9.91
C THR F 367 29.16 -20.12 -8.38
N ILE F 368 28.71 -21.22 -7.76
CA ILE F 368 28.58 -21.28 -6.28
C ILE F 368 29.86 -21.03 -5.56
N PRO F 369 30.95 -21.66 -5.96
CA PRO F 369 32.23 -21.40 -5.23
C PRO F 369 32.68 -19.95 -5.30
N ASN F 370 32.28 -19.24 -6.37
CA ASN F 370 32.51 -17.78 -6.44
C ASN F 370 31.71 -16.98 -5.43
N ILE F 371 30.54 -17.46 -5.05
CA ILE F 371 29.84 -16.85 -3.98
C ILE F 371 30.36 -17.24 -2.64
N LEU F 372 30.51 -18.51 -2.43
CA LEU F 372 30.96 -19.05 -1.14
C LEU F 372 32.14 -19.94 -1.26
N ASP F 373 33.20 -19.67 -0.51
CA ASP F 373 34.34 -20.56 -0.62
C ASP F 373 34.72 -21.17 0.71
N THR F 374 34.33 -20.56 1.81
CA THR F 374 34.71 -21.06 3.09
C THR F 374 33.61 -20.91 4.09
N ILE F 375 33.40 -21.93 4.90
CA ILE F 375 32.41 -21.89 5.96
C ILE F 375 33.10 -22.23 7.25
N ILE F 376 32.96 -21.36 8.23
CA ILE F 376 33.61 -21.57 9.51
C ILE F 376 32.53 -21.83 10.54
N PHE F 377 32.68 -22.94 11.26
CA PHE F 377 31.74 -23.27 12.34
C PHE F 377 32.24 -22.87 13.69
N ILE F 378 31.38 -22.25 14.48
CA ILE F 378 31.76 -21.88 15.79
C ILE F 378 30.95 -22.60 16.84
N ASN F 379 31.67 -23.13 17.82
CA ASN F 379 31.04 -23.76 18.94
C ASN F 379 31.74 -23.38 20.23
N SER F 380 30.98 -22.95 21.22
CA SER F 380 31.54 -22.62 22.52
C SER F 380 32.75 -21.70 22.41
N GLY F 381 32.71 -20.76 21.49
CA GLY F 381 33.77 -19.78 21.35
C GLY F 381 35.02 -20.21 20.66
N ASN F 382 34.95 -21.35 19.99
CA ASN F 382 36.09 -21.87 19.28
C ASN F 382 35.65 -22.33 17.95
N VAL F 383 36.60 -22.53 17.08
CA VAL F 383 36.31 -23.05 15.75
C VAL F 383 36.23 -24.56 15.71
N SER F 384 35.01 -25.05 15.53
CA SER F 384 34.67 -26.46 15.50
C SER F 384 35.14 -27.15 14.23
N LYS F 385 34.90 -26.52 13.09
CA LYS F 385 35.08 -27.09 11.78
C LYS F 385 35.23 -26.04 10.75
N VAL F 386 35.76 -26.41 9.60
CA VAL F 386 35.82 -25.49 8.47
C VAL F 386 35.56 -26.27 7.23
N TYR F 387 34.75 -25.72 6.36
CA TYR F 387 34.44 -26.38 5.11
C TYR F 387 34.99 -25.50 4.04
N THR F 388 35.25 -26.11 2.94
CA THR F 388 35.71 -25.46 1.76
C THR F 388 34.81 -25.80 0.63
N LEU F 389 34.71 -24.96 -0.36
CA LEU F 389 33.89 -25.21 -1.52
C LEU F 389 34.64 -25.03 -2.80
N GLU F 390 34.48 -26.00 -3.68
CA GLU F 390 35.18 -25.96 -4.94
C GLU F 390 34.36 -26.69 -5.92
N MET F 391 34.58 -26.35 -7.18
CA MET F 391 33.80 -26.94 -8.25
C MET F 391 34.72 -27.82 -9.04
N THR F 392 34.29 -29.06 -9.24
CA THR F 392 35.02 -30.05 -10.04
C THR F 392 34.10 -30.82 -10.92
N VAL F 393 34.60 -31.21 -12.09
CA VAL F 393 33.83 -32.05 -13.03
C VAL F 393 34.06 -33.46 -12.61
N LYS F 394 32.99 -34.16 -12.29
CA LYS F 394 33.10 -35.48 -11.67
C LYS F 394 31.73 -36.11 -11.67
N VAL F 395 31.70 -37.44 -11.60
CA VAL F 395 30.45 -38.19 -11.43
C VAL F 395 30.10 -38.12 -9.95
N PRO F 396 28.89 -37.68 -9.61
CA PRO F 396 28.57 -37.68 -8.18
C PRO F 396 28.86 -39.00 -7.54
N ALA F 397 29.40 -39.00 -6.33
CA ALA F 397 29.68 -40.28 -5.67
C ALA F 397 28.41 -41.10 -5.46
N GLY F 398 27.30 -40.44 -5.12
CA GLY F 398 25.99 -41.09 -5.01
C GLY F 398 25.53 -41.78 -6.29
N LEU F 399 25.88 -41.21 -7.45
CA LEU F 399 25.67 -41.83 -8.78
C LEU F 399 26.75 -42.89 -9.12
N LYS F 400 26.33 -43.89 -9.92
CA LYS F 400 27.23 -44.97 -10.42
C LYS F 400 28.18 -44.34 -11.47
N GLU F 401 29.48 -44.68 -11.55
CA GLU F 401 30.32 -44.19 -12.69
C GLU F 401 29.66 -44.34 -14.08
N ALA F 402 28.83 -45.38 -14.18
CA ALA F 402 27.93 -45.62 -15.31
C ALA F 402 26.98 -44.43 -15.52
N ASP F 403 26.54 -43.84 -14.42
CA ASP F 403 25.64 -42.65 -14.49
C ASP F 403 26.36 -41.35 -14.94
N LEU F 404 25.57 -40.38 -15.43
CA LEU F 404 26.15 -39.26 -16.19
C LEU F 404 27.05 -38.31 -15.38
N ALA F 405 28.16 -37.93 -16.03
CA ALA F 405 29.17 -36.99 -15.48
C ALA F 405 28.59 -35.60 -15.42
N ARG F 406 29.00 -34.83 -14.40
CA ARG F 406 28.52 -33.44 -14.20
C ARG F 406 29.63 -32.57 -13.65
N PRO F 407 29.36 -31.25 -13.52
CA PRO F 407 30.18 -30.41 -12.69
C PRO F 407 29.52 -30.32 -11.31
N VAL F 408 30.31 -30.56 -10.27
CA VAL F 408 29.77 -30.62 -8.93
C VAL F 408 30.59 -29.83 -8.00
N VAL F 409 29.94 -29.41 -6.95
CA VAL F 409 30.59 -28.68 -5.95
C VAL F 409 30.81 -29.57 -4.81
N GLU F 410 32.08 -29.70 -4.43
CA GLU F 410 32.46 -30.57 -3.32
C GLU F 410 32.76 -29.70 -2.09
N ILE F 411 32.10 -30.04 -1.00
CA ILE F 411 32.26 -29.32 0.25
C ILE F 411 33.13 -30.18 1.08
N LYS F 412 34.32 -29.67 1.39
CA LYS F 412 35.36 -30.48 2.04
C LYS F 412 35.74 -29.92 3.37
N ASP F 413 35.99 -30.80 4.33
CA ASP F 413 36.55 -30.40 5.62
C ASP F 413 37.94 -29.97 5.32
N LEU F 414 38.32 -28.85 5.86
CA LEU F 414 39.67 -28.29 5.59
C LEU F 414 40.73 -29.17 6.15
N ALA F 415 40.50 -29.69 7.34
CA ALA F 415 41.49 -30.47 8.05
C ALA F 415 41.64 -31.84 7.43
N THR F 416 40.54 -32.54 7.25
CA THR F 416 40.62 -33.95 6.81
C THR F 416 40.81 -34.01 5.32
N GLY F 417 40.33 -33.03 4.59
CA GLY F 417 40.27 -33.11 3.12
C GLY F 417 39.10 -33.97 2.60
N ASN F 418 38.25 -34.47 3.51
CA ASN F 418 37.12 -35.32 3.16
C ASN F 418 35.97 -34.54 2.58
N THR F 419 35.52 -34.93 1.39
CA THR F 419 34.33 -34.36 0.83
C THR F 419 33.18 -34.87 1.67
N GLU F 420 32.49 -33.99 2.37
CA GLU F 420 31.32 -34.35 3.19
C GLU F 420 29.94 -34.09 2.51
N TYR F 421 29.88 -33.16 1.56
CA TYR F 421 28.65 -32.81 0.87
C TYR F 421 28.97 -32.52 -0.55
N GLU F 422 28.01 -32.80 -1.39
CA GLU F 422 28.14 -32.57 -2.81
C GLU F 422 26.93 -31.83 -3.28
N ILE F 423 27.13 -30.95 -4.23
CA ILE F 423 26.01 -30.23 -4.80
C ILE F 423 26.04 -30.35 -6.29
N TYR F 424 24.90 -30.77 -6.81
CA TYR F 424 24.70 -30.90 -8.25
C TYR F 424 23.22 -30.96 -8.53
N VAL F 425 22.85 -30.80 -9.81
CA VAL F 425 21.46 -30.88 -10.26
C VAL F 425 21.27 -32.21 -10.90
N PHE F 426 20.30 -32.97 -10.40
CA PHE F 426 19.95 -34.28 -10.95
C PHE F 426 18.73 -34.24 -11.92
N GLY F 427 18.99 -34.10 -13.22
CA GLY F 427 17.94 -33.85 -14.19
C GLY F 427 17.29 -32.51 -13.89
N GLU F 428 16.06 -32.55 -13.40
CA GLU F 428 15.26 -31.35 -13.13
C GLU F 428 15.62 -30.59 -11.88
N GLN F 429 16.03 -31.31 -10.81
CA GLN F 429 16.33 -30.68 -9.49
C GLN F 429 17.82 -30.64 -9.21
N THR F 430 18.22 -29.56 -8.52
CA THR F 430 19.57 -29.30 -8.06
C THR F 430 19.49 -29.55 -6.57
N MET F 431 20.25 -30.52 -6.03
CA MET F 431 20.17 -30.88 -4.60
C MET F 431 21.53 -31.10 -3.87
N ILE F 432 21.44 -30.94 -2.56
CA ILE F 432 22.56 -31.09 -1.70
C ILE F 432 22.43 -32.52 -1.32
N VAL F 433 23.52 -33.26 -1.40
CA VAL F 433 23.53 -34.67 -1.01
C VAL F 433 24.77 -34.86 -0.18
N PRO F 434 24.62 -35.48 0.99
CA PRO F 434 25.81 -35.75 1.76
C PRO F 434 26.55 -36.97 1.20
N VAL F 435 27.77 -37.15 1.67
CA VAL F 435 28.51 -38.39 1.41
C VAL F 435 29.04 -38.96 2.74
N ASN F 436 28.80 -40.25 3.01
CA ASN F 436 29.23 -40.88 4.27
C ASN F 436 29.57 -42.38 4.10
C1 GOL G . 35.42 -4.86 -13.79
O1 GOL G . 36.20 -5.15 -14.96
C2 GOL G . 35.20 -6.18 -13.04
O2 GOL G . 36.19 -7.11 -13.44
C3 GOL G . 33.90 -6.92 -13.32
O3 GOL G . 34.13 -8.32 -13.61
C1 GOL H . 12.32 1.41 -5.48
O1 GOL H . 11.11 0.64 -5.34
C2 GOL H . 12.51 2.00 -6.89
O2 GOL H . 13.84 1.65 -7.37
C3 GOL H . 12.29 3.53 -6.86
O3 GOL H . 12.34 4.17 -8.15
C1 GOL I . 16.36 13.72 5.33
O1 GOL I . 16.54 13.57 3.91
C2 GOL I . 15.42 12.64 5.91
O2 GOL I . 14.31 12.34 5.02
C3 GOL I . 14.95 13.08 7.33
O3 GOL I . 14.86 11.98 8.27
C1 EDO J . 51.58 2.80 -6.37
O1 EDO J . 51.21 3.88 -7.25
C2 EDO J . 52.43 1.69 -7.01
O2 EDO J . 51.83 0.38 -6.96
C1 EDO K . 24.04 -4.35 -10.02
O1 EDO K . 25.13 -3.69 -10.72
C2 EDO K . 24.56 -5.44 -9.06
O2 EDO K . 23.58 -5.78 -8.06
C1 GOL L . 9.99 -5.75 -37.21
O1 GOL L . 10.02 -6.70 -36.15
C2 GOL L . 9.58 -4.35 -36.80
O2 GOL L . 10.76 -3.61 -36.46
C3 GOL L . 8.84 -3.70 -37.96
O3 GOL L . 9.30 -2.46 -38.49
C1 GOL M . -0.69 46.98 -5.72
O1 GOL M . -0.31 48.25 -6.31
C2 GOL M . 0.48 45.97 -5.57
O2 GOL M . 0.14 44.83 -6.37
C3 GOL M . 0.71 45.52 -4.10
O3 GOL M . 1.91 44.75 -3.86
C1 EDO N . 11.82 18.13 -16.82
O1 EDO N . 12.49 16.87 -17.04
C2 EDO N . 12.37 19.18 -17.78
O2 EDO N . 11.75 20.46 -17.66
C1 EDO O . -3.31 23.79 -29.14
O1 EDO O . -2.47 22.63 -29.01
C2 EDO O . -3.40 24.30 -30.59
O2 EDO O . -4.72 24.17 -31.18
C1 EDO P . -6.25 -2.86 -19.53
O1 EDO P . -6.57 -1.48 -19.74
C2 EDO P . -7.50 -3.75 -19.60
O2 EDO P . -7.72 -4.58 -20.74
C1 EDO Q . 5.06 59.21 -19.81
O1 EDO Q . 5.05 59.36 -18.38
C2 EDO Q . 6.44 58.75 -20.32
O2 EDO Q . 6.69 59.17 -21.66
C1 GOL R . -23.39 -13.64 -30.20
O1 GOL R . -22.09 -14.19 -30.05
C2 GOL R . -23.59 -12.29 -29.65
O2 GOL R . -22.90 -11.42 -30.52
C3 GOL R . -25.06 -11.94 -29.72
O3 GOL R . -25.33 -10.58 -30.02
C1 EDO S . -13.37 -23.27 -15.84
O1 EDO S . -13.19 -23.09 -14.42
C2 EDO S . -12.78 -22.16 -16.72
O2 EDO S . -13.07 -22.44 -18.10
C1 GOL T . -31.44 -18.19 5.48
O1 GOL T . -31.27 -17.70 6.81
C2 GOL T . -30.74 -19.54 5.39
O2 GOL T . -30.37 -19.95 6.72
C3 GOL T . -29.47 -19.44 4.58
O3 GOL T . -29.06 -20.76 4.20
C1 GOL U . -6.68 -42.69 -1.10
O1 GOL U . -5.49 -41.90 -0.83
C2 GOL U . -6.45 -44.08 -1.77
O2 GOL U . -5.84 -45.04 -0.87
C3 GOL U . -7.77 -44.61 -2.36
O3 GOL U . -8.10 -45.98 -2.02
C1 GOL V . -43.38 6.98 -1.58
O1 GOL V . -42.47 6.98 -0.46
C2 GOL V . -43.39 8.28 -2.38
O2 GOL V . -44.12 8.02 -3.59
C3 GOL V . -42.01 8.85 -2.77
O3 GOL V . -41.01 8.78 -1.74
C1 GOL W . -8.60 -12.37 12.40
O1 GOL W . -7.31 -11.89 11.92
C2 GOL W . -9.05 -11.52 13.62
O2 GOL W . -8.95 -12.20 14.89
C3 GOL W . -10.41 -10.81 13.46
O3 GOL W . -10.44 -9.69 14.38
C1 GOL X . -15.84 -35.80 21.47
O1 GOL X . -15.96 -34.41 21.87
C2 GOL X . -17.23 -36.44 21.35
O2 GOL X . -18.07 -36.05 22.44
C3 GOL X . -17.11 -37.95 21.29
O3 GOL X . -16.04 -38.32 20.41
C1 GOL Y . -21.15 -29.97 26.05
O1 GOL Y . -22.18 -28.96 26.21
C2 GOL Y . -20.39 -30.19 27.37
O2 GOL Y . -21.29 -30.71 28.38
C3 GOL Y . -19.15 -31.11 27.21
O3 GOL Y . -18.04 -30.65 28.02
C1 EDO Z . -31.76 -17.70 30.66
O1 EDO Z . -30.82 -18.30 31.56
C2 EDO Z . -31.14 -16.45 30.03
O2 EDO Z . -32.16 -15.61 29.44
C1 EDO AA . -22.03 -24.18 31.70
O1 EDO AA . -21.43 -25.25 30.92
C2 EDO AA . -23.55 -24.28 31.91
O2 EDO AA . -24.05 -25.63 31.98
C1 GOL BA . -6.01 -25.16 27.78
O1 GOL BA . -6.61 -25.93 26.71
C2 GOL BA . -6.09 -25.86 29.15
O2 GOL BA . -5.06 -26.86 29.21
C3 GOL BA . -5.91 -24.86 30.31
O3 GOL BA . -5.13 -25.39 31.40
C1 GOL CA . -7.69 -13.07 44.22
O1 GOL CA . -6.82 -13.00 43.07
C2 GOL CA . -8.26 -14.47 44.39
O2 GOL CA . -8.05 -15.23 43.20
C3 GOL CA . -9.78 -14.50 44.63
O3 GOL CA . -10.19 -13.96 45.89
C1 GOL DA . -12.60 25.28 48.99
O1 GOL DA . -11.21 25.05 48.65
C2 GOL DA . -13.44 24.03 48.68
O2 GOL DA . -14.19 24.23 47.43
C3 GOL DA . -14.39 23.63 49.83
O3 GOL DA . -13.72 22.74 50.75
C1 GOL EA . -6.61 14.18 30.54
O1 GOL EA . -5.62 15.13 30.97
C2 GOL EA . -7.70 14.06 31.61
O2 GOL EA . -7.19 13.19 32.66
C3 GOL EA . -9.08 13.65 30.99
O3 GOL EA . -10.00 12.94 31.86
C1 GOL FA . -15.11 7.35 38.62
O1 GOL FA . -16.43 7.93 38.61
C2 GOL FA . -14.26 7.66 39.87
O2 GOL FA . -14.97 8.33 40.94
C3 GOL FA . -13.61 6.38 40.43
O3 GOL FA . -12.57 5.89 39.55
C1 GOL GA . 27.15 -14.29 21.89
O1 GOL GA . 27.95 -14.98 22.89
C2 GOL GA . 27.53 -14.83 20.49
O2 GOL GA . 26.48 -15.32 19.64
C3 GOL GA . 28.28 -13.76 19.74
O3 GOL GA . 29.47 -13.39 20.40
C1 GOL HA . 37.57 -19.65 -4.04
O1 GOL HA . 38.05 -18.39 -4.55
C2 GOL HA . 38.61 -20.51 -3.26
O2 GOL HA . 39.94 -19.92 -3.25
C3 GOL HA . 38.64 -21.97 -3.79
O3 GOL HA . 38.14 -22.93 -2.84
C1 GOL IA . 45.79 -4.38 18.46
O1 GOL IA . 44.45 -4.86 18.63
C2 GOL IA . 46.81 -5.53 18.37
O2 GOL IA . 46.19 -6.83 18.17
C3 GOL IA . 47.85 -5.25 17.26
O3 GOL IA . 49.21 -5.30 17.76
C1 GOL JA . 39.94 -26.37 11.47
O1 GOL JA . 40.38 -25.21 12.23
C2 GOL JA . 39.71 -27.66 12.30
O2 GOL JA . 38.89 -28.63 11.58
C3 GOL JA . 39.07 -27.34 13.66
O3 GOL JA . 39.36 -28.39 14.59
C1 EDO KA . 18.15 1.62 42.23
O1 EDO KA . 18.07 1.11 43.57
C2 EDO KA . 19.05 0.75 41.31
O2 EDO KA . 19.39 1.38 40.05
C1 EDO LA . 15.49 5.23 41.99
O1 EDO LA . 15.10 6.14 40.94
C2 EDO LA . 14.51 5.25 43.18
O2 EDO LA . 14.55 3.99 43.88
#